data_8WV2
#
_entry.id   8WV2
#
_cell.length_a   63.420
_cell.length_b   110.158
_cell.length_c   180.584
_cell.angle_alpha   75.84
_cell.angle_beta   83.62
_cell.angle_gamma   73.95
#
_symmetry.space_group_name_H-M   'P 1'
#
loop_
_entity.id
_entity.type
_entity.pdbx_description
1 polymer 'Amidase family protein'
2 water water
#
_entity_poly.entity_id   1
_entity_poly.type   'polypeptide(L)'
_entity_poly.pdbx_seq_one_letter_code
;MLTDNWKELAGKAQSTFQKSLKQAIELADFDEGLAKRYGALPSAIGANVEDFGSPAQFPLEEYLKALPKKVLDITEKDPV
ELLKDLKSRKVTCVEVLKAYTAASIVASKLTNCVQEFLPIEALQYAQKLDADYETKKHLPLYGLPFSIKEMIPFVGRSVT
HGSLCYLDRIVDYNADIVNILIANGAYPFVRTTNPQSLMMLECVSFSHGRTVNAYNGMLTSGGSSGGEGALNGMRASPFG
LGSDIGGSIRCPAAFNGIYGLRSTLGRIPTADYFSCNRGSESILSVTGPLSRSLDTVNLVMKTVIEAKPWLIDPTLVPLD
WKRPENKKFRVGIYVSDHIVNPSPPINRALSMVTEKLKSLGNFEVVTFEPYKPEKVTEILGKLYFEDGARDFRATLQTGE
PLLEQTRWAIEGAEDLDMHDQWYWNLQKQAYRKEFLKHWCSYTDNDGNVLDAVIAPVFPNVAAKHETTKYWTYTSQWNLL
DYPVLAFPVTKVDESLDQPYKNYKPLNDLDKYFYEQYDSPSSFKNAPANLCLVGLRFTDEKLVEIANILRN
;
_entity_poly.pdbx_strand_id   A,B,C,E,F,G,H,D
#
# COMPACT_ATOMS: atom_id res chain seq x y z
N MET A 1 -36.15 -15.74 50.95
CA MET A 1 -37.51 -15.20 50.98
C MET A 1 -37.97 -14.97 52.41
N LEU A 2 -37.58 -15.86 53.32
CA LEU A 2 -37.88 -15.72 54.75
C LEU A 2 -36.63 -15.29 55.51
N THR A 3 -36.85 -14.64 56.66
CA THR A 3 -35.77 -14.22 57.53
C THR A 3 -36.06 -14.57 58.98
N ASP A 4 -37.03 -15.44 59.21
CA ASP A 4 -37.26 -15.94 60.55
C ASP A 4 -36.03 -16.71 61.01
N ASN A 5 -35.92 -16.90 62.31
CA ASN A 5 -34.79 -17.66 62.82
C ASN A 5 -34.86 -19.12 62.35
N TRP A 6 -33.68 -19.67 62.03
CA TRP A 6 -33.63 -20.96 61.33
C TRP A 6 -34.09 -22.10 62.21
N LYS A 7 -33.94 -21.94 63.52
CA LYS A 7 -34.27 -23.01 64.44
C LYS A 7 -35.76 -23.33 64.41
N GLU A 8 -36.60 -22.30 64.37
CA GLU A 8 -38.03 -22.57 64.21
C GLU A 8 -38.32 -23.15 62.83
N LEU A 9 -37.61 -22.66 61.81
CA LEU A 9 -37.88 -23.11 60.44
C LEU A 9 -37.53 -24.57 60.25
N ALA A 10 -36.37 -24.99 60.77
CA ALA A 10 -36.01 -26.39 60.78
C ALA A 10 -37.09 -27.23 61.46
N GLY A 11 -37.68 -26.68 62.53
CA GLY A 11 -38.85 -27.33 63.11
C GLY A 11 -39.96 -27.57 62.11
N LYS A 12 -40.33 -26.53 61.36
CA LYS A 12 -41.42 -26.68 60.38
C LYS A 12 -41.09 -27.71 59.32
N ALA A 13 -39.82 -27.77 58.89
CA ALA A 13 -39.43 -28.78 57.92
C ALA A 13 -39.59 -30.19 58.50
N GLN A 14 -39.13 -30.40 59.74
CA GLN A 14 -39.30 -31.70 60.39
C GLN A 14 -40.77 -32.06 60.53
N SER A 15 -41.60 -31.08 60.87
CA SER A 15 -43.04 -31.31 60.98
C SER A 15 -43.64 -31.74 59.65
N THR A 16 -43.28 -31.04 58.56
CA THR A 16 -43.73 -31.45 57.23
C THR A 16 -43.29 -32.88 56.93
N PHE A 17 -42.03 -33.20 57.20
CA PHE A 17 -41.57 -34.57 57.01
C PHE A 17 -42.34 -35.52 57.93
N GLN A 18 -42.45 -35.17 59.22
CA GLN A 18 -43.07 -36.10 60.19
C GLN A 18 -44.55 -36.33 59.90
N LYS A 19 -45.28 -35.30 59.49
CA LYS A 19 -46.68 -35.52 59.15
C LYS A 19 -46.82 -36.44 57.95
N SER A 20 -45.92 -36.30 56.96
CA SER A 20 -45.98 -37.19 55.81
C SER A 20 -45.49 -38.59 56.15
N LEU A 21 -44.53 -38.72 57.07
CA LEU A 21 -44.11 -40.04 57.51
C LEU A 21 -45.29 -40.77 58.15
N LYS A 22 -46.03 -40.07 59.00
CA LYS A 22 -47.23 -40.65 59.60
C LYS A 22 -48.20 -41.14 58.54
N GLN A 23 -48.50 -40.32 57.54
CA GLN A 23 -49.44 -40.72 56.51
C GLN A 23 -48.88 -41.87 55.69
N ALA A 24 -47.57 -41.89 55.45
CA ALA A 24 -46.97 -42.98 54.70
C ALA A 24 -47.11 -44.29 55.47
N ILE A 25 -46.87 -44.26 56.78
CA ILE A 25 -47.05 -45.46 57.60
C ILE A 25 -48.50 -45.91 57.57
N GLU A 26 -49.45 -44.95 57.58
CA GLU A 26 -50.86 -45.32 57.45
C GLU A 26 -51.14 -46.00 56.12
N LEU A 27 -50.57 -45.49 55.03
CA LEU A 27 -50.77 -46.11 53.73
C LEU A 27 -50.13 -47.49 53.66
N ALA A 28 -48.93 -47.64 54.20
CA ALA A 28 -48.23 -48.92 54.10
C ALA A 28 -48.91 -50.00 54.93
N ASP A 29 -49.52 -49.62 56.07
CA ASP A 29 -50.33 -50.53 56.89
C ASP A 29 -49.48 -51.71 57.38
N PHE A 30 -48.43 -51.38 58.15
CA PHE A 30 -47.57 -52.39 58.74
C PHE A 30 -48.38 -53.39 59.56
N ASP A 31 -48.02 -54.66 59.41
CA ASP A 31 -48.46 -55.65 60.39
C ASP A 31 -47.58 -55.59 61.63
N GLU A 32 -48.01 -56.33 62.65
CA GLU A 32 -47.34 -56.32 63.95
C GLU A 32 -45.87 -56.67 63.83
N GLY A 33 -45.55 -57.65 62.98
CA GLY A 33 -44.16 -58.05 62.81
C GLY A 33 -43.29 -56.96 62.24
N LEU A 34 -43.75 -56.29 61.17
CA LEU A 34 -42.94 -55.26 60.52
C LEU A 34 -42.85 -54.00 61.39
N ALA A 35 -43.97 -53.58 61.99
CA ALA A 35 -43.90 -52.42 62.88
C ALA A 35 -42.85 -52.62 63.95
N LYS A 36 -42.74 -53.86 64.47
CA LYS A 36 -41.73 -54.16 65.47
C LYS A 36 -40.32 -54.05 64.91
N ARG A 37 -40.05 -54.71 63.79
CA ARG A 37 -38.70 -54.66 63.23
C ARG A 37 -38.34 -53.25 62.79
N TYR A 38 -39.29 -52.53 62.18
CA TYR A 38 -39.07 -51.14 61.83
C TYR A 38 -38.76 -50.31 63.07
N GLY A 39 -39.53 -50.53 64.15
CA GLY A 39 -39.29 -49.83 65.41
C GLY A 39 -37.88 -50.02 65.96
N ALA A 40 -37.26 -51.17 65.71
CA ALA A 40 -35.98 -51.51 66.31
C ALA A 40 -34.78 -51.18 65.43
N LEU A 41 -34.98 -50.57 64.27
CA LEU A 41 -33.87 -50.26 63.37
C LEU A 41 -33.05 -49.08 63.87
N PRO A 42 -31.73 -49.11 63.70
CA PRO A 42 -30.92 -47.91 63.94
C PRO A 42 -31.27 -46.82 62.95
N SER A 43 -31.43 -45.59 63.45
CA SER A 43 -31.93 -44.48 62.66
C SER A 43 -30.81 -43.54 62.27
N ALA A 44 -30.85 -43.09 61.02
CA ALA A 44 -29.99 -42.00 60.57
C ALA A 44 -30.68 -40.64 60.66
N ILE A 45 -31.93 -40.62 61.13
CA ILE A 45 -32.66 -39.40 61.38
C ILE A 45 -32.51 -39.03 62.85
N GLY A 46 -32.16 -37.77 63.13
CA GLY A 46 -32.07 -37.31 64.50
C GLY A 46 -33.33 -36.62 64.98
N ALA A 47 -33.28 -36.18 66.24
CA ALA A 47 -34.37 -35.40 66.82
C ALA A 47 -34.42 -33.97 66.29
N ASN A 48 -33.28 -33.46 65.80
CA ASN A 48 -33.23 -32.15 65.14
C ASN A 48 -32.21 -32.26 64.02
N VAL A 49 -32.23 -31.28 63.11
CA VAL A 49 -31.45 -31.40 61.88
C VAL A 49 -29.96 -31.35 62.12
N GLU A 50 -29.52 -31.09 63.35
CA GLU A 50 -28.10 -31.12 63.67
C GLU A 50 -27.66 -32.41 64.33
N ASP A 51 -28.59 -33.27 64.70
CA ASP A 51 -28.29 -34.58 65.28
C ASP A 51 -28.39 -35.62 64.18
N PHE A 52 -27.28 -36.27 63.84
CA PHE A 52 -27.26 -37.14 62.67
C PHE A 52 -27.56 -38.58 63.04
N GLY A 53 -28.00 -38.84 64.26
CA GLY A 53 -28.37 -40.17 64.69
C GLY A 53 -27.17 -41.10 64.72
N SER A 54 -27.45 -42.40 64.63
CA SER A 54 -26.42 -43.45 64.69
C SER A 54 -26.74 -44.52 63.66
N PRO A 55 -26.32 -44.33 62.41
CA PRO A 55 -26.76 -45.22 61.33
C PRO A 55 -26.22 -46.64 61.48
N ALA A 56 -26.95 -47.57 60.87
CA ALA A 56 -26.51 -48.95 60.79
C ALA A 56 -25.18 -49.05 60.07
N GLN A 57 -24.42 -50.12 60.37
CA GLN A 57 -23.18 -50.33 59.65
C GLN A 57 -23.44 -50.67 58.18
N PHE A 58 -24.43 -51.53 57.92
CA PHE A 58 -24.79 -51.92 56.55
C PHE A 58 -26.29 -51.72 56.39
N PRO A 59 -26.74 -50.50 56.05
CA PRO A 59 -28.19 -50.26 55.97
C PRO A 59 -28.92 -51.18 55.01
N LEU A 60 -28.30 -51.57 53.89
CA LEU A 60 -28.99 -52.44 52.95
C LEU A 60 -29.23 -53.81 53.55
N GLU A 61 -28.26 -54.33 54.31
CA GLU A 61 -28.49 -55.59 55.02
C GLU A 61 -29.67 -55.48 55.99
N GLU A 62 -29.73 -54.40 56.76
CA GLU A 62 -30.86 -54.25 57.69
C GLU A 62 -32.18 -54.10 56.96
N TYR A 63 -32.17 -53.43 55.81
CA TYR A 63 -33.37 -53.27 55.02
C TYR A 63 -33.90 -54.62 54.55
N LEU A 64 -33.02 -55.47 54.03
CA LEU A 64 -33.44 -56.76 53.50
C LEU A 64 -33.96 -57.70 54.59
N LYS A 65 -33.40 -57.62 55.82
CA LYS A 65 -33.94 -58.40 56.94
C LYS A 65 -35.28 -57.87 57.40
N ALA A 66 -35.46 -56.56 57.46
CA ALA A 66 -36.66 -56.00 58.10
C ALA A 66 -37.90 -56.20 57.25
N LEU A 67 -37.78 -56.15 55.90
CA LEU A 67 -38.99 -56.07 55.09
C LEU A 67 -39.54 -57.46 54.79
N PRO A 68 -40.86 -57.60 54.70
CA PRO A 68 -41.45 -58.91 54.41
C PRO A 68 -41.31 -59.28 52.93
N LYS A 69 -41.40 -60.60 52.67
CA LYS A 69 -41.33 -61.10 51.30
C LYS A 69 -42.39 -60.47 50.40
N LYS A 70 -43.59 -60.20 50.94
CA LYS A 70 -44.64 -59.60 50.12
C LYS A 70 -44.23 -58.23 49.60
N VAL A 71 -43.31 -57.54 50.27
CA VAL A 71 -42.83 -56.24 49.80
C VAL A 71 -41.61 -56.41 48.89
N LEU A 72 -40.63 -57.19 49.35
CA LEU A 72 -39.40 -57.36 48.59
C LEU A 72 -39.65 -58.04 47.25
N ASP A 73 -40.64 -58.94 47.20
CA ASP A 73 -40.96 -59.61 45.94
C ASP A 73 -41.38 -58.63 44.87
N ILE A 74 -41.80 -57.43 45.25
CA ILE A 74 -42.14 -56.39 44.31
C ILE A 74 -40.99 -55.41 44.12
N THR A 75 -40.42 -54.91 45.23
CA THR A 75 -39.43 -53.86 45.13
C THR A 75 -38.08 -54.35 44.62
N GLU A 76 -37.75 -55.63 44.82
CA GLU A 76 -36.51 -56.18 44.30
C GLU A 76 -36.60 -56.54 42.83
N LYS A 77 -37.82 -56.60 42.29
CA LYS A 77 -38.00 -56.93 40.89
C LYS A 77 -37.55 -55.77 40.02
N ASP A 78 -36.87 -56.08 38.93
CA ASP A 78 -36.51 -55.07 37.96
C ASP A 78 -37.77 -54.35 37.49
N PRO A 79 -37.79 -53.01 37.50
CA PRO A 79 -39.04 -52.29 37.19
C PRO A 79 -39.60 -52.62 35.82
N VAL A 80 -38.75 -52.92 34.83
CA VAL A 80 -39.28 -53.25 33.51
C VAL A 80 -40.05 -54.56 33.59
N GLU A 81 -39.52 -55.54 34.33
CA GLU A 81 -40.26 -56.77 34.58
C GLU A 81 -41.51 -56.49 35.41
N LEU A 82 -41.42 -55.60 36.39
CA LEU A 82 -42.60 -55.26 37.17
C LEU A 82 -43.66 -54.59 36.31
N LEU A 83 -43.26 -53.84 35.29
CA LEU A 83 -44.24 -53.23 34.40
C LEU A 83 -45.08 -54.29 33.70
N LYS A 84 -44.48 -55.44 33.37
CA LYS A 84 -45.25 -56.54 32.78
C LYS A 84 -46.36 -56.99 33.72
N ASP A 85 -46.07 -57.11 35.02
CA ASP A 85 -47.08 -57.55 35.99
C ASP A 85 -48.22 -56.54 36.10
N LEU A 86 -47.90 -55.25 36.08
CA LEU A 86 -48.94 -54.23 36.10
C LEU A 86 -49.78 -54.27 34.83
N LYS A 87 -49.16 -54.60 33.69
CA LYS A 87 -49.91 -54.64 32.45
C LYS A 87 -50.85 -55.83 32.41
N SER A 88 -50.37 -56.99 32.82
CA SER A 88 -51.17 -58.20 32.83
C SER A 88 -52.10 -58.27 34.03
N ARG A 89 -52.03 -57.30 34.94
CA ARG A 89 -52.89 -57.22 36.13
C ARG A 89 -52.60 -58.33 37.14
N LYS A 90 -51.40 -58.91 37.10
CA LYS A 90 -50.99 -59.81 38.19
C LYS A 90 -50.79 -59.05 39.49
N VAL A 91 -50.69 -57.73 39.42
CA VAL A 91 -50.52 -56.86 40.58
C VAL A 91 -51.19 -55.54 40.26
N THR A 92 -51.79 -54.92 41.26
CA THR A 92 -52.48 -53.66 41.00
C THR A 92 -51.54 -52.49 41.25
N CYS A 93 -51.90 -51.34 40.66
CA CYS A 93 -51.11 -50.13 40.92
C CYS A 93 -51.05 -49.80 42.40
N VAL A 94 -52.15 -49.98 43.11
CA VAL A 94 -52.18 -49.66 44.54
C VAL A 94 -51.33 -50.63 45.33
N GLU A 95 -51.34 -51.92 44.96
CA GLU A 95 -50.44 -52.87 45.61
C GLU A 95 -48.99 -52.45 45.45
N VAL A 96 -48.61 -52.02 44.24
CA VAL A 96 -47.23 -51.60 44.00
C VAL A 96 -46.89 -50.37 44.82
N LEU A 97 -47.83 -49.41 44.92
CA LEU A 97 -47.63 -48.23 45.74
C LEU A 97 -47.40 -48.61 47.22
N LYS A 98 -48.27 -49.46 47.76
CA LYS A 98 -48.14 -49.84 49.16
C LYS A 98 -46.79 -50.50 49.43
N ALA A 99 -46.34 -51.37 48.53
CA ALA A 99 -45.05 -52.03 48.73
C ALA A 99 -43.91 -51.01 48.75
N TYR A 100 -43.85 -50.15 47.72
CA TYR A 100 -42.73 -49.19 47.63
C TYR A 100 -42.78 -48.14 48.72
N THR A 101 -43.97 -47.72 49.15
CA THR A 101 -44.07 -46.82 50.30
C THR A 101 -43.48 -47.48 51.54
N ALA A 102 -43.82 -48.75 51.78
CA ALA A 102 -43.22 -49.48 52.90
C ALA A 102 -41.70 -49.51 52.75
N ALA A 103 -41.22 -49.82 51.55
CA ALA A 103 -39.79 -49.83 51.28
C ALA A 103 -39.15 -48.46 51.55
N SER A 104 -39.79 -47.38 51.08
CA SER A 104 -39.18 -46.06 51.25
C SER A 104 -39.16 -45.62 52.71
N ILE A 105 -40.14 -46.06 53.51
CA ILE A 105 -40.15 -45.76 54.95
C ILE A 105 -38.97 -46.42 55.63
N VAL A 106 -38.72 -47.69 55.33
CA VAL A 106 -37.56 -48.38 55.92
C VAL A 106 -36.26 -47.72 55.46
N ALA A 107 -36.18 -47.39 54.17
CA ALA A 107 -34.99 -46.69 53.68
C ALA A 107 -34.84 -45.33 54.36
N SER A 108 -35.95 -44.63 54.56
CA SER A 108 -35.92 -43.35 55.24
C SER A 108 -35.26 -43.47 56.61
N LYS A 109 -35.65 -44.47 57.38
CA LYS A 109 -35.13 -44.56 58.74
C LYS A 109 -33.66 -44.95 58.75
N LEU A 110 -33.27 -45.86 57.86
CA LEU A 110 -31.91 -46.38 57.85
C LEU A 110 -30.94 -45.40 57.23
N THR A 111 -31.40 -44.64 56.24
CA THR A 111 -30.54 -43.83 55.43
C THR A 111 -30.80 -42.33 55.52
N ASN A 112 -32.01 -41.91 55.90
CA ASN A 112 -32.40 -40.50 55.95
C ASN A 112 -32.34 -39.87 54.56
N CYS A 113 -32.99 -40.52 53.59
CA CYS A 113 -32.97 -40.11 52.20
C CYS A 113 -34.26 -39.47 51.73
N VAL A 114 -35.29 -39.42 52.57
CA VAL A 114 -36.59 -38.89 52.17
C VAL A 114 -36.82 -37.57 52.89
N GLN A 115 -37.16 -36.54 52.12
CA GLN A 115 -37.53 -35.23 52.67
C GLN A 115 -39.00 -35.12 52.94
N GLU A 116 -39.82 -35.76 52.11
CA GLU A 116 -41.27 -35.66 52.24
C GLU A 116 -41.92 -36.81 51.49
N PHE A 117 -42.81 -37.54 52.15
CA PHE A 117 -43.56 -38.57 51.46
C PHE A 117 -44.76 -37.94 50.78
N LEU A 118 -45.24 -38.59 49.72
CA LEU A 118 -46.39 -38.06 49.00
C LEU A 118 -47.55 -39.04 49.01
N PRO A 119 -47.98 -39.54 50.16
CA PRO A 119 -48.92 -40.66 50.15
C PRO A 119 -50.34 -40.28 49.74
N ILE A 120 -50.76 -39.04 50.00
CA ILE A 120 -52.11 -38.63 49.59
C ILE A 120 -52.23 -38.62 48.08
N GLU A 121 -51.36 -37.86 47.39
CA GLU A 121 -51.41 -37.82 45.94
C GLU A 121 -51.01 -39.15 45.33
N ALA A 122 -50.13 -39.90 45.98
CA ALA A 122 -49.70 -41.17 45.42
C ALA A 122 -50.85 -42.17 45.37
N LEU A 123 -51.66 -42.21 46.43
CA LEU A 123 -52.82 -43.10 46.44
C LEU A 123 -53.85 -42.66 45.40
N GLN A 124 -54.03 -41.34 45.27
CA GLN A 124 -54.95 -40.81 44.27
C GLN A 124 -54.50 -41.16 42.86
N TYR A 125 -53.20 -41.05 42.58
CA TYR A 125 -52.68 -41.43 41.26
C TYR A 125 -52.91 -42.92 41.00
N ALA A 126 -52.54 -43.77 41.96
CA ALA A 126 -52.60 -45.20 41.74
C ALA A 126 -54.05 -45.71 41.65
N GLN A 127 -54.95 -45.17 42.47
CA GLN A 127 -56.34 -45.62 42.43
C GLN A 127 -56.95 -45.35 41.06
N LYS A 128 -56.82 -44.11 40.57
CA LYS A 128 -57.41 -43.75 39.29
C LYS A 128 -56.69 -44.46 38.14
N LEU A 129 -55.42 -44.80 38.33
CA LEU A 129 -54.72 -45.60 37.32
C LEU A 129 -55.25 -47.02 37.28
N ASP A 130 -55.59 -47.59 38.45
CA ASP A 130 -56.27 -48.88 38.49
C ASP A 130 -57.66 -48.79 37.87
N ALA A 131 -58.42 -47.75 38.21
CA ALA A 131 -59.74 -47.58 37.62
C ALA A 131 -59.66 -47.46 36.10
N ASP A 132 -58.65 -46.76 35.59
CA ASP A 132 -58.47 -46.56 34.16
C ASP A 132 -57.61 -47.65 33.53
N TYR A 133 -57.55 -48.82 34.16
CA TYR A 133 -56.66 -49.88 33.68
C TYR A 133 -56.85 -50.18 32.20
N GLU A 134 -58.10 -50.24 31.75
CA GLU A 134 -58.35 -50.68 30.38
C GLU A 134 -57.87 -49.67 29.36
N THR A 135 -57.98 -48.37 29.65
CA THR A 135 -57.58 -47.35 28.70
C THR A 135 -56.10 -46.95 28.82
N LYS A 136 -55.46 -47.18 29.97
CA LYS A 136 -54.09 -46.75 30.17
C LYS A 136 -53.10 -47.89 30.34
N LYS A 137 -53.53 -49.16 30.27
CA LYS A 137 -52.58 -50.26 30.37
C LYS A 137 -51.49 -50.15 29.32
N HIS A 138 -51.79 -49.51 28.17
CA HIS A 138 -50.87 -49.44 27.05
C HIS A 138 -49.74 -48.45 27.28
N LEU A 139 -49.85 -47.60 28.30
CA LEU A 139 -48.84 -46.56 28.53
C LEU A 139 -47.50 -47.18 28.91
N PRO A 140 -46.38 -46.59 28.47
CA PRO A 140 -45.08 -47.27 28.64
C PRO A 140 -44.63 -47.40 30.09
N LEU A 141 -45.12 -46.58 31.01
CA LEU A 141 -44.71 -46.66 32.41
C LEU A 141 -45.91 -46.83 33.34
N TYR A 142 -46.93 -47.53 32.85
CA TYR A 142 -48.20 -47.64 33.55
C TYR A 142 -48.02 -48.22 34.95
N GLY A 143 -48.42 -47.44 35.96
CA GLY A 143 -48.47 -47.94 37.31
C GLY A 143 -47.19 -47.80 38.11
N LEU A 144 -46.13 -47.26 37.54
CA LEU A 144 -44.83 -47.25 38.21
C LEU A 144 -44.67 -45.99 39.04
N PRO A 145 -44.45 -46.08 40.35
CA PRO A 145 -44.11 -44.88 41.10
C PRO A 145 -42.65 -44.53 40.91
N PHE A 146 -42.30 -43.29 41.25
CA PHE A 146 -40.90 -42.91 41.22
C PHE A 146 -40.66 -41.79 42.21
N SER A 147 -39.39 -41.58 42.54
CA SER A 147 -38.97 -40.55 43.47
C SER A 147 -38.45 -39.32 42.72
N ILE A 148 -38.61 -38.15 43.33
CA ILE A 148 -38.14 -36.90 42.74
C ILE A 148 -37.32 -36.14 43.78
N LYS A 149 -36.18 -35.60 43.34
CA LYS A 149 -35.37 -34.73 44.18
C LYS A 149 -36.22 -33.57 44.70
N GLU A 150 -35.94 -33.13 45.92
CA GLU A 150 -36.75 -32.08 46.54
C GLU A 150 -36.75 -30.80 45.71
N MET A 151 -35.68 -30.53 44.95
CA MET A 151 -35.61 -29.34 44.12
C MET A 151 -36.61 -29.34 42.97
N ILE A 152 -37.27 -30.46 42.68
CA ILE A 152 -38.15 -30.58 41.52
C ILE A 152 -39.56 -30.12 41.91
N PRO A 153 -40.16 -29.17 41.20
CA PRO A 153 -41.48 -28.66 41.59
C PRO A 153 -42.55 -29.75 41.49
N PHE A 154 -43.39 -29.80 42.53
CA PHE A 154 -44.59 -30.64 42.59
C PHE A 154 -45.70 -29.79 43.20
N VAL A 155 -46.93 -29.97 42.71
CA VAL A 155 -48.01 -29.04 43.04
C VAL A 155 -48.24 -29.01 44.55
N GLY A 156 -48.36 -27.80 45.10
CA GLY A 156 -48.70 -27.61 46.50
C GLY A 156 -47.56 -27.79 47.47
N ARG A 157 -46.32 -27.93 46.99
CA ARG A 157 -45.18 -28.14 47.86
C ARG A 157 -44.25 -26.96 47.84
N SER A 158 -43.49 -26.81 48.93
CA SER A 158 -42.37 -25.89 48.92
C SER A 158 -41.23 -26.48 48.09
N VAL A 159 -40.50 -25.60 47.41
CA VAL A 159 -39.31 -25.96 46.66
C VAL A 159 -38.18 -25.10 47.19
N THR A 160 -37.25 -25.74 47.90
CA THR A 160 -36.25 -25.04 48.70
C THR A 160 -34.82 -25.38 48.34
N HIS A 161 -34.59 -26.48 47.62
CA HIS A 161 -33.27 -27.10 47.49
C HIS A 161 -32.48 -27.06 48.80
N GLY A 162 -33.17 -27.34 49.93
CA GLY A 162 -32.52 -27.47 51.22
C GLY A 162 -32.38 -26.20 52.03
N SER A 163 -32.73 -25.04 51.48
CA SER A 163 -32.59 -23.77 52.19
C SER A 163 -33.86 -23.48 52.97
N LEU A 164 -33.71 -23.30 54.29
CA LEU A 164 -34.86 -23.07 55.16
C LEU A 164 -35.61 -21.79 54.80
N CYS A 165 -34.91 -20.80 54.25
CA CYS A 165 -35.52 -19.52 53.93
C CYS A 165 -36.57 -19.60 52.83
N TYR A 166 -36.60 -20.69 52.07
CA TYR A 166 -37.53 -20.83 50.95
C TYR A 166 -38.72 -21.73 51.28
N LEU A 167 -38.98 -21.98 52.56
CA LEU A 167 -40.05 -22.88 52.95
C LEU A 167 -41.43 -22.33 52.61
N ASP A 168 -41.54 -21.05 52.27
CA ASP A 168 -42.80 -20.46 51.85
C ASP A 168 -42.90 -20.32 50.33
N ARG A 169 -41.96 -20.91 49.58
CA ARG A 169 -41.99 -20.85 48.11
C ARG A 169 -42.77 -22.05 47.59
N ILE A 170 -44.09 -21.91 47.59
CA ILE A 170 -45.00 -22.98 47.18
C ILE A 170 -45.39 -22.79 45.73
N VAL A 171 -45.36 -23.88 44.96
CA VAL A 171 -45.69 -23.85 43.55
C VAL A 171 -47.04 -24.53 43.35
N ASP A 172 -47.75 -24.10 42.31
CA ASP A 172 -49.01 -24.69 41.91
C ASP A 172 -48.87 -25.49 40.62
N TYR A 173 -47.67 -26.00 40.35
CA TYR A 173 -47.41 -26.73 39.11
C TYR A 173 -46.34 -27.80 39.35
N ASN A 174 -46.36 -28.83 38.50
CA ASN A 174 -45.26 -29.79 38.49
C ASN A 174 -44.23 -29.38 37.45
N ALA A 175 -43.02 -29.91 37.60
CA ALA A 175 -42.01 -29.76 36.56
C ALA A 175 -42.45 -30.50 35.31
N ASP A 176 -42.02 -29.97 34.15
CA ASP A 176 -42.43 -30.52 32.86
C ASP A 176 -42.18 -32.03 32.80
N ILE A 177 -41.00 -32.47 33.23
CA ILE A 177 -40.67 -33.88 33.15
C ILE A 177 -41.62 -34.72 34.00
N VAL A 178 -42.08 -34.17 35.13
CA VAL A 178 -43.01 -34.91 35.98
C VAL A 178 -44.34 -35.11 35.26
N ASN A 179 -44.85 -34.05 34.64
CA ASN A 179 -46.11 -34.15 33.89
C ASN A 179 -45.99 -35.12 32.73
N ILE A 180 -44.85 -35.10 32.04
CA ILE A 180 -44.63 -36.03 30.93
C ILE A 180 -44.68 -37.47 31.44
N LEU A 181 -43.98 -37.73 32.54
CA LEU A 181 -43.96 -39.08 33.09
C LEU A 181 -45.34 -39.50 33.57
N ILE A 182 -46.10 -38.57 34.16
CA ILE A 182 -47.48 -38.87 34.55
C ILE A 182 -48.32 -39.19 33.33
N ALA A 183 -48.10 -38.46 32.23
CA ALA A 183 -48.82 -38.74 30.99
C ALA A 183 -48.53 -40.14 30.46
N ASN A 184 -47.45 -40.77 30.91
CA ASN A 184 -47.06 -42.10 30.46
C ASN A 184 -47.28 -43.17 31.52
N GLY A 185 -48.11 -42.89 32.52
CA GLY A 185 -48.56 -43.89 33.47
C GLY A 185 -47.80 -43.96 34.79
N ALA A 186 -46.77 -43.14 34.96
CA ALA A 186 -46.01 -43.11 36.21
C ALA A 186 -46.51 -41.98 37.09
N TYR A 187 -45.99 -41.91 38.31
CA TYR A 187 -46.38 -40.87 39.25
C TYR A 187 -45.34 -40.79 40.35
N PRO A 188 -45.05 -39.60 40.88
CA PRO A 188 -44.10 -39.50 41.97
C PRO A 188 -44.74 -39.88 43.30
N PHE A 189 -43.97 -40.55 44.16
CA PHE A 189 -44.50 -40.94 45.47
C PHE A 189 -43.67 -40.46 46.65
N VAL A 190 -42.47 -39.92 46.44
CA VAL A 190 -41.60 -39.45 47.52
C VAL A 190 -40.68 -38.37 46.97
N ARG A 191 -40.35 -37.41 47.84
CA ARG A 191 -39.36 -36.38 47.53
C ARG A 191 -38.12 -36.69 48.35
N THR A 192 -36.96 -36.74 47.69
CA THR A 192 -35.72 -37.15 48.33
C THR A 192 -34.87 -35.94 48.72
N THR A 193 -33.96 -36.16 49.67
CA THR A 193 -33.19 -35.07 50.25
C THR A 193 -32.08 -34.55 49.34
N ASN A 194 -31.70 -33.32 49.56
CA ASN A 194 -30.65 -32.63 48.84
C ASN A 194 -30.01 -31.69 49.84
N PRO A 195 -28.76 -31.35 49.65
CA PRO A 195 -28.03 -30.55 50.64
C PRO A 195 -28.06 -29.05 50.38
N GLN A 196 -27.51 -28.32 51.34
CA GLN A 196 -27.39 -26.88 51.27
C GLN A 196 -26.59 -26.45 50.05
N SER A 197 -27.10 -25.43 49.34
CA SER A 197 -26.50 -24.81 48.16
C SER A 197 -26.46 -25.70 46.92
N LEU A 198 -26.69 -26.99 47.11
CA LEU A 198 -26.59 -28.04 46.10
C LEU A 198 -25.15 -28.28 45.63
N MET A 199 -24.17 -27.52 46.11
CA MET A 199 -22.83 -27.62 45.57
C MET A 199 -21.89 -28.44 46.46
N MET A 200 -22.34 -29.60 46.91
CA MET A 200 -21.50 -30.55 47.60
C MET A 200 -21.77 -31.95 47.09
N LEU A 201 -20.72 -32.76 47.01
CA LEU A 201 -20.88 -34.16 46.65
C LEU A 201 -21.24 -35.02 47.85
N GLU A 202 -22.01 -34.46 48.78
CA GLU A 202 -22.56 -35.18 49.93
C GLU A 202 -23.99 -34.67 50.11
N CYS A 203 -24.67 -35.05 51.20
CA CYS A 203 -26.08 -34.68 51.35
C CYS A 203 -26.39 -34.29 52.80
N VAL A 204 -25.99 -33.08 53.18
CA VAL A 204 -26.28 -32.53 54.50
C VAL A 204 -26.98 -31.20 54.33
N SER A 205 -28.09 -31.02 55.03
CA SER A 205 -28.79 -29.74 55.01
C SER A 205 -29.48 -29.52 56.35
N PHE A 206 -29.92 -28.29 56.58
CA PHE A 206 -30.68 -27.96 57.77
C PHE A 206 -32.17 -28.16 57.56
N SER A 207 -32.55 -28.84 56.48
CA SER A 207 -33.92 -29.28 56.29
C SER A 207 -34.12 -30.74 56.65
N HIS A 208 -33.06 -31.54 56.67
CA HIS A 208 -33.22 -32.98 56.83
C HIS A 208 -32.16 -33.65 57.69
N GLY A 209 -31.02 -33.03 57.94
CA GLY A 209 -29.94 -33.67 58.69
C GLY A 209 -28.86 -34.18 57.73
N ARG A 210 -28.51 -35.46 57.88
CA ARG A 210 -27.43 -36.05 57.11
C ARG A 210 -27.95 -37.33 56.44
N THR A 211 -27.63 -37.49 55.16
CA THR A 211 -27.97 -38.69 54.42
C THR A 211 -26.71 -39.56 54.30
N VAL A 212 -26.88 -40.88 54.47
CA VAL A 212 -25.74 -41.77 54.49
C VAL A 212 -25.87 -42.82 53.39
N ASN A 213 -24.75 -43.49 53.12
CA ASN A 213 -24.64 -44.48 52.07
C ASN A 213 -25.51 -45.69 52.36
N ALA A 214 -26.04 -46.30 51.29
CA ALA A 214 -26.90 -47.47 51.45
C ALA A 214 -26.12 -48.72 51.83
N TYR A 215 -24.83 -48.79 51.48
CA TYR A 215 -24.04 -49.99 51.73
C TYR A 215 -23.16 -49.89 52.97
N ASN A 216 -22.84 -48.68 53.42
CA ASN A 216 -22.00 -48.51 54.60
C ASN A 216 -22.43 -47.22 55.29
N GLY A 217 -23.03 -47.36 56.47
CA GLY A 217 -23.63 -46.21 57.14
C GLY A 217 -22.65 -45.20 57.68
N MET A 218 -21.35 -45.48 57.61
CA MET A 218 -20.34 -44.52 58.02
C MET A 218 -19.91 -43.59 56.89
N LEU A 219 -20.31 -43.87 55.66
CA LEU A 219 -19.91 -43.11 54.49
C LEU A 219 -21.09 -42.29 53.98
N THR A 220 -20.78 -41.27 53.19
CA THR A 220 -21.82 -40.42 52.64
C THR A 220 -22.60 -41.10 51.51
N SER A 221 -23.83 -40.63 51.33
CA SER A 221 -24.61 -41.04 50.16
C SER A 221 -24.08 -40.42 48.89
N GLY A 222 -23.33 -39.32 49.00
CA GLY A 222 -23.01 -38.51 47.85
C GLY A 222 -24.02 -37.39 47.71
N GLY A 223 -23.80 -36.56 46.70
CA GLY A 223 -24.71 -35.46 46.44
C GLY A 223 -24.42 -34.83 45.11
N SER A 224 -25.27 -33.88 44.72
CA SER A 224 -26.41 -33.40 45.52
C SER A 224 -27.65 -34.29 45.57
N SER A 225 -27.81 -35.20 44.60
CA SER A 225 -28.97 -36.07 44.63
C SER A 225 -28.69 -37.23 45.58
N GLY A 226 -28.37 -36.87 46.82
CA GLY A 226 -27.95 -37.87 47.78
C GLY A 226 -29.10 -38.76 48.21
N GLY A 227 -30.26 -38.17 48.48
CA GLY A 227 -31.43 -38.96 48.78
C GLY A 227 -31.79 -39.93 47.67
N GLU A 228 -31.71 -39.47 46.41
CA GLU A 228 -32.03 -40.33 45.27
C GLU A 228 -31.06 -41.49 45.16
N GLY A 229 -29.76 -41.21 45.29
CA GLY A 229 -28.78 -42.30 45.22
C GLY A 229 -28.99 -43.29 46.34
N ALA A 230 -29.25 -42.78 47.53
CA ALA A 230 -29.47 -43.61 48.70
C ALA A 230 -30.78 -44.40 48.58
N LEU A 231 -31.88 -43.73 48.24
CA LEU A 231 -33.17 -44.41 48.13
C LEU A 231 -33.14 -45.49 47.06
N ASN A 232 -32.54 -45.20 45.90
CA ASN A 232 -32.51 -46.17 44.81
C ASN A 232 -31.44 -47.22 45.00
N GLY A 233 -30.39 -46.94 45.77
CA GLY A 233 -29.45 -47.98 46.16
C GLY A 233 -30.06 -49.02 47.07
N MET A 234 -31.00 -48.61 47.93
CA MET A 234 -31.76 -49.55 48.74
C MET A 234 -32.86 -50.23 47.93
N ARG A 235 -32.97 -49.93 46.65
CA ARG A 235 -34.06 -50.45 45.81
C ARG A 235 -35.42 -50.14 46.44
N ALA A 236 -35.51 -48.96 47.05
CA ALA A 236 -36.74 -48.49 47.68
C ALA A 236 -37.51 -47.54 46.78
N SER A 237 -37.13 -47.47 45.50
CA SER A 237 -37.84 -46.73 44.47
C SER A 237 -37.53 -47.41 43.15
N PRO A 238 -38.47 -47.43 42.20
CA PRO A 238 -38.14 -47.98 40.88
C PRO A 238 -37.08 -47.16 40.17
N PHE A 239 -37.20 -45.83 40.22
CA PHE A 239 -36.17 -44.94 39.72
C PHE A 239 -36.39 -43.57 40.34
N GLY A 240 -35.41 -42.70 40.18
CA GLY A 240 -35.56 -41.34 40.65
C GLY A 240 -34.98 -40.35 39.65
N LEU A 241 -35.39 -39.10 39.82
CA LEU A 241 -34.86 -38.01 39.02
C LEU A 241 -34.00 -37.13 39.91
N GLY A 242 -32.76 -36.88 39.48
CA GLY A 242 -31.89 -35.95 40.15
C GLY A 242 -31.50 -34.79 39.25
N SER A 243 -30.46 -34.07 39.66
CA SER A 243 -29.88 -33.00 38.86
C SER A 243 -28.37 -33.14 38.93
N ASP A 244 -27.68 -32.61 37.93
CA ASP A 244 -26.23 -32.78 37.84
C ASP A 244 -25.60 -31.55 37.20
N ILE A 245 -24.96 -30.73 38.02
CA ILE A 245 -24.14 -29.60 37.55
C ILE A 245 -22.67 -29.76 37.91
N GLY A 246 -22.32 -30.65 38.84
CA GLY A 246 -20.94 -30.89 39.21
C GLY A 246 -20.70 -32.34 39.57
N GLY A 247 -21.65 -33.21 39.22
CA GLY A 247 -21.55 -34.62 39.55
C GLY A 247 -22.72 -35.11 40.39
N SER A 248 -23.74 -34.28 40.52
CA SER A 248 -24.78 -34.48 41.51
C SER A 248 -25.76 -35.60 41.14
N ILE A 249 -25.62 -36.24 39.98
CA ILE A 249 -26.34 -37.48 39.65
C ILE A 249 -25.41 -38.69 39.69
N ARG A 250 -24.21 -38.55 39.11
CA ARG A 250 -23.31 -39.69 38.96
C ARG A 250 -22.62 -40.02 40.27
N CYS A 251 -22.30 -39.01 41.07
CA CYS A 251 -21.66 -39.29 42.35
C CYS A 251 -22.58 -40.08 43.28
N PRO A 252 -23.85 -39.69 43.50
CA PRO A 252 -24.73 -40.56 44.29
C PRO A 252 -24.88 -41.95 43.69
N ALA A 253 -25.07 -42.05 42.37
CA ALA A 253 -25.25 -43.37 41.75
C ALA A 253 -24.02 -44.25 41.96
N ALA A 254 -22.83 -43.67 41.82
CA ALA A 254 -21.61 -44.46 41.99
C ALA A 254 -21.41 -44.85 43.44
N PHE A 255 -21.71 -43.94 44.37
CA PHE A 255 -21.48 -44.22 45.78
C PHE A 255 -22.40 -45.34 46.28
N ASN A 256 -23.58 -45.49 45.68
CA ASN A 256 -24.57 -46.47 46.11
C ASN A 256 -24.71 -47.63 45.14
N GLY A 257 -23.76 -47.81 44.23
CA GLY A 257 -23.70 -48.98 43.35
C GLY A 257 -24.86 -49.14 42.39
N ILE A 258 -25.37 -48.03 41.86
CA ILE A 258 -26.48 -48.14 40.92
C ILE A 258 -26.15 -47.40 39.64
N TYR A 259 -27.14 -47.24 38.77
CA TYR A 259 -26.97 -46.54 37.51
C TYR A 259 -27.47 -45.11 37.63
N GLY A 260 -26.77 -44.20 36.98
CA GLY A 260 -27.15 -42.80 36.93
C GLY A 260 -26.65 -42.15 35.68
N LEU A 261 -27.55 -41.50 34.94
CA LEU A 261 -27.23 -40.90 33.65
C LEU A 261 -27.28 -39.39 33.79
N ARG A 262 -26.12 -38.75 33.62
CA ARG A 262 -26.05 -37.32 33.33
C ARG A 262 -26.30 -37.18 31.84
N SER A 263 -27.55 -36.91 31.47
CA SER A 263 -27.90 -36.82 30.06
C SER A 263 -27.38 -35.53 29.43
N THR A 264 -27.19 -35.57 28.11
CA THR A 264 -26.73 -34.38 27.39
C THR A 264 -27.71 -33.23 27.51
N LEU A 265 -27.17 -32.02 27.74
CA LEU A 265 -28.00 -30.84 27.86
C LEU A 265 -28.83 -30.65 26.60
N GLY A 266 -30.13 -30.46 26.79
CA GLY A 266 -31.04 -30.26 25.68
C GLY A 266 -31.82 -31.48 25.26
N ARG A 267 -31.67 -32.61 25.94
CA ARG A 267 -32.45 -33.79 25.58
C ARG A 267 -33.72 -33.92 26.41
N ILE A 268 -33.64 -33.73 27.73
CA ILE A 268 -34.82 -33.86 28.58
C ILE A 268 -34.96 -32.59 29.42
N PRO A 269 -36.19 -32.16 29.71
CA PRO A 269 -36.39 -30.84 30.34
C PRO A 269 -35.97 -30.82 31.80
N THR A 270 -35.19 -29.79 32.16
CA THR A 270 -34.75 -29.61 33.52
C THR A 270 -34.86 -28.16 34.01
N ALA A 271 -35.08 -27.20 33.12
CA ALA A 271 -34.93 -25.79 33.48
C ALA A 271 -35.93 -25.32 34.54
N ASP A 272 -37.09 -25.95 34.65
CA ASP A 272 -38.04 -25.50 35.67
C ASP A 272 -37.70 -25.99 37.08
N TYR A 273 -36.66 -26.80 37.24
CA TYR A 273 -36.15 -27.10 38.59
C TYR A 273 -35.73 -25.81 39.29
N PHE A 274 -35.59 -25.89 40.61
CA PHE A 274 -35.15 -24.77 41.43
C PHE A 274 -33.75 -25.03 41.98
N SER A 275 -32.89 -24.01 41.94
CA SER A 275 -31.57 -24.09 42.56
C SER A 275 -31.20 -22.68 43.01
N CYS A 276 -29.96 -22.54 43.48
CA CYS A 276 -29.40 -21.19 43.60
C CYS A 276 -29.03 -20.67 42.22
N ASN A 277 -28.80 -19.36 42.14
CA ASN A 277 -28.29 -18.72 40.92
C ASN A 277 -29.25 -18.91 39.75
N ARG A 278 -30.53 -18.65 40.01
CA ARG A 278 -31.55 -18.77 38.98
C ARG A 278 -31.33 -17.69 37.92
N GLY A 279 -31.31 -18.10 36.66
CA GLY A 279 -30.94 -17.23 35.58
C GLY A 279 -29.48 -17.32 35.18
N SER A 280 -28.63 -17.95 35.98
CA SER A 280 -27.26 -18.16 35.56
C SER A 280 -27.24 -19.19 34.43
N GLU A 281 -26.61 -18.84 33.32
CA GLU A 281 -26.58 -19.72 32.16
C GLU A 281 -25.18 -20.12 31.74
N SER A 282 -24.14 -19.57 32.40
CA SER A 282 -22.76 -19.84 32.00
C SER A 282 -22.43 -21.33 32.08
N ILE A 283 -22.86 -21.99 33.15
CA ILE A 283 -22.76 -23.45 33.28
C ILE A 283 -24.13 -23.95 33.68
N LEU A 284 -24.70 -24.86 32.92
CA LEU A 284 -26.06 -25.31 33.15
C LEU A 284 -26.10 -26.72 33.73
N SER A 285 -26.97 -26.91 34.70
CA SER A 285 -27.26 -28.24 35.22
C SER A 285 -28.11 -29.01 34.22
N VAL A 286 -28.07 -30.34 34.32
CA VAL A 286 -28.94 -31.22 33.58
C VAL A 286 -29.58 -32.20 34.56
N THR A 287 -30.61 -32.90 34.09
CA THR A 287 -31.27 -33.96 34.86
C THR A 287 -31.06 -35.31 34.18
N GLY A 288 -31.70 -36.33 34.74
CA GLY A 288 -31.51 -37.71 34.33
C GLY A 288 -31.91 -38.67 35.44
N PRO A 289 -32.14 -39.93 35.09
CA PRO A 289 -32.63 -40.91 36.06
C PRO A 289 -31.52 -41.58 36.84
N LEU A 290 -31.85 -41.96 38.07
CA LEU A 290 -31.04 -42.89 38.86
C LEU A 290 -31.86 -44.13 39.14
N SER A 291 -31.25 -45.29 38.96
CA SER A 291 -31.95 -46.54 39.22
C SER A 291 -30.94 -47.67 39.35
N ARG A 292 -31.34 -48.67 40.13
CA ARG A 292 -30.63 -49.94 40.19
C ARG A 292 -30.59 -50.63 38.84
N SER A 293 -31.50 -50.27 37.94
CA SER A 293 -31.79 -51.03 36.73
C SER A 293 -31.38 -50.21 35.50
N LEU A 294 -30.41 -50.72 34.73
CA LEU A 294 -30.05 -50.07 33.48
C LEU A 294 -31.24 -50.01 32.52
N ASP A 295 -31.98 -51.11 32.38
CA ASP A 295 -33.13 -51.13 31.48
C ASP A 295 -34.15 -50.06 31.85
N THR A 296 -34.24 -49.71 33.13
CA THR A 296 -35.18 -48.69 33.55
C THR A 296 -34.66 -47.29 33.21
N VAL A 297 -33.35 -47.08 33.36
CA VAL A 297 -32.75 -45.82 32.93
C VAL A 297 -33.06 -45.56 31.46
N ASN A 298 -32.84 -46.58 30.62
CA ASN A 298 -33.08 -46.44 29.19
C ASN A 298 -34.56 -46.18 28.91
N LEU A 299 -35.45 -46.89 29.61
CA LEU A 299 -36.88 -46.75 29.35
C LEU A 299 -37.40 -45.37 29.77
N VAL A 300 -36.86 -44.80 30.85
CA VAL A 300 -37.28 -43.46 31.24
C VAL A 300 -36.86 -42.45 30.18
N MET A 301 -35.62 -42.54 29.71
CA MET A 301 -35.13 -41.70 28.62
C MET A 301 -35.98 -41.87 27.36
N LYS A 302 -36.16 -43.12 26.92
CA LYS A 302 -37.00 -43.39 25.75
C LYS A 302 -38.40 -42.81 25.93
N THR A 303 -38.97 -42.93 27.13
CA THR A 303 -40.33 -42.45 27.35
C THR A 303 -40.42 -40.93 27.27
N VAL A 304 -39.51 -40.23 27.93
CA VAL A 304 -39.59 -38.76 27.94
C VAL A 304 -39.31 -38.19 26.56
N ILE A 305 -38.29 -38.68 25.88
CA ILE A 305 -37.93 -38.09 24.60
C ILE A 305 -38.98 -38.40 23.54
N GLU A 306 -39.55 -39.61 23.56
CA GLU A 306 -40.56 -39.93 22.55
C GLU A 306 -41.85 -39.16 22.76
N ALA A 307 -42.00 -38.45 23.89
CA ALA A 307 -43.13 -37.57 24.11
C ALA A 307 -42.93 -36.19 23.50
N LYS A 308 -41.83 -35.95 22.79
CA LYS A 308 -41.47 -34.72 22.10
C LYS A 308 -41.46 -33.52 23.06
N PRO A 309 -40.62 -33.53 24.09
CA PRO A 309 -40.63 -32.43 25.06
C PRO A 309 -40.18 -31.10 24.47
N TRP A 310 -39.60 -31.09 23.26
CA TRP A 310 -39.28 -29.84 22.60
C TRP A 310 -40.52 -29.07 22.17
N LEU A 311 -41.70 -29.68 22.26
CA LEU A 311 -42.95 -28.97 22.03
C LEU A 311 -43.48 -28.33 23.30
N ILE A 312 -42.79 -28.52 24.43
CA ILE A 312 -43.09 -27.83 25.68
C ILE A 312 -41.92 -26.96 26.12
N ASP A 313 -40.71 -27.48 26.01
CA ASP A 313 -39.50 -26.77 26.44
C ASP A 313 -38.65 -26.46 25.21
N PRO A 314 -38.57 -25.20 24.77
CA PRO A 314 -37.89 -24.89 23.51
C PRO A 314 -36.37 -24.93 23.59
N THR A 315 -35.80 -25.23 24.76
CA THR A 315 -34.36 -25.41 24.82
C THR A 315 -33.92 -26.78 24.32
N LEU A 316 -34.85 -27.65 23.97
CA LEU A 316 -34.53 -29.04 23.66
C LEU A 316 -34.46 -29.26 22.14
N VAL A 317 -33.68 -30.28 21.74
CA VAL A 317 -33.46 -30.58 20.34
C VAL A 317 -34.29 -31.79 19.94
N PRO A 318 -34.94 -31.78 18.77
CA PRO A 318 -35.74 -32.95 18.36
C PRO A 318 -34.87 -34.10 17.87
N LEU A 319 -34.09 -34.66 18.77
CA LEU A 319 -33.18 -35.75 18.46
C LEU A 319 -33.70 -37.01 19.14
N ASP A 320 -34.12 -37.98 18.33
CA ASP A 320 -34.79 -39.17 18.84
C ASP A 320 -33.88 -40.02 19.71
N TRP A 321 -34.50 -40.75 20.63
CA TRP A 321 -33.80 -41.73 21.44
C TRP A 321 -33.72 -43.02 20.64
N LYS A 322 -32.54 -43.35 20.14
CA LYS A 322 -32.38 -44.47 19.21
C LYS A 322 -31.23 -45.35 19.65
N ARG A 323 -31.50 -46.65 19.78
CA ARG A 323 -30.45 -47.63 20.05
C ARG A 323 -29.39 -47.61 18.94
N PRO A 324 -28.11 -47.56 19.28
CA PRO A 324 -27.08 -47.63 18.24
C PRO A 324 -26.96 -49.05 17.69
N GLU A 325 -26.67 -49.13 16.41
CA GLU A 325 -26.51 -50.40 15.72
C GLU A 325 -25.05 -50.86 15.62
N ASN A 326 -24.13 -50.16 16.27
CA ASN A 326 -22.71 -50.47 16.14
C ASN A 326 -22.44 -51.93 16.50
N LYS A 327 -21.61 -52.59 15.70
CA LYS A 327 -21.18 -53.93 16.06
C LYS A 327 -19.78 -53.94 16.66
N LYS A 328 -18.91 -53.06 16.19
CA LYS A 328 -17.60 -52.86 16.79
C LYS A 328 -17.59 -51.54 17.55
N PHE A 329 -16.72 -51.47 18.56
CA PHE A 329 -16.60 -50.32 19.44
C PHE A 329 -15.14 -50.00 19.68
N ARG A 330 -14.82 -48.70 19.74
CA ARG A 330 -13.54 -48.20 20.23
C ARG A 330 -13.76 -47.48 21.54
N VAL A 331 -13.02 -47.88 22.57
CA VAL A 331 -13.25 -47.42 23.94
C VAL A 331 -11.93 -47.02 24.57
N GLY A 332 -11.92 -45.86 25.24
CA GLY A 332 -10.76 -45.41 25.98
C GLY A 332 -10.90 -45.68 27.46
N ILE A 333 -9.78 -45.95 28.11
CA ILE A 333 -9.72 -46.15 29.56
C ILE A 333 -8.98 -44.97 30.17
N TYR A 334 -9.67 -44.24 31.04
CA TYR A 334 -9.13 -43.07 31.73
C TYR A 334 -8.66 -43.52 33.10
N VAL A 335 -7.39 -43.91 33.21
CA VAL A 335 -6.91 -44.51 34.46
C VAL A 335 -6.70 -43.46 35.55
N SER A 336 -6.34 -42.23 35.17
CA SER A 336 -6.07 -41.15 36.11
C SER A 336 -5.94 -39.85 35.34
N ASP A 337 -6.28 -38.75 36.01
CA ASP A 337 -5.99 -37.42 35.45
C ASP A 337 -4.61 -36.92 35.86
N HIS A 338 -3.88 -37.70 36.65
CA HIS A 338 -2.52 -37.39 37.08
C HIS A 338 -2.47 -36.14 37.96
N ILE A 339 -3.58 -35.84 38.63
CA ILE A 339 -3.64 -34.86 39.71
C ILE A 339 -4.03 -35.51 41.02
N VAL A 340 -5.05 -36.36 40.99
CA VAL A 340 -5.43 -37.19 42.11
C VAL A 340 -5.66 -38.60 41.57
N ASN A 341 -4.84 -39.56 42.01
CA ASN A 341 -4.93 -40.94 41.58
C ASN A 341 -6.08 -41.65 42.27
N PRO A 342 -6.74 -42.59 41.59
CA PRO A 342 -7.82 -43.35 42.22
C PRO A 342 -7.29 -44.33 43.25
N SER A 343 -8.11 -44.60 44.26
CA SER A 343 -7.77 -45.55 45.31
C SER A 343 -7.81 -46.97 44.73
N PRO A 344 -7.24 -47.95 45.42
CA PRO A 344 -7.16 -49.32 44.89
C PRO A 344 -8.51 -49.85 44.40
N PRO A 345 -9.62 -49.70 45.14
CA PRO A 345 -10.88 -50.29 44.64
C PRO A 345 -11.32 -49.73 43.29
N ILE A 346 -11.12 -48.43 43.07
CA ILE A 346 -11.47 -47.87 41.78
C ILE A 346 -10.52 -48.39 40.71
N ASN A 347 -9.24 -48.50 41.07
CA ASN A 347 -8.22 -48.98 40.14
C ASN A 347 -8.50 -50.42 39.71
N ARG A 348 -8.98 -51.26 40.64
CA ARG A 348 -9.27 -52.64 40.27
C ARG A 348 -10.46 -52.71 39.32
N ALA A 349 -11.48 -51.89 39.58
CA ALA A 349 -12.64 -51.86 38.70
C ALA A 349 -12.24 -51.50 37.27
N LEU A 350 -11.29 -50.57 37.11
CA LEU A 350 -10.80 -50.23 35.79
C LEU A 350 -10.15 -51.42 35.11
N SER A 351 -9.39 -52.22 35.86
CA SER A 351 -8.76 -53.41 35.29
C SER A 351 -9.78 -54.48 34.94
N MET A 352 -10.74 -54.72 35.85
CA MET A 352 -11.81 -55.68 35.58
C MET A 352 -12.54 -55.34 34.29
N VAL A 353 -12.90 -54.07 34.15
CA VAL A 353 -13.68 -53.62 33.01
C VAL A 353 -12.82 -53.66 31.75
N THR A 354 -11.52 -53.36 31.89
CA THR A 354 -10.61 -53.46 30.75
C THR A 354 -10.54 -54.90 30.24
N GLU A 355 -10.34 -55.86 31.15
CA GLU A 355 -10.21 -57.26 30.73
C GLU A 355 -11.51 -57.79 30.14
N LYS A 356 -12.65 -57.35 30.67
CA LYS A 356 -13.90 -57.85 30.13
C LYS A 356 -14.13 -57.37 28.71
N LEU A 357 -13.79 -56.10 28.44
CA LEU A 357 -13.94 -55.60 27.07
C LEU A 357 -12.93 -56.26 26.14
N LYS A 358 -11.71 -56.50 26.60
CA LYS A 358 -10.71 -57.15 25.75
C LYS A 358 -11.10 -58.58 25.41
N SER A 359 -11.84 -59.26 26.30
CA SER A 359 -12.20 -60.65 26.05
C SER A 359 -13.29 -60.80 25.00
N LEU A 360 -13.97 -59.71 24.67
CA LEU A 360 -14.91 -59.70 23.57
C LEU A 360 -14.18 -59.23 22.32
N GLY A 361 -14.46 -59.89 21.19
CA GLY A 361 -13.68 -59.64 19.98
C GLY A 361 -13.87 -58.25 19.41
N ASN A 362 -15.03 -57.65 19.62
CA ASN A 362 -15.45 -56.44 18.89
C ASN A 362 -15.11 -55.13 19.61
N PHE A 363 -14.27 -55.15 20.62
CA PHE A 363 -13.86 -53.92 21.30
C PHE A 363 -12.37 -53.68 21.09
N GLU A 364 -12.03 -52.49 20.63
CA GLU A 364 -10.65 -52.01 20.67
C GLU A 364 -10.51 -51.07 21.87
N VAL A 365 -9.48 -51.31 22.67
CA VAL A 365 -9.33 -50.65 23.97
C VAL A 365 -8.00 -49.92 23.99
N VAL A 366 -8.04 -48.61 24.26
CA VAL A 366 -6.85 -47.77 24.28
C VAL A 366 -6.82 -46.99 25.61
N THR A 367 -5.63 -46.56 26.00
CA THR A 367 -5.49 -45.67 27.14
C THR A 367 -5.88 -44.25 26.73
N PHE A 368 -6.64 -43.59 27.59
CA PHE A 368 -7.10 -42.23 27.34
C PHE A 368 -6.39 -41.28 28.29
N GLU A 369 -5.62 -40.33 27.71
CA GLU A 369 -4.86 -39.42 28.55
C GLU A 369 -5.68 -38.17 28.86
N PRO A 370 -5.40 -37.51 29.97
CA PRO A 370 -6.14 -36.28 30.30
C PRO A 370 -5.73 -35.14 29.40
N TYR A 371 -6.56 -34.09 29.39
CA TYR A 371 -6.25 -32.85 28.71
C TYR A 371 -6.55 -31.68 29.63
N LYS A 372 -5.49 -31.01 30.09
CA LYS A 372 -5.52 -29.83 30.96
C LYS A 372 -6.65 -29.90 32.00
N PRO A 373 -6.69 -30.93 32.84
CA PRO A 373 -7.75 -31.03 33.85
C PRO A 373 -7.70 -29.91 34.87
N GLU A 374 -6.53 -29.30 35.09
CA GLU A 374 -6.44 -28.18 36.02
C GLU A 374 -7.30 -27.01 35.57
N LYS A 375 -7.51 -26.87 34.25
CA LYS A 375 -8.30 -25.78 33.70
C LYS A 375 -9.78 -25.91 34.08
N VAL A 376 -10.23 -27.12 34.42
CA VAL A 376 -11.61 -27.35 34.84
C VAL A 376 -11.90 -26.57 36.12
N THR A 377 -11.05 -26.74 37.13
CA THR A 377 -11.24 -26.02 38.38
C THR A 377 -11.15 -24.52 38.16
N GLU A 378 -10.20 -24.07 37.33
CA GLU A 378 -10.04 -22.64 37.09
C GLU A 378 -11.31 -22.03 36.48
N ILE A 379 -11.86 -22.65 35.44
CA ILE A 379 -13.01 -22.07 34.76
C ILE A 379 -14.24 -22.18 35.63
N LEU A 380 -14.52 -23.39 36.14
CA LEU A 380 -15.68 -23.57 37.01
C LEU A 380 -15.54 -22.76 38.29
N GLY A 381 -14.32 -22.48 38.73
CA GLY A 381 -14.12 -21.61 39.87
C GLY A 381 -14.69 -20.22 39.69
N LYS A 382 -14.82 -19.77 38.44
CA LYS A 382 -15.41 -18.46 38.16
C LYS A 382 -16.88 -18.54 37.78
N LEU A 383 -17.35 -19.63 37.20
CA LEU A 383 -18.67 -19.66 36.60
C LEU A 383 -19.74 -20.34 37.46
N TYR A 384 -19.35 -21.21 38.41
CA TYR A 384 -20.34 -21.86 39.27
C TYR A 384 -21.12 -20.83 40.10
N PHE A 385 -20.40 -19.91 40.74
CA PHE A 385 -20.97 -18.82 41.53
C PHE A 385 -20.48 -17.50 40.94
N GLU A 386 -21.08 -17.07 39.83
CA GLU A 386 -20.59 -15.92 39.10
C GLU A 386 -21.02 -14.59 39.72
N ASP A 387 -21.90 -14.62 40.73
CA ASP A 387 -22.28 -13.42 41.45
C ASP A 387 -21.51 -13.27 42.76
N GLY A 388 -20.40 -13.98 42.91
CA GLY A 388 -19.68 -13.97 44.17
C GLY A 388 -20.44 -14.64 45.30
N ALA A 389 -21.32 -15.58 44.96
CA ALA A 389 -22.14 -16.31 45.93
C ALA A 389 -23.09 -15.40 46.70
N ARG A 390 -23.42 -14.23 46.14
CA ARG A 390 -24.35 -13.34 46.84
C ARG A 390 -25.73 -13.99 46.97
N ASP A 391 -26.20 -14.65 45.91
CA ASP A 391 -27.53 -15.26 45.95
C ASP A 391 -27.59 -16.36 47.01
N PHE A 392 -26.56 -17.21 47.08
CA PHE A 392 -26.58 -18.23 48.11
C PHE A 392 -26.47 -17.62 49.51
N ARG A 393 -25.52 -16.70 49.71
CA ARG A 393 -25.32 -16.17 51.06
C ARG A 393 -26.57 -15.47 51.58
N ALA A 394 -27.39 -14.94 50.68
CA ALA A 394 -28.63 -14.32 51.12
C ALA A 394 -29.58 -15.34 51.77
N THR A 395 -29.40 -16.64 51.51
CA THR A 395 -30.22 -17.65 52.18
C THR A 395 -29.87 -17.79 53.65
N LEU A 396 -28.69 -17.33 54.08
CA LEU A 396 -28.25 -17.50 55.45
C LEU A 396 -28.66 -16.35 56.36
N GLN A 397 -29.51 -15.44 55.86
CA GLN A 397 -30.03 -14.36 56.69
C GLN A 397 -30.90 -14.88 57.82
N THR A 398 -31.39 -16.11 57.69
CA THR A 398 -32.11 -16.79 58.76
C THR A 398 -31.19 -17.18 59.92
N GLY A 399 -29.88 -17.04 59.76
CA GLY A 399 -28.95 -17.58 60.72
C GLY A 399 -28.56 -19.02 60.47
N GLU A 400 -29.13 -19.65 59.44
CA GLU A 400 -28.74 -20.99 59.03
C GLU A 400 -27.22 -21.09 58.93
N PRO A 401 -26.59 -22.02 59.65
CA PRO A 401 -25.13 -22.10 59.63
C PRO A 401 -24.58 -22.52 58.27
N LEU A 402 -23.35 -22.12 58.00
CA LEU A 402 -22.63 -22.52 56.80
C LEU A 402 -21.95 -23.87 57.03
N LEU A 403 -22.36 -24.88 56.26
CA LEU A 403 -21.74 -26.19 56.37
C LEU A 403 -20.33 -26.17 55.78
N GLU A 404 -19.49 -27.09 56.28
CA GLU A 404 -18.10 -27.14 55.84
C GLU A 404 -18.00 -27.40 54.33
N GLN A 405 -18.83 -28.30 53.81
CA GLN A 405 -18.77 -28.61 52.38
C GLN A 405 -19.22 -27.41 51.54
N THR A 406 -20.26 -26.71 52.00
CA THR A 406 -20.70 -25.53 51.26
C THR A 406 -19.58 -24.50 51.16
N ARG A 407 -18.78 -24.36 52.23
CA ARG A 407 -17.67 -23.41 52.22
C ARG A 407 -16.71 -23.64 51.04
N TRP A 408 -16.31 -24.89 50.80
CA TRP A 408 -15.41 -25.18 49.69
C TRP A 408 -15.98 -24.64 48.38
N ALA A 409 -17.31 -24.75 48.21
CA ALA A 409 -17.93 -24.41 46.95
C ALA A 409 -17.96 -22.91 46.70
N ILE A 410 -18.10 -22.10 47.76
CA ILE A 410 -18.22 -20.65 47.59
C ILE A 410 -16.92 -19.92 47.91
N GLU A 411 -15.92 -20.61 48.45
CA GLU A 411 -14.65 -19.94 48.73
C GLU A 411 -14.00 -19.50 47.41
N GLY A 412 -13.64 -18.24 47.36
CA GLY A 412 -13.00 -17.65 46.20
C GLY A 412 -13.95 -17.16 45.12
N ALA A 413 -15.26 -17.27 45.33
CA ALA A 413 -16.22 -16.84 44.34
C ALA A 413 -16.15 -15.32 44.12
N GLU A 414 -15.99 -14.92 42.87
CA GLU A 414 -15.98 -13.52 42.48
C GLU A 414 -17.34 -13.09 41.95
N ASP A 415 -17.70 -11.84 42.24
CA ASP A 415 -18.87 -11.19 41.65
C ASP A 415 -18.42 -10.60 40.32
N LEU A 416 -18.63 -11.35 39.24
CA LEU A 416 -18.08 -11.00 37.94
C LEU A 416 -18.80 -9.80 37.32
N ASP A 417 -18.01 -8.85 36.83
CA ASP A 417 -18.45 -7.86 35.87
C ASP A 417 -18.71 -8.56 34.52
N MET A 418 -19.57 -7.94 33.69
CA MET A 418 -19.91 -8.53 32.39
C MET A 418 -18.66 -8.94 31.60
N HIS A 419 -17.64 -8.11 31.57
CA HIS A 419 -16.43 -8.45 30.82
C HIS A 419 -15.72 -9.65 31.43
N ASP A 420 -15.79 -9.82 32.75
CA ASP A 420 -15.19 -10.97 33.39
C ASP A 420 -15.90 -12.27 32.98
N GLN A 421 -17.23 -12.24 32.91
CA GLN A 421 -17.94 -13.42 32.43
C GLN A 421 -17.59 -13.71 30.98
N TRP A 422 -17.52 -12.68 30.14
CA TRP A 422 -17.15 -12.86 28.74
C TRP A 422 -15.78 -13.52 28.62
N TYR A 423 -14.82 -13.08 29.43
CA TYR A 423 -13.49 -13.67 29.39
C TYR A 423 -13.55 -15.17 29.66
N TRP A 424 -14.33 -15.56 30.67
CA TRP A 424 -14.40 -16.96 31.09
C TRP A 424 -15.36 -17.78 30.25
N ASN A 425 -16.39 -17.16 29.66
CA ASN A 425 -17.16 -17.86 28.63
C ASN A 425 -16.28 -18.24 27.45
N LEU A 426 -15.41 -17.32 27.01
CA LEU A 426 -14.46 -17.62 25.94
C LEU A 426 -13.48 -18.71 26.36
N GLN A 427 -13.01 -18.66 27.61
CA GLN A 427 -12.17 -19.74 28.11
C GLN A 427 -12.92 -21.06 28.10
N LYS A 428 -14.21 -21.01 28.46
CA LYS A 428 -15.04 -22.22 28.48
C LYS A 428 -15.20 -22.78 27.07
N GLN A 429 -15.56 -21.93 26.12
CA GLN A 429 -15.78 -22.42 24.76
C GLN A 429 -14.47 -22.85 24.12
N ALA A 430 -13.37 -22.17 24.44
CA ALA A 430 -12.07 -22.59 23.91
C ALA A 430 -11.69 -23.97 24.43
N TYR A 431 -11.83 -24.19 25.74
CA TYR A 431 -11.53 -25.49 26.32
C TYR A 431 -12.38 -26.60 25.70
N ARG A 432 -13.69 -26.34 25.53
CA ARG A 432 -14.56 -27.32 24.90
C ARG A 432 -14.07 -27.69 23.52
N LYS A 433 -13.66 -26.68 22.74
CA LYS A 433 -13.16 -26.95 21.39
C LYS A 433 -11.82 -27.68 21.44
N GLU A 434 -10.93 -27.27 22.33
CA GLU A 434 -9.66 -27.97 22.50
C GLU A 434 -9.87 -29.43 22.91
N PHE A 435 -10.81 -29.69 23.82
CA PHE A 435 -10.99 -31.05 24.31
C PHE A 435 -11.54 -31.95 23.22
N LEU A 436 -12.45 -31.41 22.40
CA LEU A 436 -12.97 -32.18 21.28
C LEU A 436 -11.85 -32.62 20.35
N LYS A 437 -10.92 -31.70 20.04
CA LYS A 437 -9.78 -32.04 19.20
C LYS A 437 -8.94 -33.12 19.86
N HIS A 438 -8.79 -33.05 21.18
CA HIS A 438 -8.12 -34.11 21.92
C HIS A 438 -8.82 -35.45 21.71
N TRP A 439 -10.15 -35.48 21.90
CA TRP A 439 -10.91 -36.72 21.73
C TRP A 439 -10.74 -37.29 20.34
N CYS A 440 -10.82 -36.43 19.31
CA CYS A 440 -10.71 -36.87 17.93
C CYS A 440 -9.30 -37.33 17.57
N SER A 441 -8.29 -36.94 18.34
CA SER A 441 -6.94 -37.44 18.10
C SER A 441 -6.84 -38.95 18.34
N TYR A 442 -7.83 -39.56 18.97
CA TYR A 442 -7.86 -40.99 19.18
C TYR A 442 -8.56 -41.74 18.05
N THR A 443 -9.10 -41.04 17.06
CA THR A 443 -9.64 -41.68 15.87
C THR A 443 -8.54 -42.48 15.17
N ASP A 444 -8.88 -43.66 14.67
CA ASP A 444 -7.88 -44.49 14.02
C ASP A 444 -7.75 -44.12 12.53
N ASN A 445 -6.86 -44.83 11.83
CA ASN A 445 -6.60 -44.51 10.43
C ASN A 445 -7.83 -44.72 9.55
N ASP A 446 -8.69 -45.66 9.92
CA ASP A 446 -9.90 -45.91 9.13
C ASP A 446 -10.99 -44.88 9.41
N GLY A 447 -10.77 -43.95 10.34
CA GLY A 447 -11.74 -42.92 10.65
C GLY A 447 -12.76 -43.29 11.70
N ASN A 448 -12.51 -44.31 12.52
CA ASN A 448 -13.43 -44.70 13.59
C ASN A 448 -13.16 -43.86 14.82
N VAL A 449 -14.14 -43.03 15.20
CA VAL A 449 -13.96 -42.20 16.39
C VAL A 449 -14.04 -43.06 17.64
N LEU A 450 -13.46 -42.55 18.72
CA LEU A 450 -13.72 -43.13 20.04
C LEU A 450 -15.20 -43.07 20.33
N ASP A 451 -15.78 -44.22 20.68
CA ASP A 451 -17.20 -44.24 20.96
C ASP A 451 -17.50 -43.83 22.40
N ALA A 452 -16.60 -44.15 23.33
CA ALA A 452 -16.81 -43.84 24.74
C ALA A 452 -15.49 -43.94 25.49
N VAL A 453 -15.42 -43.27 26.64
CA VAL A 453 -14.29 -43.38 27.55
C VAL A 453 -14.80 -43.88 28.89
N ILE A 454 -14.05 -44.79 29.52
CA ILE A 454 -14.37 -45.34 30.83
C ILE A 454 -13.45 -44.69 31.85
N ALA A 455 -14.02 -44.06 32.87
CA ALA A 455 -13.28 -43.24 33.80
C ALA A 455 -13.85 -43.41 35.21
N PRO A 456 -13.11 -42.99 36.23
CA PRO A 456 -13.70 -42.93 37.57
C PRO A 456 -14.77 -41.85 37.63
N VAL A 457 -15.65 -42.00 38.63
CA VAL A 457 -16.57 -40.93 39.01
C VAL A 457 -15.99 -40.05 40.11
N PHE A 458 -15.06 -40.59 40.88
CA PHE A 458 -14.51 -39.99 42.08
C PHE A 458 -13.18 -40.69 42.34
N PRO A 459 -12.23 -40.06 43.04
CA PRO A 459 -10.95 -40.73 43.30
C PRO A 459 -11.04 -41.95 44.20
N ASN A 460 -12.23 -42.34 44.64
CA ASN A 460 -12.40 -43.40 45.63
C ASN A 460 -13.86 -43.85 45.59
N VAL A 461 -14.15 -44.93 46.32
CA VAL A 461 -15.53 -45.29 46.62
C VAL A 461 -16.09 -44.21 47.53
N ALA A 462 -17.32 -44.42 48.01
CA ALA A 462 -18.03 -43.46 48.85
C ALA A 462 -17.10 -42.84 49.90
N ALA A 463 -17.10 -41.50 49.94
CA ALA A 463 -16.18 -40.77 50.79
C ALA A 463 -16.61 -40.80 52.26
N LYS A 464 -15.64 -40.58 53.13
CA LYS A 464 -15.96 -40.24 54.51
C LYS A 464 -16.57 -38.84 54.55
N HIS A 465 -17.41 -38.59 55.55
CA HIS A 465 -18.08 -37.31 55.65
C HIS A 465 -17.07 -36.17 55.67
N GLU A 466 -17.40 -35.07 54.98
CA GLU A 466 -16.58 -33.86 54.95
C GLU A 466 -15.21 -34.12 54.32
N THR A 467 -15.15 -34.97 53.30
CA THR A 467 -13.89 -35.22 52.61
C THR A 467 -13.97 -35.12 51.09
N THR A 468 -15.08 -34.67 50.53
CA THR A 468 -15.26 -34.63 49.06
C THR A 468 -14.66 -33.33 48.51
N LYS A 469 -13.33 -33.26 48.58
CA LYS A 469 -12.57 -32.05 48.26
C LYS A 469 -11.99 -32.06 46.85
N TYR A 470 -12.47 -32.95 45.98
CA TYR A 470 -12.00 -32.99 44.59
C TYR A 470 -13.17 -33.40 43.71
N TRP A 471 -13.49 -32.56 42.72
CA TRP A 471 -14.65 -32.74 41.88
C TRP A 471 -14.34 -33.17 40.45
N THR A 472 -13.10 -33.02 40.00
CA THR A 472 -12.81 -33.00 38.58
C THR A 472 -13.31 -34.26 37.88
N TYR A 473 -13.27 -35.41 38.55
CA TYR A 473 -13.70 -36.65 37.92
C TYR A 473 -15.18 -36.66 37.54
N THR A 474 -15.98 -35.75 38.07
CA THR A 474 -17.33 -35.54 37.54
C THR A 474 -17.49 -34.20 36.86
N SER A 475 -16.94 -33.13 37.44
CA SER A 475 -17.15 -31.78 36.93
C SER A 475 -16.45 -31.55 35.59
N GLN A 476 -15.42 -32.35 35.28
CA GLN A 476 -14.85 -32.33 33.95
C GLN A 476 -15.94 -32.40 32.89
N TRP A 477 -16.91 -33.29 33.10
CA TRP A 477 -17.95 -33.54 32.13
C TRP A 477 -19.13 -32.57 32.23
N ASN A 478 -19.19 -31.76 33.29
CA ASN A 478 -20.14 -30.66 33.28
C ASN A 478 -19.60 -29.47 32.48
N LEU A 479 -18.31 -29.17 32.62
CA LEU A 479 -17.70 -28.11 31.82
C LEU A 479 -17.84 -28.42 30.33
N LEU A 480 -17.71 -29.69 29.95
CA LEU A 480 -17.82 -30.10 28.55
C LEU A 480 -19.24 -30.46 28.13
N ASP A 481 -20.13 -30.73 29.10
CA ASP A 481 -21.49 -31.18 28.83
C ASP A 481 -21.47 -32.52 28.08
N TYR A 482 -20.56 -33.40 28.49
CA TYR A 482 -20.67 -34.69 27.83
C TYR A 482 -21.64 -35.58 28.60
N PRO A 483 -22.45 -36.40 27.92
CA PRO A 483 -23.28 -37.35 28.66
C PRO A 483 -22.41 -38.39 29.33
N VAL A 484 -22.75 -38.74 30.58
CA VAL A 484 -21.98 -39.68 31.38
C VAL A 484 -22.93 -40.59 32.15
N LEU A 485 -22.69 -41.90 32.08
CA LEU A 485 -23.48 -42.91 32.76
C LEU A 485 -22.60 -43.63 33.79
N ALA A 486 -22.92 -43.45 35.07
CA ALA A 486 -22.28 -44.24 36.12
C ALA A 486 -22.88 -45.64 36.13
N PHE A 487 -22.04 -46.65 36.36
CA PHE A 487 -22.51 -48.04 36.33
C PHE A 487 -21.71 -48.88 37.31
N PRO A 488 -22.31 -49.94 37.86
CA PRO A 488 -21.63 -50.76 38.87
C PRO A 488 -20.59 -51.69 38.28
N VAL A 489 -19.55 -51.99 39.08
CA VAL A 489 -18.53 -52.94 38.66
C VAL A 489 -18.23 -53.94 39.75
N THR A 490 -17.80 -53.46 40.92
CA THR A 490 -17.35 -54.37 41.96
C THR A 490 -17.57 -53.71 43.31
N LYS A 491 -17.25 -54.42 44.38
CA LYS A 491 -17.32 -53.92 45.74
C LYS A 491 -15.92 -53.96 46.33
N VAL A 492 -15.70 -53.19 47.41
CA VAL A 492 -14.40 -53.25 48.07
C VAL A 492 -14.12 -54.67 48.53
N ASP A 493 -12.91 -55.14 48.26
CA ASP A 493 -12.43 -56.45 48.65
C ASP A 493 -11.19 -56.24 49.50
N GLU A 494 -11.25 -56.65 50.77
CA GLU A 494 -10.21 -56.27 51.72
C GLU A 494 -8.86 -56.91 51.40
N SER A 495 -8.86 -58.09 50.78
CA SER A 495 -7.60 -58.70 50.39
C SER A 495 -7.00 -58.02 49.16
N LEU A 496 -7.83 -57.71 48.15
CA LEU A 496 -7.34 -57.16 46.90
C LEU A 496 -7.04 -55.66 46.99
N ASP A 497 -7.70 -54.94 47.90
CA ASP A 497 -7.66 -53.48 47.91
C ASP A 497 -6.90 -52.90 49.10
N GLN A 498 -5.78 -53.52 49.47
CA GLN A 498 -4.96 -52.92 50.49
C GLN A 498 -4.34 -51.64 49.95
N PRO A 499 -4.01 -50.69 50.82
CA PRO A 499 -3.39 -49.44 50.34
C PRO A 499 -2.11 -49.72 49.57
N TYR A 500 -1.82 -48.86 48.59
CA TYR A 500 -0.56 -48.97 47.88
C TYR A 500 0.59 -48.69 48.85
N LYS A 501 1.63 -49.52 48.80
CA LYS A 501 2.81 -49.27 49.61
C LYS A 501 3.87 -48.53 48.78
N ASN A 502 4.68 -47.73 49.50
CA ASN A 502 5.71 -46.90 48.90
C ASN A 502 5.12 -45.96 47.86
N TYR A 503 3.92 -45.48 48.15
CA TYR A 503 3.27 -44.51 47.28
C TYR A 503 3.93 -43.15 47.47
N LYS A 504 4.17 -42.45 46.36
CA LYS A 504 4.69 -41.08 46.39
C LYS A 504 3.61 -40.15 45.85
N PRO A 505 2.97 -39.35 46.70
CA PRO A 505 1.83 -38.54 46.23
C PRO A 505 2.23 -37.55 45.15
N LEU A 506 1.25 -37.18 44.32
CA LEU A 506 1.51 -36.28 43.20
C LEU A 506 1.54 -34.82 43.62
N ASN A 507 0.84 -34.47 44.69
CA ASN A 507 0.73 -33.11 45.19
C ASN A 507 0.00 -33.17 46.53
N ASP A 508 -0.21 -32.00 47.15
CA ASP A 508 -0.82 -31.99 48.48
C ASP A 508 -2.21 -32.60 48.46
N LEU A 509 -2.99 -32.33 47.41
CA LEU A 509 -4.35 -32.86 47.36
C LEU A 509 -4.34 -34.36 47.12
N ASP A 510 -3.42 -34.85 46.30
CA ASP A 510 -3.27 -36.29 46.11
C ASP A 510 -2.83 -36.95 47.41
N LYS A 511 -1.98 -36.26 48.18
CA LYS A 511 -1.58 -36.75 49.51
C LYS A 511 -2.80 -36.93 50.40
N TYR A 512 -3.68 -35.92 50.42
CA TYR A 512 -4.90 -35.98 51.23
C TYR A 512 -5.74 -37.20 50.90
N PHE A 513 -5.96 -37.46 49.61
CA PHE A 513 -6.79 -38.60 49.22
C PHE A 513 -6.08 -39.92 49.46
N TYR A 514 -4.75 -39.94 49.37
CA TYR A 514 -4.02 -41.16 49.70
C TYR A 514 -4.21 -41.49 51.17
N GLU A 515 -4.02 -40.50 52.05
CA GLU A 515 -4.22 -40.69 53.48
C GLU A 515 -5.66 -40.93 53.84
N GLN A 516 -6.61 -40.43 53.04
CA GLN A 516 -8.01 -40.74 53.30
C GLN A 516 -8.26 -42.24 53.19
N TYR A 517 -7.55 -42.93 52.30
CA TYR A 517 -7.71 -44.37 52.14
C TYR A 517 -6.76 -45.07 53.12
N ASP A 518 -7.16 -45.09 54.39
CA ASP A 518 -6.30 -45.67 55.41
C ASP A 518 -6.25 -47.19 55.30
N SER A 519 -7.40 -47.82 55.07
CA SER A 519 -7.46 -49.24 54.80
C SER A 519 -8.81 -49.55 54.16
N PRO A 520 -8.91 -50.63 53.38
CA PRO A 520 -10.22 -51.00 52.82
C PRO A 520 -11.28 -51.21 53.88
N SER A 521 -10.88 -51.59 55.10
CA SER A 521 -11.85 -51.85 56.18
C SER A 521 -12.68 -50.62 56.51
N SER A 522 -12.14 -49.42 56.31
CA SER A 522 -12.90 -48.21 56.54
C SER A 522 -14.04 -48.06 55.54
N PHE A 523 -14.00 -48.79 54.42
CA PHE A 523 -15.03 -48.68 53.38
C PHE A 523 -15.62 -50.05 53.08
N LYS A 524 -15.82 -50.87 54.12
CA LYS A 524 -16.33 -52.21 53.93
C LYS A 524 -17.67 -52.19 53.21
N ASN A 525 -17.78 -53.03 52.18
CA ASN A 525 -18.95 -53.27 51.35
C ASN A 525 -19.31 -52.09 50.45
N ALA A 526 -18.42 -51.13 50.27
CA ALA A 526 -18.74 -49.96 49.44
C ALA A 526 -18.61 -50.33 47.96
N PRO A 527 -19.63 -50.07 47.15
CA PRO A 527 -19.53 -50.34 45.72
C PRO A 527 -18.43 -49.52 45.05
N ALA A 528 -17.71 -50.17 44.13
CA ALA A 528 -16.76 -49.50 43.24
C ALA A 528 -17.40 -49.40 41.86
N ASN A 529 -17.87 -48.21 41.51
CA ASN A 529 -18.46 -47.93 40.22
C ASN A 529 -17.46 -47.17 39.33
N LEU A 530 -17.74 -47.21 38.03
CA LEU A 530 -17.05 -46.37 37.06
C LEU A 530 -18.11 -45.61 36.27
N CYS A 531 -17.70 -44.94 35.19
CA CYS A 531 -18.67 -44.29 34.34
C CYS A 531 -18.26 -44.40 32.87
N LEU A 532 -19.25 -44.34 31.99
CA LEU A 532 -19.02 -44.28 30.56
C LEU A 532 -19.25 -42.85 30.08
N VAL A 533 -18.27 -42.30 29.38
CA VAL A 533 -18.32 -40.94 28.87
C VAL A 533 -18.48 -40.97 27.36
N GLY A 534 -19.36 -40.12 26.82
CA GLY A 534 -19.53 -40.02 25.40
C GLY A 534 -19.54 -38.57 24.93
N LEU A 535 -19.34 -38.40 23.63
CA LEU A 535 -19.50 -37.09 23.01
C LEU A 535 -20.96 -36.66 23.06
N ARG A 536 -21.16 -35.35 22.92
CA ARG A 536 -22.51 -34.79 23.10
C ARG A 536 -23.52 -35.52 22.23
N PHE A 537 -24.62 -35.92 22.89
CA PHE A 537 -25.80 -36.57 22.31
C PHE A 537 -25.58 -38.02 21.92
N THR A 538 -24.48 -38.66 22.37
CA THR A 538 -24.26 -40.08 22.16
C THR A 538 -24.68 -40.89 23.39
N ASP A 539 -25.61 -40.36 24.18
CA ASP A 539 -26.11 -41.00 25.39
C ASP A 539 -26.37 -42.47 25.18
N GLU A 540 -27.02 -42.81 24.06
CA GLU A 540 -27.45 -44.19 23.85
C GLU A 540 -26.27 -45.14 23.70
N LYS A 541 -25.15 -44.66 23.14
CA LYS A 541 -23.96 -45.49 23.07
C LYS A 541 -23.53 -45.93 24.46
N LEU A 542 -23.63 -45.02 25.44
CA LEU A 542 -23.23 -45.38 26.80
C LEU A 542 -24.12 -46.48 27.36
N VAL A 543 -25.43 -46.38 27.11
CA VAL A 543 -26.35 -47.42 27.56
C VAL A 543 -26.00 -48.77 26.93
N GLU A 544 -25.71 -48.79 25.62
CA GLU A 544 -25.44 -50.05 24.94
C GLU A 544 -24.16 -50.69 25.44
N ILE A 545 -23.11 -49.90 25.70
CA ILE A 545 -21.88 -50.49 26.22
C ILE A 545 -22.07 -50.96 27.66
N ALA A 546 -22.81 -50.20 28.47
CA ALA A 546 -23.08 -50.63 29.83
C ALA A 546 -23.87 -51.93 29.86
N ASN A 547 -24.76 -52.11 28.89
CA ASN A 547 -25.52 -53.35 28.77
C ASN A 547 -24.57 -54.54 28.64
N ILE A 548 -23.54 -54.39 27.79
CA ILE A 548 -22.60 -55.47 27.56
C ILE A 548 -21.75 -55.73 28.80
N LEU A 549 -21.39 -54.67 29.53
CA LEU A 549 -20.50 -54.82 30.68
C LEU A 549 -21.13 -55.55 31.86
N ARG A 550 -22.47 -55.64 31.93
CA ARG A 550 -23.13 -56.32 33.04
C ARG A 550 -23.59 -57.74 32.71
N ASN A 551 -23.57 -58.13 31.43
CA ASN A 551 -24.08 -59.45 31.04
C ASN A 551 -23.20 -60.60 31.49
N MET B 1 -6.46 -3.44 20.34
CA MET B 1 -6.95 -2.50 19.35
C MET B 1 -5.91 -1.42 19.04
N LEU B 2 -6.29 -0.47 18.19
CA LEU B 2 -5.47 0.66 17.80
C LEU B 2 -5.98 1.96 18.44
N THR B 3 -5.08 2.93 18.52
CA THR B 3 -5.42 4.25 19.07
C THR B 3 -4.95 5.39 18.17
N ASP B 4 -4.58 5.11 16.92
CA ASP B 4 -4.27 6.15 15.94
C ASP B 4 -5.53 6.95 15.58
N ASN B 5 -5.32 8.13 15.00
CA ASN B 5 -6.45 8.95 14.56
C ASN B 5 -7.22 8.22 13.47
N TRP B 6 -8.55 8.35 13.49
CA TRP B 6 -9.37 7.49 12.65
C TRP B 6 -9.22 7.81 11.17
N LYS B 7 -8.90 9.06 10.83
CA LYS B 7 -8.73 9.39 9.41
C LYS B 7 -7.52 8.67 8.81
N GLU B 8 -6.43 8.54 9.57
CA GLU B 8 -5.31 7.77 9.07
C GLU B 8 -5.74 6.33 8.79
N LEU B 9 -6.55 5.76 9.70
CA LEU B 9 -6.96 4.37 9.62
C LEU B 9 -7.91 4.13 8.44
N ALA B 10 -8.89 5.02 8.26
CA ALA B 10 -9.74 4.95 7.08
C ALA B 10 -8.91 4.92 5.82
N GLY B 11 -7.80 5.68 5.80
CA GLY B 11 -6.85 5.55 4.72
C GLY B 11 -6.34 4.14 4.53
N LYS B 12 -5.86 3.50 5.60
CA LYS B 12 -5.34 2.14 5.47
C LYS B 12 -6.40 1.18 4.98
N ALA B 13 -7.63 1.33 5.47
CA ALA B 13 -8.70 0.45 5.00
C ALA B 13 -8.96 0.65 3.51
N GLN B 14 -9.06 1.91 3.08
CA GLN B 14 -9.25 2.19 1.65
C GLN B 14 -8.08 1.65 0.84
N SER B 15 -6.86 1.78 1.36
CA SER B 15 -5.69 1.28 0.65
C SER B 15 -5.77 -0.24 0.47
N THR B 16 -6.13 -0.96 1.54
CA THR B 16 -6.30 -2.40 1.45
C THR B 16 -7.32 -2.77 0.38
N PHE B 17 -8.47 -2.09 0.37
CA PHE B 17 -9.48 -2.34 -0.64
C PHE B 17 -8.95 -2.05 -2.04
N GLN B 18 -8.33 -0.88 -2.21
CA GLN B 18 -7.89 -0.44 -3.53
C GLN B 18 -6.78 -1.31 -4.08
N LYS B 19 -5.85 -1.77 -3.23
CA LYS B 19 -4.81 -2.65 -3.73
C LYS B 19 -5.39 -3.98 -4.20
N SER B 20 -6.38 -4.50 -3.49
CA SER B 20 -7.01 -5.75 -3.90
C SER B 20 -7.91 -5.54 -5.11
N LEU B 21 -8.50 -4.35 -5.25
CA LEU B 21 -9.26 -4.03 -6.45
C LEU B 21 -8.36 -4.05 -7.68
N LYS B 22 -7.15 -3.49 -7.56
CA LYS B 22 -6.18 -3.53 -8.66
C LYS B 22 -5.85 -4.97 -9.05
N GLN B 23 -5.59 -5.83 -8.05
CA GLN B 23 -5.26 -7.23 -8.32
C GLN B 23 -6.45 -7.98 -8.92
N ALA B 24 -7.68 -7.66 -8.49
CA ALA B 24 -8.85 -8.33 -9.03
C ALA B 24 -9.03 -8.03 -10.52
N ILE B 25 -8.81 -6.77 -10.91
CA ILE B 25 -8.95 -6.39 -12.31
C ILE B 25 -7.93 -7.14 -13.18
N GLU B 26 -6.71 -7.32 -12.69
CA GLU B 26 -5.74 -8.08 -13.48
C GLU B 26 -6.17 -9.54 -13.63
N LEU B 27 -6.71 -10.14 -12.57
CA LEU B 27 -7.20 -11.50 -12.65
C LEU B 27 -8.37 -11.60 -13.65
N ALA B 28 -9.29 -10.64 -13.60
CA ALA B 28 -10.45 -10.67 -14.48
C ALA B 28 -10.06 -10.45 -15.95
N ASP B 29 -9.02 -9.64 -16.19
CA ASP B 29 -8.45 -9.42 -17.52
C ASP B 29 -9.50 -8.84 -18.47
N PHE B 30 -9.98 -7.64 -18.13
CA PHE B 30 -10.95 -6.94 -18.97
C PHE B 30 -10.41 -6.77 -20.39
N ASP B 31 -11.29 -6.96 -21.37
CA ASP B 31 -10.99 -6.44 -22.70
C ASP B 31 -11.34 -4.97 -22.77
N GLU B 32 -10.96 -4.35 -23.89
CA GLU B 32 -11.11 -2.92 -24.08
C GLU B 32 -12.54 -2.44 -23.88
N GLY B 33 -13.52 -3.21 -24.38
CA GLY B 33 -14.92 -2.82 -24.22
C GLY B 33 -15.39 -2.81 -22.79
N LEU B 34 -15.02 -3.83 -22.01
CA LEU B 34 -15.46 -3.90 -20.63
C LEU B 34 -14.76 -2.85 -19.78
N ALA B 35 -13.45 -2.67 -19.98
CA ALA B 35 -12.70 -1.62 -19.29
C ALA B 35 -13.31 -0.25 -19.55
N LYS B 36 -13.79 -0.01 -20.76
CA LYS B 36 -14.40 1.29 -21.08
C LYS B 36 -15.70 1.50 -20.31
N ARG B 37 -16.63 0.54 -20.42
CA ARG B 37 -17.93 0.67 -19.76
C ARG B 37 -17.79 0.68 -18.24
N TYR B 38 -16.87 -0.13 -17.70
CA TYR B 38 -16.63 -0.13 -16.27
C TYR B 38 -16.16 1.23 -15.78
N GLY B 39 -15.17 1.82 -16.48
CA GLY B 39 -14.66 3.12 -16.10
C GLY B 39 -15.72 4.21 -16.03
N ALA B 40 -16.76 4.12 -16.87
CA ALA B 40 -17.77 5.16 -16.98
C ALA B 40 -19.01 4.89 -16.13
N LEU B 41 -19.00 3.83 -15.32
CA LEU B 41 -20.16 3.52 -14.49
C LEU B 41 -20.27 4.52 -13.34
N PRO B 42 -21.49 4.90 -12.95
CA PRO B 42 -21.64 5.69 -11.72
C PRO B 42 -21.24 4.87 -10.50
N SER B 43 -20.47 5.49 -9.62
CA SER B 43 -19.90 4.80 -8.48
C SER B 43 -20.63 5.15 -7.19
N ALA B 44 -20.82 4.15 -6.33
CA ALA B 44 -21.25 4.37 -4.96
C ALA B 44 -20.07 4.46 -4.00
N ILE B 45 -18.85 4.37 -4.52
CA ILE B 45 -17.63 4.58 -3.74
C ILE B 45 -17.22 6.04 -3.90
N GLY B 46 -16.99 6.71 -2.78
CA GLY B 46 -16.56 8.09 -2.78
C GLY B 46 -15.05 8.25 -2.67
N ALA B 47 -14.62 9.49 -2.56
CA ALA B 47 -13.21 9.79 -2.34
C ALA B 47 -12.76 9.47 -0.93
N ASN B 48 -13.70 9.44 0.02
CA ASN B 48 -13.40 9.07 1.39
C ASN B 48 -14.63 8.38 1.99
N VAL B 49 -14.43 7.76 3.15
CA VAL B 49 -15.47 6.88 3.70
C VAL B 49 -16.72 7.62 4.16
N GLU B 50 -16.67 8.95 4.19
CA GLU B 50 -17.84 9.76 4.51
C GLU B 50 -18.52 10.32 3.27
N ASP B 51 -17.89 10.21 2.10
CA ASP B 51 -18.46 10.62 0.83
C ASP B 51 -19.04 9.39 0.12
N PHE B 52 -20.34 9.39 -0.07
CA PHE B 52 -21.06 8.21 -0.53
C PHE B 52 -21.28 8.17 -2.04
N GLY B 53 -20.63 9.04 -2.80
CA GLY B 53 -20.77 9.00 -4.23
C GLY B 53 -22.17 9.31 -4.69
N SER B 54 -22.47 8.85 -5.91
CA SER B 54 -23.76 9.06 -6.55
C SER B 54 -24.12 7.78 -7.29
N PRO B 55 -24.76 6.84 -6.61
CA PRO B 55 -25.02 5.51 -7.18
C PRO B 55 -26.00 5.59 -8.33
N ALA B 56 -25.93 4.58 -9.18
CA ALA B 56 -26.89 4.43 -10.27
C ALA B 56 -28.31 4.32 -9.70
N GLN B 57 -29.29 4.71 -10.52
CA GLN B 57 -30.69 4.59 -10.11
C GLN B 57 -31.10 3.14 -9.98
N PHE B 58 -30.69 2.29 -10.92
CA PHE B 58 -31.00 0.86 -10.89
C PHE B 58 -29.70 0.10 -11.13
N PRO B 59 -28.91 -0.17 -10.07
CA PRO B 59 -27.59 -0.78 -10.27
C PRO B 59 -27.59 -2.09 -11.06
N LEU B 60 -28.62 -2.91 -10.91
CA LEU B 60 -28.66 -4.18 -11.63
C LEU B 60 -28.83 -3.96 -13.13
N GLU B 61 -29.65 -2.99 -13.52
CA GLU B 61 -29.79 -2.69 -14.94
C GLU B 61 -28.44 -2.30 -15.56
N GLU B 62 -27.68 -1.46 -14.87
CA GLU B 62 -26.36 -1.07 -15.37
C GLU B 62 -25.41 -2.25 -15.38
N TYR B 63 -25.54 -3.13 -14.38
CA TYR B 63 -24.68 -4.31 -14.29
C TYR B 63 -24.90 -5.24 -15.48
N LEU B 64 -26.16 -5.50 -15.83
CA LEU B 64 -26.46 -6.38 -16.97
C LEU B 64 -26.05 -5.77 -18.30
N LYS B 65 -26.12 -4.44 -18.42
CA LYS B 65 -25.67 -3.76 -19.63
C LYS B 65 -24.14 -3.80 -19.75
N ALA B 66 -23.45 -3.60 -18.62
CA ALA B 66 -22.00 -3.44 -18.64
C ALA B 66 -21.26 -4.75 -18.90
N LEU B 67 -21.79 -5.89 -18.38
CA LEU B 67 -20.96 -7.08 -18.44
C LEU B 67 -21.15 -7.86 -19.75
N PRO B 68 -20.08 -8.49 -20.22
CA PRO B 68 -20.14 -9.23 -21.48
C PRO B 68 -20.83 -10.58 -21.36
N LYS B 69 -21.21 -11.11 -22.53
CA LYS B 69 -21.76 -12.45 -22.64
C LYS B 69 -20.88 -13.49 -21.98
N LYS B 70 -19.55 -13.33 -22.12
CA LYS B 70 -18.61 -14.33 -21.59
C LYS B 70 -18.67 -14.42 -20.07
N VAL B 71 -19.07 -13.35 -19.38
CA VAL B 71 -19.21 -13.40 -17.93
C VAL B 71 -20.63 -13.76 -17.51
N LEU B 72 -21.62 -13.07 -18.08
CA LEU B 72 -23.01 -13.30 -17.67
C LEU B 72 -23.48 -14.72 -17.94
N ASP B 73 -22.93 -15.37 -18.97
CA ASP B 73 -23.31 -16.76 -19.24
C ASP B 73 -22.96 -17.67 -18.07
N ILE B 74 -22.03 -17.26 -17.22
CA ILE B 74 -21.63 -18.01 -16.05
C ILE B 74 -22.28 -17.48 -14.78
N THR B 75 -22.18 -16.17 -14.55
CA THR B 75 -22.66 -15.62 -13.28
C THR B 75 -24.18 -15.62 -13.19
N GLU B 76 -24.89 -15.52 -14.32
CA GLU B 76 -26.34 -15.59 -14.30
C GLU B 76 -26.85 -17.02 -14.24
N LYS B 77 -26.00 -18.00 -14.52
CA LYS B 77 -26.41 -19.40 -14.45
C LYS B 77 -26.65 -19.80 -12.99
N ASP B 78 -27.70 -20.58 -12.76
CA ASP B 78 -27.93 -21.12 -11.44
C ASP B 78 -26.71 -21.91 -10.97
N PRO B 79 -26.18 -21.64 -9.78
CA PRO B 79 -24.92 -22.30 -9.38
C PRO B 79 -25.02 -23.81 -9.33
N VAL B 80 -26.19 -24.37 -8.96
CA VAL B 80 -26.31 -25.83 -8.95
C VAL B 80 -26.20 -26.38 -10.36
N GLU B 81 -26.79 -25.68 -11.33
CA GLU B 81 -26.59 -26.05 -12.72
C GLU B 81 -25.14 -25.85 -13.14
N LEU B 82 -24.51 -24.77 -12.66
CA LEU B 82 -23.10 -24.53 -12.94
C LEU B 82 -22.19 -25.62 -12.37
N LEU B 83 -22.56 -26.22 -11.24
CA LEU B 83 -21.74 -27.30 -10.70
C LEU B 83 -21.68 -28.50 -11.64
N LYS B 84 -22.76 -28.79 -12.38
CA LYS B 84 -22.70 -29.83 -13.39
C LYS B 84 -21.68 -29.50 -14.48
N ASP B 85 -21.66 -28.25 -14.94
CA ASP B 85 -20.70 -27.83 -15.96
C ASP B 85 -19.27 -27.96 -15.43
N LEU B 86 -19.05 -27.57 -14.17
CA LEU B 86 -17.74 -27.74 -13.55
C LEU B 86 -17.40 -29.22 -13.36
N LYS B 87 -18.41 -30.04 -13.06
CA LYS B 87 -18.18 -31.46 -12.85
C LYS B 87 -17.83 -32.16 -14.16
N SER B 88 -18.57 -31.86 -15.22
CA SER B 88 -18.29 -32.44 -16.53
C SER B 88 -17.15 -31.72 -17.26
N ARG B 89 -16.60 -30.66 -16.68
CA ARG B 89 -15.47 -29.91 -17.23
C ARG B 89 -15.82 -29.15 -18.51
N LYS B 90 -17.10 -28.84 -18.72
CA LYS B 90 -17.45 -27.91 -19.79
C LYS B 90 -16.92 -26.51 -19.51
N VAL B 91 -16.48 -26.25 -18.28
CA VAL B 91 -15.89 -24.98 -17.89
C VAL B 91 -14.88 -25.28 -16.80
N THR B 92 -13.80 -24.51 -16.76
CA THR B 92 -12.75 -24.73 -15.77
C THR B 92 -13.02 -23.91 -14.52
N CYS B 93 -12.42 -24.35 -13.41
CA CYS B 93 -12.53 -23.58 -12.18
C CYS B 93 -11.98 -22.17 -12.37
N VAL B 94 -10.88 -22.03 -13.11
CA VAL B 94 -10.29 -20.72 -13.32
C VAL B 94 -11.21 -19.84 -14.17
N GLU B 95 -11.87 -20.45 -15.17
CA GLU B 95 -12.86 -19.70 -15.95
C GLU B 95 -13.99 -19.18 -15.07
N VAL B 96 -14.50 -20.01 -14.14
CA VAL B 96 -15.58 -19.55 -13.27
C VAL B 96 -15.09 -18.43 -12.36
N LEU B 97 -13.87 -18.56 -11.84
CA LEU B 97 -13.30 -17.52 -10.98
C LEU B 97 -13.17 -16.19 -11.72
N LYS B 98 -12.62 -16.24 -12.93
CA LYS B 98 -12.43 -15.01 -13.70
C LYS B 98 -13.75 -14.30 -13.94
N ALA B 99 -14.81 -15.04 -14.28
CA ALA B 99 -16.11 -14.43 -14.52
C ALA B 99 -16.67 -13.76 -13.28
N TYR B 100 -16.73 -14.51 -12.16
CA TYR B 100 -17.33 -13.96 -10.94
C TYR B 100 -16.48 -12.84 -10.36
N THR B 101 -15.15 -12.92 -10.49
CA THR B 101 -14.30 -11.79 -10.12
C THR B 101 -14.68 -10.55 -10.90
N ALA B 102 -14.84 -10.70 -12.22
CA ALA B 102 -15.28 -9.58 -13.06
C ALA B 102 -16.64 -9.06 -12.59
N ALA B 103 -17.58 -9.98 -12.35
CA ALA B 103 -18.89 -9.57 -11.84
C ALA B 103 -18.76 -8.82 -10.51
N SER B 104 -17.93 -9.33 -9.58
CA SER B 104 -17.84 -8.67 -8.28
C SER B 104 -17.23 -7.27 -8.40
N ILE B 105 -16.35 -7.06 -9.38
CA ILE B 105 -15.76 -5.73 -9.59
C ILE B 105 -16.84 -4.75 -10.03
N VAL B 106 -17.65 -5.12 -11.03
CA VAL B 106 -18.73 -4.26 -11.48
C VAL B 106 -19.73 -4.03 -10.35
N ALA B 107 -20.07 -5.10 -9.62
CA ALA B 107 -20.97 -4.95 -8.47
C ALA B 107 -20.37 -4.07 -7.39
N SER B 108 -19.05 -4.20 -7.15
CA SER B 108 -18.39 -3.38 -6.15
C SER B 108 -18.53 -1.89 -6.49
N LYS B 109 -18.32 -1.52 -7.74
CA LYS B 109 -18.38 -0.11 -8.09
C LYS B 109 -19.82 0.41 -8.03
N LEU B 110 -20.78 -0.42 -8.42
CA LEU B 110 -22.16 0.03 -8.50
C LEU B 110 -22.83 0.10 -7.13
N THR B 111 -22.51 -0.83 -6.22
CA THR B 111 -23.21 -0.91 -4.95
C THR B 111 -22.33 -0.69 -3.72
N ASN B 112 -21.00 -0.78 -3.87
CA ASN B 112 -20.06 -0.65 -2.76
C ASN B 112 -20.26 -1.79 -1.76
N CYS B 113 -20.24 -3.02 -2.28
CA CYS B 113 -20.52 -4.20 -1.50
C CYS B 113 -19.28 -5.02 -1.17
N VAL B 114 -18.11 -4.60 -1.63
CA VAL B 114 -16.87 -5.34 -1.43
C VAL B 114 -15.96 -4.58 -0.48
N GLN B 115 -15.47 -5.27 0.54
CA GLN B 115 -14.46 -4.67 1.41
C GLN B 115 -13.05 -5.02 0.95
N GLU B 116 -12.86 -6.23 0.42
CA GLU B 116 -11.53 -6.69 0.01
C GLU B 116 -11.68 -7.88 -0.91
N PHE B 117 -11.06 -7.81 -2.10
CA PHE B 117 -11.07 -8.95 -2.99
C PHE B 117 -9.97 -9.91 -2.59
N LEU B 118 -10.15 -11.18 -2.94
CA LEU B 118 -9.17 -12.18 -2.57
C LEU B 118 -8.60 -12.90 -3.79
N PRO B 119 -8.08 -12.17 -4.78
CA PRO B 119 -7.73 -12.85 -6.04
C PRO B 119 -6.48 -13.70 -5.97
N ILE B 120 -5.51 -13.36 -5.11
CA ILE B 120 -4.29 -14.16 -5.03
C ILE B 120 -4.61 -15.59 -4.60
N GLU B 121 -5.22 -15.72 -3.41
CA GLU B 121 -5.55 -17.06 -2.92
C GLU B 121 -6.63 -17.73 -3.75
N ALA B 122 -7.56 -16.95 -4.32
CA ALA B 122 -8.61 -17.55 -5.13
C ALA B 122 -8.03 -18.16 -6.40
N LEU B 123 -7.07 -17.49 -7.03
CA LEU B 123 -6.42 -18.07 -8.20
C LEU B 123 -5.68 -19.34 -7.83
N GLN B 124 -5.03 -19.34 -6.66
CA GLN B 124 -4.36 -20.55 -6.18
C GLN B 124 -5.38 -21.66 -5.92
N TYR B 125 -6.53 -21.31 -5.34
CA TYR B 125 -7.58 -22.30 -5.11
C TYR B 125 -8.09 -22.87 -6.41
N ALA B 126 -8.41 -22.00 -7.38
CA ALA B 126 -9.03 -22.46 -8.62
C ALA B 126 -8.05 -23.26 -9.45
N GLN B 127 -6.78 -22.85 -9.46
CA GLN B 127 -5.78 -23.57 -10.22
C GLN B 127 -5.59 -24.99 -9.70
N LYS B 128 -5.38 -25.14 -8.39
CA LYS B 128 -5.17 -26.49 -7.88
C LYS B 128 -6.44 -27.32 -7.98
N LEU B 129 -7.62 -26.68 -7.98
CA LEU B 129 -8.85 -27.43 -8.16
C LEU B 129 -8.94 -27.99 -9.58
N ASP B 130 -8.46 -27.23 -10.56
CA ASP B 130 -8.36 -27.77 -11.92
C ASP B 130 -7.34 -28.89 -11.99
N ALA B 131 -6.16 -28.69 -11.39
CA ALA B 131 -5.15 -29.74 -11.41
C ALA B 131 -5.66 -31.01 -10.75
N ASP B 132 -6.40 -30.88 -9.64
CA ASP B 132 -6.90 -32.03 -8.91
C ASP B 132 -8.28 -32.47 -9.39
N TYR B 133 -8.63 -32.15 -10.64
CA TYR B 133 -9.98 -32.44 -11.15
C TYR B 133 -10.36 -33.91 -10.95
N GLU B 134 -9.46 -34.84 -11.27
CA GLU B 134 -9.83 -36.24 -11.24
C GLU B 134 -10.10 -36.74 -9.82
N THR B 135 -9.39 -36.21 -8.84
CA THR B 135 -9.57 -36.64 -7.46
C THR B 135 -10.66 -35.87 -6.73
N LYS B 136 -10.99 -34.65 -7.16
CA LYS B 136 -11.95 -33.82 -6.46
C LYS B 136 -13.23 -33.53 -7.24
N LYS B 137 -13.37 -34.05 -8.47
CA LYS B 137 -14.60 -33.84 -9.22
C LYS B 137 -15.83 -34.32 -8.44
N HIS B 138 -15.66 -35.29 -7.55
CA HIS B 138 -16.78 -35.87 -6.83
C HIS B 138 -17.32 -34.97 -5.71
N LEU B 139 -16.59 -33.93 -5.32
CA LEU B 139 -16.99 -33.10 -4.19
C LEU B 139 -18.26 -32.31 -4.50
N PRO B 140 -19.11 -32.10 -3.49
CA PRO B 140 -20.44 -31.52 -3.74
C PRO B 140 -20.44 -30.06 -4.17
N LEU B 141 -19.39 -29.29 -3.89
CA LEU B 141 -19.32 -27.88 -4.31
C LEU B 141 -18.07 -27.61 -5.16
N TYR B 142 -17.65 -28.60 -5.94
CA TYR B 142 -16.40 -28.53 -6.68
C TYR B 142 -16.35 -27.31 -7.59
N GLY B 143 -15.37 -26.44 -7.36
CA GLY B 143 -15.11 -25.34 -8.27
C GLY B 143 -15.89 -24.07 -7.99
N LEU B 144 -16.74 -24.05 -6.98
CA LEU B 144 -17.66 -22.94 -6.78
C LEU B 144 -17.03 -21.90 -5.87
N PRO B 145 -16.86 -20.66 -6.32
CA PRO B 145 -16.41 -19.61 -5.40
C PRO B 145 -17.58 -19.09 -4.59
N PHE B 146 -17.27 -18.44 -3.47
CA PHE B 146 -18.32 -17.83 -2.66
C PHE B 146 -17.74 -16.62 -1.92
N SER B 147 -18.65 -15.78 -1.43
CA SER B 147 -18.29 -14.58 -0.70
C SER B 147 -18.46 -14.79 0.80
N ILE B 148 -17.66 -14.07 1.58
CA ILE B 148 -17.73 -14.14 3.04
C ILE B 148 -17.79 -12.73 3.60
N LYS B 149 -18.69 -12.51 4.56
CA LYS B 149 -18.74 -11.26 5.30
C LYS B 149 -17.38 -10.98 5.95
N GLU B 150 -17.03 -9.69 6.03
CA GLU B 150 -15.71 -9.31 6.53
C GLU B 150 -15.46 -9.82 7.95
N MET B 151 -16.51 -9.98 8.75
CA MET B 151 -16.38 -10.47 10.12
C MET B 151 -15.92 -11.93 10.20
N ILE B 152 -15.92 -12.65 9.09
CA ILE B 152 -15.58 -14.07 9.08
C ILE B 152 -14.07 -14.18 8.89
N PRO B 153 -13.35 -14.85 9.80
CA PRO B 153 -11.88 -14.88 9.70
C PRO B 153 -11.42 -15.63 8.46
N PHE B 154 -10.41 -15.06 7.81
CA PHE B 154 -9.73 -15.67 6.68
C PHE B 154 -8.24 -15.48 6.88
N VAL B 155 -7.45 -16.47 6.45
CA VAL B 155 -6.03 -16.51 6.81
C VAL B 155 -5.31 -15.26 6.34
N GLY B 156 -4.53 -14.67 7.25
CA GLY B 156 -3.67 -13.53 6.94
C GLY B 156 -4.36 -12.19 6.88
N ARG B 157 -5.58 -12.11 7.31
CA ARG B 157 -6.29 -10.87 7.20
C ARG B 157 -6.73 -10.26 8.51
N SER B 158 -6.89 -8.94 8.50
CA SER B 158 -7.49 -8.29 9.65
C SER B 158 -8.98 -8.61 9.68
N VAL B 159 -9.53 -8.75 10.89
CA VAL B 159 -10.96 -9.00 11.09
C VAL B 159 -11.48 -7.91 12.03
N THR B 160 -12.31 -7.00 11.48
CA THR B 160 -12.62 -5.75 12.14
C THR B 160 -14.10 -5.53 12.41
N HIS B 161 -14.98 -6.30 11.78
CA HIS B 161 -16.41 -6.02 11.67
C HIS B 161 -16.69 -4.53 11.49
N GLY B 162 -15.86 -3.88 10.67
CA GLY B 162 -16.07 -2.49 10.27
C GLY B 162 -15.46 -1.43 11.15
N SER B 163 -14.88 -1.80 12.30
CA SER B 163 -14.30 -0.84 13.22
C SER B 163 -12.83 -0.60 12.87
N LEU B 164 -12.48 0.67 12.67
CA LEU B 164 -11.11 1.01 12.27
C LEU B 164 -10.07 0.60 13.31
N CYS B 165 -10.44 0.58 14.59
CA CYS B 165 -9.47 0.27 15.65
C CYS B 165 -8.95 -1.17 15.60
N TYR B 166 -9.61 -2.06 14.86
CA TYR B 166 -9.22 -3.48 14.80
C TYR B 166 -8.48 -3.84 13.52
N LEU B 167 -7.93 -2.85 12.81
CA LEU B 167 -7.27 -3.10 11.53
C LEU B 167 -5.96 -3.88 11.66
N ASP B 168 -5.38 -3.95 12.85
CA ASP B 168 -4.17 -4.73 13.09
C ASP B 168 -4.43 -6.08 13.75
N ARG B 169 -5.70 -6.49 13.87
CA ARG B 169 -6.08 -7.77 14.47
C ARG B 169 -6.06 -8.84 13.38
N ILE B 170 -4.87 -9.38 13.15
CA ILE B 170 -4.64 -10.31 12.05
C ILE B 170 -4.80 -11.74 12.54
N VAL B 171 -5.46 -12.55 11.73
CA VAL B 171 -5.74 -13.94 12.05
C VAL B 171 -4.90 -14.85 11.16
N ASP B 172 -4.52 -16.02 11.68
CA ASP B 172 -3.79 -17.02 10.92
C ASP B 172 -4.63 -18.26 10.61
N TYR B 173 -5.95 -18.15 10.61
CA TYR B 173 -6.82 -19.32 10.45
C TYR B 173 -8.09 -18.91 9.71
N ASN B 174 -8.74 -19.89 9.10
CA ASN B 174 -10.06 -19.63 8.56
C ASN B 174 -11.12 -20.00 9.58
N ALA B 175 -12.32 -19.47 9.39
CA ALA B 175 -13.46 -19.93 10.16
C ALA B 175 -13.76 -21.37 9.82
N ASP B 176 -14.33 -22.09 10.78
CA ASP B 176 -14.64 -23.49 10.56
C ASP B 176 -15.48 -23.69 9.31
N ILE B 177 -16.54 -22.89 9.15
CA ILE B 177 -17.43 -23.09 8.01
C ILE B 177 -16.68 -22.87 6.69
N VAL B 178 -15.69 -21.97 6.67
CA VAL B 178 -14.90 -21.75 5.47
C VAL B 178 -14.07 -22.99 5.15
N ASN B 179 -13.39 -23.54 6.16
CA ASN B 179 -12.56 -24.73 5.94
C ASN B 179 -13.40 -25.92 5.51
N ILE B 180 -14.60 -26.08 6.10
CA ILE B 180 -15.49 -27.15 5.69
C ILE B 180 -15.89 -26.99 4.22
N LEU B 181 -16.24 -25.76 3.82
CA LEU B 181 -16.62 -25.53 2.43
C LEU B 181 -15.45 -25.76 1.48
N ILE B 182 -14.24 -25.38 1.90
CA ILE B 182 -13.06 -25.67 1.09
C ILE B 182 -12.86 -27.17 0.96
N ALA B 183 -13.10 -27.91 2.04
CA ALA B 183 -12.98 -29.36 1.99
C ALA B 183 -13.94 -30.01 1.02
N ASN B 184 -15.01 -29.30 0.62
CA ASN B 184 -15.99 -29.86 -0.30
C ASN B 184 -15.92 -29.22 -1.68
N GLY B 185 -14.79 -28.58 -2.02
CA GLY B 185 -14.55 -28.10 -3.36
C GLY B 185 -14.82 -26.64 -3.62
N ALA B 186 -15.26 -25.88 -2.60
CA ALA B 186 -15.51 -24.47 -2.76
C ALA B 186 -14.31 -23.68 -2.24
N TYR B 187 -14.36 -22.36 -2.42
CA TYR B 187 -13.31 -21.47 -1.93
C TYR B 187 -13.85 -20.05 -1.90
N PRO B 188 -13.45 -19.23 -0.92
CA PRO B 188 -13.90 -17.84 -0.90
C PRO B 188 -13.08 -16.98 -1.85
N PHE B 189 -13.75 -16.01 -2.49
CA PHE B 189 -13.06 -15.11 -3.41
C PHE B 189 -13.21 -13.62 -3.12
N VAL B 190 -14.07 -13.21 -2.20
CA VAL B 190 -14.24 -11.78 -1.92
C VAL B 190 -14.81 -11.63 -0.52
N ARG B 191 -14.40 -10.57 0.17
CA ARG B 191 -14.93 -10.23 1.49
C ARG B 191 -15.85 -9.02 1.37
N THR B 192 -17.08 -9.16 1.89
CA THR B 192 -18.12 -8.15 1.74
C THR B 192 -18.21 -7.23 2.94
N THR B 193 -18.84 -6.08 2.71
CA THR B 193 -18.89 -5.00 3.70
C THR B 193 -19.88 -5.29 4.82
N ASN B 194 -19.64 -4.68 5.96
CA ASN B 194 -20.44 -4.84 7.16
C ASN B 194 -20.35 -3.48 7.86
N PRO B 195 -21.39 -3.06 8.61
CA PRO B 195 -21.41 -1.71 9.15
C PRO B 195 -20.81 -1.56 10.54
N GLN B 196 -20.76 -0.31 10.99
CA GLN B 196 -20.27 -0.01 12.33
C GLN B 196 -21.11 -0.72 13.37
N SER B 197 -20.43 -1.35 14.34
CA SER B 197 -21.06 -2.06 15.46
C SER B 197 -21.79 -3.35 15.04
N LEU B 198 -22.04 -3.53 13.76
CA LEU B 198 -22.85 -4.61 13.18
C LEU B 198 -24.33 -4.50 13.57
N MET B 199 -24.70 -3.55 14.43
CA MET B 199 -26.06 -3.51 14.95
C MET B 199 -26.94 -2.49 14.25
N MET B 200 -26.92 -2.49 12.93
CA MET B 200 -27.89 -1.71 12.16
C MET B 200 -28.40 -2.58 11.01
N LEU B 201 -29.67 -2.38 10.65
CA LEU B 201 -30.20 -3.05 9.48
C LEU B 201 -29.85 -2.27 8.22
N GLU B 202 -28.66 -1.66 8.20
CA GLU B 202 -28.12 -0.96 7.04
C GLU B 202 -26.64 -1.30 6.96
N CYS B 203 -25.90 -0.64 6.06
CA CYS B 203 -24.51 -1.02 5.85
C CYS B 203 -23.65 0.23 5.63
N VAL B 204 -23.36 0.94 6.72
CA VAL B 204 -22.51 2.12 6.70
C VAL B 204 -21.40 1.92 7.72
N SER B 205 -20.16 2.12 7.29
CA SER B 205 -19.03 2.03 8.21
C SER B 205 -17.95 2.99 7.76
N PHE B 206 -17.01 3.26 8.67
CA PHE B 206 -15.87 4.10 8.35
C PHE B 206 -14.71 3.28 7.80
N SER B 207 -14.98 2.03 7.41
CA SER B 207 -14.04 1.22 6.65
C SER B 207 -14.36 1.17 5.17
N HIS B 208 -15.59 1.53 4.77
CA HIS B 208 -16.00 1.35 3.38
C HIS B 208 -16.93 2.43 2.82
N GLY B 209 -17.59 3.24 3.64
CA GLY B 209 -18.57 4.19 3.15
C GLY B 209 -19.99 3.68 3.33
N ARG B 210 -20.77 3.68 2.24
CA ARG B 210 -22.16 3.27 2.27
C ARG B 210 -22.43 2.23 1.18
N THR B 211 -23.12 1.16 1.55
CA THR B 211 -23.55 0.12 0.62
C THR B 211 -25.01 0.33 0.27
N VAL B 212 -25.34 0.17 -1.02
CA VAL B 212 -26.66 0.50 -1.50
C VAL B 212 -27.30 -0.74 -2.12
N ASN B 213 -28.62 -0.65 -2.35
CA ASN B 213 -29.43 -1.74 -2.84
C ASN B 213 -29.09 -2.07 -4.29
N ALA B 214 -29.22 -3.36 -4.64
CA ALA B 214 -28.94 -3.79 -6.00
C ALA B 214 -30.03 -3.40 -6.99
N TYR B 215 -31.26 -3.17 -6.53
CA TYR B 215 -32.35 -2.86 -7.45
C TYR B 215 -32.67 -1.37 -7.51
N ASN B 216 -32.33 -0.61 -6.47
CA ASN B 216 -32.59 0.83 -6.46
C ASN B 216 -31.49 1.47 -5.62
N GLY B 217 -30.63 2.27 -6.27
CA GLY B 217 -29.45 2.82 -5.65
C GLY B 217 -29.71 3.91 -4.63
N MET B 218 -30.95 4.33 -4.46
CA MET B 218 -31.30 5.31 -3.43
C MET B 218 -31.63 4.67 -2.09
N LEU B 219 -31.80 3.34 -2.04
CA LEU B 219 -32.22 2.60 -0.86
C LEU B 219 -31.06 1.77 -0.31
N THR B 220 -31.21 1.33 0.93
CA THR B 220 -30.16 0.58 1.59
C THR B 220 -30.05 -0.85 1.06
N SER B 221 -28.83 -1.39 1.18
CA SER B 221 -28.62 -2.81 0.96
C SER B 221 -29.24 -3.63 2.07
N GLY B 222 -29.48 -3.02 3.22
CA GLY B 222 -29.82 -3.75 4.41
C GLY B 222 -28.57 -4.05 5.20
N GLY B 223 -28.75 -4.71 6.33
CA GLY B 223 -27.60 -5.05 7.15
C GLY B 223 -27.99 -6.02 8.22
N SER B 224 -26.98 -6.47 8.98
CA SER B 224 -25.59 -6.05 8.81
C SER B 224 -24.85 -6.72 7.64
N SER B 225 -25.38 -7.83 7.10
CA SER B 225 -24.70 -8.49 5.97
C SER B 225 -25.08 -7.77 4.67
N GLY B 226 -24.79 -6.46 4.65
CA GLY B 226 -25.20 -5.65 3.52
C GLY B 226 -24.42 -5.96 2.26
N GLY B 227 -23.10 -6.13 2.39
CA GLY B 227 -22.29 -6.52 1.26
C GLY B 227 -22.74 -7.82 0.61
N GLU B 228 -23.08 -8.82 1.43
CA GLU B 228 -23.53 -10.10 0.89
C GLU B 228 -24.85 -9.94 0.14
N GLY B 229 -25.79 -9.17 0.71
CA GLY B 229 -27.07 -8.97 0.06
C GLY B 229 -26.95 -8.24 -1.27
N ALA B 230 -26.14 -7.18 -1.30
CA ALA B 230 -25.97 -6.45 -2.56
C ALA B 230 -25.25 -7.30 -3.59
N LEU B 231 -24.12 -7.92 -3.20
CA LEU B 231 -23.34 -8.70 -4.15
C LEU B 231 -24.17 -9.84 -4.73
N ASN B 232 -24.93 -10.54 -3.87
CA ASN B 232 -25.74 -11.67 -4.32
C ASN B 232 -27.06 -11.22 -4.94
N GLY B 233 -27.56 -10.03 -4.62
CA GLY B 233 -28.66 -9.49 -5.39
C GLY B 233 -28.25 -9.17 -6.82
N MET B 234 -27.01 -8.72 -7.02
CA MET B 234 -26.46 -8.52 -8.36
C MET B 234 -26.03 -9.83 -9.01
N ARG B 235 -26.18 -10.95 -8.31
CA ARG B 235 -25.76 -12.26 -8.79
C ARG B 235 -24.30 -12.25 -9.19
N ALA B 236 -23.49 -11.50 -8.45
CA ALA B 236 -22.05 -11.43 -8.66
C ALA B 236 -21.30 -12.38 -7.75
N SER B 237 -22.01 -13.28 -7.07
CA SER B 237 -21.47 -14.34 -6.25
C SER B 237 -22.45 -15.49 -6.31
N PRO B 238 -21.96 -16.73 -6.33
CA PRO B 238 -22.90 -17.87 -6.30
C PRO B 238 -23.69 -17.91 -5.02
N PHE B 239 -23.04 -17.70 -3.88
CA PHE B 239 -23.68 -17.56 -2.59
C PHE B 239 -22.69 -16.89 -1.65
N GLY B 240 -23.19 -16.45 -0.49
CA GLY B 240 -22.34 -15.87 0.51
C GLY B 240 -22.72 -16.34 1.91
N LEU B 241 -21.80 -16.10 2.84
CA LEU B 241 -22.05 -16.35 4.26
C LEU B 241 -22.16 -15.02 4.99
N GLY B 242 -23.26 -14.86 5.72
CA GLY B 242 -23.47 -13.71 6.57
C GLY B 242 -23.61 -14.09 8.03
N SER B 243 -24.13 -13.17 8.84
CA SER B 243 -24.45 -13.47 10.24
C SER B 243 -25.80 -12.85 10.54
N ASP B 244 -26.45 -13.35 11.59
CA ASP B 244 -27.80 -12.88 11.91
C ASP B 244 -28.00 -12.93 13.42
N ILE B 245 -27.96 -11.75 14.05
CA ILE B 245 -28.33 -11.63 15.45
C ILE B 245 -29.55 -10.73 15.66
N GLY B 246 -29.93 -9.91 14.69
CA GLY B 246 -31.09 -9.05 14.83
C GLY B 246 -31.82 -8.87 13.52
N GLY B 247 -31.51 -9.73 12.55
CA GLY B 247 -32.09 -9.71 11.22
C GLY B 247 -31.07 -9.58 10.11
N SER B 248 -29.78 -9.74 10.45
CA SER B 248 -28.69 -9.36 9.58
C SER B 248 -28.46 -10.32 8.41
N ILE B 249 -29.19 -11.42 8.30
CA ILE B 249 -29.17 -12.25 7.11
C ILE B 249 -30.43 -12.05 6.27
N ARG B 250 -31.58 -11.98 6.93
CA ARG B 250 -32.85 -11.90 6.23
C ARG B 250 -33.12 -10.51 5.68
N CYS B 251 -32.72 -9.46 6.41
CA CYS B 251 -32.92 -8.11 5.93
C CYS B 251 -32.15 -7.84 4.64
N PRO B 252 -30.85 -8.14 4.54
CA PRO B 252 -30.20 -8.01 3.23
C PRO B 252 -30.85 -8.87 2.15
N ALA B 253 -31.17 -10.13 2.46
CA ALA B 253 -31.80 -11.01 1.48
C ALA B 253 -33.14 -10.46 1.02
N ALA B 254 -33.94 -9.96 1.95
CA ALA B 254 -35.26 -9.45 1.58
C ALA B 254 -35.15 -8.15 0.78
N PHE B 255 -34.21 -7.28 1.15
CA PHE B 255 -34.07 -5.99 0.48
C PHE B 255 -33.58 -6.15 -0.95
N ASN B 256 -32.81 -7.21 -1.23
CA ASN B 256 -32.23 -7.43 -2.55
C ASN B 256 -32.90 -8.57 -3.30
N GLY B 257 -34.06 -9.04 -2.83
CA GLY B 257 -34.86 -10.01 -3.57
C GLY B 257 -34.23 -11.36 -3.80
N ILE B 258 -33.52 -11.89 -2.79
CA ILE B 258 -32.90 -13.20 -2.92
C ILE B 258 -33.29 -14.06 -1.70
N TYR B 259 -32.64 -15.22 -1.56
CA TYR B 259 -32.91 -16.12 -0.43
C TYR B 259 -31.86 -15.94 0.66
N GLY B 260 -32.31 -16.04 1.90
CA GLY B 260 -31.40 -15.97 3.03
C GLY B 260 -31.94 -16.77 4.19
N LEU B 261 -31.12 -17.67 4.72
CA LEU B 261 -31.54 -18.59 5.78
C LEU B 261 -30.83 -18.22 7.07
N ARG B 262 -31.62 -17.79 8.05
CA ARG B 262 -31.18 -17.74 9.43
C ARG B 262 -31.33 -19.15 9.99
N SER B 263 -30.23 -19.92 10.02
CA SER B 263 -30.34 -21.31 10.47
C SER B 263 -30.49 -21.38 11.98
N THR B 264 -31.08 -22.49 12.44
CA THR B 264 -31.24 -22.71 13.87
C THR B 264 -29.87 -22.77 14.54
N LEU B 265 -29.75 -22.09 15.67
CA LEU B 265 -28.48 -22.08 16.39
C LEU B 265 -28.10 -23.52 16.75
N GLY B 266 -26.85 -23.89 16.49
CA GLY B 266 -26.38 -25.22 16.79
C GLY B 266 -26.35 -26.18 15.62
N ARG B 267 -26.72 -25.74 14.43
CA ARG B 267 -26.63 -26.60 13.24
C ARG B 267 -25.36 -26.37 12.45
N ILE B 268 -24.96 -25.11 12.28
CA ILE B 268 -23.84 -24.69 11.44
C ILE B 268 -22.86 -23.88 12.27
N PRO B 269 -21.55 -24.05 12.11
CA PRO B 269 -20.60 -23.39 13.03
C PRO B 269 -20.45 -21.90 12.70
N THR B 270 -20.58 -21.05 13.73
CA THR B 270 -20.43 -19.61 13.57
C THR B 270 -19.64 -18.93 14.68
N ALA B 271 -19.36 -19.59 15.79
CA ALA B 271 -18.88 -18.88 16.97
C ALA B 271 -17.54 -18.19 16.74
N ASP B 272 -16.71 -18.69 15.82
CA ASP B 272 -15.41 -18.09 15.59
C ASP B 272 -15.46 -16.82 14.74
N TYR B 273 -16.63 -16.40 14.27
CA TYR B 273 -16.75 -15.06 13.69
C TYR B 273 -16.37 -14.01 14.74
N PHE B 274 -16.07 -12.80 14.28
CA PHE B 274 -15.74 -11.68 15.14
C PHE B 274 -16.85 -10.66 15.15
N SER B 275 -17.17 -10.16 16.34
CA SER B 275 -18.13 -9.08 16.50
C SER B 275 -17.74 -8.29 17.75
N CYS B 276 -18.58 -7.34 18.12
CA CYS B 276 -18.49 -6.77 19.45
C CYS B 276 -19.01 -7.78 20.48
N ASN B 277 -18.70 -7.52 21.75
CA ASN B 277 -19.24 -8.29 22.87
C ASN B 277 -18.84 -9.77 22.79
N ARG B 278 -17.58 -10.02 22.52
CA ARG B 278 -17.08 -11.38 22.47
C ARG B 278 -17.12 -11.99 23.87
N GLY B 279 -17.70 -13.19 23.96
CA GLY B 279 -17.97 -13.86 25.21
C GLY B 279 -19.39 -13.67 25.72
N SER B 280 -20.12 -12.70 25.19
CA SER B 280 -21.52 -12.54 25.53
C SER B 280 -22.33 -13.69 24.93
N GLU B 281 -23.10 -14.37 25.79
CA GLU B 281 -23.88 -15.52 25.37
C GLU B 281 -25.37 -15.37 25.59
N SER B 282 -25.83 -14.26 26.18
CA SER B 282 -27.25 -14.13 26.50
C SER B 282 -28.13 -14.23 25.25
N ILE B 283 -27.71 -13.60 24.16
CA ILE B 283 -28.33 -13.75 22.85
C ILE B 283 -27.22 -14.03 21.85
N LEU B 284 -27.32 -15.14 21.12
CA LEU B 284 -26.26 -15.59 20.22
C LEU B 284 -26.61 -15.36 18.76
N SER B 285 -25.62 -14.95 17.98
CA SER B 285 -25.75 -14.83 16.54
C SER B 285 -25.69 -16.21 15.88
N VAL B 286 -26.24 -16.29 14.67
CA VAL B 286 -26.11 -17.49 13.84
C VAL B 286 -25.66 -17.06 12.45
N THR B 287 -25.21 -18.04 11.68
CA THR B 287 -24.85 -17.84 10.29
C THR B 287 -25.78 -18.67 9.40
N GLY B 288 -25.50 -18.63 8.10
CA GLY B 288 -26.34 -19.23 7.09
C GLY B 288 -26.07 -18.57 5.75
N PRO B 289 -26.44 -19.22 4.65
CA PRO B 289 -26.13 -18.68 3.33
C PRO B 289 -27.16 -17.70 2.78
N LEU B 290 -26.66 -16.78 1.97
CA LEU B 290 -27.46 -15.94 1.10
C LEU B 290 -27.14 -16.26 -0.35
N SER B 291 -28.17 -16.36 -1.20
CA SER B 291 -28.02 -16.63 -2.63
C SER B 291 -29.29 -16.35 -3.38
N ARG B 292 -29.20 -16.18 -4.68
CA ARG B 292 -30.34 -16.00 -5.54
C ARG B 292 -31.02 -17.31 -5.78
N SER B 293 -30.34 -18.38 -5.46
CA SER B 293 -30.84 -19.70 -5.66
C SER B 293 -31.25 -20.37 -4.43
N LEU B 294 -32.52 -20.74 -4.40
CA LEU B 294 -32.96 -21.59 -3.30
C LEU B 294 -32.20 -22.91 -3.27
N ASP B 295 -32.03 -23.55 -4.43
CA ASP B 295 -31.29 -24.82 -4.47
C ASP B 295 -29.87 -24.67 -3.95
N THR B 296 -29.27 -23.49 -4.11
CA THR B 296 -27.90 -23.29 -3.62
C THR B 296 -27.89 -23.10 -2.11
N VAL B 297 -28.88 -22.40 -1.55
CA VAL B 297 -29.00 -22.34 -0.10
C VAL B 297 -29.09 -23.74 0.49
N ASN B 298 -29.96 -24.57 -0.08
CA ASN B 298 -30.14 -25.92 0.44
C ASN B 298 -28.87 -26.75 0.32
N LEU B 299 -28.17 -26.64 -0.81
CA LEU B 299 -26.99 -27.49 -0.99
C LEU B 299 -25.86 -27.09 -0.04
N VAL B 300 -25.72 -25.79 0.26
CA VAL B 300 -24.70 -25.36 1.22
C VAL B 300 -25.01 -25.90 2.61
N MET B 301 -26.26 -25.75 3.04
CA MET B 301 -26.67 -26.31 4.32
C MET B 301 -26.44 -27.82 4.37
N LYS B 302 -26.91 -28.54 3.35
CA LYS B 302 -26.68 -29.98 3.26
C LYS B 302 -25.20 -30.30 3.27
N THR B 303 -24.39 -29.50 2.58
CA THR B 303 -22.97 -29.81 2.47
C THR B 303 -22.26 -29.66 3.81
N VAL B 304 -22.49 -28.55 4.51
CA VAL B 304 -21.78 -28.32 5.75
C VAL B 304 -22.22 -29.33 6.82
N ILE B 305 -23.52 -29.60 6.92
CA ILE B 305 -24.02 -30.48 7.98
C ILE B 305 -23.57 -31.93 7.74
N GLU B 306 -23.55 -32.36 6.48
CA GLU B 306 -23.08 -33.71 6.19
C GLU B 306 -21.60 -33.88 6.42
N ALA B 307 -20.87 -32.78 6.67
CA ALA B 307 -19.48 -32.87 7.08
C ALA B 307 -19.32 -33.10 8.58
N LYS B 308 -20.42 -33.29 9.30
CA LYS B 308 -20.39 -33.57 10.74
C LYS B 308 -19.65 -32.47 11.50
N PRO B 309 -20.05 -31.21 11.40
CA PRO B 309 -19.29 -30.13 12.04
C PRO B 309 -19.29 -30.20 13.57
N TRP B 310 -20.14 -31.02 14.18
CA TRP B 310 -20.06 -31.21 15.63
C TRP B 310 -18.80 -31.96 16.04
N LEU B 311 -18.04 -32.51 15.09
CA LEU B 311 -16.75 -33.10 15.37
C LEU B 311 -15.62 -32.07 15.30
N ILE B 312 -15.93 -30.80 15.00
CA ILE B 312 -15.00 -29.70 15.13
C ILE B 312 -15.53 -28.63 16.10
N ASP B 313 -16.84 -28.35 16.05
CA ASP B 313 -17.46 -27.37 16.93
C ASP B 313 -18.42 -28.07 17.89
N PRO B 314 -18.10 -28.19 19.18
CA PRO B 314 -18.92 -28.98 20.10
C PRO B 314 -20.22 -28.31 20.53
N THR B 315 -20.49 -27.09 20.08
CA THR B 315 -21.77 -26.44 20.38
C THR B 315 -22.89 -26.90 19.45
N LEU B 316 -22.58 -27.75 18.47
CA LEU B 316 -23.51 -28.12 17.42
C LEU B 316 -24.19 -29.45 17.72
N VAL B 317 -25.35 -29.64 17.10
CA VAL B 317 -26.18 -30.82 17.32
C VAL B 317 -26.00 -31.77 16.14
N PRO B 318 -25.83 -33.08 16.37
CA PRO B 318 -25.70 -34.07 15.26
C PRO B 318 -27.05 -34.46 14.67
N LEU B 319 -27.69 -33.49 14.02
CA LEU B 319 -29.01 -33.64 13.43
C LEU B 319 -28.89 -33.50 11.91
N ASP B 320 -29.19 -34.57 11.19
CA ASP B 320 -29.00 -34.59 9.74
C ASP B 320 -29.84 -33.53 9.04
N TRP B 321 -29.32 -33.05 7.91
CA TRP B 321 -30.07 -32.18 7.00
C TRP B 321 -30.93 -33.12 6.17
N LYS B 322 -32.23 -33.13 6.47
CA LYS B 322 -33.11 -34.14 5.92
C LYS B 322 -34.31 -33.45 5.29
N ARG B 323 -34.58 -33.76 4.03
CA ARG B 323 -35.80 -33.28 3.39
C ARG B 323 -37.01 -33.82 4.12
N PRO B 324 -38.02 -33.00 4.41
CA PRO B 324 -39.17 -33.50 5.17
C PRO B 324 -40.06 -34.45 4.37
N GLU B 325 -40.75 -35.33 5.12
CA GLU B 325 -41.58 -36.36 4.50
C GLU B 325 -43.04 -35.92 4.34
N ASN B 326 -43.33 -34.65 4.64
CA ASN B 326 -44.70 -34.10 4.61
C ASN B 326 -45.41 -34.20 3.25
N LYS B 327 -46.69 -34.59 3.32
CA LYS B 327 -47.62 -34.50 2.21
C LYS B 327 -48.63 -33.36 2.32
N LYS B 328 -49.05 -33.02 3.53
CA LYS B 328 -49.90 -31.87 3.80
C LYS B 328 -49.09 -30.83 4.58
N PHE B 329 -49.59 -29.61 4.62
CA PHE B 329 -48.95 -28.54 5.36
C PHE B 329 -50.01 -27.73 6.11
N ARG B 330 -49.67 -27.28 7.31
CA ARG B 330 -50.51 -26.34 8.04
C ARG B 330 -49.62 -25.09 8.18
N VAL B 331 -50.02 -23.93 7.67
CA VAL B 331 -49.20 -22.73 7.56
C VAL B 331 -50.02 -21.54 8.07
N GLY B 332 -49.40 -20.71 8.90
CA GLY B 332 -50.00 -19.49 9.38
C GLY B 332 -49.49 -18.26 8.65
N ILE B 333 -50.37 -17.26 8.53
CA ILE B 333 -50.01 -15.98 7.91
C ILE B 333 -49.98 -14.89 8.98
N TYR B 334 -48.81 -14.24 9.11
CA TYR B 334 -48.57 -13.16 10.07
C TYR B 334 -48.71 -11.83 9.34
N VAL B 335 -49.92 -11.27 9.37
CA VAL B 335 -50.18 -10.07 8.56
C VAL B 335 -49.57 -8.82 9.18
N SER B 336 -49.49 -8.76 10.51
CA SER B 336 -48.98 -7.61 11.24
C SER B 336 -48.77 -8.01 12.70
N ASP B 337 -47.81 -7.35 13.36
CA ASP B 337 -47.67 -7.50 14.81
C ASP B 337 -48.51 -6.50 15.56
N HIS B 338 -49.26 -5.66 14.84
CA HIS B 338 -50.17 -4.67 15.42
C HIS B 338 -49.42 -3.64 16.24
N ILE B 339 -48.15 -3.43 15.92
CA ILE B 339 -47.37 -2.30 16.41
C ILE B 339 -46.94 -1.40 15.26
N VAL B 340 -46.43 -2.01 14.18
CA VAL B 340 -46.09 -1.32 12.95
C VAL B 340 -46.64 -2.16 11.80
N ASN B 341 -47.62 -1.60 11.05
CA ASN B 341 -48.24 -2.29 9.92
C ASN B 341 -47.31 -2.28 8.70
N PRO B 342 -47.36 -3.33 7.88
CA PRO B 342 -46.52 -3.37 6.68
C PRO B 342 -47.02 -2.42 5.60
N SER B 343 -46.08 -1.95 4.77
CA SER B 343 -46.43 -1.08 3.66
C SER B 343 -47.16 -1.87 2.56
N PRO B 344 -47.83 -1.16 1.65
CA PRO B 344 -48.63 -1.84 0.60
C PRO B 344 -47.87 -2.92 -0.15
N PRO B 345 -46.61 -2.70 -0.58
CA PRO B 345 -45.93 -3.79 -1.30
C PRO B 345 -45.80 -5.06 -0.48
N ILE B 346 -45.56 -4.93 0.83
CA ILE B 346 -45.46 -6.12 1.67
C ILE B 346 -46.83 -6.75 1.86
N ASN B 347 -47.87 -5.93 2.05
CA ASN B 347 -49.19 -6.48 2.26
C ASN B 347 -49.68 -7.24 1.02
N ARG B 348 -49.36 -6.71 -0.16
CA ARG B 348 -49.69 -7.42 -1.40
C ARG B 348 -48.89 -8.72 -1.52
N ALA B 349 -47.62 -8.71 -1.09
CA ALA B 349 -46.86 -9.95 -1.10
C ALA B 349 -47.53 -11.01 -0.22
N LEU B 350 -48.07 -10.60 0.93
CA LEU B 350 -48.78 -11.53 1.80
C LEU B 350 -50.04 -12.08 1.13
N SER B 351 -50.78 -11.23 0.41
CA SER B 351 -51.99 -11.70 -0.26
C SER B 351 -51.67 -12.68 -1.37
N MET B 352 -50.66 -12.37 -2.18
CA MET B 352 -50.24 -13.24 -3.27
C MET B 352 -49.90 -14.63 -2.76
N VAL B 353 -49.12 -14.70 -1.68
CA VAL B 353 -48.63 -15.96 -1.16
C VAL B 353 -49.76 -16.73 -0.48
N THR B 354 -50.67 -16.03 0.19
CA THR B 354 -51.83 -16.68 0.79
C THR B 354 -52.68 -17.36 -0.27
N GLU B 355 -53.00 -16.63 -1.34
CA GLU B 355 -53.88 -17.19 -2.37
C GLU B 355 -53.22 -18.37 -3.09
N LYS B 356 -51.89 -18.31 -3.27
CA LYS B 356 -51.20 -19.41 -3.93
C LYS B 356 -51.23 -20.68 -3.07
N LEU B 357 -51.00 -20.54 -1.76
CA LEU B 357 -51.06 -21.72 -0.90
C LEU B 357 -52.49 -22.22 -0.76
N LYS B 358 -53.47 -21.30 -0.69
CA LYS B 358 -54.86 -21.74 -0.63
C LYS B 358 -55.29 -22.44 -1.91
N SER B 359 -54.71 -22.09 -3.05
CA SER B 359 -55.12 -22.70 -4.31
C SER B 359 -54.60 -24.13 -4.45
N LEU B 360 -53.61 -24.51 -3.65
CA LEU B 360 -53.13 -25.89 -3.61
C LEU B 360 -53.89 -26.64 -2.52
N GLY B 361 -54.31 -27.85 -2.86
CA GLY B 361 -55.23 -28.54 -1.96
C GLY B 361 -54.64 -28.91 -0.61
N ASN B 362 -53.33 -29.14 -0.56
CA ASN B 362 -52.67 -29.76 0.58
C ASN B 362 -52.17 -28.75 1.61
N PHE B 363 -52.54 -27.48 1.51
CA PHE B 363 -52.15 -26.49 2.50
C PHE B 363 -53.40 -26.02 3.23
N GLU B 364 -53.35 -26.08 4.56
CA GLU B 364 -54.31 -25.42 5.43
C GLU B 364 -53.70 -24.10 5.88
N VAL B 365 -54.44 -23.02 5.73
CA VAL B 365 -53.90 -21.68 5.92
C VAL B 365 -54.74 -20.95 6.97
N VAL B 366 -54.08 -20.49 8.04
CA VAL B 366 -54.75 -19.79 9.13
C VAL B 366 -54.05 -18.47 9.40
N THR B 367 -54.78 -17.55 10.03
CA THR B 367 -54.19 -16.30 10.50
C THR B 367 -53.37 -16.54 11.76
N PHE B 368 -52.17 -15.93 11.81
CA PHE B 368 -51.27 -16.07 12.94
C PHE B 368 -51.17 -14.74 13.68
N GLU B 369 -51.58 -14.74 14.94
CA GLU B 369 -51.59 -13.53 15.75
C GLU B 369 -50.27 -13.37 16.49
N PRO B 370 -49.90 -12.14 16.85
CA PRO B 370 -48.66 -11.93 17.61
C PRO B 370 -48.79 -12.41 19.03
N TYR B 371 -47.65 -12.55 19.70
CA TYR B 371 -47.61 -12.79 21.14
C TYR B 371 -46.61 -11.82 21.77
N LYS B 372 -47.14 -10.83 22.50
CA LYS B 372 -46.38 -9.80 23.21
C LYS B 372 -45.06 -9.37 22.44
N PRO B 373 -45.28 -8.89 21.20
CA PRO B 373 -44.08 -8.44 20.45
C PRO B 373 -43.36 -7.28 21.09
N GLU B 374 -44.04 -6.49 21.93
CA GLU B 374 -43.36 -5.42 22.66
C GLU B 374 -42.28 -5.98 23.57
N LYS B 375 -42.47 -7.21 24.06
CA LYS B 375 -41.52 -7.82 24.99
C LYS B 375 -40.19 -8.11 24.31
N VAL B 376 -40.19 -8.23 22.98
CA VAL B 376 -38.96 -8.42 22.22
C VAL B 376 -38.03 -7.24 22.41
N THR B 377 -38.55 -6.03 22.21
CA THR B 377 -37.75 -4.83 22.41
C THR B 377 -37.27 -4.72 23.85
N GLU B 378 -38.15 -5.03 24.81
CA GLU B 378 -37.77 -4.91 26.21
C GLU B 378 -36.59 -5.82 26.54
N ILE B 379 -36.69 -7.11 26.16
CA ILE B 379 -35.66 -8.06 26.55
C ILE B 379 -34.38 -7.81 25.77
N LEU B 380 -34.49 -7.69 24.44
CA LEU B 380 -33.30 -7.44 23.64
C LEU B 380 -32.69 -6.09 23.99
N GLY B 381 -33.50 -5.13 24.46
CA GLY B 381 -32.95 -3.87 24.91
C GLY B 381 -31.96 -4.02 26.05
N LYS B 382 -32.07 -5.08 26.84
CA LYS B 382 -31.14 -5.29 27.94
C LYS B 382 -30.01 -6.28 27.59
N LEU B 383 -30.24 -7.19 26.66
CA LEU B 383 -29.28 -8.27 26.43
C LEU B 383 -28.40 -8.07 25.21
N TYR B 384 -28.80 -7.25 24.23
CA TYR B 384 -27.94 -7.02 23.08
C TYR B 384 -26.60 -6.41 23.50
N PHE B 385 -26.66 -5.35 24.29
CA PHE B 385 -25.47 -4.68 24.84
C PHE B 385 -25.55 -4.75 26.35
N GLU B 386 -25.20 -5.91 26.90
CA GLU B 386 -25.39 -6.14 28.33
C GLU B 386 -24.28 -5.53 29.18
N ASP B 387 -23.21 -5.02 28.56
CA ASP B 387 -22.15 -4.35 29.30
C ASP B 387 -22.32 -2.83 29.26
N GLY B 388 -23.51 -2.35 28.92
CA GLY B 388 -23.70 -0.92 28.73
C GLY B 388 -23.01 -0.36 27.52
N ALA B 389 -22.78 -1.20 26.51
CA ALA B 389 -22.10 -0.82 25.26
C ALA B 389 -20.67 -0.37 25.51
N ARG B 390 -20.07 -0.77 26.64
CA ARG B 390 -18.69 -0.39 26.90
C ARG B 390 -17.75 -0.95 25.84
N ASP B 391 -17.96 -2.21 25.45
CA ASP B 391 -17.05 -2.82 24.49
C ASP B 391 -17.10 -2.10 23.15
N PHE B 392 -18.31 -1.75 22.68
CA PHE B 392 -18.40 -1.03 21.41
C PHE B 392 -17.82 0.38 21.52
N ARG B 393 -18.22 1.12 22.57
CA ARG B 393 -17.76 2.51 22.68
C ARG B 393 -16.23 2.59 22.77
N ALA B 394 -15.59 1.54 23.29
CA ALA B 394 -14.14 1.53 23.30
C ALA B 394 -13.55 1.54 21.89
N THR B 395 -14.32 1.16 20.87
CA THR B 395 -13.82 1.24 19.51
C THR B 395 -13.73 2.67 18.98
N LEU B 396 -14.44 3.62 19.60
CA LEU B 396 -14.47 4.99 19.11
C LEU B 396 -13.38 5.85 19.75
N GLN B 397 -12.44 5.23 20.46
CA GLN B 397 -11.32 5.96 21.04
C GLN B 397 -10.42 6.56 19.97
N THR B 398 -10.46 6.02 18.74
CA THR B 398 -9.75 6.60 17.60
C THR B 398 -10.34 7.93 17.15
N GLY B 399 -11.49 8.33 17.70
CA GLY B 399 -12.23 9.47 17.22
C GLY B 399 -13.24 9.15 16.13
N GLU B 400 -13.28 7.90 15.69
CA GLU B 400 -14.28 7.41 14.74
C GLU B 400 -15.67 7.85 15.16
N PRO B 401 -16.39 8.59 14.32
CA PRO B 401 -17.71 9.11 14.73
C PRO B 401 -18.72 8.00 14.94
N LEU B 402 -19.71 8.31 15.77
CA LEU B 402 -20.83 7.41 16.03
C LEU B 402 -21.92 7.67 14.99
N LEU B 403 -22.22 6.65 14.18
CA LEU B 403 -23.27 6.76 13.18
C LEU B 403 -24.65 6.84 13.84
N GLU B 404 -25.58 7.50 13.14
CA GLU B 404 -26.93 7.68 13.66
C GLU B 404 -27.60 6.33 13.90
N GLN B 405 -27.40 5.37 12.99
CA GLN B 405 -28.01 4.05 13.16
C GLN B 405 -27.41 3.33 14.35
N THR B 406 -26.09 3.40 14.51
CA THR B 406 -25.47 2.81 15.68
C THR B 406 -25.99 3.43 16.97
N ARG B 407 -26.25 4.74 16.94
CA ARG B 407 -26.77 5.42 18.12
C ARG B 407 -28.06 4.76 18.60
N TRP B 408 -28.98 4.42 17.68
CA TRP B 408 -30.23 3.79 18.10
C TRP B 408 -29.96 2.49 18.86
N ALA B 409 -28.99 1.71 18.39
CA ALA B 409 -28.76 0.38 18.93
C ALA B 409 -28.13 0.43 20.32
N ILE B 410 -27.35 1.47 20.63
CA ILE B 410 -26.67 1.53 21.92
C ILE B 410 -27.30 2.50 22.91
N GLU B 411 -28.27 3.33 22.49
CA GLU B 411 -28.92 4.22 23.44
C GLU B 411 -29.71 3.42 24.47
N GLY B 412 -29.49 3.71 25.75
CA GLY B 412 -30.18 3.07 26.84
C GLY B 412 -29.57 1.78 27.34
N ALA B 413 -28.46 1.34 26.75
CA ALA B 413 -27.82 0.10 27.18
C ALA B 413 -27.29 0.23 28.60
N GLU B 414 -27.67 -0.73 29.45
CA GLU B 414 -27.22 -0.79 30.83
C GLU B 414 -26.06 -1.77 31.00
N ASP B 415 -25.13 -1.44 31.90
CA ASP B 415 -24.06 -2.34 32.32
C ASP B 415 -24.63 -3.28 33.38
N LEU B 416 -25.06 -4.46 32.94
CA LEU B 416 -25.84 -5.34 33.82
C LEU B 416 -24.95 -5.95 34.90
N ASP B 417 -25.45 -5.90 36.13
CA ASP B 417 -24.92 -6.75 37.18
C ASP B 417 -25.33 -8.19 36.91
N MET B 418 -24.54 -9.13 37.44
CA MET B 418 -24.82 -10.55 37.25
C MET B 418 -26.28 -10.88 37.55
N HIS B 419 -26.83 -10.31 38.64
CA HIS B 419 -28.22 -10.55 38.99
C HIS B 419 -29.17 -9.97 37.96
N ASP B 420 -28.82 -8.82 37.36
CA ASP B 420 -29.67 -8.27 36.29
C ASP B 420 -29.68 -9.19 35.09
N GLN B 421 -28.52 -9.73 34.71
CA GLN B 421 -28.50 -10.70 33.62
C GLN B 421 -29.35 -11.92 33.96
N TRP B 422 -29.25 -12.41 35.20
CA TRP B 422 -30.08 -13.52 35.62
C TRP B 422 -31.57 -13.19 35.46
N TYR B 423 -31.97 -12.00 35.87
CA TYR B 423 -33.37 -11.59 35.73
C TYR B 423 -33.81 -11.62 34.28
N TRP B 424 -32.99 -11.10 33.39
CA TRP B 424 -33.43 -10.98 32.00
C TRP B 424 -33.24 -12.28 31.22
N ASN B 425 -32.28 -13.11 31.63
CA ASN B 425 -32.23 -14.46 31.08
C ASN B 425 -33.51 -15.23 31.40
N LEU B 426 -34.03 -15.08 32.62
CA LEU B 426 -35.30 -15.69 32.98
C LEU B 426 -36.45 -15.14 32.16
N GLN B 427 -36.46 -13.82 31.92
CA GLN B 427 -37.49 -13.25 31.05
C GLN B 427 -37.37 -13.84 29.65
N LYS B 428 -36.14 -14.02 29.17
CA LYS B 428 -35.92 -14.57 27.84
C LYS B 428 -36.43 -16.00 27.76
N GLN B 429 -36.07 -16.84 28.73
CA GLN B 429 -36.50 -18.22 28.68
C GLN B 429 -38.00 -18.35 28.89
N ALA B 430 -38.58 -17.51 29.75
CA ALA B 430 -40.02 -17.52 29.92
C ALA B 430 -40.73 -17.11 28.63
N TYR B 431 -40.28 -16.02 28.00
CA TYR B 431 -40.90 -15.61 26.74
C TYR B 431 -40.81 -16.71 25.70
N ARG B 432 -39.63 -17.31 25.55
CA ARG B 432 -39.48 -18.42 24.61
C ARG B 432 -40.46 -19.54 24.91
N LYS B 433 -40.61 -19.89 26.19
CA LYS B 433 -41.53 -20.94 26.58
C LYS B 433 -42.98 -20.52 26.34
N GLU B 434 -43.32 -19.28 26.72
CA GLU B 434 -44.66 -18.78 26.44
C GLU B 434 -44.96 -18.79 24.95
N PHE B 435 -43.99 -18.37 24.13
CA PHE B 435 -44.27 -18.28 22.70
C PHE B 435 -44.53 -19.65 22.11
N LEU B 436 -43.77 -20.65 22.56
CA LEU B 436 -43.99 -22.01 22.09
C LEU B 436 -45.43 -22.42 22.41
N LYS B 437 -45.91 -22.08 23.60
CA LYS B 437 -47.30 -22.34 23.96
C LYS B 437 -48.24 -21.64 23.00
N HIS B 438 -47.89 -20.42 22.62
CA HIS B 438 -48.69 -19.71 21.61
C HIS B 438 -48.70 -20.46 20.28
N TRP B 439 -47.52 -20.83 19.78
CA TRP B 439 -47.43 -21.55 18.51
C TRP B 439 -48.24 -22.84 18.53
N CYS B 440 -48.12 -23.62 19.61
CA CYS B 440 -48.85 -24.88 19.69
C CYS B 440 -50.35 -24.69 19.84
N SER B 441 -50.82 -23.51 20.25
CA SER B 441 -52.25 -23.24 20.30
C SER B 441 -52.89 -23.28 18.92
N TYR B 442 -52.09 -23.28 17.85
CA TYR B 442 -52.60 -23.39 16.49
C TYR B 442 -52.67 -24.82 15.99
N THR B 443 -52.26 -25.81 16.80
CA THR B 443 -52.44 -27.20 16.42
C THR B 443 -53.93 -27.52 16.23
N ASP B 444 -54.24 -28.33 15.22
CA ASP B 444 -55.62 -28.64 14.89
C ASP B 444 -56.16 -29.81 15.71
N ASN B 445 -57.40 -30.20 15.40
CA ASN B 445 -58.11 -31.21 16.20
C ASN B 445 -57.37 -32.55 16.18
N ASP B 446 -56.75 -32.89 15.06
CA ASP B 446 -56.02 -34.14 14.89
C ASP B 446 -54.59 -34.10 15.41
N GLY B 447 -54.13 -32.97 15.93
CA GLY B 447 -52.78 -32.89 16.46
C GLY B 447 -51.72 -32.52 15.44
N ASN B 448 -52.09 -31.91 14.32
CA ASN B 448 -51.11 -31.47 13.33
C ASN B 448 -50.63 -30.09 13.73
N VAL B 449 -49.33 -29.97 14.04
CA VAL B 449 -48.79 -28.68 14.45
C VAL B 449 -48.68 -27.76 13.23
N LEU B 450 -48.61 -26.46 13.51
CA LEU B 450 -48.22 -25.51 12.48
C LEU B 450 -46.83 -25.86 11.96
N ASP B 451 -46.72 -25.98 10.63
CA ASP B 451 -45.42 -26.30 10.05
C ASP B 451 -44.57 -25.07 9.84
N ALA B 452 -45.18 -23.92 9.51
CA ALA B 452 -44.41 -22.72 9.23
C ALA B 452 -45.34 -21.52 9.29
N VAL B 453 -44.74 -20.35 9.49
CA VAL B 453 -45.44 -19.08 9.46
C VAL B 453 -44.80 -18.18 8.40
N ILE B 454 -45.63 -17.45 7.67
CA ILE B 454 -45.20 -16.49 6.67
C ILE B 454 -45.39 -15.08 7.20
N ALA B 455 -44.31 -14.31 7.24
CA ALA B 455 -44.31 -13.01 7.89
C ALA B 455 -43.46 -12.03 7.08
N PRO B 456 -43.62 -10.73 7.31
CA PRO B 456 -42.69 -9.77 6.72
C PRO B 456 -41.31 -9.96 7.32
N VAL B 457 -40.31 -9.49 6.58
CA VAL B 457 -38.97 -9.35 7.14
C VAL B 457 -38.79 -7.95 7.72
N PHE B 458 -39.57 -6.99 7.26
CA PHE B 458 -39.45 -5.58 7.60
C PHE B 458 -40.79 -4.94 7.28
N PRO B 459 -41.14 -3.81 7.93
CA PRO B 459 -42.43 -3.18 7.63
C PRO B 459 -42.58 -2.67 6.21
N ASN B 460 -41.56 -2.84 5.38
CA ASN B 460 -41.55 -2.26 4.04
C ASN B 460 -40.48 -2.97 3.23
N VAL B 461 -40.43 -2.66 1.93
CA VAL B 461 -39.29 -3.03 1.10
C VAL B 461 -38.08 -2.24 1.57
N ALA B 462 -36.94 -2.41 0.89
CA ALA B 462 -35.69 -1.76 1.26
C ALA B 462 -35.90 -0.30 1.64
N ALA B 463 -35.47 0.07 2.85
CA ALA B 463 -35.74 1.38 3.39
C ALA B 463 -34.84 2.46 2.79
N LYS B 464 -35.29 3.70 2.93
CA LYS B 464 -34.42 4.85 2.72
C LYS B 464 -33.35 4.88 3.80
N HIS B 465 -32.21 5.50 3.48
CA HIS B 465 -31.09 5.51 4.41
C HIS B 465 -31.48 6.13 5.74
N GLU B 466 -30.98 5.52 6.83
CA GLU B 466 -31.17 6.01 8.20
C GLU B 466 -32.63 6.02 8.65
N THR B 467 -33.40 5.01 8.24
CA THR B 467 -34.79 4.92 8.69
C THR B 467 -35.17 3.55 9.24
N THR B 468 -34.21 2.65 9.46
CA THR B 468 -34.52 1.28 9.89
C THR B 468 -34.71 1.28 11.41
N LYS B 469 -35.82 1.89 11.81
CA LYS B 469 -36.11 2.21 13.21
C LYS B 469 -37.01 1.17 13.89
N TYR B 470 -37.19 0.00 13.27
CA TYR B 470 -38.01 -1.04 13.87
C TYR B 470 -37.45 -2.40 13.48
N TRP B 471 -37.16 -3.23 14.49
CA TRP B 471 -36.47 -4.49 14.26
C TRP B 471 -37.34 -5.72 14.42
N THR B 472 -38.50 -5.61 15.07
CA THR B 472 -39.18 -6.80 15.57
C THR B 472 -39.49 -7.81 14.47
N TYR B 473 -39.78 -7.34 13.26
CA TYR B 473 -40.13 -8.29 12.20
C TYR B 473 -38.98 -9.23 11.87
N THR B 474 -37.76 -8.92 12.28
CA THR B 474 -36.66 -9.89 12.27
C THR B 474 -36.16 -10.27 13.64
N SER B 475 -36.03 -9.32 14.57
CA SER B 475 -35.40 -9.64 15.85
C SER B 475 -36.27 -10.53 16.72
N GLN B 476 -37.60 -10.54 16.50
CA GLN B 476 -38.48 -11.50 17.16
C GLN B 476 -37.94 -12.92 17.06
N TRP B 477 -37.44 -13.31 15.89
CA TRP B 477 -36.98 -14.67 15.70
C TRP B 477 -35.54 -14.90 16.13
N ASN B 478 -34.79 -13.84 16.45
CA ASN B 478 -33.50 -14.02 17.11
C ASN B 478 -33.69 -14.26 18.60
N LEU B 479 -34.61 -13.54 19.23
CA LEU B 479 -34.93 -13.80 20.63
C LEU B 479 -35.39 -15.25 20.82
N LEU B 480 -36.17 -15.77 19.87
CA LEU B 480 -36.68 -17.12 19.94
C LEU B 480 -35.73 -18.16 19.34
N ASP B 481 -34.78 -17.72 18.52
CA ASP B 481 -33.85 -18.63 17.84
C ASP B 481 -34.61 -19.58 16.92
N TYR B 482 -35.63 -19.07 16.22
CA TYR B 482 -36.34 -19.88 15.23
C TYR B 482 -35.65 -19.75 13.87
N PRO B 483 -35.56 -20.82 13.08
CA PRO B 483 -35.02 -20.66 11.72
C PRO B 483 -36.01 -19.89 10.86
N VAL B 484 -35.48 -18.99 10.05
CA VAL B 484 -36.30 -18.15 9.20
C VAL B 484 -35.61 -18.06 7.85
N LEU B 485 -36.36 -18.28 6.77
CA LEU B 485 -35.83 -18.20 5.41
C LEU B 485 -36.52 -17.04 4.69
N ALA B 486 -35.76 -16.01 4.33
CA ALA B 486 -36.27 -14.94 3.49
C ALA B 486 -36.34 -15.43 2.06
N PHE B 487 -37.41 -15.05 1.34
CA PHE B 487 -37.62 -15.55 -0.01
C PHE B 487 -38.34 -14.50 -0.86
N PRO B 488 -38.13 -14.52 -2.18
CA PRO B 488 -38.75 -13.52 -3.04
C PRO B 488 -40.20 -13.83 -3.32
N VAL B 489 -40.98 -12.77 -3.56
CA VAL B 489 -42.38 -12.90 -3.94
C VAL B 489 -42.69 -12.04 -5.16
N THR B 490 -42.51 -10.73 -5.04
CA THR B 490 -42.94 -9.78 -6.05
C THR B 490 -42.09 -8.52 -5.98
N LYS B 491 -42.36 -7.60 -6.89
CA LYS B 491 -41.74 -6.29 -6.89
C LYS B 491 -42.81 -5.22 -6.69
N VAL B 492 -42.34 -4.02 -6.30
CA VAL B 492 -43.24 -2.89 -6.21
C VAL B 492 -43.90 -2.66 -7.57
N ASP B 493 -45.20 -2.44 -7.52
CA ASP B 493 -46.02 -2.14 -8.68
C ASP B 493 -46.66 -0.79 -8.40
N GLU B 494 -46.36 0.19 -9.26
CA GLU B 494 -46.72 1.57 -8.97
C GLU B 494 -48.23 1.75 -9.00
N SER B 495 -48.95 0.95 -9.78
CA SER B 495 -50.41 1.03 -9.78
C SER B 495 -51.00 0.38 -8.53
N LEU B 496 -50.51 -0.81 -8.17
CA LEU B 496 -51.09 -1.58 -7.08
C LEU B 496 -50.64 -1.13 -5.70
N ASP B 497 -49.49 -0.48 -5.58
CA ASP B 497 -48.88 -0.21 -4.28
C ASP B 497 -48.93 1.28 -3.92
N GLN B 498 -50.03 1.95 -4.23
CA GLN B 498 -50.19 3.33 -3.79
C GLN B 498 -50.38 3.37 -2.29
N PRO B 499 -50.04 4.49 -1.65
CA PRO B 499 -50.21 4.58 -0.19
C PRO B 499 -51.66 4.31 0.20
N TYR B 500 -51.84 3.75 1.39
CA TYR B 500 -53.19 3.52 1.90
C TYR B 500 -53.94 4.84 2.06
N LYS B 501 -55.21 4.82 1.70
CA LYS B 501 -56.02 6.02 1.84
C LYS B 501 -56.71 6.00 3.19
N ASN B 502 -56.90 7.18 3.77
CA ASN B 502 -57.59 7.33 5.05
C ASN B 502 -56.99 6.44 6.13
N TYR B 503 -55.67 6.28 6.11
CA TYR B 503 -54.98 5.45 7.09
C TYR B 503 -54.97 6.14 8.46
N LYS B 504 -55.19 5.34 9.51
CA LYS B 504 -55.09 5.80 10.90
C LYS B 504 -53.94 5.07 11.58
N PRO B 505 -52.83 5.74 11.89
CA PRO B 505 -51.69 5.04 12.49
C PRO B 505 -52.01 4.45 13.86
N LEU B 506 -51.27 3.39 14.20
CA LEU B 506 -51.46 2.72 15.50
C LEU B 506 -50.72 3.42 16.63
N ASN B 507 -49.62 4.12 16.34
CA ASN B 507 -48.82 4.81 17.34
C ASN B 507 -47.79 5.66 16.60
N ASP B 508 -46.97 6.38 17.36
CA ASP B 508 -46.01 7.31 16.76
C ASP B 508 -45.03 6.59 15.83
N LEU B 509 -44.60 5.39 16.22
CA LEU B 509 -43.65 4.67 15.38
C LEU B 509 -44.33 4.15 14.12
N ASP B 510 -45.60 3.74 14.23
CA ASP B 510 -46.38 3.35 13.06
C ASP B 510 -46.60 4.53 12.13
N LYS B 511 -46.85 5.71 12.70
CA LYS B 511 -46.98 6.94 11.91
C LYS B 511 -45.70 7.22 11.14
N TYR B 512 -44.55 7.08 11.81
CA TYR B 512 -43.26 7.30 11.15
C TYR B 512 -43.10 6.40 9.94
N PHE B 513 -43.42 5.11 10.09
CA PHE B 513 -43.24 4.21 8.95
C PHE B 513 -44.27 4.45 7.86
N TYR B 514 -45.48 4.87 8.23
CA TYR B 514 -46.47 5.22 7.23
C TYR B 514 -46.00 6.40 6.38
N GLU B 515 -45.50 7.44 7.03
CA GLU B 515 -45.01 8.61 6.29
C GLU B 515 -43.76 8.28 5.48
N GLN B 516 -42.98 7.29 5.90
CA GLN B 516 -41.81 6.89 5.11
C GLN B 516 -42.22 6.38 3.74
N TYR B 517 -43.37 5.71 3.66
CA TYR B 517 -43.84 5.19 2.37
C TYR B 517 -44.62 6.30 1.67
N ASP B 518 -43.88 7.27 1.12
CA ASP B 518 -44.51 8.43 0.53
C ASP B 518 -45.18 8.08 -0.81
N SER B 519 -44.53 7.29 -1.64
CA SER B 519 -45.14 6.80 -2.86
C SER B 519 -44.36 5.59 -3.35
N PRO B 520 -44.98 4.70 -4.14
CA PRO B 520 -44.24 3.58 -4.70
C PRO B 520 -43.04 3.99 -5.55
N SER B 521 -43.08 5.17 -6.17
CA SER B 521 -41.93 5.62 -6.99
C SER B 521 -40.67 5.83 -6.16
N SER B 522 -40.81 6.17 -4.89
CA SER B 522 -39.63 6.31 -4.05
C SER B 522 -38.91 4.99 -3.87
N PHE B 523 -39.59 3.87 -4.16
CA PHE B 523 -39.00 2.54 -4.02
C PHE B 523 -39.14 1.77 -5.32
N LYS B 524 -38.99 2.46 -6.44
CA LYS B 524 -39.20 1.82 -7.74
C LYS B 524 -38.25 0.65 -7.93
N ASN B 525 -38.78 -0.47 -8.43
CA ASN B 525 -38.04 -1.69 -8.73
C ASN B 525 -37.54 -2.42 -7.49
N ALA B 526 -38.06 -2.08 -6.30
CA ALA B 526 -37.59 -2.73 -5.06
C ALA B 526 -38.25 -4.09 -4.90
N PRO B 527 -37.48 -5.15 -4.68
CA PRO B 527 -38.09 -6.45 -4.40
C PRO B 527 -38.94 -6.39 -3.14
N ALA B 528 -40.11 -7.02 -3.19
CA ALA B 528 -40.93 -7.24 -2.01
C ALA B 528 -40.80 -8.71 -1.62
N ASN B 529 -40.02 -8.97 -0.57
CA ASN B 529 -39.81 -10.31 -0.07
C ASN B 529 -40.60 -10.55 1.20
N LEU B 530 -40.79 -11.82 1.52
CA LEU B 530 -41.31 -12.28 2.81
C LEU B 530 -40.32 -13.30 3.39
N CYS B 531 -40.73 -13.95 4.48
CA CYS B 531 -39.92 -14.99 5.09
C CYS B 531 -40.81 -16.11 5.61
N LEU B 532 -40.23 -17.30 5.72
CA LEU B 532 -40.88 -18.46 6.32
C LEU B 532 -40.27 -18.71 7.69
N VAL B 533 -41.12 -18.81 8.72
CA VAL B 533 -40.67 -19.04 10.09
C VAL B 533 -41.06 -20.45 10.51
N GLY B 534 -40.12 -21.17 11.13
CA GLY B 534 -40.39 -22.49 11.63
C GLY B 534 -39.91 -22.65 13.06
N LEU B 535 -40.39 -23.72 13.69
CA LEU B 535 -39.88 -24.10 15.00
C LEU B 535 -38.42 -24.53 14.89
N ARG B 536 -37.75 -24.56 16.03
CA ARG B 536 -36.32 -24.84 16.08
C ARG B 536 -35.99 -26.14 15.37
N PHE B 537 -34.97 -26.09 14.52
CA PHE B 537 -34.42 -27.22 13.78
C PHE B 537 -35.32 -27.72 12.66
N THR B 538 -36.36 -26.97 12.30
CA THR B 538 -37.21 -27.29 11.15
C THR B 538 -36.81 -26.50 9.90
N ASP B 539 -35.53 -26.12 9.79
CA ASP B 539 -35.03 -25.38 8.64
C ASP B 539 -35.49 -25.99 7.32
N GLU B 540 -35.45 -27.31 7.22
CA GLU B 540 -35.72 -27.97 5.96
C GLU B 540 -37.18 -27.82 5.52
N LYS B 541 -38.12 -27.81 6.48
CA LYS B 541 -39.49 -27.54 6.11
C LYS B 541 -39.61 -26.19 5.40
N LEU B 542 -38.85 -25.20 5.88
CA LEU B 542 -38.89 -23.87 5.28
C LEU B 542 -38.36 -23.91 3.86
N VAL B 543 -37.29 -24.67 3.62
CA VAL B 543 -36.78 -24.82 2.26
C VAL B 543 -37.82 -25.48 1.37
N GLU B 544 -38.46 -26.55 1.85
CA GLU B 544 -39.40 -27.26 0.99
C GLU B 544 -40.63 -26.41 0.65
N ILE B 545 -41.12 -25.65 1.62
CA ILE B 545 -42.29 -24.80 1.36
C ILE B 545 -41.92 -23.68 0.40
N ALA B 546 -40.71 -23.13 0.53
CA ALA B 546 -40.27 -22.11 -0.43
C ALA B 546 -40.17 -22.68 -1.82
N ASN B 547 -39.78 -23.95 -1.93
CA ASN B 547 -39.72 -24.63 -3.22
C ASN B 547 -41.07 -24.58 -3.91
N ILE B 548 -42.14 -24.86 -3.17
CA ILE B 548 -43.47 -24.87 -3.75
C ILE B 548 -43.88 -23.45 -4.13
N LEU B 549 -43.53 -22.47 -3.30
CA LEU B 549 -43.94 -21.09 -3.52
C LEU B 549 -43.30 -20.49 -4.76
N ARG B 550 -42.25 -21.09 -5.30
CA ARG B 550 -41.55 -20.61 -6.48
C ARG B 550 -41.83 -21.48 -7.68
N ASN B 551 -42.59 -22.53 -7.52
CA ASN B 551 -43.01 -23.51 -8.55
C ASN B 551 -42.01 -24.66 -8.63
N MET C 1 12.34 24.35 65.58
CA MET C 1 12.25 25.63 64.89
C MET C 1 13.59 26.34 64.78
N LEU C 2 13.77 27.08 63.68
CA LEU C 2 14.95 27.89 63.45
C LEU C 2 14.62 29.36 63.66
N THR C 3 15.65 30.15 63.99
CA THR C 3 15.50 31.58 64.20
C THR C 3 16.55 32.38 63.43
N ASP C 4 17.24 31.73 62.50
CA ASP C 4 18.14 32.41 61.58
C ASP C 4 17.36 33.38 60.69
N ASN C 5 18.07 34.30 60.05
CA ASN C 5 17.42 35.25 59.16
C ASN C 5 16.77 34.54 57.99
N TRP C 6 15.57 35.00 57.59
CA TRP C 6 14.79 34.27 56.60
C TRP C 6 15.43 34.35 55.22
N LYS C 7 16.16 35.43 54.94
CA LYS C 7 16.80 35.62 53.65
C LYS C 7 17.87 34.56 53.43
N GLU C 8 18.63 34.26 54.49
CA GLU C 8 19.59 33.15 54.43
C GLU C 8 18.88 31.82 54.22
N LEU C 9 17.75 31.60 54.91
CA LEU C 9 17.04 30.34 54.79
C LEU C 9 16.42 30.18 53.42
N ALA C 10 15.81 31.25 52.89
CA ALA C 10 15.31 31.21 51.51
C ALA C 10 16.40 30.80 50.54
N GLY C 11 17.62 31.30 50.75
CA GLY C 11 18.76 30.82 50.00
C GLY C 11 18.93 29.32 50.10
N LYS C 12 18.89 28.79 51.32
CA LYS C 12 19.07 27.35 51.49
C LYS C 12 17.94 26.58 50.80
N ALA C 13 16.71 27.09 50.82
CA ALA C 13 15.63 26.42 50.09
C ALA C 13 15.86 26.47 48.58
N GLN C 14 16.22 27.64 48.04
CA GLN C 14 16.47 27.73 46.60
C GLN C 14 17.60 26.80 46.18
N SER C 15 18.63 26.70 47.00
CA SER C 15 19.75 25.83 46.67
C SER C 15 19.31 24.38 46.61
N THR C 16 18.52 23.93 47.60
CA THR C 16 17.99 22.57 47.58
C THR C 16 17.20 22.30 46.31
N PHE C 17 16.32 23.24 45.92
CA PHE C 17 15.59 23.10 44.66
C PHE C 17 16.53 23.03 43.47
N GLN C 18 17.48 23.97 43.40
CA GLN C 18 18.36 24.05 42.24
C GLN C 18 19.25 22.82 42.12
N LYS C 19 19.74 22.28 43.25
CA LYS C 19 20.57 21.09 43.18
C LYS C 19 19.80 19.90 42.64
N SER C 20 18.53 19.78 43.03
CA SER C 20 17.70 18.69 42.53
C SER C 20 17.29 18.91 41.07
N LEU C 21 17.12 20.18 40.65
CA LEU C 21 16.84 20.49 39.25
C LEU C 21 18.00 20.07 38.35
N LYS C 22 19.23 20.39 38.77
CA LYS C 22 20.42 19.95 38.05
C LYS C 22 20.44 18.43 37.93
N GLN C 23 20.18 17.72 39.04
CA GLN C 23 20.15 16.26 38.97
C GLN C 23 18.99 15.76 38.13
N ALA C 24 17.85 16.47 38.15
CA ALA C 24 16.71 16.06 37.32
C ALA C 24 17.03 16.18 35.85
N ILE C 25 17.67 17.28 35.45
CA ILE C 25 18.05 17.46 34.05
C ILE C 25 19.03 16.39 33.61
N GLU C 26 19.97 16.03 34.49
CA GLU C 26 20.91 14.96 34.16
C GLU C 26 20.19 13.64 33.91
N LEU C 27 19.20 13.32 34.75
CA LEU C 27 18.45 12.09 34.59
C LEU C 27 17.63 12.10 33.29
N ALA C 28 16.99 13.23 32.98
CA ALA C 28 16.16 13.31 31.79
C ALA C 28 16.99 13.26 30.52
N ASP C 29 18.22 13.80 30.56
CA ASP C 29 19.18 13.70 29.47
C ASP C 29 18.62 14.30 28.18
N PHE C 30 18.32 15.60 28.25
CA PHE C 30 17.83 16.36 27.11
C PHE C 30 18.78 16.27 25.93
N ASP C 31 18.23 16.13 24.72
CA ASP C 31 19.09 16.47 23.59
C ASP C 31 19.16 17.98 23.42
N GLU C 32 20.14 18.44 22.63
CA GLU C 32 20.41 19.87 22.56
C GLU C 32 19.20 20.67 22.09
N GLY C 33 18.38 20.11 21.21
CA GLY C 33 17.17 20.81 20.79
C GLY C 33 16.23 21.11 21.94
N LEU C 34 16.01 20.13 22.82
CA LEU C 34 15.12 20.36 23.96
C LEU C 34 15.78 21.28 24.98
N ALA C 35 17.08 21.08 25.25
CA ALA C 35 17.79 21.98 26.15
C ALA C 35 17.67 23.42 25.69
N LYS C 36 17.72 23.65 24.37
CA LYS C 36 17.61 25.00 23.83
C LYS C 36 16.20 25.55 24.05
N ARG C 37 15.18 24.77 23.65
CA ARG C 37 13.82 25.26 23.79
C ARG C 37 13.46 25.44 25.26
N TYR C 38 13.91 24.51 26.12
CA TYR C 38 13.71 24.67 27.55
C TYR C 38 14.36 25.94 28.07
N GLY C 39 15.61 26.19 27.68
CA GLY C 39 16.32 27.39 28.10
C GLY C 39 15.61 28.69 27.77
N ALA C 40 14.88 28.71 26.66
CA ALA C 40 14.26 29.93 26.16
C ALA C 40 12.80 30.08 26.61
N LEU C 41 12.32 29.18 27.47
CA LEU C 41 10.95 29.27 27.94
C LEU C 41 10.82 30.41 28.96
N PRO C 42 9.71 31.14 28.93
CA PRO C 42 9.47 32.11 30.01
C PRO C 42 9.31 31.36 31.34
N SER C 43 9.99 31.87 32.36
CA SER C 43 10.06 31.20 33.65
C SER C 43 9.15 31.90 34.64
N ALA C 44 8.46 31.11 35.46
CA ALA C 44 7.74 31.61 36.62
C ALA C 44 8.59 31.55 37.88
N ILE C 45 9.83 31.11 37.74
CA ILE C 45 10.81 31.14 38.82
C ILE C 45 11.64 32.41 38.69
N GLY C 46 11.75 33.15 39.79
CA GLY C 46 12.57 34.35 39.81
C GLY C 46 13.97 34.07 40.35
N ALA C 47 14.74 35.15 40.46
CA ALA C 47 16.07 35.04 41.05
C ALA C 47 16.02 34.82 42.55
N ASN C 48 14.93 35.22 43.20
CA ASN C 48 14.74 34.99 44.63
C ASN C 48 13.25 34.80 44.87
N VAL C 49 12.92 34.35 46.08
CA VAL C 49 11.55 33.94 46.38
C VAL C 49 10.55 35.10 46.40
N GLU C 50 11.00 36.35 46.32
CA GLU C 50 10.04 37.43 46.19
C GLU C 50 9.90 37.95 44.76
N ASP C 51 10.73 37.46 43.84
CA ASP C 51 10.64 37.78 42.41
C ASP C 51 9.86 36.67 41.71
N PHE C 52 8.70 37.02 41.16
CA PHE C 52 7.76 36.04 40.63
C PHE C 52 7.91 35.78 39.13
N GLY C 53 9.00 36.25 38.52
CA GLY C 53 9.26 35.97 37.13
C GLY C 53 8.26 36.59 36.16
N SER C 54 8.21 35.99 34.97
CA SER C 54 7.38 36.47 33.87
C SER C 54 6.74 35.26 33.22
N PRO C 55 5.60 34.80 33.73
CA PRO C 55 5.03 33.53 33.26
C PRO C 55 4.49 33.66 31.84
N ALA C 56 4.46 32.51 31.15
CA ALA C 56 3.83 32.45 29.85
C ALA C 56 2.33 32.75 29.95
N GLN C 57 1.77 33.27 28.86
CA GLN C 57 0.33 33.51 28.82
C GLN C 57 -0.43 32.19 28.84
N PHE C 58 0.04 31.19 28.10
CA PHE C 58 -0.56 29.86 28.05
C PHE C 58 0.51 28.79 28.31
N PRO C 59 0.81 28.51 29.58
CA PRO C 59 1.90 27.58 29.88
C PRO C 59 1.73 26.19 29.27
N LEU C 60 0.49 25.67 29.19
CA LEU C 60 0.30 24.34 28.64
C LEU C 60 0.68 24.29 27.17
N GLU C 61 0.31 25.32 26.41
CA GLU C 61 0.73 25.42 25.01
C GLU C 61 2.25 25.42 24.89
N GLU C 62 2.92 26.16 25.77
CA GLU C 62 4.38 26.20 25.74
C GLU C 62 4.96 24.84 26.10
N TYR C 63 4.32 24.15 27.04
CA TYR C 63 4.75 22.81 27.43
C TYR C 63 4.59 21.82 26.29
N LEU C 64 3.42 21.82 25.64
CA LEU C 64 3.19 20.90 24.53
C LEU C 64 4.06 21.23 23.32
N LYS C 65 4.37 22.51 23.11
CA LYS C 65 5.28 22.90 22.04
C LYS C 65 6.72 22.47 22.35
N ALA C 66 7.15 22.64 23.59
CA ALA C 66 8.57 22.46 23.92
C ALA C 66 8.99 21.00 23.92
N LEU C 67 8.13 20.13 24.33
CA LEU C 67 8.57 18.76 24.58
C LEU C 67 8.49 17.90 23.32
N PRO C 68 9.39 16.94 23.17
CA PRO C 68 9.36 16.08 22.00
C PRO C 68 8.26 15.03 22.11
N LYS C 69 7.86 14.53 20.93
CA LYS C 69 6.85 13.47 20.88
C LYS C 69 7.28 12.24 21.68
N LYS C 70 8.58 11.99 21.75
CA LYS C 70 9.09 10.84 22.48
C LYS C 70 8.77 10.92 23.98
N VAL C 71 8.56 12.12 24.51
CA VAL C 71 8.15 12.27 25.91
C VAL C 71 6.64 12.30 26.03
N LEU C 72 5.99 13.14 25.21
CA LEU C 72 4.54 13.33 25.30
C LEU C 72 3.78 12.04 25.04
N ASP C 73 4.32 11.16 24.20
CA ASP C 73 3.67 9.88 23.92
C ASP C 73 3.47 9.06 25.19
N ILE C 74 4.24 9.35 26.23
CA ILE C 74 4.11 8.68 27.52
C ILE C 74 3.31 9.52 28.51
N THR C 75 3.68 10.80 28.65
CA THR C 75 3.06 11.64 29.68
C THR C 75 1.63 12.04 29.34
N GLU C 76 1.30 12.12 28.05
CA GLU C 76 -0.07 12.45 27.65
C GLU C 76 -0.99 11.23 27.68
N LYS C 77 -0.43 10.03 27.71
CA LYS C 77 -1.25 8.84 27.78
C LYS C 77 -1.93 8.73 29.14
N ASP C 78 -3.20 8.34 29.13
CA ASP C 78 -3.93 8.09 30.36
C ASP C 78 -3.14 7.10 31.23
N PRO C 79 -2.93 7.40 32.52
CA PRO C 79 -2.06 6.54 33.34
C PRO C 79 -2.53 5.09 33.46
N VAL C 80 -3.85 4.84 33.47
CA VAL C 80 -4.30 3.45 33.55
C VAL C 80 -3.91 2.69 32.29
N GLU C 81 -4.02 3.33 31.12
CA GLU C 81 -3.53 2.74 29.88
C GLU C 81 -2.01 2.57 29.90
N LEU C 82 -1.29 3.56 30.45
CA LEU C 82 0.17 3.41 30.56
C LEU C 82 0.54 2.23 31.45
N LEU C 83 -0.29 1.93 32.45
CA LEU C 83 -0.02 0.78 33.30
C LEU C 83 -0.03 -0.52 32.51
N LYS C 84 -0.89 -0.60 31.48
CA LYS C 84 -0.87 -1.77 30.59
C LYS C 84 0.46 -1.89 29.86
N ASP C 85 1.00 -0.76 29.36
CA ASP C 85 2.28 -0.81 28.65
C ASP C 85 3.42 -1.23 29.57
N LEU C 86 3.40 -0.73 30.82
CA LEU C 86 4.42 -1.16 31.78
C LEU C 86 4.26 -2.63 32.13
N LYS C 87 3.02 -3.12 32.18
CA LYS C 87 2.77 -4.52 32.55
C LYS C 87 3.19 -5.47 31.43
N SER C 88 2.85 -5.14 30.19
CA SER C 88 3.19 -5.95 29.03
C SER C 88 4.62 -5.72 28.51
N ARG C 89 5.39 -4.83 29.14
CA ARG C 89 6.76 -4.52 28.79
C ARG C 89 6.90 -3.77 27.47
N LYS C 90 5.85 -3.10 26.98
CA LYS C 90 6.10 -2.22 25.83
C LYS C 90 6.94 -1.00 26.20
N VAL C 91 7.08 -0.70 27.49
CA VAL C 91 7.87 0.42 27.96
C VAL C 91 8.44 0.04 29.32
N THR C 92 9.64 0.53 29.63
CA THR C 92 10.28 0.21 30.89
C THR C 92 9.94 1.27 31.94
N CYS C 93 10.07 0.88 33.21
CA CYS C 93 9.87 1.79 34.33
C CYS C 93 10.85 2.96 34.25
N VAL C 94 12.10 2.68 33.87
CA VAL C 94 13.08 3.75 33.74
C VAL C 94 12.71 4.66 32.58
N GLU C 95 12.18 4.10 31.49
CA GLU C 95 11.74 4.92 30.37
C GLU C 95 10.63 5.88 30.79
N VAL C 96 9.65 5.38 31.56
CA VAL C 96 8.56 6.22 32.01
C VAL C 96 9.07 7.30 32.96
N LEU C 97 10.03 6.95 33.82
CA LEU C 97 10.60 7.92 34.74
C LEU C 97 11.27 9.07 33.98
N LYS C 98 12.08 8.74 32.97
CA LYS C 98 12.76 9.77 32.21
C LYS C 98 11.78 10.72 31.55
N ALA C 99 10.71 10.19 30.95
CA ALA C 99 9.73 11.03 30.29
C ALA C 99 9.07 12.00 31.26
N TYR C 100 8.55 11.48 32.38
CA TYR C 100 7.86 12.32 33.34
C TYR C 100 8.79 13.27 34.04
N THR C 101 10.03 12.86 34.30
CA THR C 101 11.01 13.78 34.87
C THR C 101 11.23 14.97 33.95
N ALA C 102 11.44 14.70 32.65
CA ALA C 102 11.58 15.78 31.67
C ALA C 102 10.34 16.66 31.64
N ALA C 103 9.16 16.03 31.63
CA ALA C 103 7.91 16.80 31.65
C ALA C 103 7.84 17.72 32.87
N SER C 104 8.19 17.20 34.05
CA SER C 104 8.11 18.00 35.27
C SER C 104 9.10 19.15 35.26
N ILE C 105 10.27 18.97 34.64
CA ILE C 105 11.22 20.06 34.53
C ILE C 105 10.63 21.20 33.70
N VAL C 106 10.03 20.86 32.56
CA VAL C 106 9.36 21.86 31.74
C VAL C 106 8.20 22.48 32.50
N ALA C 107 7.43 21.66 33.23
CA ALA C 107 6.35 22.19 34.05
C ALA C 107 6.87 23.10 35.16
N SER C 108 7.98 22.70 35.81
CA SER C 108 8.55 23.51 36.88
C SER C 108 8.89 24.91 36.40
N LYS C 109 9.51 25.02 35.22
CA LYS C 109 9.93 26.34 34.77
C LYS C 109 8.73 27.20 34.39
N LEU C 110 7.70 26.59 33.78
CA LEU C 110 6.58 27.39 33.30
C LEU C 110 5.63 27.80 34.43
N THR C 111 5.39 26.91 35.40
CA THR C 111 4.38 27.17 36.41
C THR C 111 4.94 27.35 37.81
N ASN C 112 6.17 26.90 38.04
CA ASN C 112 6.83 26.95 39.37
C ASN C 112 6.09 26.06 40.38
N CYS C 113 5.90 24.80 39.99
CA CYS C 113 5.10 23.85 40.76
C CYS C 113 5.93 22.84 41.53
N VAL C 114 7.25 22.86 41.40
CA VAL C 114 8.13 21.87 42.00
C VAL C 114 8.94 22.51 43.12
N GLN C 115 8.92 21.89 44.30
CA GLN C 115 9.77 22.35 45.38
C GLN C 115 11.11 21.62 45.38
N GLU C 116 11.11 20.34 45.01
CA GLU C 116 12.32 19.53 45.03
C GLU C 116 12.09 18.30 44.18
N PHE C 117 13.00 18.04 43.25
CA PHE C 117 12.94 16.82 42.47
C PHE C 117 13.60 15.70 43.26
N LEU C 118 13.17 14.47 43.01
CA LEU C 118 13.69 13.29 43.71
C LEU C 118 14.32 12.31 42.72
N PRO C 119 15.29 12.76 41.92
CA PRO C 119 15.77 11.93 40.81
C PRO C 119 16.66 10.79 41.24
N ILE C 120 17.40 10.96 42.34
CA ILE C 120 18.28 9.91 42.84
C ILE C 120 17.45 8.71 43.29
N GLU C 121 16.56 8.93 44.25
CA GLU C 121 15.76 7.81 44.75
C GLU C 121 14.80 7.28 43.68
N ALA C 122 14.30 8.15 42.80
CA ALA C 122 13.36 7.71 41.78
C ALA C 122 14.03 6.76 40.79
N LEU C 123 15.28 7.03 40.42
CA LEU C 123 15.98 6.10 39.53
C LEU C 123 16.20 4.77 40.23
N GLN C 124 16.55 4.80 41.52
CA GLN C 124 16.70 3.55 42.28
C GLN C 124 15.38 2.79 42.34
N TYR C 125 14.27 3.49 42.54
CA TYR C 125 12.98 2.83 42.54
C TYR C 125 12.69 2.20 41.18
N ALA C 126 12.87 2.97 40.10
CA ALA C 126 12.50 2.50 38.77
C ALA C 126 13.42 1.40 38.27
N GLN C 127 14.72 1.50 38.56
CA GLN C 127 15.66 0.47 38.09
C GLN C 127 15.35 -0.89 38.72
N LYS C 128 15.24 -0.95 40.05
CA LYS C 128 14.92 -2.22 40.68
C LYS C 128 13.50 -2.65 40.39
N LEU C 129 12.60 -1.73 40.03
CA LEU C 129 11.29 -2.16 39.56
C LEU C 129 11.39 -2.87 38.22
N ASP C 130 12.31 -2.44 37.37
CA ASP C 130 12.57 -3.16 36.13
C ASP C 130 13.24 -4.50 36.41
N ALA C 131 14.24 -4.52 37.29
CA ALA C 131 14.93 -5.78 37.63
C ALA C 131 13.96 -6.80 38.21
N ASP C 132 13.01 -6.36 39.03
CA ASP C 132 12.03 -7.24 39.66
C ASP C 132 10.74 -7.36 38.84
N TYR C 133 10.82 -7.14 37.53
CA TYR C 133 9.62 -7.15 36.68
C TYR C 133 8.80 -8.41 36.87
N GLU C 134 9.46 -9.57 36.91
CA GLU C 134 8.72 -10.82 36.95
C GLU C 134 7.94 -11.00 38.26
N THR C 135 8.47 -10.50 39.37
CA THR C 135 7.80 -10.65 40.65
C THR C 135 6.81 -9.53 40.98
N LYS C 136 6.97 -8.34 40.38
CA LYS C 136 6.12 -7.21 40.75
C LYS C 136 5.20 -6.75 39.62
N LYS C 137 5.24 -7.40 38.47
CA LYS C 137 4.36 -7.03 37.36
C LYS C 137 2.88 -7.05 37.75
N HIS C 138 2.50 -7.87 38.72
CA HIS C 138 1.09 -8.02 39.09
C HIS C 138 0.55 -6.84 39.91
N LEU C 139 1.44 -6.00 40.43
CA LEU C 139 1.02 -4.94 41.34
C LEU C 139 0.13 -3.93 40.62
N PRO C 140 -0.88 -3.39 41.31
CA PRO C 140 -1.89 -2.57 40.62
C PRO C 140 -1.35 -1.26 40.06
N LEU C 141 -0.24 -0.75 40.58
CA LEU C 141 0.34 0.50 40.09
C LEU C 141 1.79 0.33 39.65
N TYR C 142 2.12 -0.86 39.13
CA TYR C 142 3.50 -1.19 38.81
C TYR C 142 4.12 -0.18 37.86
N GLY C 143 5.21 0.44 38.30
CA GLY C 143 6.02 1.27 37.44
C GLY C 143 5.61 2.72 37.36
N LEU C 144 4.54 3.13 38.04
CA LEU C 144 4.01 4.46 37.88
C LEU C 144 4.63 5.43 38.87
N PRO C 145 5.26 6.50 38.43
CA PRO C 145 5.71 7.53 39.38
C PRO C 145 4.55 8.44 39.75
N PHE C 146 4.71 9.17 40.84
CA PHE C 146 3.68 10.12 41.23
C PHE C 146 4.31 11.26 42.04
N SER C 147 3.55 12.35 42.17
CA SER C 147 3.99 13.53 42.90
C SER C 147 3.40 13.58 44.31
N ILE C 148 4.12 14.21 45.23
CA ILE C 148 3.65 14.39 46.60
C ILE C 148 3.84 15.85 47.04
N LYS C 149 2.80 16.42 47.64
CA LYS C 149 2.91 17.73 48.25
C LYS C 149 4.07 17.73 49.26
N GLU C 150 4.76 18.87 49.36
CA GLU C 150 5.96 18.96 50.20
C GLU C 150 5.65 18.61 51.65
N MET C 151 4.42 18.86 52.10
CA MET C 151 4.03 18.58 53.47
C MET C 151 4.06 17.09 53.81
N ILE C 152 4.20 16.23 52.81
CA ILE C 152 4.16 14.79 53.00
C ILE C 152 5.57 14.30 53.28
N PRO C 153 5.82 13.63 54.41
CA PRO C 153 7.18 13.22 54.76
C PRO C 153 7.75 12.20 53.77
N PHE C 154 9.01 12.40 53.41
CA PHE C 154 9.77 11.49 52.57
C PHE C 154 11.16 11.34 53.18
N VAL C 155 11.74 10.14 53.08
CA VAL C 155 12.94 9.83 53.86
C VAL C 155 14.05 10.80 53.52
N GLY C 156 14.68 11.35 54.57
CA GLY C 156 15.83 12.21 54.42
C GLY C 156 15.53 13.65 54.05
N ARG C 157 14.28 14.06 54.03
CA ARG C 157 13.94 15.41 53.60
C ARG C 157 13.39 16.25 54.77
N SER C 158 13.58 17.55 54.65
CA SER C 158 12.87 18.47 55.53
C SER C 158 11.40 18.53 55.12
N VAL C 159 10.53 18.69 56.11
CA VAL C 159 9.09 18.85 55.91
C VAL C 159 8.69 20.15 56.56
N THR C 160 8.33 21.14 55.75
CA THR C 160 8.23 22.53 56.15
C THR C 160 6.86 23.14 55.96
N HIS C 161 5.99 22.51 55.16
CA HIS C 161 4.77 23.12 54.64
C HIS C 161 5.01 24.57 54.25
N GLY C 162 6.18 24.85 53.67
CA GLY C 162 6.51 26.16 53.15
C GLY C 162 7.15 27.13 54.13
N SER C 163 7.26 26.77 55.41
CA SER C 163 7.81 27.66 56.42
C SER C 163 9.32 27.47 56.48
N LEU C 164 10.08 28.56 56.30
CA LEU C 164 11.53 28.48 56.28
C LEU C 164 12.10 28.03 57.61
N CYS C 165 11.41 28.34 58.72
CA CYS C 165 11.94 28.01 60.04
C CYS C 165 12.05 26.51 60.29
N TYR C 166 11.44 25.69 59.44
CA TYR C 166 11.45 24.23 59.61
C TYR C 166 12.41 23.53 58.66
N LEU C 167 13.38 24.25 58.11
CA LEU C 167 14.31 23.65 57.16
C LEU C 167 15.23 22.61 57.77
N ASP C 168 15.35 22.55 59.10
CA ASP C 168 16.14 21.54 59.79
C ASP C 168 15.28 20.41 60.33
N ARG C 169 14.00 20.38 59.98
CA ARG C 169 13.09 19.34 60.45
C ARG C 169 13.11 18.18 59.46
N ILE C 170 14.11 17.31 59.62
CA ILE C 170 14.37 16.20 58.70
C ILE C 170 13.74 14.93 59.26
N VAL C 171 13.05 14.18 58.40
CA VAL C 171 12.41 12.93 58.79
C VAL C 171 13.18 11.78 58.17
N ASP C 172 13.18 10.63 58.87
CA ASP C 172 13.83 9.42 58.37
C ASP C 172 12.81 8.36 57.96
N TYR C 173 11.60 8.79 57.59
CA TYR C 173 10.51 7.88 57.26
C TYR C 173 9.63 8.53 56.21
N ASN C 174 8.90 7.70 55.47
CA ASN C 174 7.86 8.18 54.57
C ASN C 174 6.51 8.17 55.25
N ALA C 175 5.59 8.98 54.71
CA ALA C 175 4.22 8.92 55.15
C ALA C 175 3.63 7.56 54.81
N ASP C 176 2.67 7.13 55.64
CA ASP C 176 2.08 5.80 55.47
C ASP C 176 1.58 5.59 54.05
N ILE C 177 0.83 6.57 53.51
CA ILE C 177 0.28 6.44 52.17
C ILE C 177 1.37 6.28 51.12
N VAL C 178 2.52 6.90 51.33
CA VAL C 178 3.62 6.74 50.39
C VAL C 178 4.12 5.31 50.40
N ASN C 179 4.35 4.76 51.58
CA ASN C 179 4.83 3.38 51.68
C ASN C 179 3.80 2.39 51.10
N ILE C 180 2.51 2.64 51.33
CA ILE C 180 1.49 1.75 50.77
C ILE C 180 1.55 1.78 49.24
N LEU C 181 1.63 2.98 48.67
CA LEU C 181 1.70 3.09 47.21
C LEU C 181 2.97 2.44 46.68
N ILE C 182 4.09 2.57 47.41
CA ILE C 182 5.32 1.90 47.00
C ILE C 182 5.15 0.39 47.06
N ALA C 183 4.46 -0.12 48.08
CA ALA C 183 4.20 -1.55 48.16
C ALA C 183 3.35 -2.04 46.99
N ASN C 184 2.68 -1.14 46.29
CA ASN C 184 1.83 -1.49 45.17
C ASN C 184 2.42 -1.10 43.81
N GLY C 185 3.74 -0.88 43.76
CA GLY C 185 4.44 -0.70 42.51
C GLY C 185 4.69 0.73 42.09
N ALA C 186 4.23 1.71 42.88
CA ALA C 186 4.43 3.11 42.57
C ALA C 186 5.61 3.65 43.34
N TYR C 187 5.97 4.90 43.05
CA TYR C 187 7.07 5.57 43.74
C TYR C 187 6.97 7.06 43.50
N PRO C 188 7.30 7.90 44.48
CA PRO C 188 7.30 9.33 44.24
C PRO C 188 8.58 9.78 43.52
N PHE C 189 8.44 10.77 42.64
CA PHE C 189 9.59 11.28 41.93
C PHE C 189 9.80 12.78 42.07
N VAL C 190 8.85 13.52 42.66
CA VAL C 190 8.95 14.97 42.77
C VAL C 190 8.07 15.43 43.91
N ARG C 191 8.51 16.49 44.60
CA ARG C 191 7.77 17.15 45.67
C ARG C 191 7.24 18.49 45.17
N THR C 192 5.95 18.74 45.35
CA THR C 192 5.30 19.93 44.82
C THR C 192 5.19 21.03 45.86
N THR C 193 5.01 22.26 45.36
CA THR C 193 5.03 23.45 46.19
C THR C 193 3.75 23.60 47.00
N ASN C 194 3.89 24.25 48.16
CA ASN C 194 2.81 24.52 49.14
C ASN C 194 3.04 25.93 49.69
N PRO C 195 1.98 26.68 50.01
CA PRO C 195 2.14 28.06 50.44
C PRO C 195 2.33 28.21 51.94
N GLN C 196 2.61 29.44 52.34
CA GLN C 196 2.75 29.78 53.75
C GLN C 196 1.47 29.49 54.52
N SER C 197 1.62 28.85 55.68
CA SER C 197 0.53 28.51 56.60
C SER C 197 -0.42 27.43 56.08
N LEU C 198 -0.35 27.09 54.79
CA LEU C 198 -1.22 26.13 54.13
C LEU C 198 -2.67 26.61 54.07
N MET C 199 -3.01 27.74 54.67
CA MET C 199 -4.38 28.25 54.79
C MET C 199 -4.63 29.36 53.78
N MET C 200 -4.25 29.05 52.56
CA MET C 200 -4.41 29.91 51.41
C MET C 200 -4.94 29.10 50.24
N LEU C 201 -5.90 29.66 49.49
CA LEU C 201 -6.32 29.05 48.22
C LEU C 201 -5.46 29.53 47.06
N GLU C 202 -4.19 29.81 47.32
CA GLU C 202 -3.22 30.16 46.29
C GLU C 202 -1.92 29.47 46.70
N CYS C 203 -0.82 29.77 46.01
CA CYS C 203 0.40 29.02 46.30
C CYS C 203 1.60 29.97 46.27
N VAL C 204 1.74 30.74 47.35
CA VAL C 204 2.87 31.64 47.53
C VAL C 204 3.55 31.30 48.85
N SER C 205 4.87 31.10 48.81
CA SER C 205 5.64 30.88 50.02
C SER C 205 7.04 31.44 49.81
N PHE C 206 7.77 31.60 50.91
CA PHE C 206 9.14 32.07 50.86
C PHE C 206 10.13 30.92 50.73
N SER C 207 9.64 29.73 50.40
CA SER C 207 10.47 28.61 50.03
C SER C 207 10.55 28.41 48.53
N HIS C 208 9.61 28.97 47.77
CA HIS C 208 9.54 28.68 46.34
C HIS C 208 9.13 29.86 45.47
N GLY C 209 8.54 30.92 46.01
CA GLY C 209 8.05 32.02 45.20
C GLY C 209 6.54 31.91 44.98
N ARG C 210 6.13 31.95 43.71
CA ARG C 210 4.72 31.92 43.35
C ARG C 210 4.47 30.84 42.30
N THR C 211 3.43 30.05 42.52
CA THR C 211 2.98 29.03 41.56
C THR C 211 1.80 29.55 40.76
N VAL C 212 1.80 29.31 39.45
CA VAL C 212 0.79 29.88 38.57
C VAL C 212 -0.01 28.77 37.88
N ASN C 213 -1.12 29.19 37.27
CA ASN C 213 -2.05 28.28 36.64
C ASN C 213 -1.45 27.63 35.40
N ALA C 214 -1.83 26.37 35.15
CA ALA C 214 -1.30 25.66 33.98
C ALA C 214 -1.91 26.17 32.68
N TYR C 215 -3.11 26.76 32.74
CA TYR C 215 -3.79 27.20 31.53
C TYR C 215 -3.67 28.69 31.27
N ASN C 216 -3.42 29.50 32.29
CA ASN C 216 -3.26 30.93 32.09
C ASN C 216 -2.27 31.44 33.13
N GLY C 217 -1.09 31.85 32.68
CA GLY C 217 0.00 32.17 33.58
C GLY C 217 -0.18 33.43 34.39
N MET C 218 -1.24 34.21 34.15
CA MET C 218 -1.51 35.38 34.97
C MET C 218 -2.35 35.05 36.20
N LEU C 219 -2.87 33.83 36.28
CA LEU C 219 -3.77 33.42 37.35
C LEU C 219 -3.09 32.46 38.32
N THR C 220 -3.70 32.31 39.48
CA THR C 220 -3.17 31.43 40.50
C THR C 220 -3.31 29.96 40.11
N SER C 221 -2.41 29.13 40.64
CA SER C 221 -2.61 27.70 40.54
C SER C 221 -3.71 27.25 41.48
N GLY C 222 -4.00 28.04 42.50
CA GLY C 222 -4.81 27.60 43.60
C GLY C 222 -3.94 27.08 44.73
N GLY C 223 -4.62 26.68 45.80
CA GLY C 223 -3.93 26.16 46.97
C GLY C 223 -4.96 25.52 47.88
N SER C 224 -4.46 24.88 48.94
CA SER C 224 -3.05 24.80 49.30
C SER C 224 -2.15 23.85 48.49
N SER C 225 -2.73 22.86 47.79
CA SER C 225 -1.93 21.94 46.98
C SER C 225 -1.69 22.52 45.58
N GLY C 226 -1.10 23.71 45.53
CA GLY C 226 -0.98 24.41 44.27
C GLY C 226 -0.01 23.76 43.29
N GLY C 227 1.16 23.35 43.79
CA GLY C 227 2.10 22.63 42.94
C GLY C 227 1.49 21.39 42.31
N GLU C 228 0.70 20.64 43.08
CA GLU C 228 0.02 19.46 42.56
C GLU C 228 -0.97 19.83 41.48
N GLY C 229 -1.74 20.91 41.69
CA GLY C 229 -2.70 21.33 40.68
C GLY C 229 -2.01 21.76 39.38
N ALA C 230 -0.95 22.55 39.51
CA ALA C 230 -0.21 22.98 38.32
C ALA C 230 0.48 21.80 37.64
N LEU C 231 1.19 20.98 38.42
CA LEU C 231 1.95 19.89 37.82
C LEU C 231 1.02 18.89 37.11
N ASN C 232 -0.08 18.53 37.73
CA ASN C 232 -1.00 17.57 37.11
C ASN C 232 -1.92 18.22 36.10
N GLY C 233 -2.15 19.53 36.19
CA GLY C 233 -2.85 20.21 35.10
C GLY C 233 -2.03 20.21 33.83
N MET C 234 -0.70 20.32 33.94
CA MET C 234 0.21 20.22 32.82
C MET C 234 0.45 18.78 32.37
N ARG C 235 -0.17 17.80 33.01
CA ARG C 235 0.04 16.38 32.73
C ARG C 235 1.52 16.01 32.81
N ALA C 236 2.23 16.62 33.75
CA ALA C 236 3.63 16.32 34.01
C ALA C 236 3.79 15.36 35.20
N SER C 237 2.70 14.73 35.65
CA SER C 237 2.67 13.69 36.66
C SER C 237 1.47 12.81 36.36
N PRO C 238 1.57 11.50 36.60
CA PRO C 238 0.37 10.67 36.45
C PRO C 238 -0.72 11.04 37.44
N PHE C 239 -0.34 11.22 38.71
CA PHE C 239 -1.26 11.70 39.72
C PHE C 239 -0.43 12.26 40.85
N GLY C 240 -1.10 12.96 41.77
CA GLY C 240 -0.42 13.48 42.92
C GLY C 240 -1.26 13.37 44.17
N LEU C 241 -0.59 13.53 45.30
CA LEU C 241 -1.22 13.59 46.61
C LEU C 241 -1.15 15.01 47.16
N GLY C 242 -2.31 15.54 47.55
CA GLY C 242 -2.41 16.79 48.28
C GLY C 242 -3.05 16.63 49.64
N SER C 243 -3.46 17.75 50.24
CA SER C 243 -4.22 17.75 51.48
C SER C 243 -5.34 18.77 51.33
N ASP C 244 -6.39 18.61 52.12
CA ASP C 244 -7.56 19.48 51.96
C ASP C 244 -8.19 19.70 53.33
N ILE C 245 -8.01 20.89 53.88
CA ILE C 245 -8.70 21.29 55.10
C ILE C 245 -9.64 22.47 54.87
N GLY C 246 -9.50 23.20 53.76
CA GLY C 246 -10.38 24.30 53.45
C GLY C 246 -10.62 24.43 51.97
N GLY C 247 -10.26 23.39 51.21
CA GLY C 247 -10.40 23.41 49.77
C GLY C 247 -9.10 23.14 49.06
N SER C 248 -8.11 22.71 49.84
CA SER C 248 -6.74 22.71 49.38
C SER C 248 -6.42 21.59 48.39
N ILE C 249 -7.36 20.68 48.10
CA ILE C 249 -7.23 19.73 47.00
C ILE C 249 -8.10 20.11 45.82
N ARG C 250 -9.35 20.51 46.09
CA ARG C 250 -10.31 20.74 45.02
C ARG C 250 -10.06 22.07 44.30
N CYS C 251 -9.65 23.09 45.03
CA CYS C 251 -9.34 24.36 44.36
C CYS C 251 -8.19 24.23 43.37
N PRO C 252 -7.04 23.63 43.71
CA PRO C 252 -6.03 23.39 42.66
C PRO C 252 -6.56 22.56 41.51
N ALA C 253 -7.29 21.49 41.81
CA ALA C 253 -7.82 20.62 40.74
C ALA C 253 -8.78 21.38 39.82
N ALA C 254 -9.67 22.19 40.40
CA ALA C 254 -10.65 22.91 39.58
C ALA C 254 -9.99 24.01 38.77
N PHE C 255 -9.03 24.72 39.36
CA PHE C 255 -8.38 25.83 38.67
C PHE C 255 -7.57 25.34 37.48
N ASN C 256 -7.09 24.11 37.53
CA ASN C 256 -6.24 23.55 36.49
C ASN C 256 -6.95 22.49 35.64
N GLY C 257 -8.28 22.43 35.73
CA GLY C 257 -9.07 21.60 34.82
C GLY C 257 -8.83 20.11 34.90
N ILE C 258 -8.60 19.59 36.12
CA ILE C 258 -8.38 18.16 36.29
C ILE C 258 -9.32 17.63 37.37
N TYR C 259 -9.08 16.39 37.79
CA TYR C 259 -9.85 15.74 38.84
C TYR C 259 -9.10 15.84 40.16
N GLY C 260 -9.86 16.00 41.25
CA GLY C 260 -9.31 16.02 42.59
C GLY C 260 -10.33 15.58 43.62
N LEU C 261 -9.97 14.63 44.48
CA LEU C 261 -10.91 14.05 45.44
C LEU C 261 -10.56 14.46 46.87
N ARG C 262 -11.44 15.23 47.49
CA ARG C 262 -11.43 15.38 48.95
C ARG C 262 -12.13 14.16 49.52
N SER C 263 -11.37 13.15 49.92
CA SER C 263 -11.94 11.91 50.40
C SER C 263 -12.45 12.05 51.83
N THR C 264 -13.42 11.20 52.20
CA THR C 264 -13.98 11.21 53.55
C THR C 264 -12.90 10.89 54.58
N LEU C 265 -12.91 11.65 55.67
CA LEU C 265 -11.96 11.45 56.76
C LEU C 265 -12.07 10.04 57.30
N GLY C 266 -10.94 9.35 57.37
CA GLY C 266 -10.88 8.01 57.90
C GLY C 266 -10.82 6.90 56.87
N ARG C 267 -10.72 7.22 55.58
CA ARG C 267 -10.57 6.15 54.61
C ARG C 267 -9.10 5.90 54.27
N ILE C 268 -8.33 6.97 54.09
CA ILE C 268 -6.92 6.86 53.67
C ILE C 268 -6.06 7.69 54.63
N PRO C 269 -4.84 7.23 54.92
CA PRO C 269 -4.03 7.87 55.98
C PRO C 269 -3.43 9.22 55.57
N THR C 270 -3.61 10.21 56.44
CA THR C 270 -3.04 11.53 56.26
C THR C 270 -2.43 12.13 57.51
N ALA C 271 -2.63 11.54 58.69
CA ALA C 271 -2.28 12.22 59.94
C ALA C 271 -0.77 12.43 60.07
N ASP C 272 0.04 11.60 59.43
CA ASP C 272 1.49 11.77 59.52
C ASP C 272 2.02 12.89 58.63
N TYR C 273 1.16 13.56 57.85
CA TYR C 273 1.56 14.80 57.19
C TYR C 273 1.93 15.85 58.24
N PHE C 274 2.64 16.88 57.79
CA PHE C 274 3.01 18.01 58.62
C PHE C 274 2.24 19.25 58.19
N SER C 275 1.75 20.00 59.18
CA SER C 275 1.09 21.28 58.94
C SER C 275 1.32 22.15 60.17
N CYS C 276 0.69 23.33 60.19
CA CYS C 276 0.58 24.09 61.42
C CYS C 276 -0.46 23.45 62.34
N ASN C 277 -0.44 23.86 63.61
CA ASN C 277 -1.44 23.43 64.59
C ASN C 277 -1.42 21.92 64.77
N ARG C 278 -0.22 21.35 64.91
CA ARG C 278 -0.11 19.91 65.11
C ARG C 278 -0.68 19.53 66.46
N GLY C 279 -1.55 18.52 66.45
CA GLY C 279 -2.32 18.13 67.61
C GLY C 279 -3.72 18.74 67.67
N SER C 280 -4.00 19.74 66.84
CA SER C 280 -5.36 20.27 66.77
C SER C 280 -6.27 19.26 66.08
N GLU C 281 -7.39 18.94 66.74
CA GLU C 281 -8.30 17.93 66.23
C GLU C 281 -9.72 18.44 65.99
N SER C 282 -10.02 19.70 66.31
CA SER C 282 -11.38 20.20 66.16
C SER C 282 -11.87 20.10 64.72
N ILE C 283 -11.02 20.48 63.75
CA ILE C 283 -11.26 20.28 62.32
C ILE C 283 -10.03 19.60 61.76
N LEU C 284 -10.22 18.44 61.12
CA LEU C 284 -9.12 17.62 60.63
C LEU C 284 -9.04 17.69 59.10
N SER C 285 -7.81 17.78 58.60
CA SER C 285 -7.56 17.70 57.18
C SER C 285 -7.67 16.28 56.67
N VAL C 286 -7.88 16.15 55.35
CA VAL C 286 -7.82 14.89 54.65
C VAL C 286 -6.89 15.03 53.46
N THR C 287 -6.49 13.89 52.89
CA THR C 287 -5.70 13.80 51.67
C THR C 287 -6.55 13.11 50.60
N GLY C 288 -5.94 12.89 49.43
CA GLY C 288 -6.61 12.38 48.26
C GLY C 288 -5.85 12.74 46.99
N PRO C 289 -6.12 12.02 45.89
CA PRO C 289 -5.33 12.24 44.67
C PRO C 289 -5.86 13.34 43.76
N LEU C 290 -4.91 13.97 43.06
CA LEU C 290 -5.21 14.86 41.96
C LEU C 290 -4.64 14.25 40.68
N SER C 291 -5.43 14.27 39.61
CA SER C 291 -4.97 13.70 38.35
C SER C 291 -5.82 14.20 37.20
N ARG C 292 -5.21 14.24 36.02
CA ARG C 292 -5.94 14.45 34.78
C ARG C 292 -6.99 13.37 34.55
N SER C 293 -6.82 12.19 35.13
CA SER C 293 -7.56 10.99 34.76
C SER C 293 -8.43 10.54 35.93
N LEU C 294 -9.76 10.56 35.73
CA LEU C 294 -10.67 10.02 36.74
C LEU C 294 -10.34 8.56 37.04
N ASP C 295 -10.05 7.77 36.00
CA ASP C 295 -9.66 6.37 36.20
C ASP C 295 -8.45 6.26 37.12
N THR C 296 -7.55 7.25 37.09
CA THR C 296 -6.37 7.18 37.94
C THR C 296 -6.71 7.55 39.38
N VAL C 297 -7.57 8.55 39.58
CA VAL C 297 -8.04 8.86 40.94
C VAL C 297 -8.70 7.63 41.54
N ASN C 298 -9.59 7.00 40.77
CA ASN C 298 -10.30 5.82 41.26
C ASN C 298 -9.33 4.68 41.59
N LEU C 299 -8.31 4.48 40.73
CA LEU C 299 -7.38 3.38 40.96
C LEU C 299 -6.50 3.63 42.18
N VAL C 300 -6.11 4.89 42.41
CA VAL C 300 -5.30 5.21 43.58
C VAL C 300 -6.10 4.97 44.86
N MET C 301 -7.34 5.46 44.90
CA MET C 301 -8.21 5.18 46.04
C MET C 301 -8.38 3.68 46.25
N LYS C 302 -8.74 2.96 45.19
CA LYS C 302 -8.91 1.52 45.25
C LYS C 302 -7.64 0.83 45.75
N THR C 303 -6.48 1.28 45.28
CA THR C 303 -5.23 0.61 45.66
C THR C 303 -4.92 0.78 47.15
N VAL C 304 -5.01 2.01 47.65
CA VAL C 304 -4.63 2.26 49.03
C VAL C 304 -5.59 1.56 49.98
N ILE C 305 -6.90 1.66 49.72
CA ILE C 305 -7.87 1.08 50.65
C ILE C 305 -7.80 -0.44 50.64
N GLU C 306 -7.60 -1.06 49.47
CA GLU C 306 -7.49 -2.51 49.46
C GLU C 306 -6.23 -3.00 50.13
N ALA C 307 -5.30 -2.12 50.48
CA ALA C 307 -4.15 -2.51 51.27
C ALA C 307 -4.47 -2.51 52.76
N LYS C 308 -5.72 -2.25 53.14
CA LYS C 308 -6.18 -2.25 54.53
C LYS C 308 -5.34 -1.32 55.40
N PRO C 309 -5.33 -0.01 55.13
CA PRO C 309 -4.48 0.90 55.91
C PRO C 309 -4.91 1.04 57.36
N TRP C 310 -6.11 0.59 57.73
CA TRP C 310 -6.50 0.65 59.14
C TRP C 310 -5.68 -0.28 60.03
N LEU C 311 -4.88 -1.17 59.45
CA LEU C 311 -3.95 -1.97 60.23
C LEU C 311 -2.61 -1.27 60.46
N ILE C 312 -2.44 -0.06 59.94
CA ILE C 312 -1.29 0.77 60.29
C ILE C 312 -1.72 2.08 60.94
N ASP C 313 -2.82 2.70 60.47
CA ASP C 313 -3.36 3.94 61.02
C ASP C 313 -4.70 3.66 61.68
N PRO C 314 -4.82 3.68 63.00
CA PRO C 314 -6.08 3.27 63.65
C PRO C 314 -7.19 4.30 63.60
N THR C 315 -6.99 5.50 63.02
CA THR C 315 -8.10 6.43 62.87
C THR C 315 -8.99 6.06 61.70
N LEU C 316 -8.63 5.02 60.94
CA LEU C 316 -9.26 4.69 59.68
C LEU C 316 -10.31 3.59 59.87
N VAL C 317 -11.28 3.57 58.97
CA VAL C 317 -12.39 2.61 59.05
C VAL C 317 -12.21 1.51 58.00
N PRO C 318 -12.47 0.24 58.36
CA PRO C 318 -12.36 -0.89 57.40
C PRO C 318 -13.58 -0.98 56.48
N LEU C 319 -13.72 0.01 55.62
CA LEU C 319 -14.84 0.11 54.70
C LEU C 319 -14.30 -0.04 53.28
N ASP C 320 -14.74 -1.10 52.57
CA ASP C 320 -14.21 -1.39 51.25
C ASP C 320 -14.47 -0.26 50.27
N TRP C 321 -13.56 -0.13 49.30
CA TRP C 321 -13.76 0.72 48.14
C TRP C 321 -14.58 -0.05 47.11
N LYS C 322 -15.85 0.32 46.96
CA LYS C 322 -16.82 -0.47 46.22
C LYS C 322 -17.56 0.38 45.19
N ARG C 323 -17.61 -0.10 43.97
CA ARG C 323 -18.44 0.54 42.96
C ARG C 323 -19.88 0.55 43.44
N PRO C 324 -20.59 1.67 43.35
CA PRO C 324 -21.99 1.67 43.80
C PRO C 324 -22.82 0.88 42.81
N GLU C 325 -23.86 0.22 43.33
CA GLU C 325 -24.69 -0.61 42.48
C GLU C 325 -25.91 0.12 41.95
N ASN C 326 -26.13 1.35 42.41
CA ASN C 326 -27.29 2.10 41.98
C ASN C 326 -27.20 2.36 40.48
N LYS C 327 -28.32 2.13 39.80
CA LYS C 327 -28.41 2.52 38.40
C LYS C 327 -29.23 3.79 38.23
N LYS C 328 -30.09 4.10 39.19
CA LYS C 328 -30.83 5.34 39.17
C LYS C 328 -30.12 6.30 40.12
N PHE C 329 -30.24 7.59 39.85
CA PHE C 329 -29.59 8.58 40.69
C PHE C 329 -30.49 9.77 40.91
N ARG C 330 -30.46 10.28 42.14
CA ARG C 330 -31.06 11.57 42.47
C ARG C 330 -29.94 12.55 42.78
N VAL C 331 -29.93 13.67 42.07
CA VAL C 331 -28.84 14.64 42.14
C VAL C 331 -29.44 16.04 42.26
N GLY C 332 -28.91 16.82 43.19
CA GLY C 332 -29.30 18.20 43.35
C GLY C 332 -28.30 19.15 42.71
N ILE C 333 -28.80 20.29 42.23
CA ILE C 333 -27.96 21.32 41.65
C ILE C 333 -27.90 22.51 42.61
N TYR C 334 -26.70 22.81 43.10
CA TYR C 334 -26.44 23.90 44.03
C TYR C 334 -25.94 25.09 43.21
N VAL C 335 -26.87 25.94 42.78
CA VAL C 335 -26.51 27.03 41.87
C VAL C 335 -25.80 28.16 42.61
N SER C 336 -26.13 28.39 43.88
CA SER C 336 -25.55 29.47 44.65
C SER C 336 -25.90 29.28 46.11
N ASP C 337 -25.02 29.77 46.99
CA ASP C 337 -25.33 29.86 48.41
C ASP C 337 -26.02 31.18 48.76
N HIS C 338 -26.22 32.04 47.76
CA HIS C 338 -26.91 33.33 47.92
C HIS C 338 -26.13 34.26 48.86
N ILE C 339 -24.82 34.08 48.92
CA ILE C 339 -23.91 35.02 49.56
C ILE C 339 -22.94 35.60 48.56
N VAL C 340 -22.34 34.75 47.73
CA VAL C 340 -21.50 35.18 46.61
C VAL C 340 -21.91 34.36 45.39
N ASN C 341 -22.50 35.03 44.38
CA ASN C 341 -22.93 34.31 43.19
C ASN C 341 -21.75 33.97 42.29
N PRO C 342 -21.81 32.81 41.62
CA PRO C 342 -20.71 32.44 40.72
C PRO C 342 -20.69 33.32 39.49
N SER C 343 -19.50 33.46 38.91
CA SER C 343 -19.29 34.22 37.70
C SER C 343 -19.89 33.47 36.51
N PRO C 344 -20.06 34.14 35.36
CA PRO C 344 -20.72 33.52 34.19
C PRO C 344 -20.15 32.15 33.82
N PRO C 345 -18.82 31.98 33.75
CA PRO C 345 -18.31 30.65 33.34
C PRO C 345 -18.74 29.51 34.25
N ILE C 346 -18.80 29.76 35.56
CA ILE C 346 -19.28 28.73 36.48
C ILE C 346 -20.78 28.50 36.28
N ASN C 347 -21.54 29.53 36.02
CA ASN C 347 -22.97 29.34 35.82
C ASN C 347 -23.26 28.61 34.53
N ARG C 348 -22.46 28.84 33.50
CA ARG C 348 -22.67 28.08 32.28
C ARG C 348 -22.35 26.62 32.50
N ALA C 349 -21.29 26.33 33.27
CA ALA C 349 -20.93 24.96 33.58
C ALA C 349 -22.05 24.25 34.32
N LEU C 350 -22.70 24.94 35.26
CA LEU C 350 -23.83 24.32 35.98
C LEU C 350 -24.96 24.00 35.03
N SER C 351 -25.25 24.88 34.08
CA SER C 351 -26.32 24.63 33.12
C SER C 351 -25.98 23.46 32.21
N MET C 352 -24.75 23.42 31.70
CA MET C 352 -24.30 22.33 30.86
C MET C 352 -24.49 20.99 31.56
N VAL C 353 -24.06 20.91 32.81
CA VAL C 353 -24.12 19.66 33.56
C VAL C 353 -25.57 19.34 33.94
N THR C 354 -26.36 20.36 34.23
CA THR C 354 -27.78 20.15 34.48
C THR C 354 -28.45 19.54 33.25
N GLU C 355 -28.19 20.12 32.07
CA GLU C 355 -28.82 19.65 30.85
C GLU C 355 -28.40 18.23 30.51
N LYS C 356 -27.14 17.89 30.74
CA LYS C 356 -26.68 16.55 30.41
C LYS C 356 -27.30 15.50 31.33
N LEU C 357 -27.43 15.79 32.62
CA LEU C 357 -28.04 14.83 33.53
C LEU C 357 -29.52 14.66 33.26
N LYS C 358 -30.22 15.75 32.92
CA LYS C 358 -31.64 15.67 32.61
C LYS C 358 -31.88 14.87 31.34
N SER C 359 -30.93 14.87 30.40
CA SER C 359 -31.09 14.15 29.15
C SER C 359 -30.93 12.64 29.30
N LEU C 360 -30.33 12.18 30.39
CA LEU C 360 -30.22 10.75 30.67
C LEU C 360 -31.38 10.30 31.53
N GLY C 361 -31.96 9.15 31.17
CA GLY C 361 -33.22 8.73 31.77
C GLY C 361 -33.15 8.40 33.25
N ASN C 362 -32.00 7.93 33.72
CA ASN C 362 -31.88 7.38 35.07
C ASN C 362 -31.46 8.42 36.11
N PHE C 363 -31.50 9.70 35.77
CA PHE C 363 -31.16 10.79 36.69
C PHE C 363 -32.39 11.67 36.90
N GLU C 364 -32.77 11.85 38.17
CA GLU C 364 -33.70 12.88 38.58
C GLU C 364 -32.92 14.06 39.14
N VAL C 365 -33.24 15.26 38.66
CA VAL C 365 -32.43 16.46 38.94
C VAL C 365 -33.31 17.48 39.64
N VAL C 366 -32.88 17.91 40.83
CA VAL C 366 -33.60 18.88 41.64
C VAL C 366 -32.68 20.03 42.04
N THR C 367 -33.29 21.16 42.37
CA THR C 367 -32.54 22.29 42.92
C THR C 367 -32.18 22.02 44.38
N PHE C 368 -30.93 22.33 44.74
CA PHE C 368 -30.45 22.17 46.11
C PHE C 368 -30.20 23.56 46.69
N GLU C 369 -30.95 23.89 47.79
CA GLU C 369 -30.85 25.18 48.48
C GLU C 369 -29.82 25.11 49.59
N PRO C 370 -29.21 26.25 49.94
CA PRO C 370 -28.23 26.26 51.03
C PRO C 370 -28.89 26.10 52.39
N TYR C 371 -28.06 25.75 53.37
CA TYR C 371 -28.47 25.70 54.77
C TYR C 371 -27.42 26.43 55.60
N LYS C 372 -27.81 27.59 56.14
CA LYS C 372 -26.96 28.46 56.96
C LYS C 372 -25.49 28.49 56.53
N PRO C 373 -25.22 28.89 55.28
CA PRO C 373 -23.81 28.99 54.85
C PRO C 373 -23.01 30.02 55.62
N GLU C 374 -23.67 31.02 56.22
CA GLU C 374 -22.96 31.96 57.09
C GLU C 374 -22.38 31.25 58.31
N LYS C 375 -23.01 30.15 58.74
CA LYS C 375 -22.54 29.37 59.89
C LYS C 375 -21.21 28.68 59.62
N VAL C 376 -20.88 28.47 58.36
CA VAL C 376 -19.60 27.87 58.02
C VAL C 376 -18.45 28.78 58.47
N THR C 377 -18.50 30.05 58.09
CA THR C 377 -17.44 30.99 58.45
C THR C 377 -17.33 31.19 59.96
N GLU C 378 -18.47 31.31 60.64
CA GLU C 378 -18.45 31.56 62.08
C GLU C 378 -17.69 30.45 62.81
N ILE C 379 -18.01 29.20 62.51
CA ILE C 379 -17.42 28.07 63.21
C ILE C 379 -15.96 27.88 62.81
N LEU C 380 -15.69 27.85 61.50
CA LEU C 380 -14.31 27.69 61.05
C LEU C 380 -13.44 28.87 61.45
N GLY C 381 -14.04 30.06 61.56
CA GLY C 381 -13.34 31.23 62.08
C GLY C 381 -12.85 31.04 63.50
N LYS C 382 -13.48 30.17 64.28
CA LYS C 382 -13.03 29.89 65.63
C LYS C 382 -12.17 28.63 65.73
N LEU C 383 -12.33 27.67 64.83
CA LEU C 383 -11.70 26.36 64.99
C LEU C 383 -10.47 26.17 64.10
N TYR C 384 -10.35 26.92 63.00
CA TYR C 384 -9.17 26.77 62.14
C TYR C 384 -7.88 27.09 62.91
N PHE C 385 -7.82 28.22 63.59
CA PHE C 385 -6.67 28.62 64.40
C PHE C 385 -7.14 28.78 65.83
N GLU C 386 -7.33 27.66 66.52
CA GLU C 386 -7.95 27.72 67.84
C GLU C 386 -6.98 28.16 68.93
N ASP C 387 -5.69 28.29 68.61
CA ASP C 387 -4.73 28.84 69.56
C ASP C 387 -4.49 30.32 69.32
N GLY C 388 -5.38 30.99 68.58
CA GLY C 388 -5.13 32.38 68.22
C GLY C 388 -3.98 32.56 67.25
N ALA C 389 -3.68 31.53 66.45
CA ALA C 389 -2.61 31.51 65.46
C ALA C 389 -1.22 31.69 66.08
N ARG C 390 -1.08 31.39 67.38
CA ARG C 390 0.23 31.50 68.02
C ARG C 390 1.22 30.55 67.38
N ASP C 391 0.79 29.32 67.07
CA ASP C 391 1.71 28.36 66.48
C ASP C 391 2.20 28.82 65.12
N PHE C 392 1.31 29.33 64.28
CA PHE C 392 1.77 29.84 62.98
C PHE C 392 2.64 31.07 63.16
N ARG C 393 2.18 32.03 63.97
CA ARG C 393 2.88 33.30 64.06
C ARG C 393 4.30 33.13 64.57
N ALA C 394 4.54 32.11 65.39
CA ALA C 394 5.88 31.84 65.89
C ALA C 394 6.83 31.43 64.77
N THR C 395 6.31 30.95 63.63
CA THR C 395 7.18 30.58 62.52
C THR C 395 7.85 31.79 61.91
N LEU C 396 7.34 32.99 62.16
CA LEU C 396 7.86 34.21 61.56
C LEU C 396 8.96 34.87 62.39
N GLN C 397 9.46 34.18 63.43
CA GLN C 397 10.58 34.70 64.22
C GLN C 397 11.82 34.88 63.37
N THR C 398 11.88 34.19 62.24
CA THR C 398 12.94 34.38 61.26
C THR C 398 12.83 35.72 60.56
N GLY C 399 11.74 36.46 60.76
CA GLY C 399 11.50 37.66 60.00
C GLY C 399 10.79 37.42 58.69
N GLU C 400 10.51 36.17 58.35
CA GLU C 400 9.73 35.83 57.17
C GLU C 400 8.49 36.71 57.09
N PRO C 401 8.30 37.44 55.99
CA PRO C 401 7.17 38.38 55.93
C PRO C 401 5.83 37.65 55.93
N LEU C 402 4.82 38.34 56.46
CA LEU C 402 3.46 37.81 56.48
C LEU C 402 2.77 38.14 55.17
N LEU C 403 2.40 37.12 54.41
CA LEU C 403 1.72 37.32 53.13
C LEU C 403 0.29 37.83 53.32
N GLU C 404 -0.18 38.55 52.30
CA GLU C 404 -1.51 39.14 52.35
C GLU C 404 -2.59 38.07 52.50
N GLN C 405 -2.46 36.96 51.76
CA GLN C 405 -3.47 35.90 51.85
C GLN C 405 -3.44 35.23 53.22
N THR C 406 -2.24 34.98 53.75
CA THR C 406 -2.12 34.42 55.09
C THR C 406 -2.77 35.32 56.12
N ARG C 407 -2.66 36.64 55.93
CA ARG C 407 -3.26 37.62 56.84
C ARG C 407 -4.75 37.36 57.02
N TRP C 408 -5.46 37.12 55.91
CA TRP C 408 -6.89 36.86 55.96
C TRP C 408 -7.19 35.65 56.84
N ALA C 409 -6.39 34.61 56.73
CA ALA C 409 -6.72 33.35 57.41
C ALA C 409 -6.53 33.46 58.91
N ILE C 410 -5.61 34.30 59.38
CA ILE C 410 -5.32 34.43 60.81
C ILE C 410 -5.94 35.66 61.44
N GLU C 411 -6.58 36.52 60.65
CA GLU C 411 -7.26 37.69 61.20
C GLU C 411 -8.37 37.27 62.14
N GLY C 412 -8.37 37.83 63.34
CA GLY C 412 -9.46 37.59 64.26
C GLY C 412 -9.38 36.29 65.03
N ALA C 413 -8.34 35.49 64.82
CA ALA C 413 -8.23 34.20 65.49
C ALA C 413 -8.18 34.37 67.00
N GLU C 414 -9.05 33.64 67.71
CA GLU C 414 -9.06 33.65 69.16
C GLU C 414 -8.24 32.50 69.72
N ASP C 415 -7.55 32.76 70.82
CA ASP C 415 -6.87 31.74 71.61
C ASP C 415 -7.93 31.19 72.56
N LEU C 416 -8.55 30.08 72.17
CA LEU C 416 -9.72 29.58 72.88
C LEU C 416 -9.36 28.99 74.23
N ASP C 417 -10.14 29.37 75.26
CA ASP C 417 -10.18 28.63 76.51
C ASP C 417 -10.92 27.31 76.27
N MET C 418 -10.62 26.30 77.11
CA MET C 418 -11.24 24.98 76.94
C MET C 418 -12.76 25.07 76.81
N HIS C 419 -13.40 25.92 77.60
CA HIS C 419 -14.84 26.06 77.49
C HIS C 419 -15.25 26.68 76.16
N ASP C 420 -14.41 27.57 75.62
CA ASP C 420 -14.70 28.10 74.29
C ASP C 420 -14.61 27.00 73.24
N GLN C 421 -13.60 26.13 73.33
CA GLN C 421 -13.50 25.04 72.36
C GLN C 421 -14.71 24.12 72.45
N TRP C 422 -15.11 23.76 73.68
CA TRP C 422 -16.30 22.93 73.87
C TRP C 422 -17.53 23.59 73.27
N TYR C 423 -17.71 24.88 73.48
CA TYR C 423 -18.85 25.57 72.91
C TYR C 423 -18.90 25.42 71.40
N TRP C 424 -17.75 25.56 70.74
CA TRP C 424 -17.73 25.53 69.28
C TRP C 424 -17.71 24.11 68.72
N ASN C 425 -17.17 23.14 69.46
CA ASN C 425 -17.34 21.75 69.06
C ASN C 425 -18.82 21.38 69.03
N LEU C 426 -19.58 21.84 70.03
CA LEU C 426 -21.02 21.65 70.01
C LEU C 426 -21.67 22.40 68.85
N GLN C 427 -21.19 23.60 68.54
CA GLN C 427 -21.68 24.30 67.35
C GLN C 427 -21.36 23.49 66.10
N LYS C 428 -20.18 22.88 66.06
CA LYS C 428 -19.78 22.09 64.89
C LYS C 428 -20.66 20.86 64.72
N GLN C 429 -20.84 20.07 65.78
CA GLN C 429 -21.60 18.84 65.66
C GLN C 429 -23.08 19.10 65.43
N ALA C 430 -23.63 20.16 66.03
CA ALA C 430 -25.02 20.52 65.77
C ALA C 430 -25.23 20.91 64.31
N TYR C 431 -24.36 21.76 63.78
CA TYR C 431 -24.47 22.13 62.37
C TYR C 431 -24.41 20.89 61.49
N ARG C 432 -23.48 19.97 61.79
CA ARG C 432 -23.41 18.72 61.03
C ARG C 432 -24.72 17.96 61.10
N LYS C 433 -25.32 17.87 62.29
CA LYS C 433 -26.57 17.15 62.43
C LYS C 433 -27.71 17.87 61.72
N GLU C 434 -27.78 19.19 61.85
CA GLU C 434 -28.80 19.95 61.14
C GLU C 434 -28.68 19.78 59.64
N PHE C 435 -27.45 19.82 59.12
CA PHE C 435 -27.27 19.75 57.67
C PHE C 435 -27.66 18.37 57.14
N LEU C 436 -27.37 17.32 57.90
CA LEU C 436 -27.81 15.99 57.49
C LEU C 436 -29.34 15.96 57.36
N LYS C 437 -30.04 16.59 58.31
CA LYS C 437 -31.49 16.68 58.25
C LYS C 437 -31.93 17.46 57.01
N HIS C 438 -31.21 18.52 56.68
CA HIS C 438 -31.47 19.28 55.44
C HIS C 438 -31.29 18.39 54.22
N TRP C 439 -30.18 17.67 54.15
CA TRP C 439 -29.92 16.77 53.03
C TRP C 439 -31.02 15.73 52.91
N CYS C 440 -31.38 15.10 54.02
CA CYS C 440 -32.41 14.05 53.99
C CYS C 440 -33.80 14.61 53.70
N SER C 441 -34.03 15.91 53.87
CA SER C 441 -35.31 16.49 53.50
C SER C 441 -35.57 16.41 52.00
N TYR C 442 -34.54 16.14 51.20
CA TYR C 442 -34.68 16.01 49.76
C TYR C 442 -34.99 14.59 49.32
N THR C 443 -35.03 13.63 50.25
CA THR C 443 -35.48 12.29 49.92
C THR C 443 -36.92 12.35 49.40
N ASP C 444 -37.20 11.54 48.38
CA ASP C 444 -38.50 11.61 47.72
C ASP C 444 -39.55 10.77 48.44
N ASN C 445 -40.75 10.75 47.85
CA ASN C 445 -41.87 10.03 48.44
C ASN C 445 -41.59 8.55 48.54
N ASP C 446 -40.79 8.02 47.61
CA ASP C 446 -40.44 6.61 47.58
C ASP C 446 -39.31 6.26 48.54
N GLY C 447 -38.70 7.27 49.16
CA GLY C 447 -37.62 7.04 50.09
C GLY C 447 -36.24 6.98 49.48
N ASN C 448 -36.06 7.50 48.26
CA ASN C 448 -34.75 7.53 47.60
C ASN C 448 -34.00 8.79 48.01
N VAL C 449 -32.87 8.60 48.70
CA VAL C 449 -32.08 9.73 49.18
C VAL C 449 -31.37 10.42 48.02
N LEU C 450 -31.00 11.68 48.24
CA LEU C 450 -30.06 12.36 47.36
C LEU C 450 -28.73 11.62 47.31
N ASP C 451 -28.27 11.32 46.10
CA ASP C 451 -26.99 10.63 45.93
C ASP C 451 -25.83 11.59 45.92
N ALA C 452 -26.02 12.78 45.35
CA ALA C 452 -24.94 13.74 45.20
C ALA C 452 -25.53 15.10 44.90
N VAL C 453 -24.73 16.14 45.19
CA VAL C 453 -25.06 17.51 44.83
C VAL C 453 -23.94 18.05 43.96
N ILE C 454 -24.32 18.82 42.95
CA ILE C 454 -23.37 19.46 42.05
C ILE C 454 -23.29 20.94 42.41
N ALA C 455 -22.07 21.41 42.65
CA ALA C 455 -21.84 22.75 43.18
C ALA C 455 -20.56 23.33 42.59
N PRO C 456 -20.37 24.64 42.70
CA PRO C 456 -19.07 25.22 42.35
C PRO C 456 -17.98 24.79 43.32
N VAL C 457 -16.73 24.91 42.86
CA VAL C 457 -15.61 24.82 43.78
C VAL C 457 -15.21 26.19 44.30
N PHE C 458 -15.52 27.26 43.56
CA PHE C 458 -15.10 28.62 43.83
C PHE C 458 -16.04 29.54 43.07
N PRO C 459 -16.25 30.78 43.53
CA PRO C 459 -17.17 31.69 42.83
C PRO C 459 -16.74 32.08 41.42
N ASN C 460 -15.63 31.55 40.92
CA ASN C 460 -15.09 31.95 39.63
C ASN C 460 -14.11 30.87 39.19
N VAL C 461 -13.63 30.99 37.95
CA VAL C 461 -12.49 30.20 37.49
C VAL C 461 -11.26 30.68 38.25
N ALA C 462 -10.09 30.14 37.89
CA ALA C 462 -8.83 30.48 38.56
C ALA C 462 -8.75 31.97 38.83
N ALA C 463 -8.55 32.33 40.10
CA ALA C 463 -8.63 33.71 40.54
C ALA C 463 -7.39 34.49 40.14
N LYS C 464 -7.55 35.81 40.09
CA LYS C 464 -6.39 36.69 40.04
C LYS C 464 -5.66 36.61 41.38
N HIS C 465 -4.35 36.86 41.35
CA HIS C 465 -3.54 36.73 42.56
C HIS C 465 -4.09 37.61 43.68
N GLU C 466 -4.07 37.09 44.90
CA GLU C 466 -4.46 37.82 46.10
C GLU C 466 -5.92 38.26 46.07
N THR C 467 -6.80 37.40 45.51
CA THR C 467 -8.23 37.70 45.48
C THR C 467 -9.11 36.55 45.97
N THR C 468 -8.54 35.50 46.55
CA THR C 468 -9.32 34.33 46.98
C THR C 468 -9.90 34.61 48.37
N LYS C 469 -10.82 35.57 48.41
CA LYS C 469 -11.35 36.09 49.66
C LYS C 469 -12.66 35.45 50.08
N TYR C 470 -13.01 34.30 49.50
CA TYR C 470 -14.21 33.59 49.91
C TYR C 470 -13.95 32.10 49.81
N TRP C 471 -14.17 31.38 50.92
CA TRP C 471 -13.86 29.96 51.00
C TRP C 471 -15.08 29.04 51.01
N THR C 472 -16.28 29.57 51.30
CA THR C 472 -17.39 28.72 51.70
C THR C 472 -17.70 27.64 50.67
N TYR C 473 -17.57 27.96 49.37
CA TYR C 473 -17.92 26.97 48.36
C TYR C 473 -17.07 25.73 48.42
N THR C 474 -15.95 25.78 49.13
CA THR C 474 -15.23 24.55 49.41
C THR C 474 -15.18 24.20 50.90
N SER C 475 -14.98 25.19 51.78
CA SER C 475 -14.79 24.89 53.20
C SER C 475 -16.08 24.37 53.86
N GLN C 476 -17.24 24.69 53.29
CA GLN C 476 -18.49 24.09 53.78
C GLN C 476 -18.37 22.58 53.92
N TRP C 477 -17.71 21.94 52.97
CA TRP C 477 -17.60 20.48 53.01
C TRP C 477 -16.45 20.00 53.87
N ASN C 478 -15.57 20.88 54.33
CA ASN C 478 -14.59 20.49 55.35
C ASN C 478 -15.23 20.49 56.74
N LEU C 479 -16.06 21.50 57.03
CA LEU C 479 -16.82 21.52 58.27
C LEU C 479 -17.72 20.30 58.39
N LEU C 480 -18.31 19.87 57.29
CA LEU C 480 -19.20 18.70 57.28
C LEU C 480 -18.44 17.40 57.09
N ASP C 481 -17.22 17.45 56.57
CA ASP C 481 -16.44 16.27 56.25
C ASP C 481 -17.15 15.44 55.18
N TYR C 482 -17.74 16.12 54.18
CA TYR C 482 -18.33 15.36 53.09
C TYR C 482 -17.32 15.11 51.98
N PRO C 483 -17.31 13.92 51.38
CA PRO C 483 -16.44 13.70 50.23
C PRO C 483 -16.90 14.53 49.06
N VAL C 484 -15.93 15.14 48.37
CA VAL C 484 -16.20 16.03 47.25
C VAL C 484 -15.21 15.75 46.13
N LEU C 485 -15.72 15.58 44.91
CA LEU C 485 -14.89 15.31 43.74
C LEU C 485 -15.02 16.48 42.76
N ALA C 486 -13.93 17.19 42.54
CA ALA C 486 -13.86 18.20 41.50
C ALA C 486 -13.67 17.51 40.15
N PHE C 487 -14.32 18.05 39.11
CA PHE C 487 -14.27 17.45 37.78
C PHE C 487 -14.39 18.54 36.72
N PRO C 488 -13.83 18.30 35.53
CA PRO C 488 -13.87 19.31 34.47
C PRO C 488 -15.22 19.36 33.79
N VAL C 489 -15.55 20.55 33.26
CA VAL C 489 -16.77 20.74 32.49
C VAL C 489 -16.48 21.43 31.17
N THR C 490 -15.94 22.65 31.24
CA THR C 490 -15.78 23.48 30.05
C THR C 490 -14.64 24.47 30.29
N LYS C 491 -14.36 25.28 29.29
CA LYS C 491 -13.43 26.38 29.41
C LYS C 491 -14.18 27.69 29.15
N VAL C 492 -13.60 28.79 29.63
CA VAL C 492 -14.18 30.10 29.42
C VAL C 492 -14.32 30.41 27.94
N ASP C 493 -15.48 30.95 27.57
CA ASP C 493 -15.80 31.33 26.21
C ASP C 493 -16.07 32.83 26.18
N GLU C 494 -15.26 33.57 25.41
CA GLU C 494 -15.36 35.03 25.48
C GLU C 494 -16.70 35.51 24.95
N SER C 495 -17.31 34.75 24.03
CA SER C 495 -18.63 35.11 23.53
C SER C 495 -19.72 34.81 24.55
N LEU C 496 -19.68 33.62 25.15
CA LEU C 496 -20.73 33.20 26.07
C LEU C 496 -20.59 33.78 27.47
N ASP C 497 -19.39 34.19 27.88
CA ASP C 497 -19.11 34.54 29.27
C ASP C 497 -18.86 36.02 29.50
N GLN C 498 -19.62 36.89 28.84
CA GLN C 498 -19.53 38.32 29.14
C GLN C 498 -20.13 38.61 30.52
N PRO C 499 -19.66 39.67 31.19
CA PRO C 499 -20.22 40.00 32.51
C PRO C 499 -21.72 40.25 32.44
N TYR C 500 -22.41 39.93 33.53
CA TYR C 500 -23.82 40.24 33.64
C TYR C 500 -24.01 41.76 33.67
N LYS C 501 -24.98 42.26 32.93
CA LYS C 501 -25.34 43.67 33.01
C LYS C 501 -26.53 43.81 33.95
N ASN C 502 -26.64 44.98 34.58
CA ASN C 502 -27.67 45.26 35.57
C ASN C 502 -27.64 44.24 36.71
N TYR C 503 -26.45 43.77 37.05
CA TYR C 503 -26.31 42.89 38.20
C TYR C 503 -26.40 43.74 39.45
N LYS C 504 -27.17 43.25 40.43
CA LYS C 504 -27.23 43.93 41.72
C LYS C 504 -26.62 43.04 42.78
N PRO C 505 -25.46 43.42 43.31
CA PRO C 505 -24.74 42.53 44.23
C PRO C 505 -25.55 42.24 45.48
N LEU C 506 -25.27 41.09 46.08
CA LEU C 506 -25.98 40.68 47.29
C LEU C 506 -25.40 41.35 48.53
N ASN C 507 -24.13 41.75 48.49
CA ASN C 507 -23.43 42.31 49.64
C ASN C 507 -22.10 42.84 49.17
N ASP C 508 -21.33 43.39 50.11
CA ASP C 508 -20.03 43.97 49.76
C ASP C 508 -19.09 42.92 49.18
N LEU C 509 -19.12 41.71 49.74
CA LEU C 509 -18.22 40.65 49.27
C LEU C 509 -18.63 40.16 47.89
N ASP C 510 -19.93 40.04 47.65
CA ASP C 510 -20.42 39.69 46.32
C ASP C 510 -20.08 40.78 45.32
N LYS C 511 -20.15 42.04 45.78
CA LYS C 511 -19.70 43.16 44.96
C LYS C 511 -18.22 43.02 44.59
N TYR C 512 -17.38 42.62 45.55
CA TYR C 512 -15.96 42.41 45.26
C TYR C 512 -15.76 41.39 44.15
N PHE C 513 -16.47 40.27 44.22
CA PHE C 513 -16.30 39.22 43.21
C PHE C 513 -16.91 39.60 41.88
N TYR C 514 -17.98 40.41 41.88
CA TYR C 514 -18.54 40.91 40.63
C TYR C 514 -17.55 41.81 39.90
N GLU C 515 -17.00 42.79 40.60
CA GLU C 515 -16.01 43.68 39.99
C GLU C 515 -14.73 42.93 39.64
N GLN C 516 -14.44 41.84 40.37
CA GLN C 516 -13.26 41.05 40.06
C GLN C 516 -13.35 40.45 38.66
N TYR C 517 -14.56 40.08 38.23
CA TYR C 517 -14.77 39.51 36.89
C TYR C 517 -15.01 40.64 35.89
N ASP C 518 -13.92 41.29 35.49
CA ASP C 518 -14.04 42.45 34.61
C ASP C 518 -14.39 42.03 33.18
N SER C 519 -13.74 41.00 32.65
CA SER C 519 -14.13 40.46 31.35
C SER C 519 -13.53 39.06 31.19
N PRO C 520 -14.12 38.20 30.36
CA PRO C 520 -13.52 36.88 30.13
C PRO C 520 -12.11 36.93 29.59
N SER C 521 -11.73 38.00 28.88
CA SER C 521 -10.36 38.08 28.36
C SER C 521 -9.33 38.06 29.48
N SER C 522 -9.71 38.54 30.68
CA SER C 522 -8.85 38.43 31.86
C SER C 522 -8.65 36.99 32.33
N PHE C 523 -9.45 36.04 31.86
CA PHE C 523 -9.35 34.65 32.25
C PHE C 523 -9.26 33.73 31.03
N LYS C 524 -8.50 34.11 30.00
CA LYS C 524 -8.43 33.31 28.77
C LYS C 524 -8.01 31.87 29.05
N ASN C 525 -8.74 30.92 28.47
CA ASN C 525 -8.44 29.49 28.51
C ASN C 525 -8.56 28.89 29.90
N ALA C 526 -9.20 29.57 30.84
CA ALA C 526 -9.28 29.03 32.18
C ALA C 526 -10.34 27.93 32.25
N PRO C 527 -9.99 26.75 32.74
CA PRO C 527 -11.01 25.70 32.90
C PRO C 527 -12.10 26.11 33.88
N ALA C 528 -13.34 25.80 33.52
CA ALA C 528 -14.49 25.95 34.40
C ALA C 528 -14.87 24.56 34.89
N ASN C 529 -14.52 24.26 36.14
CA ASN C 529 -14.83 22.99 36.78
C ASN C 529 -15.97 23.15 37.77
N LEU C 530 -16.58 22.02 38.12
CA LEU C 530 -17.52 21.97 39.24
C LEU C 530 -17.09 20.87 40.20
N CYS C 531 -17.95 20.53 41.16
CA CYS C 531 -17.66 19.42 42.04
C CYS C 531 -18.93 18.64 42.32
N LEU C 532 -18.75 17.37 42.64
CA LEU C 532 -19.82 16.49 43.09
C LEU C 532 -19.65 16.30 44.59
N VAL C 533 -20.71 16.56 45.35
CA VAL C 533 -20.71 16.45 46.80
C VAL C 533 -21.56 15.25 47.20
N GLY C 534 -21.07 14.44 48.14
CA GLY C 534 -21.82 13.33 48.68
C GLY C 534 -21.78 13.31 50.20
N LEU C 535 -22.68 12.53 50.77
CA LEU C 535 -22.63 12.30 52.21
C LEU C 535 -21.38 11.50 52.58
N ARG C 536 -21.04 11.51 53.87
CA ARG C 536 -19.81 10.89 54.35
C ARG C 536 -19.73 9.44 53.88
N PHE C 537 -18.57 9.07 53.34
CA PHE C 537 -18.22 7.72 52.90
C PHE C 537 -18.93 7.28 51.62
N THR C 538 -19.58 8.20 50.90
CA THR C 538 -20.15 7.88 49.61
C THR C 538 -19.24 8.29 48.47
N ASP C 539 -17.92 8.35 48.72
CA ASP C 539 -16.91 8.74 47.75
C ASP C 539 -17.14 8.08 46.40
N GLU C 540 -17.46 6.78 46.42
CA GLU C 540 -17.54 6.03 45.17
C GLU C 540 -18.71 6.47 44.31
N LYS C 541 -19.83 6.87 44.92
CA LYS C 541 -20.93 7.42 44.13
C LYS C 541 -20.48 8.61 43.32
N LEU C 542 -19.60 9.44 43.88
CA LEU C 542 -19.12 10.62 43.17
C LEU C 542 -18.28 10.24 41.96
N VAL C 543 -17.41 9.24 42.11
CA VAL C 543 -16.62 8.77 40.98
C VAL C 543 -17.54 8.22 39.89
N GLU C 544 -18.55 7.47 40.27
CA GLU C 544 -19.44 6.86 39.29
C GLU C 544 -20.24 7.90 38.52
N ILE C 545 -20.72 8.94 39.20
CA ILE C 545 -21.48 9.97 38.50
C ILE C 545 -20.57 10.79 37.59
N ALA C 546 -19.36 11.11 38.04
CA ALA C 546 -18.41 11.82 37.19
C ALA C 546 -18.06 10.98 35.97
N ASN C 547 -18.02 9.65 36.13
CA ASN C 547 -17.79 8.77 35.00
C ASN C 547 -18.87 8.96 33.93
N ILE C 548 -20.13 9.06 34.36
CA ILE C 548 -21.23 9.22 33.40
C ILE C 548 -21.15 10.57 32.70
N LEU C 549 -20.72 11.61 33.42
CA LEU C 549 -20.68 12.95 32.86
C LEU C 549 -19.60 13.11 31.79
N ARG C 550 -18.61 12.21 31.73
CA ARG C 550 -17.53 12.32 30.75
C ARG C 550 -17.73 11.41 29.54
N ASN C 551 -18.69 10.49 29.59
CA ASN C 551 -18.91 9.54 28.50
C ASN C 551 -19.72 10.15 27.37
N MET D 1 28.06 -5.05 -20.99
CA MET D 1 27.03 -5.42 -20.02
C MET D 1 26.99 -6.92 -19.74
N LEU D 2 26.06 -7.32 -18.89
CA LEU D 2 25.84 -8.71 -18.49
C LEU D 2 24.61 -9.31 -19.17
N THR D 3 24.59 -10.64 -19.23
CA THR D 3 23.49 -11.38 -19.83
C THR D 3 22.98 -12.50 -18.94
N ASP D 4 23.37 -12.53 -17.67
CA ASP D 4 22.83 -13.47 -16.69
C ASP D 4 21.37 -13.19 -16.39
N ASN D 5 20.69 -14.19 -15.82
CA ASN D 5 19.29 -14.01 -15.43
C ASN D 5 19.20 -12.97 -14.32
N TRP D 6 18.16 -12.13 -14.40
CA TRP D 6 18.12 -10.94 -13.54
C TRP D 6 17.90 -11.29 -12.08
N LYS D 7 17.26 -12.41 -11.78
CA LYS D 7 17.03 -12.78 -10.39
C LYS D 7 18.35 -13.06 -9.67
N GLU D 8 19.29 -13.71 -10.36
CA GLU D 8 20.62 -13.91 -9.77
C GLU D 8 21.30 -12.57 -9.52
N LEU D 9 21.15 -11.63 -10.45
CA LEU D 9 21.83 -10.34 -10.33
C LEU D 9 21.24 -9.51 -9.20
N ALA D 10 19.91 -9.47 -9.08
CA ALA D 10 19.29 -8.80 -7.95
C ALA D 10 19.82 -9.32 -6.62
N GLY D 11 20.00 -10.65 -6.52
CA GLY D 11 20.70 -11.22 -5.38
C GLY D 11 22.06 -10.60 -5.16
N LYS D 12 22.86 -10.53 -6.23
CA LYS D 12 24.20 -9.95 -6.13
C LYS D 12 24.12 -8.49 -5.68
N ALA D 13 23.12 -7.75 -6.16
CA ALA D 13 22.96 -6.38 -5.70
C ALA D 13 22.59 -6.34 -4.22
N GLN D 14 21.66 -7.20 -3.80
CA GLN D 14 21.27 -7.27 -2.40
C GLN D 14 22.46 -7.66 -1.53
N SER D 15 23.29 -8.59 -2.01
CA SER D 15 24.45 -9.01 -1.23
C SER D 15 25.41 -7.85 -1.00
N THR D 16 25.70 -7.09 -2.06
CA THR D 16 26.57 -5.92 -1.93
C THR D 16 26.04 -4.95 -0.88
N PHE D 17 24.74 -4.65 -0.95
CA PHE D 17 24.14 -3.78 0.05
C PHE D 17 24.24 -4.38 1.44
N GLN D 18 23.84 -5.65 1.58
CA GLN D 18 23.84 -6.30 2.89
C GLN D 18 25.26 -6.41 3.43
N LYS D 19 26.23 -6.64 2.54
CA LYS D 19 27.62 -6.66 2.98
C LYS D 19 28.05 -5.29 3.49
N SER D 20 27.61 -4.22 2.83
CA SER D 20 27.97 -2.89 3.30
C SER D 20 27.15 -2.47 4.52
N LEU D 21 25.90 -2.95 4.63
CA LEU D 21 25.12 -2.68 5.83
C LEU D 21 25.75 -3.30 7.06
N LYS D 22 26.22 -4.55 6.94
CA LYS D 22 26.90 -5.21 8.05
C LYS D 22 28.11 -4.41 8.52
N GLN D 23 28.94 -3.97 7.58
CA GLN D 23 30.13 -3.19 7.94
C GLN D 23 29.75 -1.87 8.56
N ALA D 24 28.65 -1.26 8.11
CA ALA D 24 28.20 0.01 8.66
C ALA D 24 27.77 -0.12 10.11
N ILE D 25 27.03 -1.19 10.45
CA ILE D 25 26.59 -1.37 11.83
C ILE D 25 27.80 -1.50 12.75
N GLU D 26 28.85 -2.18 12.27
CA GLU D 26 30.08 -2.30 13.04
C GLU D 26 30.72 -0.94 13.26
N LEU D 27 30.78 -0.12 12.22
CA LEU D 27 31.32 1.23 12.34
C LEU D 27 30.47 2.07 13.27
N ALA D 28 29.14 1.96 13.16
CA ALA D 28 28.26 2.79 13.97
C ALA D 28 28.34 2.39 15.45
N ASP D 29 28.56 1.10 15.73
CA ASP D 29 28.77 0.61 17.09
C ASP D 29 27.57 0.93 17.98
N PHE D 30 26.43 0.37 17.60
CA PHE D 30 25.21 0.50 18.37
C PHE D 30 25.41 -0.01 19.79
N ASP D 31 24.87 0.72 20.77
CA ASP D 31 24.66 0.05 22.05
C ASP D 31 23.39 -0.78 21.96
N GLU D 32 23.21 -1.65 22.97
CA GLU D 32 22.12 -2.63 22.90
C GLU D 32 20.75 -1.96 22.79
N GLY D 33 20.56 -0.80 23.43
CA GLY D 33 19.27 -0.13 23.34
C GLY D 33 18.91 0.25 21.91
N LEU D 34 19.87 0.82 21.17
CA LEU D 34 19.58 1.19 19.79
C LEU D 34 19.46 -0.04 18.91
N ALA D 35 20.36 -1.02 19.09
CA ALA D 35 20.28 -2.26 18.33
C ALA D 35 18.91 -2.90 18.49
N LYS D 36 18.34 -2.80 19.70
CA LYS D 36 17.02 -3.33 19.95
C LYS D 36 15.96 -2.55 19.17
N ARG D 37 15.96 -1.22 19.28
CA ARG D 37 14.97 -0.42 18.57
C ARG D 37 15.14 -0.52 17.06
N TYR D 38 16.39 -0.56 16.59
CA TYR D 38 16.62 -0.75 15.16
C TYR D 38 16.03 -2.06 14.68
N GLY D 39 16.28 -3.15 15.41
CA GLY D 39 15.72 -4.44 15.04
C GLY D 39 14.22 -4.45 14.92
N ALA D 40 13.53 -3.63 15.70
CA ALA D 40 12.07 -3.63 15.75
C ALA D 40 11.43 -2.59 14.84
N LEU D 41 12.21 -1.88 14.04
CA LEU D 41 11.64 -0.86 13.16
C LEU D 41 10.93 -1.50 11.97
N PRO D 42 9.83 -0.92 11.53
CA PRO D 42 9.23 -1.35 10.26
C PRO D 42 10.16 -1.02 9.10
N SER D 43 10.32 -1.97 8.19
CA SER D 43 11.28 -1.84 7.11
C SER D 43 10.58 -1.58 5.78
N ALA D 44 11.18 -0.72 4.97
CA ALA D 44 10.80 -0.56 3.58
C ALA D 44 11.61 -1.47 2.67
N ILE D 45 12.50 -2.25 3.27
CA ILE D 45 13.26 -3.28 2.57
C ILE D 45 12.51 -4.61 2.70
N GLY D 46 12.28 -5.27 1.57
CA GLY D 46 11.64 -6.56 1.55
C GLY D 46 12.62 -7.72 1.52
N ALA D 47 12.06 -8.91 1.37
CA ALA D 47 12.86 -10.12 1.19
C ALA D 47 13.47 -10.24 -0.20
N ASN D 48 12.92 -9.55 -1.19
CA ASN D 48 13.51 -9.51 -2.53
C ASN D 48 13.17 -8.16 -3.15
N VAL D 49 13.83 -7.84 -4.28
CA VAL D 49 13.72 -6.52 -4.86
C VAL D 49 12.35 -6.20 -5.43
N GLU D 50 11.45 -7.18 -5.51
CA GLU D 50 10.06 -6.94 -5.90
C GLU D 50 9.12 -6.86 -4.70
N ASP D 51 9.60 -7.20 -3.50
CA ASP D 51 8.84 -7.12 -2.26
C ASP D 51 9.18 -5.80 -1.58
N PHE D 52 8.18 -4.94 -1.42
CA PHE D 52 8.40 -3.56 -0.99
C PHE D 52 8.22 -3.35 0.51
N GLY D 53 8.11 -4.43 1.29
CA GLY D 53 8.00 -4.31 2.73
C GLY D 53 6.73 -3.61 3.23
N SER D 54 6.81 -3.08 4.44
CA SER D 54 5.69 -2.42 5.10
C SER D 54 6.20 -1.18 5.84
N PRO D 55 6.36 -0.06 5.13
CA PRO D 55 7.00 1.11 5.73
C PRO D 55 6.14 1.79 6.80
N ALA D 56 6.82 2.49 7.70
CA ALA D 56 6.16 3.29 8.73
C ALA D 56 5.31 4.39 8.12
N GLN D 57 4.29 4.80 8.88
CA GLN D 57 3.43 5.89 8.43
C GLN D 57 4.17 7.23 8.44
N PHE D 58 4.97 7.47 9.47
CA PHE D 58 5.81 8.67 9.59
C PHE D 58 7.24 8.22 9.82
N PRO D 59 7.97 7.89 8.76
CA PRO D 59 9.34 7.40 8.98
C PRO D 59 10.19 8.35 9.79
N LEU D 60 9.98 9.66 9.64
CA LEU D 60 10.79 10.64 10.37
C LEU D 60 10.51 10.60 11.87
N GLU D 61 9.23 10.48 12.25
CA GLU D 61 8.90 10.35 13.66
C GLU D 61 9.56 9.12 14.27
N GLU D 62 9.55 8.01 13.54
CA GLU D 62 10.20 6.79 14.02
C GLU D 62 11.69 6.99 14.15
N TYR D 63 12.28 7.73 13.20
CA TYR D 63 13.71 8.01 13.20
C TYR D 63 14.11 8.84 14.42
N LEU D 64 13.35 9.89 14.72
CA LEU D 64 13.68 10.74 15.85
C LEU D 64 13.50 10.01 17.17
N LYS D 65 12.50 9.12 17.25
CA LYS D 65 12.32 8.32 18.47
C LYS D 65 13.43 7.29 18.61
N ALA D 66 13.82 6.65 17.50
CA ALA D 66 14.75 5.52 17.58
C ALA D 66 16.18 5.98 17.88
N LEU D 67 16.58 7.17 17.36
CA LEU D 67 18.01 7.44 17.51
C LEU D 67 18.30 8.14 18.83
N PRO D 68 19.47 7.87 19.41
CA PRO D 68 19.84 8.47 20.69
C PRO D 68 20.29 9.91 20.58
N LYS D 69 20.26 10.60 21.72
CA LYS D 69 20.81 11.95 21.81
C LYS D 69 22.26 11.99 21.32
N LYS D 70 23.00 10.90 21.56
CA LYS D 70 24.39 10.83 21.14
C LYS D 70 24.54 10.98 19.65
N VAL D 71 23.52 10.59 18.89
CA VAL D 71 23.55 10.73 17.42
C VAL D 71 22.85 12.01 16.96
N LEU D 72 21.61 12.24 17.42
CA LEU D 72 20.81 13.37 16.91
C LEU D 72 21.45 14.71 17.20
N ASP D 73 22.18 14.84 18.30
CA ASP D 73 22.83 16.12 18.60
C ASP D 73 23.82 16.53 17.52
N ILE D 74 24.28 15.60 16.70
CA ILE D 74 25.16 15.89 15.59
C ILE D 74 24.41 15.96 14.27
N THR D 75 23.58 14.96 13.96
CA THR D 75 22.94 14.89 12.65
C THR D 75 21.82 15.92 12.49
N GLU D 76 21.18 16.32 13.59
CA GLU D 76 20.17 17.38 13.54
C GLU D 76 20.78 18.77 13.49
N LYS D 77 22.07 18.89 13.78
CA LYS D 77 22.75 20.17 13.70
C LYS D 77 22.87 20.62 12.26
N ASP D 78 22.63 21.90 12.01
CA ASP D 78 22.87 22.46 10.70
C ASP D 78 24.33 22.23 10.30
N PRO D 79 24.57 21.69 9.11
CA PRO D 79 25.96 21.35 8.74
C PRO D 79 26.92 22.54 8.76
N VAL D 80 26.46 23.75 8.46
CA VAL D 80 27.38 24.88 8.55
C VAL D 80 27.78 25.11 10.00
N GLU D 81 26.83 24.96 10.93
CA GLU D 81 27.16 25.03 12.34
C GLU D 81 28.07 23.87 12.76
N LEU D 82 27.79 22.66 12.27
CA LEU D 82 28.64 21.52 12.61
C LEU D 82 30.08 21.70 12.12
N LEU D 83 30.26 22.39 11.00
CA LEU D 83 31.61 22.65 10.51
C LEU D 83 32.41 23.48 11.51
N LYS D 84 31.75 24.39 12.23
CA LYS D 84 32.44 25.14 13.28
C LYS D 84 32.97 24.21 14.37
N ASP D 85 32.16 23.24 14.81
CA ASP D 85 32.61 22.29 15.84
C ASP D 85 33.76 21.43 15.33
N LEU D 86 33.69 21.01 14.06
CA LEU D 86 34.79 20.25 13.48
C LEU D 86 36.06 21.09 13.38
N LYS D 87 35.90 22.38 13.11
CA LYS D 87 37.07 23.26 12.99
C LYS D 87 37.67 23.54 14.36
N SER D 88 36.83 23.88 15.34
CA SER D 88 37.29 24.19 16.69
C SER D 88 37.64 22.94 17.50
N ARG D 89 37.44 21.75 16.93
CA ARG D 89 37.80 20.47 17.53
C ARG D 89 36.93 20.12 18.74
N LYS D 90 35.75 20.74 18.85
CA LYS D 90 34.75 20.30 19.82
C LYS D 90 34.17 18.95 19.45
N VAL D 91 34.37 18.49 18.22
CA VAL D 91 33.89 17.21 17.76
C VAL D 91 34.89 16.66 16.75
N THR D 92 35.02 15.35 16.73
CA THR D 92 36.00 14.68 15.90
C THR D 92 35.40 14.31 14.55
N CYS D 93 36.26 14.25 13.51
CA CYS D 93 35.80 13.79 12.20
C CYS D 93 35.23 12.38 12.27
N VAL D 94 35.87 11.50 13.07
CA VAL D 94 35.38 10.15 13.26
C VAL D 94 34.07 10.14 14.05
N GLU D 95 33.97 11.01 15.07
CA GLU D 95 32.74 11.14 15.82
C GLU D 95 31.56 11.51 14.93
N VAL D 96 31.78 12.46 14.02
CA VAL D 96 30.70 12.86 13.10
C VAL D 96 30.35 11.72 12.16
N LEU D 97 31.37 11.03 11.65
CA LEU D 97 31.13 9.89 10.77
C LEU D 97 30.28 8.82 11.46
N LYS D 98 30.65 8.47 12.70
CA LYS D 98 29.90 7.44 13.43
C LYS D 98 28.43 7.82 13.59
N ALA D 99 28.15 9.07 13.96
CA ALA D 99 26.77 9.49 14.12
C ALA D 99 26.00 9.41 12.80
N TYR D 100 26.55 9.98 11.72
CA TYR D 100 25.85 9.97 10.45
C TYR D 100 25.74 8.58 9.85
N THR D 101 26.75 7.73 10.07
CA THR D 101 26.62 6.33 9.66
C THR D 101 25.44 5.67 10.36
N ALA D 102 25.33 5.85 11.68
CA ALA D 102 24.19 5.30 12.42
C ALA D 102 22.88 5.87 11.91
N ALA D 103 22.82 7.19 11.68
CA ALA D 103 21.60 7.80 11.17
C ALA D 103 21.21 7.21 9.82
N SER D 104 22.17 7.06 8.91
CA SER D 104 21.86 6.53 7.58
C SER D 104 21.38 5.09 7.64
N ILE D 105 21.88 4.31 8.61
CA ILE D 105 21.42 2.93 8.77
C ILE D 105 19.94 2.92 9.16
N VAL D 106 19.57 3.73 10.14
CA VAL D 106 18.17 3.82 10.56
C VAL D 106 17.33 4.37 9.42
N ALA D 107 17.84 5.39 8.72
CA ALA D 107 17.13 5.92 7.57
C ALA D 107 17.00 4.88 6.46
N SER D 108 18.05 4.08 6.24
CA SER D 108 18.00 3.04 5.23
C SER D 108 16.85 2.07 5.48
N LYS D 109 16.69 1.63 6.73
CA LYS D 109 15.65 0.65 7.02
C LYS D 109 14.27 1.29 6.91
N LEU D 110 14.13 2.55 7.32
CA LEU D 110 12.81 3.16 7.31
C LEU D 110 12.37 3.59 5.90
N THR D 111 13.29 4.10 5.07
CA THR D 111 12.91 4.62 3.76
C THR D 111 13.50 3.86 2.58
N ASN D 112 14.52 3.03 2.80
CA ASN D 112 15.15 2.25 1.73
C ASN D 112 15.84 3.18 0.74
N CYS D 113 16.68 4.08 1.27
CA CYS D 113 17.33 5.13 0.49
C CYS D 113 18.81 4.86 0.26
N VAL D 114 19.37 3.79 0.81
CA VAL D 114 20.80 3.51 0.72
C VAL D 114 20.99 2.30 -0.19
N GLN D 115 21.83 2.46 -1.21
CA GLN D 115 22.19 1.37 -2.11
C GLN D 115 23.44 0.65 -1.64
N GLU D 116 24.36 1.38 -1.04
CA GLU D 116 25.64 0.82 -0.58
C GLU D 116 26.27 1.78 0.41
N PHE D 117 26.66 1.28 1.59
CA PHE D 117 27.38 2.14 2.50
C PHE D 117 28.86 2.11 2.15
N LEU D 118 29.56 3.18 2.53
CA LEU D 118 30.98 3.21 2.24
C LEU D 118 31.79 3.32 3.52
N PRO D 119 31.59 2.45 4.52
CA PRO D 119 32.20 2.69 5.82
C PRO D 119 33.69 2.43 5.86
N ILE D 120 34.22 1.53 5.02
CA ILE D 120 35.66 1.29 5.01
C ILE D 120 36.40 2.55 4.59
N GLU D 121 36.12 3.05 3.38
CA GLU D 121 36.82 4.24 2.89
C GLU D 121 36.46 5.46 3.73
N ALA D 122 35.23 5.52 4.27
CA ALA D 122 34.83 6.67 5.07
C ALA D 122 35.63 6.74 6.37
N LEU D 123 35.88 5.59 7.01
CA LEU D 123 36.69 5.61 8.22
C LEU D 123 38.12 6.05 7.90
N GLN D 124 38.67 5.61 6.76
CA GLN D 124 40.00 6.07 6.37
C GLN D 124 40.03 7.56 6.10
N TYR D 125 39.02 8.09 5.40
CA TYR D 125 38.95 9.52 5.15
C TYR D 125 38.89 10.29 6.46
N ALA D 126 38.00 9.88 7.36
CA ALA D 126 37.79 10.60 8.61
C ALA D 126 38.99 10.49 9.55
N GLN D 127 39.61 9.31 9.60
CA GLN D 127 40.76 9.12 10.49
C GLN D 127 41.93 10.02 10.09
N LYS D 128 42.32 9.99 8.82
CA LYS D 128 43.43 10.84 8.40
C LYS D 128 43.07 12.32 8.44
N LEU D 129 41.79 12.67 8.33
CA LEU D 129 41.42 14.08 8.46
C LEU D 129 41.61 14.56 9.90
N ASP D 130 41.36 13.69 10.88
CA ASP D 130 41.67 14.02 12.27
C ASP D 130 43.17 14.15 12.46
N ALA D 131 43.94 13.20 11.92
CA ALA D 131 45.39 13.26 12.03
C ALA D 131 45.95 14.53 11.42
N ASP D 132 45.37 14.96 10.30
CA ASP D 132 45.82 16.16 9.62
C ASP D 132 45.07 17.41 10.06
N TYR D 133 44.51 17.42 11.27
CA TYR D 133 43.69 18.53 11.72
C TYR D 133 44.39 19.87 11.56
N GLU D 134 45.66 19.96 11.94
CA GLU D 134 46.32 21.26 11.94
C GLU D 134 46.53 21.82 10.53
N THR D 135 46.76 20.95 9.54
CA THR D 135 47.00 21.39 8.18
C THR D 135 45.72 21.52 7.35
N LYS D 136 44.64 20.82 7.71
CA LYS D 136 43.41 20.82 6.94
C LYS D 136 42.27 21.51 7.68
N LYS D 137 42.55 22.08 8.86
CA LYS D 137 41.58 22.83 9.63
C LYS D 137 40.92 23.93 8.80
N HIS D 138 41.67 24.51 7.86
CA HIS D 138 41.22 25.65 7.06
C HIS D 138 40.28 25.29 5.92
N LEU D 139 40.17 24.02 5.53
CA LEU D 139 39.38 23.68 4.36
C LEU D 139 37.90 23.96 4.60
N PRO D 140 37.17 24.44 3.58
CA PRO D 140 35.80 24.93 3.81
C PRO D 140 34.79 23.85 4.21
N LEU D 141 35.05 22.58 3.92
CA LEU D 141 34.14 21.50 4.29
C LEU D 141 34.85 20.46 5.16
N TYR D 142 35.80 20.91 5.99
CA TYR D 142 36.63 20.00 6.77
C TYR D 142 35.80 19.09 7.67
N GLY D 143 35.94 17.78 7.47
CA GLY D 143 35.35 16.80 8.35
C GLY D 143 33.93 16.39 8.00
N LEU D 144 33.34 16.98 6.95
CA LEU D 144 31.93 16.78 6.68
C LEU D 144 31.73 15.60 5.72
N PRO D 145 30.96 14.58 6.09
CA PRO D 145 30.62 13.52 5.14
C PRO D 145 29.43 13.95 4.28
N PHE D 146 29.27 13.27 3.15
CA PHE D 146 28.11 13.53 2.31
C PHE D 146 27.74 12.29 1.52
N SER D 147 26.52 12.28 1.02
CA SER D 147 25.98 11.16 0.25
C SER D 147 26.06 11.45 -1.25
N ILE D 148 26.19 10.39 -2.05
CA ILE D 148 26.22 10.50 -3.50
C ILE D 148 25.25 9.51 -4.11
N LYS D 149 24.51 9.97 -5.12
CA LYS D 149 23.66 9.11 -5.93
C LYS D 149 24.49 7.97 -6.52
N GLU D 150 23.86 6.80 -6.66
CA GLU D 150 24.59 5.60 -7.11
C GLU D 150 25.21 5.81 -8.49
N MET D 151 24.60 6.63 -9.34
CA MET D 151 25.11 6.88 -10.68
C MET D 151 26.44 7.61 -10.68
N ILE D 152 26.88 8.13 -9.54
CA ILE D 152 28.09 8.94 -9.46
C ILE D 152 29.28 8.00 -9.26
N PRO D 153 30.31 8.06 -10.11
CA PRO D 153 31.42 7.13 -9.98
C PRO D 153 32.18 7.31 -8.68
N PHE D 154 32.52 6.19 -8.05
CA PHE D 154 33.37 6.15 -6.88
C PHE D 154 34.35 4.99 -7.06
N VAL D 155 35.57 5.17 -6.56
CA VAL D 155 36.65 4.25 -6.90
C VAL D 155 36.31 2.84 -6.47
N GLY D 156 36.50 1.90 -7.40
CA GLY D 156 36.35 0.47 -7.12
C GLY D 156 34.94 -0.04 -7.09
N ARG D 157 33.96 0.76 -7.47
CA ARG D 157 32.56 0.38 -7.39
C ARG D 157 31.95 0.20 -8.78
N SER D 158 30.89 -0.60 -8.82
CA SER D 158 30.06 -0.64 -10.01
C SER D 158 29.20 0.61 -10.08
N VAL D 159 28.96 1.07 -11.31
CA VAL D 159 28.08 2.21 -11.56
C VAL D 159 27.00 1.75 -12.52
N THR D 160 25.77 1.64 -12.03
CA THR D 160 24.71 0.93 -12.74
C THR D 160 23.48 1.77 -13.04
N HIS D 161 23.31 2.92 -12.39
CA HIS D 161 22.06 3.67 -12.33
C HIS D 161 20.84 2.76 -12.26
N GLY D 162 20.95 1.70 -11.46
CA GLY D 162 19.83 0.81 -11.18
C GLY D 162 19.64 -0.35 -12.14
N SER D 163 20.41 -0.44 -13.21
CA SER D 163 20.26 -1.51 -14.19
C SER D 163 21.15 -2.67 -13.79
N LEU D 164 20.55 -3.85 -13.59
CA LEU D 164 21.29 -5.02 -13.13
C LEU D 164 22.39 -5.44 -14.10
N CYS D 165 22.20 -5.17 -15.39
CA CYS D 165 23.16 -5.61 -16.39
C CYS D 165 24.53 -4.94 -16.25
N TYR D 166 24.64 -3.86 -15.48
CA TYR D 166 25.89 -3.13 -15.36
C TYR D 166 26.62 -3.40 -14.06
N LEU D 167 26.28 -4.50 -13.37
CA LEU D 167 26.90 -4.79 -12.08
C LEU D 167 28.38 -5.13 -12.19
N ASP D 168 28.89 -5.40 -13.38
CA ASP D 168 30.31 -5.65 -13.59
C ASP D 168 31.04 -4.42 -14.13
N ARG D 169 30.37 -3.27 -14.18
CA ARG D 169 30.96 -2.03 -14.68
C ARG D 169 31.65 -1.29 -13.53
N ILE D 170 32.89 -1.67 -13.26
CA ILE D 170 33.69 -1.12 -12.16
C ILE D 170 34.52 0.04 -12.67
N VAL D 171 34.56 1.12 -11.90
CA VAL D 171 35.35 2.29 -12.23
C VAL D 171 36.52 2.33 -11.24
N ASP D 172 37.65 2.88 -11.69
CA ASP D 172 38.80 3.06 -10.81
C ASP D 172 39.03 4.52 -10.47
N TYR D 173 37.97 5.33 -10.52
CA TYR D 173 38.10 6.78 -10.34
C TYR D 173 36.84 7.32 -9.68
N ASN D 174 36.97 8.49 -9.08
CA ASN D 174 35.84 9.26 -8.59
C ASN D 174 35.37 10.27 -9.64
N ALA D 175 34.13 10.73 -9.47
CA ALA D 175 33.65 11.84 -10.27
C ALA D 175 34.43 13.09 -9.94
N ASP D 176 34.57 13.98 -10.94
CA ASP D 176 35.33 15.20 -10.72
C ASP D 176 34.83 15.97 -9.50
N ILE D 177 33.52 16.14 -9.39
CA ILE D 177 32.99 16.91 -8.27
C ILE D 177 33.34 16.22 -6.95
N VAL D 178 33.40 14.89 -6.93
CA VAL D 178 33.73 14.19 -5.69
C VAL D 178 35.18 14.49 -5.28
N ASN D 179 36.11 14.40 -6.23
CA ASN D 179 37.51 14.68 -5.93
C ASN D 179 37.68 16.13 -5.48
N ILE D 180 36.94 17.06 -6.09
CA ILE D 180 37.00 18.46 -5.66
C ILE D 180 36.52 18.59 -4.22
N LEU D 181 35.40 17.95 -3.89
CA LEU D 181 34.88 18.04 -2.53
C LEU D 181 35.84 17.40 -1.53
N ILE D 182 36.48 16.29 -1.92
CA ILE D 182 37.51 15.70 -1.06
C ILE D 182 38.68 16.67 -0.90
N ALA D 183 39.06 17.33 -1.99
CA ALA D 183 40.14 18.31 -1.89
C ALA D 183 39.79 19.45 -0.94
N ASN D 184 38.51 19.61 -0.62
CA ASN D 184 38.07 20.66 0.30
C ASN D 184 37.61 20.12 1.65
N GLY D 185 38.01 18.89 1.98
CA GLY D 185 37.85 18.38 3.33
C GLY D 185 36.63 17.49 3.55
N ALA D 186 35.83 17.26 2.53
CA ALA D 186 34.67 16.39 2.65
C ALA D 186 35.01 15.00 2.13
N TYR D 187 34.05 14.08 2.30
CA TYR D 187 34.24 12.71 1.83
C TYR D 187 32.88 12.02 1.75
N PRO D 188 32.66 11.18 0.75
CA PRO D 188 31.37 10.45 0.68
C PRO D 188 31.38 9.27 1.62
N PHE D 189 30.23 8.99 2.22
CA PHE D 189 30.10 7.86 3.14
C PHE D 189 28.97 6.89 2.81
N VAL D 190 28.11 7.19 1.83
CA VAL D 190 26.98 6.33 1.51
C VAL D 190 26.58 6.60 0.08
N ARG D 191 26.13 5.56 -0.62
CA ARG D 191 25.58 5.67 -1.97
C ARG D 191 24.08 5.45 -1.95
N THR D 192 23.33 6.38 -2.52
CA THR D 192 21.87 6.36 -2.45
C THR D 192 21.23 5.75 -3.70
N THR D 193 19.99 5.31 -3.54
CA THR D 193 19.30 4.55 -4.59
C THR D 193 18.82 5.46 -5.72
N ASN D 194 18.75 4.87 -6.91
CA ASN D 194 18.28 5.52 -8.12
C ASN D 194 17.40 4.47 -8.82
N PRO D 195 16.39 4.88 -9.60
CA PRO D 195 15.47 3.92 -10.21
C PRO D 195 15.90 3.46 -11.59
N GLN D 196 15.16 2.49 -12.11
CA GLN D 196 15.39 1.95 -13.44
C GLN D 196 15.29 3.05 -14.49
N SER D 197 16.25 3.08 -15.42
CA SER D 197 16.33 4.04 -16.54
C SER D 197 16.59 5.47 -16.08
N LEU D 198 16.43 5.74 -14.78
CA LEU D 198 16.53 7.07 -14.18
C LEU D 198 15.43 8.04 -14.59
N MET D 199 14.56 7.62 -15.51
CA MET D 199 13.59 8.54 -16.09
C MET D 199 12.21 8.40 -15.47
N MET D 200 12.16 8.36 -14.14
CA MET D 200 10.89 8.41 -13.42
C MET D 200 11.04 9.36 -12.24
N LEU D 201 9.94 10.06 -11.92
CA LEU D 201 9.90 10.92 -10.75
C LEU D 201 9.56 10.12 -9.50
N GLU D 202 10.03 8.87 -9.45
CA GLU D 202 9.91 8.01 -8.28
C GLU D 202 11.23 7.25 -8.17
N CYS D 203 11.30 6.27 -7.26
CA CYS D 203 12.58 5.60 -6.99
C CYS D 203 12.35 4.10 -6.79
N VAL D 204 12.14 3.39 -7.91
CA VAL D 204 11.97 1.94 -7.93
C VAL D 204 12.97 1.36 -8.91
N SER D 205 13.70 0.33 -8.49
CA SER D 205 14.62 -0.40 -9.34
C SER D 205 14.68 -1.85 -8.89
N PHE D 206 15.25 -2.70 -9.74
CA PHE D 206 15.48 -4.08 -9.38
C PHE D 206 16.84 -4.30 -8.73
N SER D 207 17.49 -3.21 -8.32
CA SER D 207 18.68 -3.29 -7.52
C SER D 207 18.42 -3.03 -6.04
N HIS D 208 17.27 -2.42 -5.71
CA HIS D 208 17.03 -2.01 -4.33
C HIS D 208 15.59 -2.14 -3.84
N GLY D 209 14.61 -2.28 -4.71
CA GLY D 209 13.22 -2.31 -4.29
C GLY D 209 12.54 -0.96 -4.52
N ARG D 210 11.91 -0.42 -3.49
CA ARG D 210 11.16 0.83 -3.58
C ARG D 210 11.59 1.75 -2.46
N THR D 211 11.88 3.00 -2.81
CA THR D 211 12.24 4.04 -1.85
C THR D 211 11.00 4.88 -1.57
N VAL D 212 10.78 5.22 -0.31
CA VAL D 212 9.55 5.89 0.12
C VAL D 212 9.89 7.26 0.72
N ASN D 213 8.84 8.06 0.89
CA ASN D 213 8.97 9.41 1.40
C ASN D 213 9.40 9.39 2.86
N ALA D 214 10.20 10.39 3.24
CA ALA D 214 10.66 10.48 4.63
C ALA D 214 9.56 10.94 5.59
N TYR D 215 8.54 11.64 5.09
CA TYR D 215 7.49 12.18 5.95
C TYR D 215 6.23 11.34 5.95
N ASN D 216 5.97 10.56 4.92
CA ASN D 216 4.78 9.71 4.87
C ASN D 216 5.16 8.48 4.04
N GLY D 217 5.24 7.33 4.70
CA GLY D 217 5.76 6.14 4.06
C GLY D 217 4.86 5.53 3.01
N MET D 218 3.64 6.03 2.86
CA MET D 218 2.77 5.54 1.80
C MET D 218 3.00 6.25 0.49
N LEU D 219 3.79 7.31 0.49
CA LEU D 219 4.06 8.11 -0.69
C LEU D 219 5.48 7.87 -1.18
N THR D 220 5.72 8.23 -2.43
CA THR D 220 7.03 8.07 -3.03
C THR D 220 8.04 9.08 -2.46
N SER D 221 9.30 8.68 -2.52
CA SER D 221 10.38 9.61 -2.24
C SER D 221 10.55 10.62 -3.37
N GLY D 222 10.05 10.31 -4.56
CA GLY D 222 10.41 11.05 -5.75
C GLY D 222 11.56 10.39 -6.46
N GLY D 223 11.98 11.02 -7.55
CA GLY D 223 13.09 10.48 -8.31
C GLY D 223 13.59 11.50 -9.32
N SER D 224 14.67 11.13 -10.00
CA SER D 224 15.36 9.86 -9.84
C SER D 224 16.27 9.81 -8.61
N SER D 225 16.63 10.96 -8.06
CA SER D 225 17.49 10.98 -6.88
C SER D 225 16.64 10.75 -5.62
N GLY D 226 15.93 9.62 -5.64
CA GLY D 226 14.99 9.33 -4.57
C GLY D 226 15.66 9.01 -3.26
N GLY D 227 16.73 8.20 -3.30
CA GLY D 227 17.50 7.97 -2.10
C GLY D 227 18.02 9.26 -1.48
N GLU D 228 18.50 10.17 -2.33
CA GLU D 228 19.02 11.46 -1.85
C GLU D 228 17.93 12.27 -1.16
N GLY D 229 16.73 12.33 -1.76
CA GLY D 229 15.66 13.07 -1.13
C GLY D 229 15.24 12.48 0.20
N ALA D 230 15.12 11.15 0.24
CA ALA D 230 14.73 10.48 1.49
C ALA D 230 15.83 10.61 2.55
N LEU D 231 17.07 10.28 2.18
CA LEU D 231 18.14 10.31 3.16
C LEU D 231 18.33 11.72 3.73
N ASN D 232 18.32 12.74 2.86
CA ASN D 232 18.50 14.11 3.36
C ASN D 232 17.22 14.69 3.95
N GLY D 233 16.05 14.17 3.55
CA GLY D 233 14.84 14.52 4.26
C GLY D 233 14.81 13.99 5.68
N MET D 234 15.37 12.81 5.92
CA MET D 234 15.53 12.28 7.27
C MET D 234 16.69 12.92 8.00
N ARG D 235 17.38 13.87 7.36
CA ARG D 235 18.56 14.53 7.92
C ARG D 235 19.61 13.51 8.35
N ALA D 236 19.73 12.44 7.58
CA ALA D 236 20.72 11.41 7.84
C ALA D 236 21.97 11.59 6.98
N SER D 237 22.10 12.73 6.31
CA SER D 237 23.29 13.10 5.57
C SER D 237 23.36 14.61 5.65
N PRO D 238 24.56 15.20 5.73
CA PRO D 238 24.64 16.67 5.72
C PRO D 238 24.16 17.27 4.41
N PHE D 239 24.58 16.67 3.28
CA PHE D 239 24.08 17.02 1.96
C PHE D 239 24.38 15.84 1.04
N GLY D 240 23.77 15.88 -0.16
CA GLY D 240 24.02 14.87 -1.16
C GLY D 240 24.07 15.47 -2.56
N LEU D 241 24.61 14.68 -3.49
CA LEU D 241 24.66 15.04 -4.89
C LEU D 241 23.69 14.20 -5.70
N GLY D 242 22.82 14.86 -6.46
CA GLY D 242 21.96 14.18 -7.40
C GLY D 242 22.20 14.59 -8.83
N SER D 243 21.26 14.23 -9.71
CA SER D 243 21.28 14.63 -11.10
C SER D 243 19.87 15.06 -11.48
N ASP D 244 19.76 15.91 -12.50
CA ASP D 244 18.47 16.48 -12.86
C ASP D 244 18.45 16.70 -14.37
N ILE D 245 17.74 15.81 -15.07
CA ILE D 245 17.45 16.00 -16.48
C ILE D 245 15.95 16.16 -16.75
N GLY D 246 15.09 15.83 -15.79
CA GLY D 246 13.65 15.98 -15.93
C GLY D 246 12.98 16.35 -14.62
N GLY D 247 13.76 16.75 -13.63
CA GLY D 247 13.25 17.11 -12.34
C GLY D 247 13.85 16.27 -11.23
N SER D 248 14.88 15.51 -11.59
CA SER D 248 15.37 14.43 -10.75
C SER D 248 16.18 14.91 -9.55
N ILE D 249 16.39 16.22 -9.37
CA ILE D 249 16.90 16.76 -8.13
C ILE D 249 15.79 17.51 -7.37
N ARG D 250 14.97 18.28 -8.08
CA ARG D 250 13.98 19.13 -7.45
C ARG D 250 12.77 18.34 -6.95
N CYS D 251 12.37 17.31 -7.69
CA CYS D 251 11.23 16.50 -7.25
C CYS D 251 11.53 15.76 -5.94
N PRO D 252 12.66 15.05 -5.78
CA PRO D 252 12.95 14.47 -4.46
C PRO D 252 13.05 15.52 -3.36
N ALA D 253 13.72 16.64 -3.61
CA ALA D 253 13.84 17.67 -2.59
C ALA D 253 12.48 18.21 -2.18
N ALA D 254 11.60 18.44 -3.15
CA ALA D 254 10.28 18.99 -2.84
C ALA D 254 9.40 17.97 -2.13
N PHE D 255 9.49 16.70 -2.52
CA PHE D 255 8.66 15.69 -1.88
C PHE D 255 9.07 15.46 -0.43
N ASN D 256 10.33 15.70 -0.08
CA ASN D 256 10.86 15.45 1.26
C ASN D 256 11.11 16.74 2.03
N GLY D 257 10.58 17.87 1.56
CA GLY D 257 10.62 19.10 2.33
C GLY D 257 12.00 19.65 2.62
N ILE D 258 12.92 19.53 1.66
CA ILE D 258 14.27 20.06 1.87
C ILE D 258 14.64 20.93 0.67
N TYR D 259 15.90 21.35 0.59
CA TYR D 259 16.37 22.16 -0.52
C TYR D 259 17.07 21.29 -1.54
N GLY D 260 16.90 21.65 -2.81
CA GLY D 260 17.59 20.99 -3.90
C GLY D 260 17.78 21.95 -5.05
N LEU D 261 19.01 22.07 -5.53
CA LEU D 261 19.35 23.03 -6.58
C LEU D 261 19.67 22.30 -7.88
N ARG D 262 18.83 22.52 -8.89
CA ARG D 262 19.20 22.22 -10.28
C ARG D 262 20.05 23.39 -10.74
N SER D 263 21.36 23.24 -10.67
CA SER D 263 22.24 24.34 -11.03
C SER D 263 22.34 24.47 -12.56
N THR D 264 22.67 25.69 -13.01
CA THR D 264 22.80 25.96 -14.44
C THR D 264 23.89 25.08 -15.05
N LEU D 265 23.59 24.51 -16.22
CA LEU D 265 24.57 23.69 -16.91
C LEU D 265 25.80 24.54 -17.19
N GLY D 266 26.98 24.00 -16.94
CA GLY D 266 28.22 24.71 -17.16
C GLY D 266 28.84 25.32 -15.93
N ARG D 267 28.30 25.08 -14.77
CA ARG D 267 28.91 25.56 -13.55
C ARG D 267 29.67 24.49 -12.82
N ILE D 268 29.06 23.35 -12.58
CA ILE D 268 29.73 22.33 -11.79
C ILE D 268 29.81 21.04 -12.59
N PRO D 269 30.88 20.25 -12.44
CA PRO D 269 31.10 19.10 -13.34
C PRO D 269 30.14 17.95 -13.05
N THR D 270 29.49 17.46 -14.12
CA THR D 270 28.56 16.34 -14.02
C THR D 270 28.71 15.31 -15.13
N ALA D 271 29.46 15.60 -16.20
CA ALA D 271 29.41 14.74 -17.38
C ALA D 271 29.95 13.34 -17.10
N ASP D 272 30.85 13.21 -16.12
CA ASP D 272 31.38 11.88 -15.86
C ASP D 272 30.42 11.00 -15.06
N TYR D 273 29.25 11.49 -14.69
CA TYR D 273 28.24 10.58 -14.18
C TYR D 273 27.88 9.57 -15.27
N PHE D 274 27.25 8.47 -14.85
CA PHE D 274 26.78 7.42 -15.76
C PHE D 274 25.26 7.46 -15.84
N SER D 275 24.73 7.33 -17.05
CA SER D 275 23.30 7.20 -17.24
C SER D 275 23.05 6.34 -18.48
N CYS D 276 21.78 6.23 -18.86
CA CYS D 276 21.50 5.72 -20.20
C CYS D 276 21.83 6.80 -21.21
N ASN D 277 21.95 6.38 -22.48
CA ASN D 277 22.13 7.32 -23.59
C ASN D 277 23.41 8.13 -23.43
N ARG D 278 24.50 7.45 -23.10
CA ARG D 278 25.79 8.10 -22.97
C ARG D 278 26.27 8.59 -24.33
N GLY D 279 26.69 9.86 -24.38
CA GLY D 279 27.00 10.52 -25.63
C GLY D 279 25.86 11.33 -26.18
N SER D 280 24.65 11.14 -25.67
CA SER D 280 23.53 11.99 -26.05
C SER D 280 23.75 13.38 -25.47
N GLU D 281 23.70 14.38 -26.34
CA GLU D 281 23.93 15.76 -25.92
C GLU D 281 22.76 16.68 -26.22
N SER D 282 21.73 16.20 -26.92
CA SER D 282 20.63 17.09 -27.30
C SER D 282 19.95 17.70 -26.08
N ILE D 283 19.76 16.91 -25.02
CA ILE D 283 19.31 17.41 -23.73
C ILE D 283 20.26 16.86 -22.68
N LEU D 284 20.89 17.75 -21.92
CA LEU D 284 21.93 17.37 -20.98
C LEU D 284 21.42 17.48 -19.54
N SER D 285 21.77 16.49 -18.74
CA SER D 285 21.50 16.53 -17.32
C SER D 285 22.47 17.46 -16.61
N VAL D 286 22.07 17.93 -15.44
CA VAL D 286 22.94 18.70 -14.57
C VAL D 286 22.93 18.06 -13.18
N THR D 287 23.90 18.45 -12.38
CA THR D 287 23.96 18.01 -11.00
C THR D 287 23.75 19.23 -10.10
N GLY D 288 23.85 19.00 -8.80
CA GLY D 288 23.56 20.01 -7.81
C GLY D 288 23.26 19.37 -6.47
N PRO D 289 23.37 20.14 -5.39
CA PRO D 289 23.21 19.56 -4.05
C PRO D 289 21.76 19.53 -3.57
N LEU D 290 21.50 18.54 -2.73
CA LEU D 290 20.30 18.47 -1.91
C LEU D 290 20.73 18.53 -0.46
N SER D 291 19.97 19.27 0.35
CA SER D 291 20.27 19.35 1.77
C SER D 291 19.08 19.85 2.53
N ARG D 292 19.00 19.44 3.79
CA ARG D 292 18.06 20.06 4.72
C ARG D 292 18.35 21.54 4.89
N SER D 293 19.58 21.96 4.63
CA SER D 293 20.09 23.26 5.02
C SER D 293 20.39 24.10 3.79
N LEU D 294 19.67 25.20 3.62
CA LEU D 294 19.97 26.13 2.53
C LEU D 294 21.41 26.61 2.59
N ASP D 295 21.87 26.99 3.79
CA ASP D 295 23.25 27.44 3.95
C ASP D 295 24.23 26.37 3.50
N THR D 296 23.86 25.10 3.62
CA THR D 296 24.76 24.04 3.17
C THR D 296 24.76 23.94 1.64
N VAL D 297 23.59 24.14 1.01
CA VAL D 297 23.52 24.18 -0.44
C VAL D 297 24.43 25.26 -0.98
N ASN D 298 24.32 26.48 -0.43
CA ASN D 298 25.11 27.59 -0.92
C ASN D 298 26.61 27.31 -0.77
N LEU D 299 27.00 26.75 0.37
CA LEU D 299 28.43 26.53 0.66
C LEU D 299 29.05 25.49 -0.27
N VAL D 300 28.30 24.45 -0.66
CA VAL D 300 28.84 23.45 -1.58
C VAL D 300 29.10 24.06 -2.96
N MET D 301 28.11 24.80 -3.49
CA MET D 301 28.30 25.51 -4.75
C MET D 301 29.51 26.44 -4.69
N LYS D 302 29.56 27.29 -3.67
CA LYS D 302 30.71 28.18 -3.46
C LYS D 302 32.01 27.40 -3.38
N THR D 303 32.01 26.28 -2.67
CA THR D 303 33.25 25.53 -2.51
C THR D 303 33.69 24.91 -3.83
N VAL D 304 32.76 24.31 -4.56
CA VAL D 304 33.11 23.65 -5.81
C VAL D 304 33.54 24.67 -6.87
N ILE D 305 32.80 25.76 -7.00
CA ILE D 305 33.09 26.73 -8.07
C ILE D 305 34.39 27.48 -7.77
N GLU D 306 34.64 27.80 -6.51
CA GLU D 306 35.89 28.47 -6.15
C GLU D 306 37.11 27.55 -6.30
N ALA D 307 36.89 26.25 -6.49
CA ALA D 307 37.99 25.36 -6.82
C ALA D 307 38.36 25.40 -8.30
N LYS D 308 37.70 26.27 -9.07
CA LYS D 308 37.93 26.51 -10.49
C LYS D 308 37.80 25.22 -11.28
N PRO D 309 36.62 24.58 -11.27
CA PRO D 309 36.49 23.26 -11.92
C PRO D 309 36.65 23.29 -13.43
N TRP D 310 36.61 24.47 -14.04
CA TRP D 310 36.84 24.54 -15.48
C TRP D 310 38.28 24.19 -15.87
N LEU D 311 39.19 24.05 -14.90
CA LEU D 311 40.54 23.61 -15.17
C LEU D 311 40.67 22.09 -15.13
N ILE D 312 39.58 21.38 -14.85
CA ILE D 312 39.51 19.94 -15.00
C ILE D 312 38.44 19.53 -16.02
N ASP D 313 37.31 20.22 -16.03
CA ASP D 313 36.22 19.96 -16.97
C ASP D 313 36.07 21.15 -17.92
N PRO D 314 36.44 21.02 -19.19
CA PRO D 314 36.42 22.19 -20.08
C PRO D 314 35.06 22.58 -20.59
N THR D 315 33.98 21.86 -20.24
CA THR D 315 32.64 22.29 -20.63
C THR D 315 32.13 23.42 -19.76
N LEU D 316 32.87 23.78 -18.70
CA LEU D 316 32.37 24.66 -17.66
C LEU D 316 32.83 26.11 -17.88
N VAL D 317 32.06 27.03 -17.32
CA VAL D 317 32.28 28.45 -17.53
C VAL D 317 32.95 29.05 -16.29
N PRO D 318 33.98 29.89 -16.44
CA PRO D 318 34.66 30.50 -15.28
C PRO D 318 33.89 31.68 -14.70
N LEU D 319 32.74 31.40 -14.13
CA LEU D 319 31.86 32.43 -13.58
C LEU D 319 31.80 32.27 -12.06
N ASP D 320 32.28 33.28 -11.34
CA ASP D 320 32.39 33.18 -9.89
C ASP D 320 31.02 32.95 -9.26
N TRP D 321 31.05 32.29 -8.11
CA TRP D 321 29.86 32.19 -7.27
C TRP D 321 29.80 33.44 -6.41
N LYS D 322 28.89 34.35 -6.72
CA LYS D 322 28.85 35.65 -6.05
C LYS D 322 27.44 35.95 -5.57
N ARG D 323 27.32 36.30 -4.29
CA ARG D 323 26.05 36.77 -3.75
C ARG D 323 25.62 38.06 -4.47
N PRO D 324 24.36 38.17 -4.88
CA PRO D 324 23.93 39.37 -5.60
C PRO D 324 23.85 40.60 -4.69
N GLU D 325 24.11 41.75 -5.30
CA GLU D 325 24.04 43.04 -4.62
C GLU D 325 22.69 43.72 -4.77
N ASN D 326 21.70 43.06 -5.39
CA ASN D 326 20.37 43.64 -5.54
C ASN D 326 19.78 43.99 -4.19
N LYS D 327 19.16 45.16 -4.11
CA LYS D 327 18.38 45.57 -2.95
C LYS D 327 16.88 45.46 -3.18
N LYS D 328 16.43 45.63 -4.42
CA LYS D 328 15.05 45.40 -4.83
C LYS D 328 14.96 44.13 -5.66
N PHE D 329 13.76 43.56 -5.70
CA PHE D 329 13.53 42.36 -6.48
C PHE D 329 12.22 42.48 -7.24
N ARG D 330 12.21 41.97 -8.47
CA ARG D 330 11.00 41.71 -9.22
C ARG D 330 10.82 40.21 -9.36
N VAL D 331 9.66 39.71 -8.92
CA VAL D 331 9.40 38.27 -8.81
C VAL D 331 8.03 37.97 -9.41
N GLY D 332 7.96 36.93 -10.22
CA GLY D 332 6.71 36.44 -10.77
C GLY D 332 6.23 35.20 -10.04
N ILE D 333 4.92 35.04 -9.95
CA ILE D 333 4.29 33.86 -9.36
C ILE D 333 3.62 33.07 -10.48
N TYR D 334 4.07 31.82 -10.65
CA TYR D 334 3.57 30.91 -11.69
C TYR D 334 2.50 30.05 -11.04
N VAL D 335 1.24 30.48 -11.16
CA VAL D 335 0.16 29.81 -10.45
C VAL D 335 -0.22 28.48 -11.11
N SER D 336 -0.10 28.39 -12.43
CA SER D 336 -0.48 27.19 -13.15
C SER D 336 0.00 27.32 -14.58
N ASP D 337 0.29 26.18 -15.21
CA ASP D 337 0.54 26.16 -16.64
C ASP D 337 -0.76 26.02 -17.43
N HIS D 338 -1.89 25.94 -16.73
CA HIS D 338 -3.22 25.84 -17.31
C HIS D 338 -3.36 24.56 -18.13
N ILE D 339 -2.56 23.55 -17.79
CA ILE D 339 -2.72 22.19 -18.30
C ILE D 339 -3.04 21.22 -17.17
N VAL D 340 -2.30 21.32 -16.06
CA VAL D 340 -2.59 20.56 -14.84
C VAL D 340 -2.50 21.54 -13.68
N ASN D 341 -3.64 21.83 -13.04
CA ASN D 341 -3.69 22.75 -11.93
C ASN D 341 -3.11 22.12 -10.66
N PRO D 342 -2.49 22.90 -9.80
CA PRO D 342 -1.93 22.35 -8.56
C PRO D 342 -3.00 21.98 -7.55
N SER D 343 -2.68 20.99 -6.73
CA SER D 343 -3.57 20.57 -5.66
C SER D 343 -3.60 21.64 -4.56
N PRO D 344 -4.60 21.60 -3.68
CA PRO D 344 -4.75 22.66 -2.66
C PRO D 344 -3.47 22.92 -1.87
N PRO D 345 -2.73 21.89 -1.39
CA PRO D 345 -1.53 22.21 -0.59
C PRO D 345 -0.51 23.06 -1.33
N ILE D 346 -0.31 22.80 -2.62
CA ILE D 346 0.62 23.64 -3.39
C ILE D 346 0.04 25.03 -3.58
N ASN D 347 -1.27 25.10 -3.81
CA ASN D 347 -1.95 26.37 -4.04
C ASN D 347 -1.82 27.28 -2.83
N ARG D 348 -1.95 26.72 -1.63
CA ARG D 348 -1.77 27.51 -0.40
C ARG D 348 -0.31 27.93 -0.24
N ALA D 349 0.63 27.08 -0.65
CA ALA D 349 2.04 27.47 -0.61
C ALA D 349 2.29 28.70 -1.47
N LEU D 350 1.67 28.76 -2.65
CA LEU D 350 1.84 29.92 -3.52
C LEU D 350 1.31 31.20 -2.89
N SER D 351 0.14 31.12 -2.23
CA SER D 351 -0.40 32.31 -1.56
C SER D 351 0.48 32.72 -0.37
N MET D 352 0.91 31.74 0.42
CA MET D 352 1.78 32.02 1.56
C MET D 352 3.04 32.77 1.12
N VAL D 353 3.68 32.27 0.07
CA VAL D 353 4.93 32.87 -0.38
C VAL D 353 4.65 34.20 -1.06
N THR D 354 3.51 34.31 -1.75
CA THR D 354 3.10 35.57 -2.34
C THR D 354 2.87 36.64 -1.28
N GLU D 355 2.07 36.30 -0.26
CA GLU D 355 1.77 37.28 0.78
C GLU D 355 3.03 37.67 1.55
N LYS D 356 3.97 36.73 1.74
CA LYS D 356 5.20 37.09 2.45
C LYS D 356 6.05 38.06 1.64
N LEU D 357 6.17 37.84 0.33
CA LEU D 357 6.97 38.76 -0.49
C LEU D 357 6.31 40.12 -0.60
N LYS D 358 4.97 40.16 -0.71
CA LYS D 358 4.28 41.44 -0.76
C LYS D 358 4.44 42.21 0.54
N SER D 359 4.61 41.50 1.66
CA SER D 359 4.76 42.17 2.95
C SER D 359 6.12 42.80 3.13
N LEU D 360 7.10 42.43 2.31
CA LEU D 360 8.40 43.09 2.32
C LEU D 360 8.39 44.18 1.26
N GLY D 361 8.91 45.36 1.62
CA GLY D 361 8.74 46.51 0.76
C GLY D 361 9.45 46.40 -0.59
N ASN D 362 10.55 45.66 -0.63
CA ASN D 362 11.46 45.67 -1.77
C ASN D 362 11.15 44.61 -2.82
N PHE D 363 9.98 43.99 -2.77
CA PHE D 363 9.60 43.01 -3.77
C PHE D 363 8.42 43.53 -4.57
N GLU D 364 8.56 43.54 -5.89
CA GLU D 364 7.43 43.71 -6.80
C GLU D 364 7.01 42.34 -7.28
N VAL D 365 5.73 42.04 -7.15
CA VAL D 365 5.23 40.68 -7.34
C VAL D 365 4.16 40.73 -8.44
N VAL D 366 4.39 39.97 -9.51
CA VAL D 366 3.47 39.95 -10.64
C VAL D 366 3.10 38.51 -10.95
N THR D 367 1.95 38.34 -11.59
CA THR D 367 1.55 37.03 -12.08
C THR D 367 2.32 36.66 -13.34
N PHE D 368 2.78 35.41 -13.40
CA PHE D 368 3.58 34.92 -14.51
C PHE D 368 2.76 33.91 -15.32
N GLU D 369 2.53 34.21 -16.57
CA GLU D 369 1.75 33.33 -17.42
C GLU D 369 2.65 32.31 -18.10
N PRO D 370 2.11 31.15 -18.44
CA PRO D 370 2.91 30.15 -19.15
C PRO D 370 3.17 30.57 -20.60
N TYR D 371 4.14 29.91 -21.22
CA TYR D 371 4.39 30.06 -22.65
C TYR D 371 4.51 28.68 -23.29
N LYS D 372 3.52 28.32 -24.10
CA LYS D 372 3.46 27.07 -24.84
C LYS D 372 4.06 25.87 -24.08
N PRO D 373 3.54 25.60 -22.86
CA PRO D 373 4.08 24.46 -22.08
C PRO D 373 3.88 23.11 -22.75
N GLU D 374 2.92 22.99 -23.67
CA GLU D 374 2.75 21.76 -24.43
C GLU D 374 3.98 21.43 -25.26
N LYS D 375 4.72 22.46 -25.71
CA LYS D 375 5.91 22.23 -26.52
C LYS D 375 7.02 21.56 -25.73
N VAL D 376 6.96 21.67 -24.40
CA VAL D 376 7.95 21.00 -23.56
C VAL D 376 7.87 19.49 -23.77
N THR D 377 6.66 18.93 -23.64
CA THR D 377 6.46 17.51 -23.85
C THR D 377 6.81 17.10 -25.28
N GLU D 378 6.39 17.89 -26.27
CA GLU D 378 6.64 17.54 -27.66
C GLU D 378 8.14 17.45 -27.95
N ILE D 379 8.91 18.46 -27.54
CA ILE D 379 10.34 18.47 -27.82
C ILE D 379 11.07 17.42 -26.99
N LEU D 380 10.81 17.42 -25.68
CA LEU D 380 11.41 16.39 -24.82
C LEU D 380 10.93 15.00 -25.21
N GLY D 381 9.72 14.91 -25.79
CA GLY D 381 9.24 13.65 -26.31
C GLY D 381 10.13 13.07 -27.41
N LYS D 382 10.84 13.94 -28.13
CA LYS D 382 11.72 13.46 -29.19
C LYS D 382 13.19 13.36 -28.77
N LEU D 383 13.63 14.16 -27.79
CA LEU D 383 15.05 14.28 -27.49
C LEU D 383 15.51 13.52 -26.24
N TYR D 384 14.60 13.16 -25.31
CA TYR D 384 15.01 12.39 -24.15
C TYR D 384 15.60 11.03 -24.55
N PHE D 385 14.88 10.29 -25.39
CA PHE D 385 15.33 8.99 -25.88
C PHE D 385 15.41 9.10 -27.41
N GLU D 386 16.47 9.74 -27.90
CA GLU D 386 16.54 10.01 -29.33
C GLU D 386 16.96 8.81 -30.14
N ASP D 387 17.37 7.71 -29.49
CA ASP D 387 17.67 6.47 -30.18
C ASP D 387 16.49 5.51 -30.16
N GLY D 388 15.29 6.00 -29.87
CA GLY D 388 14.14 5.13 -29.73
C GLY D 388 14.22 4.20 -28.53
N ALA D 389 14.95 4.60 -27.50
CA ALA D 389 15.15 3.81 -26.29
C ALA D 389 15.88 2.49 -26.56
N ARG D 390 16.63 2.40 -27.67
CA ARG D 390 17.37 1.18 -27.94
C ARG D 390 18.40 0.91 -26.84
N ASP D 391 19.10 1.94 -26.40
CA ASP D 391 20.14 1.74 -25.39
C ASP D 391 19.55 1.24 -24.08
N PHE D 392 18.42 1.83 -23.66
CA PHE D 392 17.81 1.38 -22.41
C PHE D 392 17.29 -0.05 -22.53
N ARG D 393 16.58 -0.36 -23.62
CA ARG D 393 15.96 -1.67 -23.73
C ARG D 393 17.01 -2.78 -23.74
N ALA D 394 18.23 -2.48 -24.21
CA ALA D 394 19.30 -3.47 -24.16
C ALA D 394 19.67 -3.85 -22.73
N THR D 395 19.35 -3.00 -21.76
CA THR D 395 19.56 -3.36 -20.36
C THR D 395 18.62 -4.46 -19.90
N LEU D 396 17.52 -4.68 -20.63
CA LEU D 396 16.51 -5.66 -20.24
C LEU D 396 16.77 -7.03 -20.87
N GLN D 397 17.90 -7.22 -21.52
CA GLN D 397 18.27 -8.52 -22.07
C GLN D 397 18.50 -9.55 -20.97
N THR D 398 18.75 -9.09 -19.74
CA THR D 398 18.81 -9.95 -18.58
C THR D 398 17.45 -10.52 -18.18
N GLY D 399 16.37 -10.06 -18.81
CA GLY D 399 15.03 -10.39 -18.38
C GLY D 399 14.45 -9.47 -17.33
N GLU D 400 15.23 -8.49 -16.87
CA GLU D 400 14.77 -7.45 -15.95
C GLU D 400 13.45 -6.86 -16.40
N PRO D 401 12.40 -6.92 -15.57
CA PRO D 401 11.09 -6.43 -16.01
C PRO D 401 11.06 -4.92 -16.21
N LEU D 402 10.16 -4.48 -17.08
CA LEU D 402 9.95 -3.07 -17.34
C LEU D 402 8.93 -2.52 -16.32
N LEU D 403 9.38 -1.58 -15.50
CA LEU D 403 8.50 -0.97 -14.51
C LEU D 403 7.45 -0.09 -15.19
N GLU D 404 6.30 0.06 -14.51
CA GLU D 404 5.21 0.87 -15.07
C GLU D 404 5.63 2.31 -15.32
N GLN D 405 6.40 2.88 -14.39
CA GLN D 405 6.83 4.27 -14.58
C GLN D 405 7.80 4.39 -15.75
N THR D 406 8.71 3.42 -15.89
CA THR D 406 9.63 3.44 -17.02
C THR D 406 8.87 3.37 -18.34
N ARG D 407 7.77 2.61 -18.37
CA ARG D 407 6.97 2.52 -19.58
C ARG D 407 6.56 3.89 -20.10
N TRP D 408 6.10 4.77 -19.20
CA TRP D 408 5.71 6.11 -19.63
C TRP D 408 6.87 6.83 -20.31
N ALA D 409 8.08 6.69 -19.77
CA ALA D 409 9.20 7.49 -20.24
C ALA D 409 9.68 7.07 -21.62
N ILE D 410 9.54 5.80 -21.98
CA ILE D 410 10.04 5.31 -23.25
C ILE D 410 8.95 5.09 -24.28
N GLU D 411 7.69 5.18 -23.90
CA GLU D 411 6.61 5.02 -24.87
C GLU D 411 6.63 6.14 -25.90
N GLY D 412 6.61 5.76 -27.18
CA GLY D 412 6.63 6.70 -28.27
C GLY D 412 8.00 7.15 -28.73
N ALA D 413 9.07 6.64 -28.13
CA ALA D 413 10.42 7.06 -28.48
C ALA D 413 10.73 6.69 -29.94
N GLU D 414 11.17 7.68 -30.71
CA GLU D 414 11.58 7.48 -32.09
C GLU D 414 13.09 7.32 -32.17
N ASP D 415 13.56 6.45 -33.06
CA ASP D 415 14.98 6.39 -33.38
C ASP D 415 15.24 7.43 -34.46
N LEU D 416 15.70 8.61 -34.04
CA LEU D 416 15.79 9.76 -34.93
C LEU D 416 16.90 9.59 -35.95
N ASP D 417 16.57 9.89 -37.21
CA ASP D 417 17.58 10.14 -38.22
C ASP D 417 18.25 11.48 -37.94
N MET D 418 19.49 11.65 -38.42
CA MET D 418 20.24 12.89 -38.16
C MET D 418 19.41 14.12 -38.49
N HIS D 419 18.68 14.09 -39.60
CA HIS D 419 17.85 15.23 -39.96
C HIS D 419 16.71 15.42 -38.97
N ASP D 420 16.19 14.33 -38.41
CA ASP D 420 15.15 14.47 -37.39
C ASP D 420 15.69 15.15 -36.14
N GLN D 421 16.90 14.77 -35.71
CA GLN D 421 17.51 15.43 -34.57
C GLN D 421 17.76 16.91 -34.85
N TRP D 422 18.27 17.23 -36.03
CA TRP D 422 18.48 18.63 -36.41
C TRP D 422 17.18 19.41 -36.33
N TYR D 423 16.09 18.81 -36.83
CA TYR D 423 14.79 19.47 -36.78
C TYR D 423 14.39 19.81 -35.34
N TRP D 424 14.60 18.86 -34.43
CA TRP D 424 14.15 19.08 -33.06
C TRP D 424 15.15 19.89 -32.25
N ASN D 425 16.43 19.85 -32.61
CA ASN D 425 17.39 20.78 -32.05
C ASN D 425 17.02 22.23 -32.40
N LEU D 426 16.61 22.47 -33.65
CA LEU D 426 16.12 23.80 -34.01
C LEU D 426 14.84 24.15 -33.28
N GLN D 427 13.93 23.19 -33.12
CA GLN D 427 12.74 23.43 -32.30
C GLN D 427 13.12 23.76 -30.87
N LYS D 428 14.13 23.06 -30.34
CA LYS D 428 14.59 23.29 -28.98
C LYS D 428 15.15 24.70 -28.83
N GLN D 429 16.04 25.11 -29.75
CA GLN D 429 16.66 26.44 -29.65
C GLN D 429 15.65 27.55 -29.91
N ALA D 430 14.68 27.32 -30.80
CA ALA D 430 13.65 28.33 -31.03
C ALA D 430 12.78 28.54 -29.80
N TYR D 431 12.34 27.46 -29.16
CA TYR D 431 11.53 27.58 -27.94
C TYR D 431 12.29 28.32 -26.85
N ARG D 432 13.57 27.98 -26.65
CA ARG D 432 14.38 28.68 -25.67
C ARG D 432 14.44 30.17 -25.97
N LYS D 433 14.64 30.53 -27.24
CA LYS D 433 14.70 31.93 -27.62
C LYS D 433 13.34 32.60 -27.47
N GLU D 434 12.27 31.93 -27.89
CA GLU D 434 10.93 32.47 -27.69
C GLU D 434 10.64 32.69 -26.20
N PHE D 435 11.04 31.73 -25.35
CA PHE D 435 10.73 31.81 -23.92
C PHE D 435 11.47 32.95 -23.25
N LEU D 436 12.72 33.18 -23.66
CA LEU D 436 13.47 34.31 -23.12
C LEU D 436 12.74 35.61 -23.39
N LYS D 437 12.23 35.77 -24.62
CA LYS D 437 11.45 36.95 -24.99
C LYS D 437 10.20 37.06 -24.13
N HIS D 438 9.57 35.91 -23.85
CA HIS D 438 8.43 35.89 -22.94
C HIS D 438 8.83 36.40 -21.57
N TRP D 439 9.92 35.86 -21.01
CA TRP D 439 10.40 36.29 -19.70
C TRP D 439 10.70 37.78 -19.69
N CYS D 440 11.40 38.28 -20.72
CA CYS D 440 11.78 39.69 -20.78
C CYS D 440 10.59 40.60 -21.04
N SER D 441 9.47 40.06 -21.54
CA SER D 441 8.28 40.88 -21.69
C SER D 441 7.75 41.36 -20.35
N TYR D 442 8.22 40.80 -19.25
CA TYR D 442 7.84 41.21 -17.91
C TYR D 442 8.75 42.29 -17.34
N THR D 443 9.80 42.69 -18.07
CA THR D 443 10.62 43.81 -17.65
C THR D 443 9.77 45.07 -17.55
N ASP D 444 10.03 45.88 -16.51
CA ASP D 444 9.21 47.06 -16.25
C ASP D 444 9.70 48.26 -17.06
N ASN D 445 9.01 49.40 -16.91
CA ASN D 445 9.31 50.58 -17.72
C ASN D 445 10.73 51.08 -17.50
N ASP D 446 11.25 50.93 -16.28
CA ASP D 446 12.60 51.36 -15.97
C ASP D 446 13.65 50.35 -16.42
N GLY D 447 13.23 49.21 -16.98
CA GLY D 447 14.16 48.21 -17.48
C GLY D 447 14.60 47.17 -16.48
N ASN D 448 13.84 46.97 -15.40
CA ASN D 448 14.21 45.96 -14.40
C ASN D 448 13.67 44.59 -14.84
N VAL D 449 14.59 43.65 -15.08
CA VAL D 449 14.16 42.32 -15.50
C VAL D 449 13.57 41.57 -14.32
N LEU D 450 12.73 40.59 -14.62
CA LEU D 450 12.33 39.63 -13.61
C LEU D 450 13.56 38.94 -13.05
N ASP D 451 13.70 38.95 -11.73
CA ASP D 451 14.83 38.29 -11.08
C ASP D 451 14.59 36.81 -10.89
N ALA D 452 13.35 36.41 -10.63
CA ALA D 452 13.03 35.03 -10.37
C ALA D 452 11.54 34.82 -10.52
N VAL D 453 11.17 33.56 -10.76
CA VAL D 453 9.78 33.11 -10.79
C VAL D 453 9.60 32.03 -9.73
N ILE D 454 8.47 32.08 -9.04
CA ILE D 454 8.09 31.08 -8.05
C ILE D 454 7.02 30.20 -8.67
N ALA D 455 7.25 28.90 -8.68
CA ALA D 455 6.42 27.95 -9.40
C ALA D 455 6.30 26.66 -8.61
N PRO D 456 5.32 25.82 -8.92
CA PRO D 456 5.29 24.48 -8.33
C PRO D 456 6.47 23.65 -8.80
N VAL D 457 6.79 22.63 -8.03
CA VAL D 457 7.73 21.62 -8.50
C VAL D 457 6.99 20.46 -9.17
N PHE D 458 5.73 20.27 -8.79
CA PHE D 458 4.89 19.14 -9.18
C PHE D 458 3.45 19.56 -8.93
N PRO D 459 2.47 18.97 -9.62
CA PRO D 459 1.07 19.39 -9.41
C PRO D 459 0.54 19.07 -8.02
N ASN D 460 1.37 18.52 -7.14
CA ASN D 460 0.92 18.07 -5.83
C ASN D 460 2.14 17.91 -4.95
N VAL D 461 1.89 17.64 -3.67
CA VAL D 461 2.93 17.15 -2.76
C VAL D 461 3.28 15.74 -3.22
N ALA D 462 4.17 15.08 -2.47
CA ALA D 462 4.65 13.74 -2.80
C ALA D 462 3.52 12.83 -3.30
N ALA D 463 3.71 12.26 -4.47
CA ALA D 463 2.67 11.50 -5.13
C ALA D 463 2.48 10.11 -4.50
N LYS D 464 1.30 9.55 -4.74
CA LYS D 464 1.11 8.12 -4.52
C LYS D 464 1.91 7.36 -5.57
N HIS D 465 2.34 6.15 -5.22
CA HIS D 465 3.20 5.37 -6.11
C HIS D 465 2.56 5.20 -7.48
N GLU D 466 3.40 5.29 -8.52
CA GLU D 466 3.00 5.05 -9.92
C GLU D 466 1.92 6.02 -10.39
N THR D 467 2.01 7.29 -9.98
CA THR D 467 1.09 8.31 -10.46
C THR D 467 1.79 9.57 -10.96
N THR D 468 3.12 9.55 -11.11
CA THR D 468 3.86 10.76 -11.54
C THR D 468 3.81 10.86 -13.06
N LYS D 469 2.60 11.13 -13.56
CA LYS D 469 2.31 11.08 -14.99
C LYS D 469 2.34 12.45 -15.65
N TYR D 470 2.94 13.45 -15.00
CA TYR D 470 3.09 14.77 -15.57
C TYR D 470 4.41 15.37 -15.09
N TRP D 471 5.26 15.78 -16.04
CA TRP D 471 6.61 16.23 -15.75
C TRP D 471 6.83 17.72 -15.90
N THR D 472 5.92 18.42 -16.59
CA THR D 472 6.23 19.74 -17.13
C THR D 472 6.68 20.72 -16.04
N TYR D 473 6.14 20.61 -14.82
CA TYR D 473 6.53 21.57 -13.79
C TYR D 473 8.00 21.46 -13.40
N THR D 474 8.67 20.36 -13.74
CA THR D 474 10.13 20.30 -13.64
C THR D 474 10.83 20.24 -14.98
N SER D 475 10.33 19.47 -15.96
CA SER D 475 11.06 19.30 -17.21
C SER D 475 11.05 20.56 -18.08
N GLN D 476 10.08 21.46 -17.87
CA GLN D 476 10.10 22.78 -18.51
C GLN D 476 11.46 23.44 -18.38
N TRP D 477 12.04 23.38 -17.19
CA TRP D 477 13.29 24.07 -16.91
C TRP D 477 14.51 23.23 -17.28
N ASN D 478 14.33 21.96 -17.61
CA ASN D 478 15.40 21.19 -18.23
C ASN D 478 15.48 21.49 -19.73
N LEU D 479 14.32 21.63 -20.38
CA LEU D 479 14.30 22.06 -21.77
C LEU D 479 14.96 23.43 -21.92
N LEU D 480 14.72 24.33 -20.97
CA LEU D 480 15.28 25.68 -20.98
C LEU D 480 16.64 25.79 -20.31
N ASP D 481 17.02 24.82 -19.46
CA ASP D 481 18.29 24.86 -18.73
C ASP D 481 18.35 26.07 -17.80
N TYR D 482 17.23 26.36 -17.16
CA TYR D 482 17.26 27.44 -16.19
C TYR D 482 17.61 26.90 -14.80
N PRO D 483 18.36 27.62 -13.99
CA PRO D 483 18.59 27.17 -12.61
C PRO D 483 17.29 27.22 -11.83
N VAL D 484 17.05 26.17 -11.03
CA VAL D 484 15.82 26.07 -10.24
C VAL D 484 16.18 25.53 -8.86
N LEU D 485 15.70 26.20 -7.82
CA LEU D 485 15.96 25.81 -6.43
C LEU D 485 14.63 25.45 -5.78
N ALA D 486 14.47 24.17 -5.43
CA ALA D 486 13.31 23.77 -4.65
C ALA D 486 13.53 24.16 -3.19
N PHE D 487 12.48 24.62 -2.53
CA PHE D 487 12.61 25.11 -1.17
C PHE D 487 11.33 24.85 -0.40
N PRO D 488 11.40 24.71 0.91
CA PRO D 488 10.21 24.38 1.71
C PRO D 488 9.34 25.60 1.97
N VAL D 489 8.04 25.33 2.11
CA VAL D 489 7.09 26.38 2.46
C VAL D 489 6.21 25.91 3.62
N THR D 490 5.47 24.82 3.42
CA THR D 490 4.52 24.38 4.43
C THR D 490 4.29 22.88 4.31
N LYS D 491 3.45 22.36 5.20
CA LYS D 491 3.03 20.97 5.19
C LYS D 491 1.54 20.90 4.96
N VAL D 492 1.06 19.72 4.55
CA VAL D 492 -0.37 19.54 4.37
C VAL D 492 -1.10 19.88 5.66
N ASP D 493 -2.17 20.65 5.53
CA ASP D 493 -3.01 21.01 6.67
C ASP D 493 -4.40 20.49 6.36
N GLU D 494 -4.88 19.58 7.22
CA GLU D 494 -6.11 18.86 6.92
C GLU D 494 -7.32 19.78 6.93
N SER D 495 -7.28 20.85 7.72
CA SER D 495 -8.37 21.82 7.70
C SER D 495 -8.31 22.67 6.45
N LEU D 496 -7.12 23.17 6.12
CA LEU D 496 -6.99 24.14 5.05
C LEU D 496 -6.99 23.50 3.66
N ASP D 497 -6.59 22.24 3.53
CA ASP D 497 -6.33 21.64 2.22
C ASP D 497 -7.37 20.60 1.83
N GLN D 498 -8.64 20.86 2.13
CA GLN D 498 -9.67 19.97 1.64
C GLN D 498 -9.76 20.10 0.12
N PRO D 499 -10.20 19.07 -0.59
CA PRO D 499 -10.27 19.15 -2.06
C PRO D 499 -11.10 20.35 -2.51
N TYR D 500 -10.77 20.86 -3.70
CA TYR D 500 -11.57 21.92 -4.28
C TYR D 500 -12.98 21.43 -4.54
N LYS D 501 -13.95 22.27 -4.22
CA LYS D 501 -15.34 21.95 -4.49
C LYS D 501 -15.76 22.55 -5.82
N ASN D 502 -16.73 21.88 -6.46
CA ASN D 502 -17.27 22.32 -7.74
C ASN D 502 -16.15 22.47 -8.78
N TYR D 503 -15.14 21.62 -8.68
CA TYR D 503 -14.01 21.71 -9.59
C TYR D 503 -14.42 21.19 -10.97
N LYS D 504 -14.00 21.91 -12.00
CA LYS D 504 -14.22 21.49 -13.39
C LYS D 504 -12.87 21.22 -14.04
N PRO D 505 -12.51 19.97 -14.32
CA PRO D 505 -11.17 19.69 -14.84
C PRO D 505 -10.92 20.35 -16.19
N LEU D 506 -9.64 20.64 -16.47
CA LEU D 506 -9.25 21.27 -17.71
C LEU D 506 -9.12 20.28 -18.87
N ASN D 507 -8.85 19.00 -18.58
CA ASN D 507 -8.65 17.96 -19.58
C ASN D 507 -8.54 16.63 -18.85
N ASP D 508 -8.34 15.55 -19.62
CA ASP D 508 -8.29 14.23 -19.02
C ASP D 508 -7.14 14.10 -18.02
N LEU D 509 -5.98 14.68 -18.35
CA LEU D 509 -4.84 14.56 -17.46
C LEU D 509 -5.04 15.37 -16.18
N ASP D 510 -5.65 16.54 -16.30
CA ASP D 510 -5.98 17.35 -15.12
C ASP D 510 -7.01 16.64 -14.24
N LYS D 511 -7.98 15.97 -14.86
CA LYS D 511 -8.96 15.21 -14.10
C LYS D 511 -8.26 14.11 -13.30
N TYR D 512 -7.30 13.42 -13.92
CA TYR D 512 -6.55 12.38 -13.24
C TYR D 512 -5.88 12.91 -11.96
N PHE D 513 -5.23 14.08 -12.06
CA PHE D 513 -4.55 14.60 -10.88
C PHE D 513 -5.53 15.11 -9.85
N TYR D 514 -6.69 15.61 -10.29
CA TYR D 514 -7.73 16.03 -9.36
C TYR D 514 -8.23 14.84 -8.54
N GLU D 515 -8.54 13.74 -9.22
CA GLU D 515 -8.99 12.54 -8.51
C GLU D 515 -7.88 11.92 -7.68
N GLN D 516 -6.61 12.13 -8.06
CA GLN D 516 -5.52 11.64 -7.23
C GLN D 516 -5.53 12.30 -5.86
N TYR D 517 -5.95 13.56 -5.78
CA TYR D 517 -6.03 14.26 -4.49
C TYR D 517 -7.39 13.98 -3.86
N ASP D 518 -7.55 12.77 -3.31
CA ASP D 518 -8.84 12.37 -2.79
C ASP D 518 -9.17 13.10 -1.48
N SER D 519 -8.20 13.21 -0.58
CA SER D 519 -8.36 14.02 0.61
C SER D 519 -6.98 14.31 1.17
N PRO D 520 -6.82 15.39 1.95
CA PRO D 520 -5.51 15.65 2.54
C PRO D 520 -4.98 14.53 3.41
N SER D 521 -5.86 13.72 4.03
CA SER D 521 -5.42 12.63 4.89
C SER D 521 -4.58 11.62 4.13
N SER D 522 -4.82 11.47 2.83
CA SER D 522 -4.01 10.58 2.01
C SER D 522 -2.57 11.08 1.90
N PHE D 523 -2.33 12.35 2.21
CA PHE D 523 -0.99 12.93 2.14
C PHE D 523 -0.64 13.59 3.47
N LYS D 524 -1.02 12.95 4.58
CA LYS D 524 -0.80 13.53 5.90
C LYS D 524 0.67 13.81 6.14
N ASN D 525 0.97 15.03 6.63
CA ASN D 525 2.31 15.47 7.01
C ASN D 525 3.27 15.53 5.83
N ALA D 526 2.75 15.53 4.61
CA ALA D 526 3.61 15.61 3.43
C ALA D 526 4.02 17.06 3.22
N PRO D 527 5.32 17.33 3.05
CA PRO D 527 5.75 18.71 2.77
C PRO D 527 5.17 19.28 1.47
N ALA D 528 4.75 20.55 1.53
CA ALA D 528 4.39 21.31 0.35
C ALA D 528 5.54 22.27 0.07
N ASN D 529 6.34 21.95 -0.94
CA ASN D 529 7.45 22.77 -1.37
C ASN D 529 7.11 23.52 -2.66
N LEU D 530 7.87 24.58 -2.91
CA LEU D 530 7.85 25.27 -4.19
C LEU D 530 9.26 25.35 -4.74
N CYS D 531 9.45 26.11 -5.82
CA CYS D 531 10.78 26.32 -6.36
C CYS D 531 10.93 27.75 -6.86
N LEU D 532 12.16 28.23 -6.86
CA LEU D 532 12.52 29.52 -7.43
C LEU D 532 13.25 29.28 -8.74
N VAL D 533 12.77 29.91 -9.82
CA VAL D 533 13.35 29.78 -11.15
C VAL D 533 14.04 31.09 -11.50
N GLY D 534 15.23 31.01 -12.08
CA GLY D 534 15.93 32.18 -12.55
C GLY D 534 16.42 31.99 -13.97
N LEU D 535 16.81 33.10 -14.60
CA LEU D 535 17.48 33.02 -15.89
C LEU D 535 18.83 32.34 -15.74
N ARG D 536 19.37 31.87 -16.87
CA ARG D 536 20.60 31.09 -16.85
C ARG D 536 21.71 31.83 -16.10
N PHE D 537 22.37 31.11 -15.19
CA PHE D 537 23.51 31.58 -14.39
C PHE D 537 23.14 32.54 -13.28
N THR D 538 21.86 32.69 -12.96
CA THR D 538 21.43 33.50 -11.83
C THR D 538 21.15 32.65 -10.58
N ASP D 539 21.79 31.48 -10.46
CA ASP D 539 21.59 30.58 -9.33
C ASP D 539 21.59 31.32 -8.00
N GLU D 540 22.53 32.27 -7.86
CA GLU D 540 22.72 32.94 -6.58
C GLU D 540 21.55 33.83 -6.21
N LYS D 541 20.89 34.45 -7.19
CA LYS D 541 19.68 35.21 -6.87
C LYS D 541 18.65 34.31 -6.22
N LEU D 542 18.55 33.07 -6.69
CA LEU D 542 17.59 32.13 -6.15
C LEU D 542 17.91 31.80 -4.69
N VAL D 543 19.20 31.59 -4.39
CA VAL D 543 19.61 31.33 -3.01
C VAL D 543 19.26 32.52 -2.13
N GLU D 544 19.54 33.73 -2.59
CA GLU D 544 19.30 34.92 -1.79
C GLU D 544 17.82 35.13 -1.52
N ILE D 545 16.97 34.88 -2.52
CA ILE D 545 15.53 35.03 -2.32
C ILE D 545 15.00 33.93 -1.41
N ALA D 546 15.53 32.71 -1.55
CA ALA D 546 15.14 31.63 -0.65
C ALA D 546 15.55 31.95 0.79
N ASN D 547 16.71 32.62 0.95
CA ASN D 547 17.14 33.04 2.28
C ASN D 547 16.12 33.95 2.93
N ILE D 548 15.58 34.90 2.18
CA ILE D 548 14.63 35.84 2.72
C ILE D 548 13.32 35.13 3.08
N LEU D 549 12.92 34.16 2.25
CA LEU D 549 11.64 33.49 2.44
C LEU D 549 11.61 32.60 3.70
N ARG D 550 12.76 32.21 4.23
CA ARG D 550 12.80 31.35 5.39
C ARG D 550 13.04 32.10 6.70
N ASN D 551 13.46 33.35 6.65
CA ASN D 551 13.76 34.12 7.86
C ASN D 551 12.50 34.45 8.64
N MET E 1 14.11 25.52 -51.10
CA MET E 1 15.14 25.25 -52.09
C MET E 1 14.65 25.36 -53.53
N LEU E 2 15.57 25.73 -54.42
CA LEU E 2 15.30 25.83 -55.85
C LEU E 2 15.94 24.66 -56.58
N THR E 3 15.39 24.35 -57.75
CA THR E 3 15.90 23.27 -58.60
C THR E 3 16.03 23.70 -60.06
N ASP E 4 15.98 25.00 -60.35
CA ASP E 4 16.28 25.48 -61.69
C ASP E 4 17.74 25.21 -62.05
N ASN E 5 18.03 25.28 -63.35
CA ASN E 5 19.42 25.09 -63.78
C ASN E 5 20.32 26.18 -63.22
N TRP E 6 21.53 25.80 -62.82
CA TRP E 6 22.39 26.70 -62.06
C TRP E 6 22.91 27.86 -62.90
N LYS E 7 23.00 27.71 -64.23
CA LYS E 7 23.57 28.78 -65.05
C LYS E 7 22.73 30.05 -64.98
N GLU E 8 21.40 29.94 -65.06
CA GLU E 8 20.58 31.13 -64.85
C GLU E 8 20.67 31.64 -63.42
N LEU E 9 20.73 30.74 -62.44
CA LEU E 9 20.77 31.18 -61.05
C LEU E 9 22.05 31.97 -60.77
N ALA E 10 23.19 31.48 -61.26
CA ALA E 10 24.41 32.29 -61.22
C ALA E 10 24.19 33.62 -61.92
N GLY E 11 23.46 33.61 -63.05
CA GLY E 11 23.05 34.85 -63.69
C GLY E 11 22.31 35.78 -62.76
N LYS E 12 21.31 35.26 -62.03
CA LYS E 12 20.56 36.08 -61.10
C LYS E 12 21.46 36.64 -60.01
N ALA E 13 22.44 35.85 -59.57
CA ALA E 13 23.39 36.35 -58.59
C ALA E 13 24.23 37.49 -59.16
N GLN E 14 24.73 37.33 -60.39
CA GLN E 14 25.54 38.37 -61.00
C GLN E 14 24.77 39.68 -61.17
N SER E 15 23.51 39.60 -61.61
CA SER E 15 22.72 40.82 -61.76
C SER E 15 22.52 41.49 -60.41
N THR E 16 22.17 40.71 -59.39
CA THR E 16 22.03 41.28 -58.05
C THR E 16 23.29 42.02 -57.64
N PHE E 17 24.46 41.41 -57.86
CA PHE E 17 25.72 42.09 -57.58
C PHE E 17 25.88 43.32 -58.48
N GLN E 18 25.69 43.16 -59.79
CA GLN E 18 25.92 44.25 -60.74
C GLN E 18 24.95 45.41 -60.49
N LYS E 19 23.71 45.12 -60.12
CA LYS E 19 22.77 46.19 -59.81
C LYS E 19 23.23 46.95 -58.57
N SER E 20 23.78 46.25 -57.59
CA SER E 20 24.27 46.94 -56.41
C SER E 20 25.58 47.67 -56.69
N LEU E 21 26.42 47.12 -57.58
CA LEU E 21 27.65 47.82 -57.94
C LEU E 21 27.33 49.15 -58.61
N LYS E 22 26.34 49.15 -59.51
CA LYS E 22 25.88 50.38 -60.13
C LYS E 22 25.47 51.41 -59.09
N GLN E 23 24.67 50.99 -58.11
CA GLN E 23 24.21 51.89 -57.06
C GLN E 23 25.34 52.36 -56.16
N ALA E 24 26.32 51.50 -55.89
CA ALA E 24 27.46 51.90 -55.06
C ALA E 24 28.26 53.00 -55.75
N ILE E 25 28.51 52.84 -57.06
CA ILE E 25 29.25 53.85 -57.80
C ILE E 25 28.51 55.18 -57.77
N GLU E 26 27.17 55.15 -57.86
CA GLU E 26 26.39 56.37 -57.77
C GLU E 26 26.59 57.03 -56.42
N LEU E 27 26.54 56.23 -55.35
CA LEU E 27 26.73 56.75 -54.00
C LEU E 27 28.14 57.29 -53.79
N ALA E 28 29.15 56.57 -54.30
CA ALA E 28 30.54 56.99 -54.08
C ALA E 28 30.88 58.28 -54.80
N ASP E 29 30.28 58.52 -55.96
CA ASP E 29 30.44 59.77 -56.71
C ASP E 29 31.90 60.01 -57.08
N PHE E 30 32.47 59.09 -57.86
CA PHE E 30 33.83 59.20 -58.35
C PHE E 30 34.08 60.53 -59.07
N ASP E 31 35.27 61.08 -58.87
CA ASP E 31 35.70 62.11 -59.81
C ASP E 31 36.19 61.43 -61.10
N GLU E 32 36.33 62.23 -62.16
CA GLU E 32 36.73 61.64 -63.44
C GLU E 32 38.09 60.97 -63.35
N GLY E 33 39.01 61.52 -62.54
CA GLY E 33 40.31 60.89 -62.39
C GLY E 33 40.21 59.48 -61.84
N LEU E 34 39.39 59.29 -60.81
CA LEU E 34 39.21 57.96 -60.25
C LEU E 34 38.43 57.05 -61.19
N ALA E 35 37.37 57.58 -61.81
CA ALA E 35 36.60 56.79 -62.77
C ALA E 35 37.50 56.24 -63.89
N LYS E 36 38.45 57.05 -64.35
CA LYS E 36 39.36 56.57 -65.39
C LYS E 36 40.26 55.47 -64.86
N ARG E 37 40.92 55.72 -63.72
CA ARG E 37 41.84 54.72 -63.17
C ARG E 37 41.09 53.45 -62.75
N TYR E 38 39.89 53.62 -62.18
CA TYR E 38 39.10 52.45 -61.81
C TYR E 38 38.78 51.59 -63.02
N GLY E 39 38.33 52.22 -64.11
CA GLY E 39 38.01 51.49 -65.32
C GLY E 39 39.15 50.65 -65.84
N ALA E 40 40.38 51.08 -65.60
CA ALA E 40 41.56 50.44 -66.15
C ALA E 40 42.23 49.45 -65.20
N LEU E 41 41.63 49.22 -64.03
CA LEU E 41 42.24 48.27 -63.10
C LEU E 41 42.04 46.84 -63.58
N PRO E 42 43.05 45.98 -63.39
CA PRO E 42 42.84 44.55 -63.64
C PRO E 42 41.82 43.97 -62.67
N SER E 43 40.89 43.18 -63.20
CA SER E 43 39.77 42.68 -62.45
C SER E 43 39.96 41.21 -62.10
N ALA E 44 39.54 40.86 -60.89
CA ALA E 44 39.40 39.46 -60.50
C ALA E 44 37.99 38.96 -60.70
N ILE E 45 37.09 39.81 -61.16
CA ILE E 45 35.72 39.44 -61.51
C ILE E 45 35.69 39.13 -63.00
N GLY E 46 35.18 37.94 -63.35
CA GLY E 46 35.04 37.56 -64.74
C GLY E 46 33.65 37.85 -65.31
N ALA E 47 33.48 37.46 -66.57
CA ALA E 47 32.17 37.62 -67.21
C ALA E 47 31.14 36.65 -66.67
N ASN E 48 31.57 35.54 -66.08
CA ASN E 48 30.69 34.60 -65.43
C ASN E 48 31.42 34.00 -64.23
N VAL E 49 30.67 33.29 -63.38
CA VAL E 49 31.22 32.82 -62.11
C VAL E 49 32.28 31.75 -62.26
N GLU E 50 32.48 31.21 -63.47
CA GLU E 50 33.53 30.24 -63.70
C GLU E 50 34.78 30.86 -64.33
N ASP E 51 34.69 32.10 -64.79
CA ASP E 51 35.83 32.84 -65.30
C ASP E 51 36.37 33.71 -64.17
N PHE E 52 37.60 33.45 -63.75
CA PHE E 52 38.16 34.07 -62.56
C PHE E 52 38.95 35.34 -62.87
N GLY E 53 38.84 35.84 -64.10
CA GLY E 53 39.54 37.07 -64.45
C GLY E 53 41.05 36.89 -64.44
N SER E 54 41.75 38.02 -64.28
CA SER E 54 43.20 38.05 -64.25
C SER E 54 43.66 39.07 -63.22
N PRO E 55 43.78 38.66 -61.95
CA PRO E 55 44.01 39.64 -60.88
C PRO E 55 45.37 40.30 -60.95
N ALA E 56 45.44 41.51 -60.37
CA ALA E 56 46.72 42.22 -60.23
C ALA E 56 47.69 41.40 -59.39
N GLN E 57 48.97 41.63 -59.61
CA GLN E 57 49.99 40.92 -58.83
C GLN E 57 49.99 41.37 -57.37
N PHE E 58 49.86 42.67 -57.12
CA PHE E 58 49.78 43.21 -55.76
C PHE E 58 48.56 44.10 -55.64
N PRO E 59 47.38 43.51 -55.42
CA PRO E 59 46.15 44.32 -55.41
C PRO E 59 46.16 45.47 -54.44
N LEU E 60 46.81 45.34 -53.28
CA LEU E 60 46.85 46.46 -52.34
C LEU E 60 47.64 47.62 -52.92
N GLU E 61 48.76 47.33 -53.58
CA GLU E 61 49.52 48.40 -54.23
C GLU E 61 48.69 49.14 -55.28
N GLU E 62 47.93 48.39 -56.09
CA GLU E 62 47.10 49.03 -57.11
C GLU E 62 45.98 49.84 -56.47
N TYR E 63 45.46 49.34 -55.35
CA TYR E 63 44.40 50.00 -54.60
C TYR E 63 44.86 51.35 -54.05
N LEU E 64 46.05 51.39 -53.45
CA LEU E 64 46.56 52.64 -52.89
C LEU E 64 46.87 53.68 -53.97
N LYS E 65 47.32 53.22 -55.14
CA LYS E 65 47.57 54.12 -56.26
C LYS E 65 46.26 54.64 -56.86
N ALA E 66 45.25 53.78 -56.97
CA ALA E 66 44.04 54.13 -57.70
C ALA E 66 43.18 55.14 -56.95
N LEU E 67 43.14 55.06 -55.64
CA LEU E 67 42.19 55.86 -54.88
C LEU E 67 42.77 57.23 -54.53
N PRO E 68 41.94 58.26 -54.47
CA PRO E 68 42.43 59.58 -54.09
C PRO E 68 42.64 59.71 -52.58
N LYS E 69 43.47 60.68 -52.21
CA LYS E 69 43.70 61.02 -50.82
C LYS E 69 42.38 61.32 -50.09
N LYS E 70 41.40 61.87 -50.82
CA LYS E 70 40.09 62.18 -50.25
C LYS E 70 39.39 60.95 -49.68
N VAL E 71 39.69 59.77 -50.22
CA VAL E 71 39.14 58.53 -49.68
C VAL E 71 40.09 57.90 -48.67
N LEU E 72 41.37 57.75 -49.05
CA LEU E 72 42.34 57.05 -48.21
C LEU E 72 42.57 57.74 -46.87
N ASP E 73 42.49 59.07 -46.83
CA ASP E 73 42.70 59.75 -45.55
C ASP E 73 41.67 59.32 -44.53
N ILE E 74 40.55 58.77 -44.98
CA ILE E 74 39.53 58.22 -44.09
C ILE E 74 39.69 56.72 -43.93
N THR E 75 39.79 55.98 -45.04
CA THR E 75 39.80 54.52 -44.94
C THR E 75 41.10 53.97 -44.36
N GLU E 76 42.22 54.69 -44.51
CA GLU E 76 43.48 54.25 -43.90
C GLU E 76 43.58 54.59 -42.43
N LYS E 77 42.75 55.48 -41.94
CA LYS E 77 42.78 55.84 -40.54
C LYS E 77 42.30 54.68 -39.69
N ASP E 78 42.96 54.45 -38.57
CA ASP E 78 42.49 53.46 -37.61
C ASP E 78 41.04 53.77 -37.24
N PRO E 79 40.14 52.79 -37.30
CA PRO E 79 38.72 53.09 -37.04
C PRO E 79 38.46 53.69 -35.67
N VAL E 80 39.22 53.32 -34.65
CA VAL E 80 38.99 53.92 -33.33
C VAL E 80 39.34 55.40 -33.38
N GLU E 81 40.42 55.75 -34.08
CA GLU E 81 40.76 57.15 -34.29
C GLU E 81 39.71 57.86 -35.13
N LEU E 82 39.17 57.19 -36.16
CA LEU E 82 38.10 57.79 -36.95
C LEU E 82 36.85 58.05 -36.11
N LEU E 83 36.60 57.20 -35.10
CA LEU E 83 35.44 57.43 -34.23
C LEU E 83 35.54 58.77 -33.51
N LYS E 84 36.74 59.19 -33.14
CA LYS E 84 36.91 60.51 -32.56
C LYS E 84 36.47 61.60 -33.54
N ASP E 85 36.85 61.49 -34.82
CA ASP E 85 36.45 62.49 -35.80
C ASP E 85 34.93 62.48 -36.00
N LEU E 86 34.32 61.30 -36.04
CA LEU E 86 32.88 61.25 -36.18
C LEU E 86 32.19 61.83 -34.94
N LYS E 87 32.76 61.61 -33.76
CA LYS E 87 32.16 62.12 -32.54
C LYS E 87 32.32 63.63 -32.43
N SER E 88 33.51 64.15 -32.71
CA SER E 88 33.73 65.59 -32.64
C SER E 88 33.16 66.32 -33.84
N ARG E 89 32.60 65.60 -34.80
CA ARG E 89 31.97 66.14 -36.00
C ARG E 89 32.99 66.78 -36.95
N LYS E 90 34.26 66.40 -36.87
CA LYS E 90 35.21 66.80 -37.91
C LYS E 90 34.89 66.10 -39.23
N VAL E 91 34.06 65.06 -39.19
CA VAL E 91 33.66 64.33 -40.38
C VAL E 91 32.24 63.82 -40.13
N THR E 92 31.46 63.75 -41.19
CA THR E 92 30.08 63.31 -41.09
C THR E 92 29.99 61.81 -41.31
N CYS E 93 28.89 61.22 -40.83
CA CYS E 93 28.63 59.82 -41.13
C CYS E 93 28.55 59.58 -42.64
N VAL E 94 27.93 60.50 -43.38
CA VAL E 94 27.78 60.32 -44.82
C VAL E 94 29.12 60.42 -45.54
N GLU E 95 30.00 61.34 -45.10
CA GLU E 95 31.34 61.41 -45.67
C GLU E 95 32.10 60.10 -45.49
N VAL E 96 32.03 59.49 -44.30
CA VAL E 96 32.72 58.23 -44.08
C VAL E 96 32.12 57.13 -44.94
N LEU E 97 30.79 57.10 -45.05
CA LEU E 97 30.14 56.07 -45.87
C LEU E 97 30.56 56.17 -47.33
N LYS E 98 30.55 57.38 -47.89
CA LYS E 98 30.93 57.54 -49.30
C LYS E 98 32.35 57.06 -49.53
N ALA E 99 33.28 57.42 -48.62
CA ALA E 99 34.67 57.03 -48.80
C ALA E 99 34.83 55.51 -48.76
N TYR E 100 34.28 54.85 -47.72
CA TYR E 100 34.43 53.40 -47.58
C TYR E 100 33.68 52.66 -48.69
N THR E 101 32.55 53.20 -49.14
CA THR E 101 31.88 52.64 -50.31
C THR E 101 32.80 52.66 -51.54
N ALA E 102 33.45 53.81 -51.78
CA ALA E 102 34.40 53.88 -52.89
C ALA E 102 35.54 52.89 -52.72
N ALA E 103 36.12 52.83 -51.52
CA ALA E 103 37.20 51.87 -51.25
C ALA E 103 36.74 50.44 -51.53
N SER E 104 35.55 50.07 -51.08
CA SER E 104 35.05 48.72 -51.29
C SER E 104 34.81 48.42 -52.76
N ILE E 105 34.41 49.42 -53.55
CA ILE E 105 34.23 49.22 -54.99
C ILE E 105 35.58 48.90 -55.65
N VAL E 106 36.61 49.67 -55.32
CA VAL E 106 37.94 49.40 -55.87
C VAL E 106 38.43 48.04 -55.37
N ALA E 107 38.23 47.75 -54.08
CA ALA E 107 38.62 46.45 -53.55
C ALA E 107 37.82 45.32 -54.22
N SER E 108 36.54 45.56 -54.49
CA SER E 108 35.72 44.57 -55.17
C SER E 108 36.31 44.19 -56.52
N LYS E 109 36.76 45.18 -57.29
CA LYS E 109 37.25 44.87 -58.62
C LYS E 109 38.59 44.15 -58.56
N LEU E 110 39.47 44.53 -57.63
CA LEU E 110 40.81 43.97 -57.59
C LEU E 110 40.84 42.56 -56.99
N THR E 111 40.01 42.30 -55.97
CA THR E 111 40.09 41.03 -55.24
C THR E 111 38.85 40.17 -55.38
N ASN E 112 37.71 40.73 -55.80
CA ASN E 112 36.46 39.99 -55.90
C ASN E 112 36.01 39.52 -54.52
N CYS E 113 35.96 40.47 -53.59
CA CYS E 113 35.63 40.19 -52.20
C CYS E 113 34.20 40.61 -51.84
N VAL E 114 33.47 41.23 -52.76
CA VAL E 114 32.15 41.78 -52.48
C VAL E 114 31.09 40.97 -53.21
N GLN E 115 30.08 40.53 -52.48
CA GLN E 115 28.96 39.81 -53.04
C GLN E 115 27.80 40.74 -53.38
N GLU E 116 27.58 41.76 -52.56
CA GLU E 116 26.47 42.67 -52.76
C GLU E 116 26.72 43.92 -51.93
N PHE E 117 26.64 45.08 -52.58
CA PHE E 117 26.76 46.34 -51.86
C PHE E 117 25.39 46.70 -51.28
N LEU E 118 25.39 47.48 -50.21
CA LEU E 118 24.12 47.87 -49.58
C LEU E 118 23.97 49.39 -49.54
N PRO E 119 24.12 50.09 -50.66
CA PRO E 119 24.24 51.56 -50.59
C PRO E 119 22.93 52.25 -50.28
N ILE E 120 21.79 51.69 -50.67
CA ILE E 120 20.50 52.33 -50.37
C ILE E 120 20.29 52.38 -48.85
N GLU E 121 20.32 51.22 -48.20
CA GLU E 121 20.11 51.19 -46.76
C GLU E 121 21.25 51.88 -46.01
N ALA E 122 22.47 51.83 -46.56
CA ALA E 122 23.59 52.49 -45.91
C ALA E 122 23.43 54.00 -45.90
N LEU E 123 22.95 54.58 -47.00
CA LEU E 123 22.74 56.03 -47.02
C LEU E 123 21.67 56.45 -46.03
N GLN E 124 20.59 55.66 -45.91
CA GLN E 124 19.57 55.96 -44.91
C GLN E 124 20.12 55.88 -43.49
N TYR E 125 20.93 54.86 -43.22
CA TYR E 125 21.55 54.72 -41.91
C TYR E 125 22.46 55.91 -41.63
N ALA E 126 23.32 56.26 -42.60
CA ALA E 126 24.27 57.34 -42.37
C ALA E 126 23.58 58.70 -42.28
N GLN E 127 22.53 58.91 -43.09
CA GLN E 127 21.83 60.20 -43.05
C GLN E 127 21.14 60.41 -41.71
N LYS E 128 20.35 59.45 -41.26
CA LYS E 128 19.66 59.64 -39.99
C LYS E 128 20.62 59.63 -38.80
N LEU E 129 21.79 58.99 -38.93
CA LEU E 129 22.79 59.07 -37.88
C LEU E 129 23.39 60.48 -37.82
N ASP E 130 23.57 61.13 -38.96
CA ASP E 130 23.97 62.54 -38.96
C ASP E 130 22.87 63.42 -38.37
N ALA E 131 21.61 63.18 -38.76
CA ALA E 131 20.51 63.97 -38.23
C ALA E 131 20.42 63.85 -36.71
N ASP E 132 20.63 62.64 -36.19
CA ASP E 132 20.54 62.37 -34.76
C ASP E 132 21.88 62.57 -34.05
N TYR E 133 22.77 63.38 -34.61
CA TYR E 133 24.13 63.53 -34.07
C TYR E 133 24.13 63.84 -32.58
N GLU E 134 23.26 64.72 -32.12
CA GLU E 134 23.33 65.14 -30.72
C GLU E 134 22.95 64.04 -29.75
N THR E 135 21.96 63.21 -30.10
CA THR E 135 21.51 62.16 -29.19
C THR E 135 22.31 60.86 -29.31
N LYS E 136 22.96 60.63 -30.44
CA LYS E 136 23.69 59.39 -30.68
C LYS E 136 25.20 59.62 -30.69
N LYS E 137 25.65 60.84 -30.42
CA LYS E 137 27.07 61.18 -30.35
C LYS E 137 27.80 60.25 -29.38
N HIS E 138 27.10 59.81 -28.32
CA HIS E 138 27.69 59.05 -27.23
C HIS E 138 27.89 57.56 -27.53
N LEU E 139 27.27 57.02 -28.59
CA LEU E 139 27.32 55.58 -28.82
C LEU E 139 28.75 55.12 -29.14
N PRO E 140 29.14 53.93 -28.68
CA PRO E 140 30.55 53.52 -28.82
C PRO E 140 31.01 53.33 -30.27
N LEU E 141 30.09 53.11 -31.22
CA LEU E 141 30.43 52.94 -32.62
C LEU E 141 29.71 53.93 -33.52
N TYR E 142 29.44 55.13 -33.02
CA TYR E 142 28.65 56.12 -33.77
C TYR E 142 29.27 56.44 -35.12
N GLY E 143 28.52 56.19 -36.20
CA GLY E 143 28.92 56.58 -37.54
C GLY E 143 29.76 55.59 -38.31
N LEU E 144 30.11 54.44 -37.73
CA LEU E 144 31.06 53.52 -38.34
C LEU E 144 30.34 52.47 -39.18
N PRO E 145 30.62 52.36 -40.47
CA PRO E 145 30.07 51.25 -41.25
C PRO E 145 30.89 49.98 -41.06
N PHE E 146 30.28 48.84 -41.40
CA PHE E 146 31.03 47.60 -41.32
C PHE E 146 30.50 46.62 -42.37
N SER E 147 31.31 45.61 -42.66
CA SER E 147 30.97 44.59 -43.65
C SER E 147 30.48 43.32 -42.98
N ILE E 148 29.61 42.58 -43.68
CA ILE E 148 29.06 41.33 -43.16
C ILE E 148 29.19 40.22 -44.21
N LYS E 149 29.63 39.05 -43.75
CA LYS E 149 29.63 37.86 -44.60
C LYS E 149 28.22 37.63 -45.14
N GLU E 150 28.14 37.12 -46.36
CA GLU E 150 26.83 36.96 -47.01
C GLU E 150 25.91 36.03 -46.20
N MET E 151 26.49 35.08 -45.47
CA MET E 151 25.72 34.14 -44.67
C MET E 151 24.95 34.79 -43.53
N ILE E 152 25.25 36.05 -43.21
CA ILE E 152 24.66 36.74 -42.07
C ILE E 152 23.36 37.40 -42.52
N PRO E 153 22.23 37.13 -41.86
CA PRO E 153 20.95 37.67 -42.34
C PRO E 153 20.91 39.19 -42.27
N PHE E 154 20.37 39.79 -43.34
CA PHE E 154 20.11 41.21 -43.40
C PHE E 154 18.75 41.42 -44.06
N VAL E 155 18.03 42.46 -43.62
CA VAL E 155 16.63 42.62 -43.98
C VAL E 155 16.49 42.68 -45.49
N GLY E 156 15.58 41.86 -46.03
CA GLY E 156 15.25 41.89 -47.42
C GLY E 156 16.19 41.19 -48.38
N ARG E 157 17.18 40.45 -47.88
CA ARG E 157 18.15 39.79 -48.76
C ARG E 157 18.02 38.29 -48.73
N SER E 158 18.45 37.65 -49.80
CA SER E 158 18.66 36.21 -49.79
C SER E 158 19.91 35.88 -48.98
N VAL E 159 19.86 34.76 -48.26
CA VAL E 159 20.98 34.26 -47.48
C VAL E 159 21.28 32.85 -47.95
N THR E 160 22.42 32.68 -48.63
CA THR E 160 22.69 31.50 -49.42
C THR E 160 23.92 30.73 -49.01
N HIS E 161 24.81 31.32 -48.21
CA HIS E 161 26.18 30.85 -47.98
C HIS E 161 26.77 30.32 -49.28
N GLY E 162 26.52 31.00 -50.40
CA GLY E 162 27.12 30.68 -51.68
C GLY E 162 26.39 29.66 -52.55
N SER E 163 25.31 29.04 -52.05
CA SER E 163 24.61 28.00 -52.79
C SER E 163 23.49 28.61 -53.62
N LEU E 164 23.53 28.39 -54.94
CA LEU E 164 22.57 29.02 -55.84
C LEU E 164 21.13 28.60 -55.55
N CYS E 165 20.94 27.39 -55.01
CA CYS E 165 19.60 26.89 -54.75
C CYS E 165 18.84 27.68 -53.68
N TYR E 166 19.52 28.53 -52.90
CA TYR E 166 18.88 29.29 -51.82
C TYR E 166 18.65 30.74 -52.19
N LEU E 167 18.66 31.08 -53.48
CA LEU E 167 18.49 32.47 -53.88
C LEU E 167 17.10 33.01 -53.60
N ASP E 168 16.13 32.14 -53.30
CA ASP E 168 14.78 32.57 -52.95
C ASP E 168 14.54 32.55 -51.45
N ARG E 169 15.58 32.31 -50.65
CA ARG E 169 15.47 32.29 -49.18
C ARG E 169 15.75 33.70 -48.63
N ILE E 170 14.73 34.55 -48.70
CA ILE E 170 14.85 35.94 -48.27
C ILE E 170 14.32 36.07 -46.84
N VAL E 171 15.06 36.81 -46.02
CA VAL E 171 14.74 37.02 -44.61
C VAL E 171 14.22 38.45 -44.47
N ASP E 172 13.35 38.65 -43.47
CA ASP E 172 12.83 39.97 -43.15
C ASP E 172 13.39 40.51 -41.84
N TYR E 173 14.57 40.02 -41.42
CA TYR E 173 15.15 40.40 -40.14
C TYR E 173 16.66 40.37 -40.28
N ASN E 174 17.35 41.11 -39.40
CA ASN E 174 18.79 41.05 -39.31
C ASN E 174 19.24 40.04 -38.26
N ALA E 175 20.50 39.62 -38.37
CA ALA E 175 21.08 38.82 -37.31
C ALA E 175 21.14 39.65 -36.02
N ASP E 176 21.01 38.96 -34.89
CA ASP E 176 21.04 39.64 -33.60
C ASP E 176 22.28 40.50 -33.46
N ILE E 177 23.45 39.95 -33.81
CA ILE E 177 24.68 40.72 -33.67
C ILE E 177 24.63 41.97 -34.54
N VAL E 178 23.95 41.90 -35.69
CA VAL E 178 23.82 43.07 -36.54
C VAL E 178 22.96 44.12 -35.86
N ASN E 179 21.82 43.72 -35.31
CA ASN E 179 20.96 44.68 -34.64
C ASN E 179 21.64 45.30 -33.42
N ILE E 180 22.42 44.52 -32.68
CA ILE E 180 23.16 45.07 -31.54
C ILE E 180 24.09 46.17 -32.00
N LEU E 181 24.84 45.91 -33.09
CA LEU E 181 25.78 46.91 -33.60
C LEU E 181 25.05 48.14 -34.10
N ILE E 182 23.91 47.96 -34.76
CA ILE E 182 23.14 49.12 -35.21
C ILE E 182 22.68 49.94 -34.01
N ALA E 183 22.25 49.26 -32.94
CA ALA E 183 21.86 49.95 -31.72
C ALA E 183 23.02 50.72 -31.07
N ASN E 184 24.26 50.42 -31.44
CA ASN E 184 25.42 51.11 -30.87
C ASN E 184 26.10 52.04 -31.88
N GLY E 185 25.38 52.44 -32.94
CA GLY E 185 25.85 53.47 -33.83
C GLY E 185 26.50 53.00 -35.11
N ALA E 186 26.63 51.70 -35.31
CA ALA E 186 27.20 51.17 -36.53
C ALA E 186 26.09 50.75 -37.48
N TYR E 187 26.48 50.36 -38.70
CA TYR E 187 25.52 49.90 -39.70
C TYR E 187 26.29 49.15 -40.77
N PRO E 188 25.71 48.09 -41.34
CA PRO E 188 26.40 47.38 -42.42
C PRO E 188 26.27 48.11 -43.75
N PHE E 189 27.33 48.05 -44.56
CA PHE E 189 27.30 48.69 -45.87
C PHE E 189 27.67 47.79 -47.04
N VAL E 190 28.10 46.54 -46.81
CA VAL E 190 28.47 45.66 -47.90
C VAL E 190 28.41 44.22 -47.39
N ARG E 191 28.02 43.29 -48.27
CA ARG E 191 28.01 41.86 -47.95
C ARG E 191 29.16 41.17 -48.69
N THR E 192 29.97 40.42 -47.95
CA THR E 192 31.18 39.84 -48.53
C THR E 192 30.96 38.38 -48.96
N THR E 193 31.85 37.94 -49.85
CA THR E 193 31.70 36.64 -50.50
C THR E 193 32.07 35.50 -49.54
N ASN E 194 31.49 34.35 -49.81
CA ASN E 194 31.73 33.13 -49.04
C ASN E 194 31.70 32.00 -50.05
N PRO E 195 32.34 30.86 -49.74
CA PRO E 195 32.39 29.75 -50.70
C PRO E 195 31.31 28.70 -50.51
N GLN E 196 31.29 27.78 -51.48
CA GLN E 196 30.38 26.65 -51.49
C GLN E 196 30.57 25.78 -50.24
N SER E 197 29.45 25.40 -49.62
CA SER E 197 29.41 24.54 -48.44
C SER E 197 29.99 25.18 -47.18
N LEU E 198 30.68 26.30 -47.35
CA LEU E 198 31.41 27.03 -46.33
C LEU E 198 32.61 26.24 -45.82
N MET E 199 32.83 25.03 -46.29
CA MET E 199 33.86 24.16 -45.71
C MET E 199 35.14 24.10 -46.55
N MET E 200 35.69 25.24 -46.98
CA MET E 200 37.01 25.29 -47.58
C MET E 200 37.78 26.47 -47.00
N LEU E 201 39.11 26.33 -46.88
CA LEU E 201 39.95 27.45 -46.49
C LEU E 201 40.33 28.31 -47.69
N GLU E 202 39.40 28.42 -48.64
CA GLU E 202 39.52 29.32 -49.78
C GLU E 202 38.14 29.92 -49.98
N CYS E 203 37.96 30.66 -51.08
CA CYS E 203 36.71 31.41 -51.28
C CYS E 203 36.32 31.36 -52.76
N VAL E 204 35.77 30.23 -53.19
CA VAL E 204 35.26 30.05 -54.54
C VAL E 204 33.83 29.56 -54.46
N SER E 205 32.93 30.19 -55.21
CA SER E 205 31.55 29.74 -55.28
C SER E 205 30.97 30.10 -56.64
N PHE E 206 29.82 29.49 -56.94
CA PHE E 206 29.09 29.77 -58.16
C PHE E 206 28.12 30.92 -57.98
N SER E 207 28.27 31.67 -56.90
CA SER E 207 27.57 32.94 -56.72
C SER E 207 28.46 34.14 -57.02
N HIS E 208 29.78 33.97 -57.02
CA HIS E 208 30.64 35.15 -57.10
C HIS E 208 31.94 34.95 -57.90
N GLY E 209 32.35 33.71 -58.11
CA GLY E 209 33.61 33.43 -58.78
C GLY E 209 34.71 33.07 -57.78
N ARG E 210 35.85 33.75 -57.89
CA ARG E 210 37.00 33.47 -57.05
C ARG E 210 37.49 34.76 -56.39
N THR E 211 37.71 34.69 -55.09
CA THR E 211 38.27 35.78 -54.31
C THR E 211 39.76 35.53 -54.13
N VAL E 212 40.56 36.59 -54.26
CA VAL E 212 42.01 36.44 -54.24
C VAL E 212 42.56 37.29 -53.09
N ASN E 213 43.83 37.05 -52.78
CA ASN E 213 44.51 37.69 -51.66
C ASN E 213 44.73 39.17 -51.93
N ALA E 214 44.66 39.97 -50.87
CA ALA E 214 44.85 41.42 -51.00
C ALA E 214 46.31 41.79 -51.25
N TYR E 215 47.26 40.95 -50.86
CA TYR E 215 48.67 41.26 -51.00
C TYR E 215 49.31 40.60 -52.20
N ASN E 216 48.76 39.48 -52.67
CA ASN E 216 49.29 38.77 -53.83
C ASN E 216 48.14 38.10 -54.57
N GLY E 217 47.83 38.60 -55.76
CA GLY E 217 46.67 38.18 -56.52
C GLY E 217 46.75 36.78 -57.09
N MET E 218 47.89 36.13 -56.96
CA MET E 218 48.01 34.74 -57.39
C MET E 218 47.58 33.75 -56.31
N LEU E 219 47.38 34.23 -55.08
CA LEU E 219 47.08 33.39 -53.94
C LEU E 219 45.63 33.59 -53.51
N THR E 220 45.17 32.64 -52.71
CA THR E 220 43.81 32.69 -52.18
C THR E 220 43.67 33.77 -51.12
N SER E 221 42.45 34.28 -50.99
CA SER E 221 42.11 35.15 -49.86
C SER E 221 42.01 34.35 -48.57
N GLY E 222 41.82 33.04 -48.68
CA GLY E 222 41.46 32.23 -47.54
C GLY E 222 39.96 32.07 -47.48
N GLY E 223 39.53 31.32 -46.48
CA GLY E 223 38.12 31.06 -46.29
C GLY E 223 37.88 30.43 -44.94
N SER E 224 36.62 30.27 -44.60
CA SER E 224 35.48 30.57 -45.47
C SER E 224 35.12 32.06 -45.62
N SER E 225 35.55 32.91 -44.68
CA SER E 225 35.24 34.35 -44.76
C SER E 225 36.23 35.06 -45.69
N GLY E 226 36.28 34.60 -46.94
CA GLY E 226 37.28 35.11 -47.87
C GLY E 226 37.05 36.56 -48.23
N GLY E 227 35.80 36.93 -48.50
CA GLY E 227 35.49 38.33 -48.74
C GLY E 227 35.90 39.23 -47.58
N GLU E 228 35.61 38.80 -46.35
CA GLU E 228 35.97 39.60 -45.18
C GLU E 228 37.48 39.77 -45.04
N GLY E 229 38.23 38.70 -45.24
CA GLY E 229 39.68 38.82 -45.16
C GLY E 229 40.22 39.74 -46.24
N ALA E 230 39.73 39.58 -47.47
CA ALA E 230 40.20 40.44 -48.56
C ALA E 230 39.77 41.88 -48.36
N LEU E 231 38.47 42.10 -48.08
CA LEU E 231 37.99 43.47 -47.95
C LEU E 231 38.70 44.20 -46.82
N ASN E 232 38.89 43.52 -45.69
CA ASN E 232 39.55 44.16 -44.56
C ASN E 232 41.05 44.16 -44.67
N GLY E 233 41.62 43.22 -45.44
CA GLY E 233 43.03 43.30 -45.73
C GLY E 233 43.37 44.50 -46.58
N MET E 234 42.47 44.86 -47.50
CA MET E 234 42.62 46.07 -48.31
C MET E 234 42.25 47.33 -47.54
N ARG E 235 41.84 47.19 -46.27
CA ARG E 235 41.39 48.30 -45.45
C ARG E 235 40.27 49.08 -46.13
N ALA E 236 39.41 48.35 -46.83
CA ALA E 236 38.23 48.90 -47.49
C ALA E 236 36.98 48.75 -46.64
N SER E 237 37.15 48.40 -45.37
CA SER E 237 36.11 48.31 -44.37
C SER E 237 36.73 48.58 -43.01
N PRO E 238 36.00 49.23 -42.10
CA PRO E 238 36.53 49.36 -40.74
C PRO E 238 36.68 48.02 -40.05
N PHE E 239 35.69 47.15 -40.16
CA PHE E 239 35.80 45.76 -39.70
C PHE E 239 34.69 44.95 -40.36
N GLY E 240 34.80 43.63 -40.23
CA GLY E 240 33.78 42.74 -40.74
C GLY E 240 33.47 41.64 -39.76
N LEU E 241 32.33 40.99 -39.98
CA LEU E 241 31.94 39.81 -39.22
C LEU E 241 32.05 38.58 -40.10
N GLY E 242 32.78 37.57 -39.63
CA GLY E 242 32.82 36.30 -40.31
C GLY E 242 32.28 35.19 -39.45
N SER E 243 32.56 33.95 -39.82
CA SER E 243 32.19 32.79 -39.04
C SER E 243 33.38 31.84 -39.03
N ASP E 244 33.43 30.96 -38.04
CA ASP E 244 34.59 30.10 -37.90
C ASP E 244 34.16 28.76 -37.31
N ILE E 245 34.13 27.73 -38.15
CA ILE E 245 33.94 26.36 -37.71
C ILE E 245 35.15 25.48 -38.00
N GLY E 246 36.08 25.90 -38.86
CA GLY E 246 37.28 25.15 -39.15
C GLY E 246 38.48 26.05 -39.40
N GLY E 247 38.33 27.32 -39.03
CA GLY E 247 39.38 28.31 -39.24
C GLY E 247 38.91 29.47 -40.08
N SER E 248 37.60 29.52 -40.32
CA SER E 248 37.03 30.37 -41.36
C SER E 248 37.03 31.85 -41.01
N ILE E 249 37.49 32.23 -39.81
CA ILE E 249 37.77 33.62 -39.50
C ILE E 249 39.26 33.89 -39.47
N ARG E 250 40.04 32.98 -38.89
CA ARG E 250 41.47 33.20 -38.69
C ARG E 250 42.28 33.00 -39.97
N CYS E 251 41.87 32.05 -40.81
CA CYS E 251 42.58 31.85 -42.07
C CYS E 251 42.49 33.07 -42.97
N PRO E 252 41.30 33.66 -43.24
CA PRO E 252 41.29 34.93 -43.98
C PRO E 252 42.09 36.02 -43.31
N ALA E 253 41.94 36.19 -41.99
CA ALA E 253 42.67 37.24 -41.29
C ALA E 253 44.17 37.03 -41.39
N ALA E 254 44.62 35.79 -41.26
CA ALA E 254 46.06 35.51 -41.33
C ALA E 254 46.60 35.66 -42.74
N PHE E 255 45.85 35.22 -43.75
CA PHE E 255 46.33 35.26 -45.13
C PHE E 255 46.46 36.69 -45.63
N ASN E 256 45.63 37.60 -45.11
CA ASN E 256 45.56 38.99 -45.54
C ASN E 256 46.19 39.96 -44.52
N GLY E 257 46.99 39.43 -43.60
CA GLY E 257 47.81 40.25 -42.72
C GLY E 257 47.06 41.18 -41.78
N ILE E 258 45.92 40.75 -41.27
CA ILE E 258 45.13 41.57 -40.35
C ILE E 258 44.82 40.76 -39.08
N TYR E 259 43.91 41.27 -38.26
CA TYR E 259 43.50 40.60 -37.04
C TYR E 259 42.19 39.85 -37.25
N GLY E 260 42.07 38.71 -36.58
CA GLY E 260 40.84 37.93 -36.63
C GLY E 260 40.62 37.14 -35.36
N LEU E 261 39.45 37.27 -34.78
CA LEU E 261 39.15 36.64 -33.50
C LEU E 261 38.10 35.55 -33.69
N ARG E 262 38.51 34.30 -33.48
CA ARG E 262 37.57 33.21 -33.20
C ARG E 262 37.20 33.32 -31.73
N SER E 263 36.09 33.98 -31.45
CA SER E 263 35.72 34.17 -30.05
C SER E 263 35.18 32.87 -29.46
N THR E 264 35.29 32.74 -28.14
CA THR E 264 34.81 31.54 -27.48
C THR E 264 33.32 31.37 -27.69
N LEU E 265 32.90 30.12 -27.97
CA LEU E 265 31.50 29.83 -28.16
C LEU E 265 30.73 30.23 -26.91
N GLY E 266 29.64 30.98 -27.11
CA GLY E 266 28.82 31.42 -26.00
C GLY E 266 29.04 32.85 -25.54
N ARG E 267 29.93 33.61 -26.20
CA ARG E 267 30.08 35.01 -25.84
C ARG E 267 29.26 35.93 -26.71
N ILE E 268 29.24 35.73 -28.03
CA ILE E 268 28.51 36.64 -28.92
C ILE E 268 27.56 35.84 -29.82
N PRO E 269 26.38 36.38 -30.14
CA PRO E 269 25.36 35.57 -30.83
C PRO E 269 25.73 35.32 -32.28
N THR E 270 25.63 34.05 -32.69
CA THR E 270 25.91 33.65 -34.05
C THR E 270 24.92 32.65 -34.63
N ALA E 271 24.05 32.05 -33.82
CA ALA E 271 23.26 30.91 -34.27
C ALA E 271 22.27 31.27 -35.38
N ASP E 272 21.86 32.52 -35.47
CA ASP E 272 20.91 32.90 -36.51
C ASP E 272 21.56 33.06 -37.88
N TYR E 273 22.88 32.90 -37.97
CA TYR E 273 23.55 32.78 -39.26
C TYR E 273 23.01 31.58 -40.03
N PHE E 274 23.25 31.56 -41.33
CA PHE E 274 22.83 30.44 -42.18
C PHE E 274 24.05 29.69 -42.67
N SER E 275 23.99 28.36 -42.61
CA SER E 275 25.03 27.51 -43.15
C SER E 275 24.37 26.22 -43.63
N CYS E 276 25.19 25.24 -44.03
CA CYS E 276 24.68 23.89 -44.19
C CYS E 276 24.51 23.26 -42.81
N ASN E 277 23.77 22.13 -42.78
CA ASN E 277 23.61 21.32 -41.57
C ASN E 277 22.96 22.09 -40.42
N ARG E 278 21.86 22.77 -40.74
CA ARG E 278 21.12 23.53 -39.73
C ARG E 278 20.49 22.60 -38.71
N GLY E 279 20.74 22.89 -37.43
CA GLY E 279 20.35 22.01 -36.35
C GLY E 279 21.44 21.07 -35.86
N SER E 280 22.53 20.93 -36.62
CA SER E 280 23.66 20.14 -36.14
C SER E 280 24.35 20.87 -35.00
N GLU E 281 24.53 20.20 -33.88
CA GLU E 281 25.06 20.85 -32.69
C GLU E 281 26.32 20.25 -32.17
N SER E 282 26.74 19.15 -32.74
CA SER E 282 27.91 18.42 -32.25
C SER E 282 29.15 19.24 -32.34
N ILE E 283 29.32 20.01 -33.39
CA ILE E 283 30.42 20.96 -33.52
C ILE E 283 29.74 22.22 -33.94
N LEU E 284 29.94 23.30 -33.22
CA LEU E 284 29.26 24.57 -33.46
C LEU E 284 30.24 25.60 -33.99
N SER E 285 29.78 26.41 -34.94
CA SER E 285 30.52 27.57 -35.43
C SER E 285 30.46 28.72 -34.41
N VAL E 286 31.43 29.62 -34.51
CA VAL E 286 31.39 30.88 -33.78
C VAL E 286 31.61 32.02 -34.75
N THR E 287 31.30 33.22 -34.29
CA THR E 287 31.51 34.44 -35.05
C THR E 287 32.55 35.30 -34.31
N GLY E 288 32.82 36.47 -34.88
CA GLY E 288 33.88 37.33 -34.41
C GLY E 288 34.31 38.30 -35.48
N PRO E 289 34.99 39.37 -35.09
CA PRO E 289 35.37 40.42 -36.04
C PRO E 289 36.70 40.18 -36.73
N LEU E 290 36.79 40.68 -37.95
CA LEU E 290 38.03 40.82 -38.70
C LEU E 290 38.29 42.30 -38.94
N SER E 291 39.53 42.73 -38.71
CA SER E 291 39.86 44.13 -38.96
C SER E 291 41.36 44.31 -39.04
N ARG E 292 41.76 45.34 -39.78
CA ARG E 292 43.15 45.78 -39.75
C ARG E 292 43.59 46.23 -38.37
N SER E 293 42.65 46.61 -37.52
CA SER E 293 42.94 47.31 -36.27
C SER E 293 42.61 46.43 -35.07
N LEU E 294 43.65 46.09 -34.30
CA LEU E 294 43.42 45.36 -33.05
C LEU E 294 42.45 46.11 -32.16
N ASP E 295 42.65 47.42 -32.01
CA ASP E 295 41.75 48.23 -31.20
C ASP E 295 40.31 48.15 -31.68
N THR E 296 40.10 47.97 -32.99
CA THR E 296 38.75 47.84 -33.49
C THR E 296 38.18 46.46 -33.18
N VAL E 297 39.00 45.42 -33.23
CA VAL E 297 38.53 44.11 -32.79
C VAL E 297 38.07 44.18 -31.34
N ASN E 298 38.90 44.75 -30.47
CA ASN E 298 38.57 44.81 -29.06
C ASN E 298 37.31 45.64 -28.80
N LEU E 299 37.15 46.77 -29.50
CA LEU E 299 36.00 47.62 -29.24
C LEU E 299 34.70 46.95 -29.67
N VAL E 300 34.73 46.17 -30.75
CA VAL E 300 33.52 45.47 -31.20
C VAL E 300 33.10 44.40 -30.18
N MET E 301 34.05 43.59 -29.71
CA MET E 301 33.73 42.61 -28.68
C MET E 301 33.17 43.28 -27.44
N LYS E 302 33.86 44.33 -26.94
CA LYS E 302 33.35 45.08 -25.80
C LYS E 302 31.95 45.60 -26.05
N THR E 303 31.70 46.11 -27.24
CA THR E 303 30.40 46.73 -27.52
C THR E 303 29.29 45.70 -27.49
N VAL E 304 29.47 44.57 -28.18
CA VAL E 304 28.41 43.58 -28.28
C VAL E 304 28.13 42.97 -26.91
N ILE E 305 29.18 42.62 -26.18
CA ILE E 305 28.99 41.96 -24.89
C ILE E 305 28.40 42.93 -23.88
N GLU E 306 28.81 44.20 -23.92
CA GLU E 306 28.21 45.14 -22.98
C GLU E 306 26.74 45.43 -23.27
N ALA E 307 26.22 44.98 -24.40
CA ALA E 307 24.80 45.07 -24.68
C ALA E 307 24.00 43.92 -24.08
N LYS E 308 24.65 43.04 -23.31
CA LYS E 308 24.06 41.88 -22.62
C LYS E 308 23.34 40.99 -23.62
N PRO E 309 24.06 40.43 -24.60
CA PRO E 309 23.38 39.66 -25.66
C PRO E 309 22.73 38.39 -25.17
N TRP E 310 23.04 37.95 -23.94
CA TRP E 310 22.35 36.80 -23.37
C TRP E 310 20.90 37.10 -23.03
N LEU E 311 20.47 38.34 -23.10
CA LEU E 311 19.07 38.68 -22.89
C LEU E 311 18.23 38.57 -24.16
N ILE E 312 18.85 38.24 -25.30
CA ILE E 312 18.13 37.88 -26.51
C ILE E 312 18.48 36.48 -26.99
N ASP E 313 19.75 36.08 -26.84
CA ASP E 313 20.23 34.76 -27.25
C ASP E 313 20.58 33.95 -25.99
N PRO E 314 19.78 32.96 -25.61
CA PRO E 314 19.97 32.28 -24.32
C PRO E 314 21.10 31.26 -24.29
N THR E 315 21.82 31.06 -25.40
CA THR E 315 22.99 30.19 -25.39
C THR E 315 24.22 30.88 -24.82
N LEU E 316 24.13 32.15 -24.49
CA LEU E 316 25.29 32.95 -24.15
C LEU E 316 25.46 33.06 -22.63
N VAL E 317 26.70 33.29 -22.21
CA VAL E 317 26.99 33.35 -20.78
C VAL E 317 27.15 34.82 -20.39
N PRO E 318 26.59 35.24 -19.27
CA PRO E 318 26.74 36.65 -18.83
C PRO E 318 28.10 36.89 -18.18
N LEU E 319 29.15 36.80 -18.99
CA LEU E 319 30.52 36.99 -18.55
C LEU E 319 31.04 38.28 -19.19
N ASP E 320 31.32 39.29 -18.37
CA ASP E 320 31.71 40.60 -18.89
C ASP E 320 32.97 40.51 -19.73
N TRP E 321 33.08 41.42 -20.70
CA TRP E 321 34.33 41.62 -21.43
C TRP E 321 35.23 42.52 -20.61
N LYS E 322 36.26 41.96 -19.98
CA LYS E 322 37.11 42.71 -19.05
C LYS E 322 38.57 42.48 -19.40
N ARG E 323 39.29 43.58 -19.55
CA ARG E 323 40.74 43.53 -19.74
C ARG E 323 41.40 42.88 -18.53
N PRO E 324 42.35 41.97 -18.76
CA PRO E 324 42.98 41.25 -17.64
C PRO E 324 43.90 42.14 -16.79
N GLU E 325 44.07 41.72 -15.54
CA GLU E 325 44.93 42.41 -14.58
C GLU E 325 46.36 41.89 -14.59
N ASN E 326 46.66 40.90 -15.42
CA ASN E 326 47.95 40.21 -15.35
C ASN E 326 49.11 41.16 -15.60
N LYS E 327 50.13 41.06 -14.75
CA LYS E 327 51.38 41.78 -14.90
C LYS E 327 52.53 40.90 -15.38
N LYS E 328 52.51 39.62 -15.02
CA LYS E 328 53.38 38.60 -15.58
C LYS E 328 52.56 37.71 -16.50
N PHE E 329 53.25 37.05 -17.43
CA PHE E 329 52.60 36.16 -18.38
C PHE E 329 53.44 34.91 -18.58
N ARG E 330 52.77 33.76 -18.71
CA ARG E 330 53.37 32.53 -19.19
C ARG E 330 52.78 32.16 -20.55
N VAL E 331 53.64 32.00 -21.56
CA VAL E 331 53.22 31.84 -22.95
C VAL E 331 53.99 30.68 -23.57
N GLY E 332 53.27 29.79 -24.24
CA GLY E 332 53.89 28.67 -24.94
C GLY E 332 54.01 28.92 -26.43
N ILE E 333 55.07 28.39 -27.02
CA ILE E 333 55.29 28.48 -28.45
C ILE E 333 55.09 27.09 -29.05
N TYR E 334 54.12 26.98 -29.95
CA TYR E 334 53.75 25.77 -30.65
C TYR E 334 54.44 25.84 -32.01
N VAL E 335 55.66 25.29 -32.08
CA VAL E 335 56.44 25.43 -33.31
C VAL E 335 55.93 24.51 -34.40
N SER E 336 55.37 23.35 -34.06
CA SER E 336 54.88 22.41 -35.05
C SER E 336 54.06 21.34 -34.35
N ASP E 337 53.09 20.78 -35.08
CA ASP E 337 52.36 19.62 -34.56
C ASP E 337 53.05 18.32 -34.91
N HIS E 338 54.17 18.38 -35.63
CA HIS E 338 54.95 17.23 -36.04
C HIS E 338 54.14 16.29 -36.93
N ILE E 339 53.18 16.88 -37.65
CA ILE E 339 52.51 16.23 -38.76
C ILE E 339 52.74 16.98 -40.08
N VAL E 340 52.63 18.30 -40.04
CA VAL E 340 52.97 19.18 -41.15
C VAL E 340 53.78 20.34 -40.60
N ASN E 341 55.05 20.44 -41.01
CA ASN E 341 55.85 21.52 -40.48
C ASN E 341 55.54 22.84 -41.18
N PRO E 342 55.64 23.96 -40.46
CA PRO E 342 55.39 25.26 -41.09
C PRO E 342 56.52 25.67 -42.02
N SER E 343 56.17 26.44 -43.04
CA SER E 343 57.12 26.93 -44.02
C SER E 343 58.04 27.99 -43.41
N PRO E 344 59.13 28.33 -44.08
CA PRO E 344 60.12 29.29 -43.53
C PRO E 344 59.48 30.59 -43.02
N PRO E 345 58.57 31.23 -43.79
CA PRO E 345 58.03 32.50 -43.28
C PRO E 345 57.29 32.37 -41.96
N ILE E 346 56.55 31.28 -41.76
CA ILE E 346 55.86 31.09 -40.50
C ILE E 346 56.87 30.79 -39.40
N ASN E 347 57.89 29.99 -39.72
CA ASN E 347 58.89 29.66 -38.73
C ASN E 347 59.65 30.90 -38.28
N ARG E 348 59.90 31.82 -39.21
CA ARG E 348 60.59 33.07 -38.85
C ARG E 348 59.69 33.95 -37.99
N ALA E 349 58.39 33.99 -38.30
CA ALA E 349 57.46 34.74 -37.46
C ALA E 349 57.48 34.23 -36.03
N LEU E 350 57.58 32.90 -35.86
CA LEU E 350 57.63 32.33 -34.52
C LEU E 350 58.87 32.80 -33.77
N SER E 351 60.03 32.87 -34.43
CA SER E 351 61.25 33.35 -33.77
C SER E 351 61.13 34.82 -33.39
N MET E 352 60.63 35.64 -34.32
CA MET E 352 60.45 37.06 -34.05
C MET E 352 59.60 37.27 -32.81
N VAL E 353 58.49 36.55 -32.73
CA VAL E 353 57.57 36.76 -31.62
C VAL E 353 58.15 36.20 -30.31
N THR E 354 58.89 35.08 -30.38
CA THR E 354 59.54 34.54 -29.19
C THR E 354 60.55 35.52 -28.61
N GLU E 355 61.46 36.03 -29.46
CA GLU E 355 62.48 36.95 -28.98
C GLU E 355 61.88 38.26 -28.49
N LYS E 356 60.77 38.71 -29.07
CA LYS E 356 60.14 39.92 -28.58
C LYS E 356 59.56 39.72 -27.18
N LEU E 357 58.91 38.58 -26.94
CA LEU E 357 58.36 38.32 -25.62
C LEU E 357 59.47 38.16 -24.59
N LYS E 358 60.57 37.50 -24.98
CA LYS E 358 61.68 37.31 -24.06
C LYS E 358 62.37 38.61 -23.69
N SER E 359 62.39 39.60 -24.59
CA SER E 359 63.07 40.86 -24.28
C SER E 359 62.29 41.72 -23.28
N LEU E 360 61.03 41.38 -23.05
CA LEU E 360 60.24 42.01 -22.00
C LEU E 360 60.38 41.17 -20.73
N GLY E 361 60.57 41.84 -19.60
CA GLY E 361 60.94 41.11 -18.41
C GLY E 361 59.86 40.16 -17.92
N ASN E 362 58.60 40.50 -18.17
CA ASN E 362 57.47 39.86 -17.52
C ASN E 362 56.89 38.68 -18.29
N PHE E 363 57.57 38.16 -19.30
CA PHE E 363 57.10 36.99 -20.03
C PHE E 363 58.06 35.82 -19.81
N GLU E 364 57.51 34.70 -19.36
CA GLU E 364 58.19 33.40 -19.37
C GLU E 364 57.71 32.61 -20.58
N VAL E 365 58.65 32.09 -21.35
CA VAL E 365 58.35 31.48 -22.64
C VAL E 365 58.78 30.02 -22.62
N VAL E 366 57.85 29.13 -22.92
CA VAL E 366 58.09 27.70 -22.89
C VAL E 366 57.69 27.12 -24.24
N THR E 367 58.33 26.00 -24.62
CA THR E 367 57.94 25.28 -25.81
C THR E 367 56.67 24.47 -25.53
N PHE E 368 55.71 24.52 -26.46
CA PHE E 368 54.44 23.82 -26.31
C PHE E 368 54.37 22.69 -27.33
N GLU E 369 54.23 21.47 -26.84
CA GLU E 369 54.16 20.27 -27.63
C GLU E 369 52.73 19.95 -28.02
N PRO E 370 52.52 19.22 -29.11
CA PRO E 370 51.16 18.82 -29.49
C PRO E 370 50.63 17.72 -28.58
N TYR E 371 49.32 17.51 -28.64
CA TYR E 371 48.66 16.37 -28.00
C TYR E 371 47.71 15.75 -29.01
N LYS E 372 48.09 14.57 -29.53
CA LYS E 372 47.36 13.77 -30.51
C LYS E 372 46.63 14.62 -31.55
N PRO E 373 47.34 15.43 -32.33
CA PRO E 373 46.66 16.23 -33.37
C PRO E 373 45.96 15.38 -34.42
N GLU E 374 46.38 14.12 -34.60
CA GLU E 374 45.69 13.23 -35.54
C GLU E 374 44.24 12.99 -35.12
N LYS E 375 43.95 13.06 -33.82
CA LYS E 375 42.59 12.85 -33.35
C LYS E 375 41.64 13.96 -33.80
N VAL E 376 42.19 15.14 -34.11
CA VAL E 376 41.37 16.24 -34.60
C VAL E 376 40.70 15.86 -35.91
N THR E 377 41.51 15.40 -36.87
CA THR E 377 40.97 14.98 -38.16
C THR E 377 40.00 13.83 -38.01
N GLU E 378 40.33 12.86 -37.15
CA GLU E 378 39.46 11.70 -36.98
C GLU E 378 38.07 12.12 -36.49
N ILE E 379 38.02 12.93 -35.43
CA ILE E 379 36.72 13.25 -34.82
C ILE E 379 35.93 14.18 -35.73
N LEU E 380 36.55 15.27 -36.18
CA LEU E 380 35.86 16.22 -37.05
C LEU E 380 35.46 15.57 -38.37
N GLY E 381 36.21 14.56 -38.81
CA GLY E 381 35.82 13.82 -40.00
C GLY E 381 34.46 13.16 -39.90
N LYS E 382 34.03 12.88 -38.66
CA LYS E 382 32.73 12.27 -38.42
C LYS E 382 31.63 13.27 -38.07
N LEU E 383 31.99 14.41 -37.47
CA LEU E 383 31.00 15.32 -36.90
C LEU E 383 30.72 16.57 -37.74
N TYR E 384 31.64 16.94 -38.63
CA TYR E 384 31.41 18.11 -39.48
C TYR E 384 30.19 17.91 -40.36
N PHE E 385 30.09 16.75 -41.01
CA PHE E 385 28.98 16.39 -41.90
C PHE E 385 28.32 15.14 -41.33
N GLU E 386 27.44 15.33 -40.34
CA GLU E 386 26.87 14.20 -39.60
C GLU E 386 25.83 13.42 -40.38
N ASP E 387 25.34 13.96 -41.48
CA ASP E 387 24.35 13.29 -42.31
C ASP E 387 24.93 12.67 -43.57
N GLY E 388 26.24 12.45 -43.61
CA GLY E 388 26.85 11.95 -44.83
C GLY E 388 26.81 12.97 -45.95
N ALA E 389 26.80 14.25 -45.60
CA ALA E 389 26.74 15.36 -46.56
C ALA E 389 25.46 15.37 -47.37
N ARG E 390 24.38 14.75 -46.88
CA ARG E 390 23.12 14.78 -47.62
C ARG E 390 22.59 16.19 -47.79
N ASP E 391 22.64 17.00 -46.72
CA ASP E 391 22.11 18.36 -46.79
C ASP E 391 22.87 19.21 -47.80
N PHE E 392 24.20 19.13 -47.79
CA PHE E 392 24.96 19.90 -48.77
C PHE E 392 24.73 19.38 -50.18
N ARG E 393 24.81 18.06 -50.37
CA ARG E 393 24.71 17.52 -51.73
C ARG E 393 23.35 17.85 -52.35
N ALA E 394 22.31 18.02 -51.51
CA ALA E 394 21.01 18.44 -52.04
C ALA E 394 21.03 19.84 -52.62
N THR E 395 22.01 20.68 -52.26
CA THR E 395 22.13 22.00 -52.88
C THR E 395 22.58 21.91 -54.33
N LEU E 396 23.14 20.78 -54.75
CA LEU E 396 23.67 20.60 -56.09
C LEU E 396 22.64 20.05 -57.06
N GLN E 397 21.38 19.93 -56.63
CA GLN E 397 20.31 19.46 -57.51
C GLN E 397 20.06 20.44 -58.64
N THR E 398 20.48 21.69 -58.47
CA THR E 398 20.44 22.68 -59.53
C THR E 398 21.43 22.37 -60.66
N GLY E 399 22.29 21.37 -60.48
CA GLY E 399 23.39 21.11 -61.39
C GLY E 399 24.66 21.84 -61.06
N GLU E 400 24.64 22.68 -60.02
CA GLU E 400 25.82 23.36 -59.53
C GLU E 400 26.98 22.37 -59.35
N PRO E 401 28.11 22.59 -60.01
CA PRO E 401 29.22 21.64 -59.92
C PRO E 401 29.84 21.60 -58.52
N LEU E 402 30.40 20.47 -58.18
CA LEU E 402 31.12 20.29 -56.92
C LEU E 402 32.56 20.75 -57.09
N LEU E 403 32.95 21.78 -56.34
CA LEU E 403 34.31 22.30 -56.42
C LEU E 403 35.28 21.31 -55.78
N GLU E 404 36.53 21.37 -56.24
CA GLU E 404 37.56 20.46 -55.75
C GLU E 404 37.76 20.56 -54.25
N GLN E 405 37.78 21.77 -53.71
CA GLN E 405 37.99 21.93 -52.27
C GLN E 405 36.80 21.38 -51.48
N THR E 406 35.59 21.63 -51.98
CA THR E 406 34.41 21.04 -51.34
C THR E 406 34.48 19.53 -51.34
N ARG E 407 35.02 18.95 -52.42
CA ARG E 407 35.14 17.51 -52.48
C ARG E 407 35.90 16.96 -51.28
N TRP E 408 37.04 17.60 -50.93
CA TRP E 408 37.82 17.15 -49.79
C TRP E 408 37.00 17.15 -48.51
N ALA E 409 36.17 18.17 -48.31
CA ALA E 409 35.50 18.33 -47.02
C ALA E 409 34.41 17.27 -46.82
N ILE E 410 33.80 16.77 -47.90
CA ILE E 410 32.71 15.82 -47.78
C ILE E 410 33.13 14.37 -48.08
N GLU E 411 34.36 14.14 -48.55
CA GLU E 411 34.84 12.78 -48.79
C GLU E 411 34.86 12.00 -47.48
N GLY E 412 34.23 10.83 -47.48
CA GLY E 412 34.21 9.97 -46.31
C GLY E 412 33.11 10.25 -45.31
N ALA E 413 32.24 11.22 -45.57
CA ALA E 413 31.17 11.55 -44.63
C ALA E 413 30.22 10.38 -44.46
N GLU E 414 30.01 9.97 -43.21
CA GLU E 414 29.05 8.92 -42.89
C GLU E 414 27.72 9.53 -42.45
N ASP E 415 26.62 8.88 -42.82
CA ASP E 415 25.31 9.25 -42.29
C ASP E 415 25.17 8.54 -40.96
N LEU E 416 25.51 9.26 -39.88
CA LEU E 416 25.67 8.63 -38.58
C LEU E 416 24.32 8.24 -37.99
N ASP E 417 24.26 7.00 -37.51
CA ASP E 417 23.21 6.56 -36.61
C ASP E 417 23.40 7.23 -35.25
N MET E 418 22.30 7.37 -34.50
CA MET E 418 22.36 8.03 -33.20
C MET E 418 23.47 7.46 -32.33
N HIS E 419 23.63 6.14 -32.33
CA HIS E 419 24.70 5.56 -31.51
C HIS E 419 26.07 5.93 -32.07
N ASP E 420 26.19 6.10 -33.38
CA ASP E 420 27.46 6.54 -33.94
C ASP E 420 27.79 7.96 -33.51
N GLN E 421 26.79 8.85 -33.51
CA GLN E 421 27.02 10.21 -33.00
C GLN E 421 27.41 10.19 -31.53
N TRP E 422 26.71 9.37 -30.72
CA TRP E 422 27.05 9.25 -29.31
C TRP E 422 28.51 8.84 -29.12
N TYR E 423 28.96 7.87 -29.90
CA TYR E 423 30.35 7.42 -29.78
C TYR E 423 31.32 8.57 -30.00
N TRP E 424 31.07 9.39 -31.03
CA TRP E 424 32.01 10.44 -31.38
C TRP E 424 31.84 11.68 -30.52
N ASN E 425 30.64 11.90 -29.98
CA ASN E 425 30.47 12.92 -28.95
C ASN E 425 31.34 12.59 -27.73
N LEU E 426 31.36 11.33 -27.32
CA LEU E 426 32.22 10.91 -26.21
C LEU E 426 33.69 11.06 -26.57
N GLN E 427 34.08 10.72 -27.81
CA GLN E 427 35.45 10.96 -28.25
C GLN E 427 35.79 12.45 -28.23
N LYS E 428 34.84 13.29 -28.64
CA LYS E 428 35.05 14.73 -28.64
C LYS E 428 35.27 15.26 -27.23
N GLN E 429 34.38 14.89 -26.30
CA GLN E 429 34.47 15.40 -24.94
C GLN E 429 35.66 14.80 -24.20
N ALA E 430 36.00 13.55 -24.47
CA ALA E 430 37.20 12.97 -23.86
C ALA E 430 38.45 13.70 -24.34
N TYR E 431 38.55 13.93 -25.65
CA TYR E 431 39.70 14.66 -26.19
C TYR E 431 39.82 16.05 -25.57
N ARG E 432 38.70 16.76 -25.44
CA ARG E 432 38.71 18.07 -24.79
C ARG E 432 39.24 17.97 -23.37
N LYS E 433 38.81 16.95 -22.63
CA LYS E 433 39.27 16.79 -21.25
C LYS E 433 40.74 16.40 -21.21
N GLU E 434 41.16 15.49 -22.09
CA GLU E 434 42.57 15.12 -22.20
C GLU E 434 43.42 16.34 -22.57
N PHE E 435 42.92 17.18 -23.47
CA PHE E 435 43.74 18.32 -23.90
C PHE E 435 43.88 19.34 -22.77
N LEU E 436 42.81 19.58 -22.02
CA LEU E 436 42.90 20.50 -20.90
C LEU E 436 43.96 20.07 -19.90
N LYS E 437 44.01 18.77 -19.61
CA LYS E 437 45.03 18.23 -18.73
C LYS E 437 46.43 18.46 -19.31
N HIS E 438 46.58 18.26 -20.62
CA HIS E 438 47.84 18.56 -21.28
C HIS E 438 48.22 20.03 -21.08
N TRP E 439 47.26 20.93 -21.33
CA TRP E 439 47.52 22.36 -21.15
C TRP E 439 47.93 22.64 -19.71
N CYS E 440 47.20 22.07 -18.74
CA CYS E 440 47.55 22.30 -17.33
C CYS E 440 48.85 21.64 -16.93
N SER E 441 49.35 20.68 -17.71
CA SER E 441 50.66 20.12 -17.41
C SER E 441 51.77 21.14 -17.53
N TYR E 442 51.51 22.30 -18.13
CA TYR E 442 52.50 23.36 -18.26
C TYR E 442 52.46 24.35 -17.10
N THR E 443 51.56 24.16 -16.14
CA THR E 443 51.56 25.00 -14.94
C THR E 443 52.89 24.87 -14.21
N ASP E 444 53.41 25.98 -13.69
CA ASP E 444 54.71 25.93 -13.02
C ASP E 444 54.53 25.58 -11.55
N ASN E 445 55.67 25.51 -10.85
CA ASN E 445 55.67 25.05 -9.46
C ASN E 445 54.84 25.94 -8.57
N ASP E 446 54.76 27.23 -8.90
CA ASP E 446 54.01 28.22 -8.14
C ASP E 446 52.51 28.22 -8.45
N GLY E 447 52.07 27.41 -9.41
CA GLY E 447 50.66 27.35 -9.75
C GLY E 447 50.19 28.33 -10.81
N ASN E 448 51.10 28.90 -11.61
CA ASN E 448 50.72 29.83 -12.67
C ASN E 448 50.41 29.06 -13.94
N VAL E 449 49.16 29.16 -14.41
CA VAL E 449 48.80 28.46 -15.64
C VAL E 449 49.41 29.17 -16.83
N LEU E 450 49.53 28.43 -17.93
CA LEU E 450 49.81 29.04 -19.21
C LEU E 450 48.71 30.04 -19.56
N ASP E 451 49.11 31.27 -19.89
CA ASP E 451 48.11 32.27 -20.23
C ASP E 451 47.68 32.15 -21.69
N ALA E 452 48.58 31.77 -22.57
CA ALA E 452 48.28 31.70 -24.00
C ALA E 452 49.34 30.86 -24.70
N VAL E 453 48.97 30.35 -25.87
CA VAL E 453 49.88 29.65 -26.75
C VAL E 453 49.94 30.40 -28.07
N ILE E 454 51.14 30.51 -28.63
CA ILE E 454 51.38 31.12 -29.94
C ILE E 454 51.66 29.99 -30.93
N ALA E 455 50.89 29.96 -32.01
CA ALA E 455 50.90 28.85 -32.94
C ALA E 455 50.72 29.37 -34.35
N PRO E 456 51.03 28.57 -35.36
CA PRO E 456 50.65 28.93 -36.73
C PRO E 456 49.14 28.91 -36.89
N VAL E 457 48.67 29.64 -37.91
CA VAL E 457 47.29 29.51 -38.37
C VAL E 457 47.18 28.47 -39.48
N PHE E 458 48.27 28.23 -40.19
CA PHE E 458 48.32 27.41 -41.39
C PHE E 458 49.77 27.01 -41.59
N PRO E 459 50.05 25.90 -42.28
CA PRO E 459 51.45 25.51 -42.47
C PRO E 459 52.26 26.51 -43.29
N ASN E 460 51.64 27.59 -43.76
CA ASN E 460 52.30 28.50 -44.69
C ASN E 460 51.51 29.81 -44.72
N VAL E 461 52.06 30.80 -45.42
CA VAL E 461 51.32 32.01 -45.77
C VAL E 461 50.22 31.64 -46.76
N ALA E 462 49.50 32.64 -47.24
CA ALA E 462 48.38 32.45 -48.16
C ALA E 462 48.72 31.40 -49.21
N ALA E 463 47.90 30.36 -49.29
CA ALA E 463 48.18 29.19 -50.11
C ALA E 463 47.95 29.48 -51.60
N LYS E 464 48.57 28.65 -52.44
CA LYS E 464 48.19 28.60 -53.84
C LYS E 464 46.80 28.00 -53.96
N HIS E 465 46.07 28.39 -55.01
CA HIS E 465 44.70 27.93 -55.16
C HIS E 465 44.61 26.41 -55.15
N GLU E 466 43.58 25.91 -54.45
CA GLU E 466 43.27 24.48 -54.40
C GLU E 466 44.39 23.67 -53.77
N THR E 467 45.03 24.23 -52.73
CA THR E 467 46.09 23.54 -52.01
C THR E 467 45.88 23.54 -50.50
N THR E 468 44.71 23.96 -50.01
CA THR E 468 44.46 24.04 -48.56
C THR E 468 43.98 22.68 -48.06
N LYS E 469 44.91 21.72 -48.08
CA LYS E 469 44.62 20.32 -47.79
C LYS E 469 44.99 19.91 -46.38
N TYR E 470 45.21 20.86 -45.46
CA TYR E 470 45.48 20.54 -44.06
C TYR E 470 44.86 21.62 -43.19
N TRP E 471 43.99 21.21 -42.26
CA TRP E 471 43.20 22.14 -41.47
C TRP E 471 43.61 22.25 -40.01
N THR E 472 44.37 21.29 -39.48
CA THR E 472 44.49 21.13 -38.03
C THR E 472 44.97 22.40 -37.33
N TYR E 473 45.84 23.19 -37.97
CA TYR E 473 46.36 24.39 -37.30
C TYR E 473 45.26 25.40 -37.01
N THR E 474 44.09 25.26 -37.61
CA THR E 474 42.91 26.01 -37.21
C THR E 474 41.83 25.15 -36.59
N SER E 475 41.55 23.97 -37.16
CA SER E 475 40.44 23.14 -36.71
C SER E 475 40.70 22.51 -35.34
N GLN E 476 41.97 22.38 -34.95
CA GLN E 476 42.30 21.96 -33.58
C GLN E 476 41.51 22.74 -32.56
N TRP E 477 41.43 24.05 -32.74
CA TRP E 477 40.79 24.93 -31.78
C TRP E 477 39.30 25.07 -31.97
N ASN E 478 38.75 24.58 -33.10
CA ASN E 478 37.30 24.47 -33.21
C ASN E 478 36.78 23.23 -32.49
N LEU E 479 37.53 22.13 -32.60
CA LEU E 479 37.21 20.93 -31.81
C LEU E 479 37.26 21.22 -30.32
N LEU E 480 38.24 22.00 -29.87
CA LEU E 480 38.36 22.33 -28.45
C LEU E 480 37.55 23.55 -28.06
N ASP E 481 37.14 24.35 -29.04
CA ASP E 481 36.39 25.59 -28.78
C ASP E 481 37.24 26.55 -27.95
N TYR E 482 38.52 26.64 -28.29
CA TYR E 482 39.34 27.63 -27.62
C TYR E 482 39.30 28.95 -28.39
N PRO E 483 39.26 30.09 -27.70
CA PRO E 483 39.36 31.37 -28.41
C PRO E 483 40.74 31.52 -29.03
N VAL E 484 40.77 32.02 -30.27
CA VAL E 484 42.02 32.16 -31.01
C VAL E 484 42.02 33.51 -31.73
N LEU E 485 43.11 34.25 -31.60
CA LEU E 485 43.26 35.56 -32.24
C LEU E 485 44.40 35.52 -33.23
N ALA E 486 44.07 35.64 -34.52
CA ALA E 486 45.09 35.78 -35.55
C ALA E 486 45.64 37.20 -35.52
N PHE E 487 46.95 37.33 -35.70
CA PHE E 487 47.55 38.65 -35.59
C PHE E 487 48.76 38.74 -36.49
N PRO E 488 49.12 39.94 -36.94
CA PRO E 488 50.24 40.11 -37.88
C PRO E 488 51.60 40.01 -37.21
N VAL E 489 52.58 39.57 -37.99
CA VAL E 489 53.96 39.59 -37.54
C VAL E 489 54.88 40.18 -38.62
N THR E 490 54.95 39.54 -39.78
CA THR E 490 55.94 39.93 -40.78
C THR E 490 55.44 39.60 -42.18
N LYS E 491 56.26 39.91 -43.17
CA LYS E 491 55.96 39.60 -44.56
C LYS E 491 57.05 38.68 -45.08
N VAL E 492 56.76 37.95 -46.17
CA VAL E 492 57.78 37.12 -46.79
C VAL E 492 58.97 37.98 -47.19
N ASP E 493 60.16 37.49 -46.87
CA ASP E 493 61.42 38.13 -47.24
C ASP E 493 62.20 37.12 -48.06
N GLU E 494 62.48 37.47 -49.33
CA GLU E 494 63.02 36.49 -50.25
C GLU E 494 64.44 36.07 -49.87
N SER E 495 65.19 36.94 -49.19
CA SER E 495 66.51 36.55 -48.72
C SER E 495 66.42 35.62 -47.51
N LEU E 496 65.55 35.94 -46.55
CA LEU E 496 65.50 35.20 -45.30
C LEU E 496 64.70 33.89 -45.41
N ASP E 497 63.74 33.82 -46.33
CA ASP E 497 62.76 32.74 -46.34
C ASP E 497 62.96 31.78 -47.52
N GLN E 498 64.21 31.47 -47.84
CA GLN E 498 64.48 30.46 -48.84
C GLN E 498 64.07 29.09 -48.31
N PRO E 499 63.73 28.15 -49.20
CA PRO E 499 63.32 26.82 -48.75
C PRO E 499 64.38 26.14 -47.90
N TYR E 500 63.93 25.28 -46.99
CA TYR E 500 64.86 24.46 -46.22
C TYR E 500 65.58 23.51 -47.17
N LYS E 501 66.90 23.39 -47.02
CA LYS E 501 67.68 22.47 -47.83
C LYS E 501 67.89 21.17 -47.05
N ASN E 502 67.96 20.05 -47.79
CA ASN E 502 68.10 18.72 -47.19
C ASN E 502 67.03 18.46 -46.15
N TYR E 503 65.82 18.92 -46.44
CA TYR E 503 64.67 18.67 -45.58
C TYR E 503 64.25 17.22 -45.70
N LYS E 504 63.87 16.62 -44.58
CA LYS E 504 63.35 15.25 -44.59
C LYS E 504 61.88 15.29 -44.22
N PRO E 505 60.96 15.05 -45.16
CA PRO E 505 59.53 15.19 -44.84
C PRO E 505 59.08 14.22 -43.76
N LEU E 506 58.04 14.62 -43.03
CA LEU E 506 57.52 13.79 -41.95
C LEU E 506 56.57 12.73 -42.48
N ASN E 507 55.93 12.98 -43.61
CA ASN E 507 54.95 12.05 -44.18
C ASN E 507 54.54 12.58 -45.55
N ASP E 508 53.64 11.87 -46.21
CA ASP E 508 53.23 12.22 -47.57
C ASP E 508 52.59 13.60 -47.62
N LEU E 509 51.78 13.94 -46.61
CA LEU E 509 51.12 15.24 -46.58
C LEU E 509 52.11 16.36 -46.31
N ASP E 510 53.08 16.10 -45.44
CA ASP E 510 54.13 17.08 -45.19
C ASP E 510 54.99 17.29 -46.43
N LYS E 511 55.25 16.21 -47.18
CA LYS E 511 56.00 16.33 -48.44
C LYS E 511 55.25 17.25 -49.40
N TYR E 512 53.93 17.08 -49.48
CA TYR E 512 53.11 17.91 -50.34
C TYR E 512 53.28 19.39 -50.00
N PHE E 513 53.23 19.73 -48.72
CA PHE E 513 53.34 21.13 -48.33
C PHE E 513 54.75 21.66 -48.51
N TYR E 514 55.76 20.81 -48.33
CA TYR E 514 57.13 21.23 -48.60
C TYR E 514 57.30 21.54 -50.09
N GLU E 515 56.81 20.64 -50.96
CA GLU E 515 56.89 20.90 -52.39
C GLU E 515 56.02 22.08 -52.82
N GLN E 516 54.94 22.36 -52.08
CA GLN E 516 54.14 23.54 -52.39
C GLN E 516 54.95 24.81 -52.21
N TYR E 517 55.86 24.83 -51.23
CA TYR E 517 56.72 25.98 -50.97
C TYR E 517 57.96 25.87 -51.86
N ASP E 518 57.79 26.20 -53.14
CA ASP E 518 58.92 26.05 -54.07
C ASP E 518 59.97 27.14 -53.86
N SER E 519 59.57 28.39 -53.70
CA SER E 519 60.48 29.47 -53.37
C SER E 519 59.66 30.65 -52.88
N PRO E 520 60.26 31.56 -52.10
CA PRO E 520 59.51 32.74 -51.64
C PRO E 520 58.92 33.57 -52.77
N SER E 521 59.52 33.58 -53.96
CA SER E 521 58.98 34.40 -55.05
C SER E 521 57.56 33.99 -55.42
N SER E 522 57.21 32.72 -55.22
CA SER E 522 55.82 32.31 -55.47
C SER E 522 54.84 32.96 -54.50
N PHE E 523 55.33 33.53 -53.39
CA PHE E 523 54.46 34.14 -52.40
C PHE E 523 54.89 35.57 -52.08
N LYS E 524 55.28 36.33 -53.12
CA LYS E 524 55.79 37.68 -52.92
C LYS E 524 54.79 38.55 -52.17
N ASN E 525 55.29 39.28 -51.16
CA ASN E 525 54.55 40.24 -50.34
C ASN E 525 53.48 39.59 -49.46
N ALA E 526 53.52 38.28 -49.27
CA ALA E 526 52.47 37.60 -48.50
C ALA E 526 52.69 37.82 -47.01
N PRO E 527 51.69 38.29 -46.28
CA PRO E 527 51.83 38.41 -44.83
C PRO E 527 52.04 37.04 -44.17
N ALA E 528 52.96 37.02 -43.20
CA ALA E 528 53.17 35.88 -42.33
C ALA E 528 52.56 36.24 -40.97
N ASN E 529 51.38 35.67 -40.69
CA ASN E 529 50.68 35.86 -39.44
C ASN E 529 50.85 34.63 -38.55
N LEU E 530 50.61 34.84 -37.26
CA LEU E 530 50.47 33.74 -36.32
C LEU E 530 49.15 33.95 -35.58
N CYS E 531 48.90 33.15 -34.53
CA CYS E 531 47.73 33.37 -33.72
C CYS E 531 48.05 33.13 -32.26
N LEU E 532 47.24 33.75 -31.40
CA LEU E 532 47.30 33.55 -29.97
C LEU E 532 46.12 32.67 -29.56
N VAL E 533 46.41 31.59 -28.84
CA VAL E 533 45.41 30.63 -28.39
C VAL E 533 45.24 30.78 -26.89
N GLY E 534 43.99 30.75 -26.42
CA GLY E 534 43.73 30.80 -25.01
C GLY E 534 42.74 29.72 -24.58
N LEU E 535 42.71 29.48 -23.27
CA LEU E 535 41.68 28.61 -22.73
C LEU E 535 40.32 29.28 -22.87
N ARG E 536 39.27 28.46 -22.76
CA ARG E 536 37.91 28.93 -23.00
C ARG E 536 37.61 30.14 -22.12
N PHE E 537 37.07 31.19 -22.74
CA PHE E 537 36.61 32.44 -22.13
C PHE E 537 37.75 33.35 -21.71
N THR E 538 38.98 33.09 -22.14
CA THR E 538 40.10 33.98 -21.89
C THR E 538 40.40 34.88 -23.09
N ASP E 539 39.38 35.17 -23.90
CA ASP E 539 39.54 35.99 -25.10
C ASP E 539 40.36 37.25 -24.85
N GLU E 540 40.10 37.91 -23.72
CA GLU E 540 40.71 39.22 -23.46
C GLU E 540 42.21 39.12 -23.23
N LYS E 541 42.68 38.02 -22.63
CA LYS E 541 44.12 37.81 -22.52
C LYS E 541 44.79 37.84 -23.89
N LEU E 542 44.13 37.26 -24.89
CA LEU E 542 44.70 37.24 -26.23
C LEU E 542 44.83 38.65 -26.80
N VAL E 543 43.83 39.49 -26.57
CA VAL E 543 43.91 40.88 -27.03
C VAL E 543 45.06 41.62 -26.36
N GLU E 544 45.21 41.44 -25.04
CA GLU E 544 46.23 42.16 -24.30
C GLU E 544 47.64 41.74 -24.72
N ILE E 545 47.86 40.45 -24.97
CA ILE E 545 49.17 40.01 -25.43
C ILE E 545 49.45 40.51 -26.83
N ALA E 546 48.44 40.48 -27.71
CA ALA E 546 48.63 40.98 -29.06
C ALA E 546 48.93 42.48 -29.05
N ASN E 547 48.31 43.21 -28.10
CA ASN E 547 48.63 44.61 -27.89
C ASN E 547 50.12 44.79 -27.60
N ILE E 548 50.65 43.95 -26.73
CA ILE E 548 52.06 44.06 -26.37
C ILE E 548 52.95 43.69 -27.56
N LEU E 549 52.54 42.68 -28.33
CA LEU E 549 53.35 42.23 -29.46
C LEU E 549 53.38 43.22 -30.61
N ARG E 550 52.44 44.15 -30.67
CA ARG E 550 52.36 45.12 -31.75
C ARG E 550 52.90 46.49 -31.41
N ASN E 551 53.15 46.74 -30.14
CA ASN E 551 53.64 48.05 -29.68
C ASN E 551 55.09 48.31 -30.08
N MET F 1 -6.82 -11.96 -84.80
CA MET F 1 -6.22 -12.04 -86.12
C MET F 1 -7.26 -11.94 -87.23
N LEU F 2 -6.92 -11.22 -88.28
CA LEU F 2 -7.73 -11.11 -89.47
C LEU F 2 -7.13 -12.00 -90.55
N THR F 3 -7.98 -12.40 -91.49
CA THR F 3 -7.51 -13.24 -92.58
C THR F 3 -8.03 -12.72 -93.91
N ASP F 4 -8.58 -11.51 -93.95
CA ASP F 4 -8.97 -10.86 -95.18
C ASP F 4 -7.73 -10.59 -96.04
N ASN F 5 -7.98 -10.37 -97.33
CA ASN F 5 -6.87 -10.08 -98.24
C ASN F 5 -6.17 -8.80 -97.81
N TRP F 6 -4.84 -8.82 -97.87
CA TRP F 6 -4.03 -7.76 -97.31
C TRP F 6 -4.16 -6.44 -98.06
N LYS F 7 -4.52 -6.51 -99.33
CA LYS F 7 -4.61 -5.30 -100.14
C LYS F 7 -5.72 -4.38 -99.64
N GLU F 8 -6.88 -4.95 -99.28
CA GLU F 8 -7.94 -4.14 -98.71
C GLU F 8 -7.53 -3.60 -97.34
N LEU F 9 -6.84 -4.40 -96.54
CA LEU F 9 -6.43 -3.96 -95.20
C LEU F 9 -5.41 -2.83 -95.30
N ALA F 10 -4.44 -2.94 -96.20
CA ALA F 10 -3.51 -1.84 -96.44
C ALA F 10 -4.26 -0.58 -96.82
N GLY F 11 -5.32 -0.71 -97.61
CA GLY F 11 -6.21 0.42 -97.89
C GLY F 11 -6.70 1.09 -96.62
N LYS F 12 -7.19 0.29 -95.67
CA LYS F 12 -7.70 0.85 -94.41
C LYS F 12 -6.59 1.52 -93.62
N ALA F 13 -5.39 0.93 -93.58
CA ALA F 13 -4.28 1.54 -92.89
C ALA F 13 -3.90 2.88 -93.53
N GLN F 14 -3.85 2.93 -94.87
CA GLN F 14 -3.59 4.20 -95.55
C GLN F 14 -4.67 5.23 -95.23
N SER F 15 -5.94 4.81 -95.15
CA SER F 15 -7.02 5.75 -94.83
C SER F 15 -6.84 6.37 -93.46
N THR F 16 -6.60 5.53 -92.45
CA THR F 16 -6.38 6.01 -91.10
C THR F 16 -5.26 7.04 -91.04
N PHE F 17 -4.15 6.76 -91.71
CA PHE F 17 -3.06 7.73 -91.77
C PHE F 17 -3.50 9.01 -92.47
N GLN F 18 -4.07 8.87 -93.66
CA GLN F 18 -4.34 10.03 -94.51
C GLN F 18 -5.37 10.95 -93.87
N LYS F 19 -6.40 10.39 -93.22
CA LYS F 19 -7.37 11.20 -92.53
C LYS F 19 -6.75 11.94 -91.35
N SER F 20 -5.82 11.31 -90.64
CA SER F 20 -5.15 12.00 -89.53
C SER F 20 -4.19 13.08 -90.04
N LEU F 21 -3.57 12.86 -91.20
CA LEU F 21 -2.76 13.90 -91.84
C LEU F 21 -3.62 15.11 -92.16
N LYS F 22 -4.80 14.88 -92.72
CA LYS F 22 -5.76 15.95 -92.99
C LYS F 22 -6.11 16.70 -91.70
N GLN F 23 -6.40 15.97 -90.62
CA GLN F 23 -6.68 16.64 -89.35
C GLN F 23 -5.42 17.32 -88.81
N ALA F 24 -4.25 16.72 -89.02
CA ALA F 24 -3.00 17.32 -88.57
C ALA F 24 -2.73 18.65 -89.29
N ILE F 25 -2.92 18.67 -90.61
CA ILE F 25 -2.71 19.90 -91.38
C ILE F 25 -3.66 20.99 -90.90
N GLU F 26 -4.90 20.60 -90.56
CA GLU F 26 -5.85 21.55 -90.01
C GLU F 26 -5.33 22.16 -88.70
N LEU F 27 -4.78 21.31 -87.83
CA LEU F 27 -4.23 21.80 -86.56
C LEU F 27 -3.01 22.69 -86.79
N ALA F 28 -2.14 22.32 -87.73
CA ALA F 28 -0.91 23.09 -87.96
C ALA F 28 -1.20 24.46 -88.56
N ASP F 29 -2.26 24.59 -89.37
CA ASP F 29 -2.68 25.89 -89.91
C ASP F 29 -1.57 26.56 -90.73
N PHE F 30 -1.16 25.85 -91.78
CA PHE F 30 -0.14 26.38 -92.69
C PHE F 30 -0.58 27.72 -93.26
N ASP F 31 0.37 28.66 -93.32
CA ASP F 31 0.13 29.79 -94.19
C ASP F 31 0.43 29.37 -95.63
N GLU F 32 -0.03 30.18 -96.58
CA GLU F 32 0.05 29.78 -97.98
C GLU F 32 1.49 29.55 -98.41
N GLY F 33 2.44 30.31 -97.88
CA GLY F 33 3.84 30.10 -98.23
C GLY F 33 4.34 28.72 -97.83
N LEU F 34 4.00 28.26 -96.62
CA LEU F 34 4.41 26.93 -96.19
C LEU F 34 3.63 25.85 -96.91
N ALA F 35 2.31 26.04 -97.09
CA ALA F 35 1.50 25.07 -97.83
C ALA F 35 2.07 24.84 -99.23
N LYS F 36 2.58 25.90 -99.87
CA LYS F 36 3.20 25.76 -101.19
C LYS F 36 4.47 24.93 -101.12
N ARG F 37 5.40 25.29 -100.23
CA ARG F 37 6.66 24.56 -100.15
C ARG F 37 6.44 23.12 -99.71
N TYR F 38 5.50 22.90 -98.79
CA TYR F 38 5.17 21.52 -98.42
C TYR F 38 4.67 20.75 -99.64
N GLY F 39 3.79 21.37 -100.44
CA GLY F 39 3.28 20.72 -101.63
C GLY F 39 4.35 20.26 -102.61
N ALA F 40 5.47 20.98 -102.67
CA ALA F 40 6.50 20.69 -103.67
C ALA F 40 7.63 19.82 -103.14
N LEU F 41 7.54 19.34 -101.91
CA LEU F 41 8.61 18.50 -101.36
C LEU F 41 8.56 17.10 -101.98
N PRO F 42 9.72 16.50 -102.24
CA PRO F 42 9.73 15.08 -102.65
C PRO F 42 9.22 14.20 -101.53
N SER F 43 8.36 13.26 -101.89
CA SER F 43 7.66 12.43 -100.91
C SER F 43 8.30 11.05 -100.84
N ALA F 44 8.44 10.54 -99.62
CA ALA F 44 8.78 9.14 -99.38
C ALA F 44 7.55 8.29 -99.13
N ILE F 45 6.37 8.90 -99.18
CA ILE F 45 5.09 8.19 -99.09
C ILE F 45 4.61 7.91 -100.51
N GLY F 46 4.25 6.66 -100.79
CA GLY F 46 3.72 6.30 -102.08
C GLY F 46 2.19 6.29 -102.09
N ALA F 47 1.64 5.97 -103.26
CA ALA F 47 0.20 5.86 -103.40
C ALA F 47 -0.32 4.58 -102.77
N ASN F 48 0.53 3.57 -102.62
CA ASN F 48 0.16 2.37 -101.88
C ASN F 48 1.42 1.92 -101.18
N VAL F 49 1.25 0.96 -100.25
CA VAL F 49 2.34 0.59 -99.36
C VAL F 49 3.49 -0.14 -100.04
N GLU F 50 3.34 -0.51 -101.32
CA GLU F 50 4.45 -1.11 -102.07
C GLU F 50 5.18 -0.10 -102.94
N ASP F 51 4.65 1.12 -103.06
CA ASP F 51 5.27 2.22 -103.78
C ASP F 51 5.98 3.10 -102.77
N PHE F 52 7.31 3.17 -102.89
CA PHE F 52 8.14 3.83 -101.89
C PHE F 52 8.45 5.29 -102.21
N GLY F 53 7.79 5.87 -103.21
CA GLY F 53 8.01 7.26 -103.55
C GLY F 53 9.42 7.52 -104.07
N SER F 54 9.84 8.77 -103.99
CA SER F 54 11.15 9.20 -104.49
C SER F 54 11.75 10.20 -103.50
N PRO F 55 12.42 9.71 -102.46
CA PRO F 55 12.84 10.61 -101.37
C PRO F 55 13.93 11.58 -101.80
N ALA F 56 13.98 12.71 -101.07
CA ALA F 56 15.01 13.72 -101.25
C ALA F 56 16.39 13.13 -100.99
N GLN F 57 17.41 13.75 -101.59
CA GLN F 57 18.78 13.33 -101.33
C GLN F 57 19.19 13.63 -99.90
N PHE F 58 18.84 14.82 -99.39
CA PHE F 58 19.18 15.23 -98.02
C PHE F 58 17.90 15.71 -97.33
N PRO F 59 17.10 14.78 -96.79
CA PRO F 59 15.79 15.20 -96.24
C PRO F 59 15.86 16.29 -95.19
N LEU F 60 16.92 16.28 -94.37
CA LEU F 60 17.04 17.30 -93.33
C LEU F 60 17.25 18.69 -93.92
N GLU F 61 18.09 18.80 -94.95
CA GLU F 61 18.29 20.09 -95.59
C GLU F 61 16.96 20.63 -96.14
N GLU F 62 16.17 19.77 -96.79
CA GLU F 62 14.86 20.18 -97.29
C GLU F 62 13.93 20.58 -96.16
N TYR F 63 14.02 19.89 -95.02
CA TYR F 63 13.18 20.20 -93.87
C TYR F 63 13.47 21.60 -93.35
N LEU F 64 14.76 21.94 -93.21
CA LEU F 64 15.13 23.24 -92.67
C LEU F 64 14.76 24.38 -93.64
N LYS F 65 14.80 24.11 -94.95
CA LYS F 65 14.44 25.14 -95.93
C LYS F 65 12.93 25.36 -95.95
N ALA F 66 12.16 24.27 -95.84
CA ALA F 66 10.72 24.33 -96.05
C ALA F 66 10.01 25.03 -94.90
N LEU F 67 10.50 24.81 -93.64
CA LEU F 67 9.77 25.29 -92.48
C LEU F 67 10.14 26.72 -92.14
N PRO F 68 9.16 27.48 -91.65
CA PRO F 68 9.36 28.91 -91.37
C PRO F 68 10.17 29.16 -90.10
N LYS F 69 10.65 30.41 -89.99
CA LYS F 69 11.31 30.86 -88.76
C LYS F 69 10.39 30.67 -87.55
N LYS F 70 9.08 30.85 -87.76
CA LYS F 70 8.10 30.78 -86.69
C LYS F 70 7.99 29.37 -86.09
N VAL F 71 8.31 28.32 -86.85
CA VAL F 71 8.26 26.96 -86.33
C VAL F 71 9.61 26.48 -85.82
N LEU F 72 10.67 26.64 -86.63
CA LEU F 72 11.98 26.11 -86.26
C LEU F 72 12.49 26.72 -84.97
N ASP F 73 12.11 27.96 -84.67
CA ASP F 73 12.54 28.59 -83.43
C ASP F 73 12.06 27.82 -82.20
N ILE F 74 11.04 26.97 -82.37
CA ILE F 74 10.56 26.10 -81.29
C ILE F 74 11.14 24.70 -81.41
N THR F 75 11.04 24.08 -82.58
CA THR F 75 11.43 22.67 -82.72
C THR F 75 12.95 22.50 -82.69
N GLU F 76 13.71 23.52 -83.10
CA GLU F 76 15.17 23.41 -83.02
C GLU F 76 15.69 23.68 -81.63
N LYS F 77 14.88 24.25 -80.74
CA LYS F 77 15.31 24.49 -79.37
C LYS F 77 15.42 23.16 -78.62
N ASP F 78 16.48 23.04 -77.83
CA ASP F 78 16.63 21.89 -76.95
C ASP F 78 15.40 21.77 -76.07
N PRO F 79 14.78 20.59 -75.99
CA PRO F 79 13.50 20.49 -75.25
C PRO F 79 13.59 20.89 -73.79
N VAL F 80 14.72 20.67 -73.13
CA VAL F 80 14.84 21.10 -71.74
C VAL F 80 14.79 22.62 -71.65
N GLU F 81 15.45 23.30 -72.59
CA GLU F 81 15.35 24.76 -72.66
C GLU F 81 13.93 25.20 -72.98
N LEU F 82 13.25 24.48 -73.88
CA LEU F 82 11.87 24.80 -74.21
C LEU F 82 10.96 24.67 -73.01
N LEU F 83 11.27 23.76 -72.09
CA LEU F 83 10.47 23.59 -70.88
C LEU F 83 10.48 24.86 -70.03
N LYS F 84 11.60 25.58 -70.03
CA LYS F 84 11.69 26.87 -69.34
C LYS F 84 10.70 27.87 -69.92
N ASP F 85 10.62 27.93 -71.27
CA ASP F 85 9.68 28.83 -71.91
C ASP F 85 8.24 28.41 -71.64
N LEU F 86 7.97 27.11 -71.62
CA LEU F 86 6.63 26.64 -71.30
C LEU F 86 6.27 26.94 -69.85
N LYS F 87 7.24 26.84 -68.94
CA LYS F 87 6.97 27.07 -67.53
C LYS F 87 6.73 28.55 -67.24
N SER F 88 7.57 29.42 -67.78
CA SER F 88 7.45 30.85 -67.57
C SER F 88 6.36 31.50 -68.43
N ARG F 89 5.69 30.73 -69.29
CA ARG F 89 4.62 31.20 -70.18
C ARG F 89 5.11 32.12 -71.29
N LYS F 90 6.39 32.06 -71.62
CA LYS F 90 6.87 32.71 -72.83
C LYS F 90 6.33 32.03 -74.09
N VAL F 91 5.78 30.83 -73.96
CA VAL F 91 5.23 30.06 -75.08
C VAL F 91 4.05 29.26 -74.56
N THR F 92 3.07 29.05 -75.43
CA THR F 92 1.85 28.34 -75.11
C THR F 92 2.04 26.84 -75.38
N CYS F 93 1.29 26.01 -74.64
CA CYS F 93 1.29 24.58 -74.95
C CYS F 93 0.76 24.35 -76.36
N VAL F 94 -0.30 25.07 -76.73
CA VAL F 94 -0.88 24.92 -78.06
C VAL F 94 0.06 25.46 -79.12
N GLU F 95 0.77 26.56 -78.83
CA GLU F 95 1.77 27.08 -79.76
C GLU F 95 2.86 26.05 -80.02
N VAL F 96 3.35 25.38 -78.97
CA VAL F 96 4.35 24.34 -79.15
C VAL F 96 3.77 23.16 -79.92
N LEU F 97 2.53 22.78 -79.59
CA LEU F 97 1.88 21.69 -80.31
C LEU F 97 1.77 21.99 -81.79
N LYS F 98 1.29 23.18 -82.13
CA LYS F 98 1.12 23.55 -83.54
C LYS F 98 2.46 23.50 -84.28
N ALA F 99 3.52 24.02 -83.65
CA ALA F 99 4.84 24.02 -84.28
C ALA F 99 5.32 22.61 -84.54
N TYR F 100 5.30 21.75 -83.52
CA TYR F 100 5.81 20.39 -83.70
C TYR F 100 4.92 19.57 -84.64
N THR F 101 3.59 19.80 -84.61
CA THR F 101 2.73 19.15 -85.59
C THR F 101 3.13 19.52 -87.01
N ALA F 102 3.37 20.81 -87.24
CA ALA F 102 3.89 21.22 -88.56
C ALA F 102 5.21 20.52 -88.86
N ALA F 103 6.11 20.46 -87.88
CA ALA F 103 7.38 19.76 -88.08
C ALA F 103 7.16 18.30 -88.48
N SER F 104 6.26 17.60 -87.78
CA SER F 104 6.03 16.19 -88.07
C SER F 104 5.38 15.98 -89.44
N ILE F 105 4.55 16.92 -89.88
CA ILE F 105 3.94 16.80 -91.21
C ILE F 105 5.01 16.88 -92.31
N VAL F 106 5.91 17.84 -92.20
CA VAL F 106 7.01 17.92 -93.16
C VAL F 106 7.90 16.69 -93.05
N ALA F 107 8.21 16.27 -91.82
CA ALA F 107 9.01 15.07 -91.63
C ALA F 107 8.31 13.84 -92.19
N SER F 108 6.99 13.74 -92.01
CA SER F 108 6.25 12.61 -92.54
C SER F 108 6.43 12.48 -94.05
N LYS F 109 6.33 13.60 -94.76
CA LYS F 109 6.38 13.55 -96.22
C LYS F 109 7.78 13.21 -96.72
N LEU F 110 8.81 13.75 -96.06
CA LEU F 110 10.17 13.57 -96.53
C LEU F 110 10.73 12.19 -96.18
N THR F 111 10.39 11.64 -95.02
CA THR F 111 10.98 10.38 -94.56
C THR F 111 10.00 9.22 -94.39
N ASN F 112 8.69 9.49 -94.33
CA ASN F 112 7.66 8.46 -94.13
C ASN F 112 7.81 7.82 -92.75
N CYS F 113 7.85 8.66 -91.72
CA CYS F 113 8.12 8.21 -90.35
C CYS F 113 6.87 8.20 -89.48
N VAL F 114 5.74 8.66 -89.99
CA VAL F 114 4.52 8.78 -89.21
C VAL F 114 3.52 7.76 -89.71
N GLN F 115 2.97 6.97 -88.79
CA GLN F 115 1.91 6.03 -89.12
C GLN F 115 0.53 6.65 -88.95
N GLU F 116 0.38 7.55 -87.97
CA GLU F 116 -0.89 8.21 -87.66
C GLU F 116 -0.64 9.42 -86.78
N PHE F 117 -1.19 10.57 -87.14
CA PHE F 117 -1.06 11.71 -86.25
C PHE F 117 -2.14 11.62 -85.18
N LEU F 118 -1.91 12.30 -84.06
CA LEU F 118 -2.92 12.30 -83.00
C LEU F 118 -3.39 13.71 -82.69
N PRO F 119 -3.85 14.46 -83.70
CA PRO F 119 -4.10 15.90 -83.48
C PRO F 119 -5.35 16.20 -82.67
N ILE F 120 -6.38 15.34 -82.73
CA ILE F 120 -7.60 15.60 -81.97
C ILE F 120 -7.29 15.57 -80.47
N GLU F 121 -6.79 14.44 -79.99
CA GLU F 121 -6.50 14.31 -78.58
C GLU F 121 -5.35 15.20 -78.13
N ALA F 122 -4.39 15.46 -79.03
CA ALA F 122 -3.24 16.27 -78.65
C ALA F 122 -3.65 17.71 -78.35
N LEU F 123 -4.56 18.27 -79.15
CA LEU F 123 -5.04 19.62 -78.85
C LEU F 123 -5.79 19.66 -77.53
N GLN F 124 -6.55 18.61 -77.25
CA GLN F 124 -7.27 18.51 -75.98
C GLN F 124 -6.29 18.45 -74.81
N TYR F 125 -5.19 17.70 -74.99
CA TYR F 125 -4.15 17.66 -73.98
C TYR F 125 -3.53 19.04 -73.76
N ALA F 126 -3.15 19.70 -74.87
CA ALA F 126 -2.45 20.97 -74.77
C ALA F 126 -3.37 22.08 -74.27
N GLN F 127 -4.64 22.06 -74.67
CA GLN F 127 -5.58 23.08 -74.21
C GLN F 127 -5.76 22.98 -72.69
N LYS F 128 -6.02 21.78 -72.17
CA LYS F 128 -6.22 21.65 -70.73
C LYS F 128 -4.96 21.91 -69.93
N LEU F 129 -3.78 21.68 -70.53
CA LEU F 129 -2.56 22.07 -69.82
C LEU F 129 -2.40 23.57 -69.78
N ASP F 130 -2.84 24.28 -70.82
CA ASP F 130 -2.87 25.75 -70.76
C ASP F 130 -3.86 26.23 -69.72
N ALA F 131 -5.07 25.65 -69.71
CA ALA F 131 -6.07 26.04 -68.72
C ALA F 131 -5.59 25.77 -67.29
N ASP F 132 -4.88 24.66 -67.08
CA ASP F 132 -4.35 24.28 -65.77
C ASP F 132 -2.93 24.78 -65.53
N TYR F 133 -2.52 25.86 -66.21
CA TYR F 133 -1.13 26.33 -66.11
C TYR F 133 -0.68 26.53 -64.66
N GLU F 134 -1.51 27.17 -63.84
CA GLU F 134 -1.08 27.54 -62.49
C GLU F 134 -0.89 26.30 -61.62
N THR F 135 -1.72 25.29 -61.80
CA THR F 135 -1.65 24.08 -60.97
C THR F 135 -0.66 23.06 -61.51
N LYS F 136 -0.34 23.10 -62.79
CA LYS F 136 0.52 22.10 -63.41
C LYS F 136 1.85 22.64 -63.91
N LYS F 137 2.14 23.94 -63.77
CA LYS F 137 3.43 24.47 -64.23
C LYS F 137 4.61 23.73 -63.60
N HIS F 138 4.42 23.19 -62.40
CA HIS F 138 5.50 22.58 -61.64
C HIS F 138 5.92 21.21 -62.17
N LEU F 139 5.10 20.60 -63.03
CA LEU F 139 5.37 19.25 -63.50
C LEU F 139 6.66 19.20 -64.34
N PRO F 140 7.45 18.12 -64.25
CA PRO F 140 8.78 18.13 -64.87
C PRO F 140 8.78 18.17 -66.40
N LEU F 141 7.70 17.75 -67.05
CA LEU F 141 7.64 17.79 -68.51
C LEU F 141 6.46 18.61 -68.99
N TYR F 142 6.09 19.65 -68.25
CA TYR F 142 4.90 20.42 -68.52
C TYR F 142 4.90 20.97 -69.96
N GLY F 143 3.90 20.56 -70.74
CA GLY F 143 3.66 21.14 -72.04
C GLY F 143 4.40 20.48 -73.19
N LEU F 144 5.20 19.46 -72.93
CA LEU F 144 6.07 18.91 -73.97
C LEU F 144 5.36 17.78 -74.69
N PRO F 145 5.18 17.85 -76.01
CA PRO F 145 4.65 16.70 -76.74
C PRO F 145 5.74 15.66 -77.02
N PHE F 146 5.31 14.44 -77.31
CA PHE F 146 6.28 13.41 -77.65
C PHE F 146 5.63 12.39 -78.58
N SER F 147 6.49 11.62 -79.23
CA SER F 147 6.07 10.57 -80.16
C SER F 147 6.15 9.20 -79.50
N ILE F 148 5.30 8.29 -79.97
CA ILE F 148 5.29 6.91 -79.49
C ILE F 148 5.29 5.99 -80.70
N LYS F 149 6.10 4.94 -80.63
CA LYS F 149 6.09 3.89 -81.64
C LYS F 149 4.69 3.28 -81.74
N GLU F 150 4.32 2.86 -82.95
CA GLU F 150 2.97 2.35 -83.17
C GLU F 150 2.65 1.16 -82.27
N MET F 151 3.67 0.41 -81.85
CA MET F 151 3.47 -0.75 -80.98
C MET F 151 3.00 -0.37 -79.58
N ILE F 152 3.07 0.90 -79.21
CA ILE F 152 2.72 1.34 -77.86
C ILE F 152 1.23 1.62 -77.83
N PRO F 153 0.47 0.99 -76.92
CA PRO F 153 -0.98 1.16 -76.93
C PRO F 153 -1.38 2.60 -76.64
N PHE F 154 -2.37 3.07 -77.40
CA PHE F 154 -2.98 4.37 -77.16
C PHE F 154 -4.49 4.19 -77.28
N VAL F 155 -5.24 4.93 -76.46
CA VAL F 155 -6.67 4.68 -76.30
C VAL F 155 -7.39 4.79 -77.63
N GLY F 156 -8.21 3.79 -77.94
CA GLY F 156 -9.07 3.79 -79.10
C GLY F 156 -8.41 3.45 -80.42
N ARG F 157 -7.14 3.03 -80.41
CA ARG F 157 -6.43 2.75 -81.65
C ARG F 157 -6.13 1.27 -81.78
N SER F 158 -5.94 0.85 -83.02
CA SER F 158 -5.37 -0.48 -83.26
C SER F 158 -3.90 -0.50 -82.90
N VAL F 159 -3.44 -1.65 -82.43
CA VAL F 159 -2.03 -1.88 -82.11
C VAL F 159 -1.59 -3.11 -82.90
N THR F 160 -0.74 -2.89 -83.91
CA THR F 160 -0.47 -3.88 -84.94
C THR F 160 1.00 -4.27 -85.07
N HIS F 161 1.92 -3.50 -84.50
CA HIS F 161 3.34 -3.55 -84.80
C HIS F 161 3.60 -3.83 -86.28
N GLY F 162 2.79 -3.20 -87.15
CA GLY F 162 2.95 -3.25 -88.58
C GLY F 162 2.26 -4.39 -89.31
N SER F 163 1.65 -5.33 -88.59
CA SER F 163 1.00 -6.48 -89.21
C SER F 163 -0.45 -6.12 -89.53
N LEU F 164 -0.83 -6.26 -90.81
CA LEU F 164 -2.17 -5.87 -91.24
C LEU F 164 -3.26 -6.69 -90.58
N CYS F 165 -2.99 -7.95 -90.25
CA CYS F 165 -4.01 -8.82 -89.68
C CYS F 165 -4.47 -8.35 -88.30
N TYR F 166 -3.77 -7.41 -87.67
CA TYR F 166 -4.11 -6.95 -86.33
C TYR F 166 -4.83 -5.61 -86.36
N LEU F 167 -5.37 -5.20 -87.51
CA LEU F 167 -6.02 -3.90 -87.60
C LEU F 167 -7.32 -3.82 -86.79
N ASP F 168 -7.88 -4.94 -86.36
CA ASP F 168 -9.08 -4.92 -85.52
C ASP F 168 -8.76 -5.12 -84.05
N ARG F 169 -7.47 -5.08 -83.67
CA ARG F 169 -7.07 -5.24 -82.27
C ARG F 169 -7.03 -3.86 -81.62
N ILE F 170 -8.21 -3.41 -81.18
CA ILE F 170 -8.35 -2.06 -80.62
C ILE F 170 -8.22 -2.13 -79.11
N VAL F 171 -7.44 -1.19 -78.55
CA VAL F 171 -7.23 -1.11 -77.12
C VAL F 171 -7.99 0.09 -76.59
N ASP F 172 -8.46 -0.03 -75.34
CA ASP F 172 -9.14 1.08 -74.67
C ASP F 172 -8.30 1.67 -73.55
N TYR F 173 -6.98 1.52 -73.64
CA TYR F 173 -6.08 1.95 -72.58
C TYR F 173 -4.77 2.40 -73.20
N ASN F 174 -4.05 3.24 -72.45
CA ASN F 174 -2.68 3.60 -72.81
C ASN F 174 -1.69 2.68 -72.13
N ALA F 175 -0.47 2.67 -72.67
CA ALA F 175 0.62 2.00 -72.00
C ALA F 175 0.91 2.71 -70.67
N ASP F 176 1.40 1.94 -69.70
CA ASP F 176 1.70 2.54 -68.39
C ASP F 176 2.61 3.76 -68.53
N ILE F 177 3.69 3.61 -69.31
CA ILE F 177 4.67 4.69 -69.41
C ILE F 177 4.04 5.94 -70.01
N VAL F 178 3.06 5.79 -70.90
CA VAL F 178 2.37 6.93 -71.46
C VAL F 178 1.57 7.66 -70.37
N ASN F 179 0.84 6.89 -69.56
CA ASN F 179 0.08 7.49 -68.45
C ASN F 179 1.01 8.19 -67.47
N ILE F 180 2.16 7.57 -67.17
CA ILE F 180 3.13 8.20 -66.27
C ILE F 180 3.62 9.52 -66.85
N LEU F 181 3.95 9.54 -68.14
CA LEU F 181 4.40 10.78 -68.77
C LEU F 181 3.28 11.83 -68.80
N ILE F 182 2.03 11.39 -69.03
CA ILE F 182 0.92 12.34 -69.00
C ILE F 182 0.76 12.94 -67.61
N ALA F 183 0.91 12.11 -66.57
CA ALA F 183 0.83 12.60 -65.20
C ALA F 183 1.93 13.62 -64.89
N ASN F 184 2.97 13.71 -65.71
CA ASN F 184 4.07 14.64 -65.49
C ASN F 184 4.10 15.79 -66.50
N GLY F 185 2.97 16.05 -67.17
CA GLY F 185 2.82 17.24 -67.99
C GLY F 185 3.06 17.07 -69.47
N ALA F 186 3.41 15.88 -69.93
CA ALA F 186 3.63 15.60 -71.34
C ALA F 186 2.39 14.93 -71.94
N TYR F 187 2.43 14.75 -73.27
CA TYR F 187 1.34 14.10 -73.99
C TYR F 187 1.79 13.64 -75.36
N PRO F 188 1.31 12.50 -75.85
CA PRO F 188 1.69 12.07 -77.20
C PRO F 188 0.91 12.82 -78.27
N PHE F 189 1.59 13.11 -79.39
CA PHE F 189 0.95 13.81 -80.50
C PHE F 189 1.05 13.11 -81.86
N VAL F 190 1.84 12.04 -81.97
CA VAL F 190 1.99 11.34 -83.25
C VAL F 190 2.47 9.93 -82.96
N ARG F 191 2.04 8.98 -83.79
CA ARG F 191 2.49 7.59 -83.73
C ARG F 191 3.42 7.31 -84.90
N THR F 192 4.60 6.76 -84.61
CA THR F 192 5.65 6.56 -85.61
C THR F 192 5.62 5.14 -86.18
N THR F 193 6.23 4.99 -87.35
CA THR F 193 6.15 3.73 -88.08
C THR F 193 7.09 2.67 -87.50
N ASN F 194 6.69 1.41 -87.62
CA ASN F 194 7.43 0.25 -87.18
C ASN F 194 7.36 -0.79 -88.33
N PRO F 195 8.36 -1.68 -88.52
CA PRO F 195 8.36 -2.62 -89.63
C PRO F 195 7.71 -3.96 -89.31
N GLN F 196 7.60 -4.78 -90.36
CA GLN F 196 7.03 -6.11 -90.27
C GLN F 196 7.85 -6.96 -89.30
N SER F 197 7.13 -7.67 -88.43
CA SER F 197 7.68 -8.60 -87.43
C SER F 197 8.46 -7.91 -86.32
N LEU F 198 8.81 -6.64 -86.51
CA LEU F 198 9.65 -5.85 -85.63
C LEU F 198 11.10 -6.34 -85.62
N MET F 199 11.43 -7.42 -86.32
CA MET F 199 12.77 -8.00 -86.23
C MET F 199 13.64 -7.65 -87.43
N MET F 200 13.68 -6.38 -87.81
CA MET F 200 14.64 -5.91 -88.80
C MET F 200 15.23 -4.59 -88.32
N LEU F 201 16.50 -4.39 -88.64
CA LEU F 201 17.16 -3.11 -88.38
C LEU F 201 16.88 -2.09 -89.49
N GLU F 202 15.68 -2.14 -90.07
CA GLU F 202 15.17 -1.18 -91.03
C GLU F 202 13.70 -0.96 -90.69
N CYS F 203 12.97 -0.22 -91.56
CA CYS F 203 11.58 0.13 -91.24
C CYS F 203 10.72 0.06 -92.50
N VAL F 204 10.38 -1.16 -92.89
CA VAL F 204 9.47 -1.42 -94.01
C VAL F 204 8.35 -2.32 -93.51
N SER F 205 7.11 -1.94 -93.80
CA SER F 205 5.94 -2.75 -93.49
C SER F 205 4.88 -2.47 -94.53
N PHE F 206 3.85 -3.32 -94.52
CA PHE F 206 2.71 -3.14 -95.41
C PHE F 206 1.60 -2.30 -94.77
N SER F 207 1.91 -1.60 -93.69
CA SER F 207 1.02 -0.59 -93.15
C SER F 207 1.44 0.83 -93.52
N HIS F 208 2.69 1.03 -93.93
CA HIS F 208 3.20 2.38 -94.13
C HIS F 208 4.14 2.54 -95.32
N GLY F 209 4.72 1.48 -95.85
CA GLY F 209 5.70 1.60 -96.91
C GLY F 209 7.11 1.48 -96.37
N ARG F 210 7.97 2.42 -96.74
CA ARG F 210 9.37 2.40 -96.37
C ARG F 210 9.75 3.72 -95.73
N THR F 211 10.44 3.67 -94.61
CA THR F 211 10.95 4.83 -93.91
C THR F 211 12.42 5.02 -94.24
N VAL F 212 12.83 6.26 -94.48
CA VAL F 212 14.17 6.55 -94.94
C VAL F 212 14.88 7.46 -93.95
N ASN F 213 16.20 7.55 -94.11
CA ASN F 213 17.07 8.27 -93.21
C ASN F 213 16.84 9.78 -93.30
N ALA F 214 16.99 10.47 -92.16
CA ALA F 214 16.80 11.91 -92.12
C ALA F 214 17.95 12.67 -92.78
N TYR F 215 19.14 12.07 -92.85
CA TYR F 215 20.29 12.76 -93.41
C TYR F 215 20.59 12.36 -94.85
N ASN F 216 20.16 11.18 -95.29
CA ASN F 216 20.41 10.72 -96.65
C ASN F 216 19.24 9.83 -97.05
N GLY F 217 18.44 10.30 -98.01
CA GLY F 217 17.20 9.65 -98.38
C GLY F 217 17.36 8.34 -99.12
N MET F 218 18.58 7.95 -99.46
CA MET F 218 18.83 6.65 -100.07
C MET F 218 19.09 5.56 -99.03
N LEU F 219 19.26 5.91 -97.76
CA LEU F 219 19.61 4.94 -96.74
C LEU F 219 18.41 4.70 -95.83
N THR F 220 18.47 3.57 -95.12
CA THR F 220 17.36 3.22 -94.25
C THR F 220 17.34 4.10 -93.01
N SER F 221 16.13 4.27 -92.47
CA SER F 221 16.01 4.97 -91.20
C SER F 221 16.56 4.12 -90.07
N GLY F 222 16.57 2.84 -90.28
CA GLY F 222 16.99 1.98 -89.24
C GLY F 222 15.73 1.47 -88.66
N GLY F 223 15.84 0.59 -87.69
CA GLY F 223 14.68 0.06 -87.08
C GLY F 223 15.01 -0.60 -85.80
N SER F 224 13.96 -1.03 -85.12
CA SER F 224 12.63 -1.15 -85.60
C SER F 224 11.89 0.10 -85.29
N SER F 225 12.50 0.93 -84.47
CA SER F 225 11.91 2.19 -84.13
C SER F 225 12.40 3.14 -85.17
N GLY F 226 12.16 2.81 -86.43
CA GLY F 226 12.64 3.61 -87.55
C GLY F 226 11.95 4.96 -87.64
N GLY F 227 10.62 4.97 -87.46
CA GLY F 227 9.91 6.24 -87.41
C GLY F 227 10.45 7.16 -86.33
N GLU F 228 10.72 6.61 -85.15
CA GLU F 228 11.27 7.41 -84.05
C GLU F 228 12.62 7.98 -84.42
N GLY F 229 13.48 7.16 -85.06
CA GLY F 229 14.78 7.66 -85.47
C GLY F 229 14.69 8.76 -86.52
N ALA F 230 13.82 8.58 -87.51
CA ALA F 230 13.66 9.59 -88.54
C ALA F 230 13.03 10.86 -87.98
N LEU F 231 11.92 10.72 -87.25
CA LEU F 231 11.21 11.88 -86.74
C LEU F 231 12.08 12.70 -85.79
N ASN F 232 12.80 12.04 -84.90
CA ASN F 232 13.62 12.76 -83.95
C ASN F 232 14.94 13.19 -84.57
N GLY F 233 15.39 12.47 -85.61
CA GLY F 233 16.54 12.92 -86.37
C GLY F 233 16.26 14.22 -87.12
N MET F 234 15.03 14.38 -87.60
CA MET F 234 14.61 15.64 -88.20
C MET F 234 14.28 16.70 -87.15
N ARG F 235 14.41 16.35 -85.87
CA ARG F 235 14.04 17.23 -84.77
C ARG F 235 12.59 17.69 -84.89
N ALA F 236 11.72 16.79 -85.36
CA ALA F 236 10.30 17.04 -85.48
C ALA F 236 9.52 16.47 -84.30
N SER F 237 10.23 16.06 -83.24
CA SER F 237 9.65 15.63 -82.00
C SER F 237 10.67 15.98 -80.93
N PRO F 238 10.24 16.40 -79.74
CA PRO F 238 11.21 16.60 -78.65
C PRO F 238 11.88 15.30 -78.23
N PHE F 239 11.11 14.23 -78.10
CA PHE F 239 11.66 12.89 -77.86
C PHE F 239 10.59 11.89 -78.23
N GLY F 240 11.00 10.63 -78.34
CA GLY F 240 10.07 9.55 -78.61
C GLY F 240 10.40 8.32 -77.79
N LEU F 241 9.44 7.41 -77.73
CA LEU F 241 9.63 6.12 -77.09
C LEU F 241 9.69 5.02 -78.16
N GLY F 242 10.76 4.23 -78.13
CA GLY F 242 10.84 3.06 -78.99
C GLY F 242 10.94 1.79 -78.17
N SER F 243 11.33 0.70 -78.83
CA SER F 243 11.58 -0.57 -78.15
C SER F 243 12.87 -1.14 -78.69
N ASP F 244 13.48 -2.04 -77.92
CA ASP F 244 14.79 -2.55 -78.29
C ASP F 244 14.91 -3.99 -77.81
N ILE F 245 14.79 -4.95 -78.72
CA ILE F 245 15.09 -6.34 -78.41
C ILE F 245 16.27 -6.88 -79.22
N GLY F 246 16.68 -6.21 -80.30
CA GLY F 246 17.82 -6.63 -81.10
C GLY F 246 18.60 -5.45 -81.63
N GLY F 247 18.33 -4.27 -81.09
CA GLY F 247 18.98 -3.05 -81.50
C GLY F 247 17.99 -1.99 -81.93
N SER F 248 16.71 -2.24 -81.70
CA SER F 248 15.64 -1.49 -82.32
C SER F 248 15.47 -0.08 -81.75
N ILE F 249 16.24 0.33 -80.75
CA ILE F 249 16.30 1.72 -80.32
C ILE F 249 17.63 2.36 -80.71
N ARG F 250 18.75 1.66 -80.52
CA ARG F 250 20.05 2.27 -80.74
C ARG F 250 20.38 2.38 -82.21
N CYS F 251 19.97 1.39 -83.01
CA CYS F 251 20.21 1.48 -84.45
C CYS F 251 19.47 2.65 -85.07
N PRO F 252 18.17 2.89 -84.80
CA PRO F 252 17.55 4.12 -85.32
C PRO F 252 18.23 5.39 -84.86
N ALA F 253 18.59 5.48 -83.57
CA ALA F 253 19.23 6.68 -83.05
C ALA F 253 20.60 6.90 -83.71
N ALA F 254 21.39 5.84 -83.86
CA ALA F 254 22.72 5.98 -84.44
C ALA F 254 22.65 6.31 -85.92
N PHE F 255 21.71 5.70 -86.64
CA PHE F 255 21.60 5.95 -88.07
C PHE F 255 21.19 7.38 -88.35
N ASN F 256 20.44 8.01 -87.44
CA ASN F 256 19.94 9.36 -87.61
C ASN F 256 20.66 10.37 -86.73
N GLY F 257 21.81 9.99 -86.18
CA GLY F 257 22.68 10.93 -85.50
C GLY F 257 22.10 11.58 -84.27
N ILE F 258 21.34 10.83 -83.48
CA ILE F 258 20.77 11.39 -82.26
C ILE F 258 21.11 10.46 -81.09
N TYR F 259 20.50 10.72 -79.94
CA TYR F 259 20.70 9.91 -78.74
C TYR F 259 19.59 8.90 -78.60
N GLY F 260 19.95 7.71 -78.10
CA GLY F 260 18.97 6.67 -77.85
C GLY F 260 19.45 5.76 -76.75
N LEU F 261 18.62 5.53 -75.74
CA LEU F 261 19.00 4.74 -74.58
C LEU F 261 18.25 3.42 -74.59
N ARG F 262 18.99 2.32 -74.71
CA ARG F 262 18.47 1.01 -74.33
C ARG F 262 18.59 0.90 -72.82
N SER F 263 17.52 1.21 -72.10
CA SER F 263 17.59 1.19 -70.64
C SER F 263 17.56 -0.25 -70.11
N THR F 264 18.08 -0.42 -68.91
CA THR F 264 18.08 -1.74 -68.26
C THR F 264 16.64 -2.22 -68.03
N LEU F 265 16.43 -3.53 -68.22
CA LEU F 265 15.10 -4.12 -68.28
C LEU F 265 14.20 -3.77 -67.09
N GLY F 266 14.71 -3.87 -65.88
CA GLY F 266 13.83 -3.59 -64.76
C GLY F 266 13.54 -2.15 -64.40
N ARG F 267 13.96 -1.16 -65.19
CA ARG F 267 13.79 0.23 -64.77
C ARG F 267 12.51 0.91 -65.25
N ILE F 268 12.11 0.75 -66.51
CA ILE F 268 10.96 1.50 -67.01
C ILE F 268 9.95 0.53 -67.60
N PRO F 269 8.64 0.79 -67.49
CA PRO F 269 7.63 -0.20 -67.88
C PRO F 269 7.49 -0.31 -69.40
N THR F 270 7.56 -1.55 -69.89
CA THR F 270 7.44 -1.79 -71.32
C THR F 270 6.57 -2.99 -71.70
N ALA F 271 6.19 -3.85 -70.76
CA ALA F 271 5.58 -5.13 -71.10
C ALA F 271 4.21 -4.98 -71.76
N ASP F 272 3.50 -3.87 -71.52
CA ASP F 272 2.19 -3.70 -72.13
C ASP F 272 2.26 -3.29 -73.60
N TYR F 273 3.44 -3.06 -74.15
CA TYR F 273 3.57 -2.95 -75.61
C TYR F 273 3.11 -4.26 -76.25
N PHE F 274 2.83 -4.19 -77.56
CA PHE F 274 2.43 -5.33 -78.37
C PHE F 274 3.54 -5.70 -79.35
N SER F 275 3.81 -7.00 -79.50
CA SER F 275 4.76 -7.46 -80.49
C SER F 275 4.33 -8.85 -80.95
N CYS F 276 5.16 -9.49 -81.77
CA CYS F 276 4.99 -10.92 -81.95
C CYS F 276 5.47 -11.63 -80.68
N ASN F 277 5.11 -12.91 -80.55
CA ASN F 277 5.59 -13.75 -79.44
C ASN F 277 5.19 -13.19 -78.08
N ARG F 278 3.93 -12.90 -77.92
CA ARG F 278 3.46 -12.35 -76.68
C ARG F 278 3.46 -13.44 -75.68
N GLY F 279 3.99 -13.17 -74.51
CA GLY F 279 4.23 -14.19 -73.54
C GLY F 279 5.61 -14.82 -73.63
N SER F 280 6.34 -14.58 -74.71
CA SER F 280 7.71 -15.07 -74.77
C SER F 280 8.57 -14.28 -73.79
N GLU F 281 9.27 -14.99 -72.92
CA GLU F 281 10.05 -14.33 -71.88
C GLU F 281 11.54 -14.68 -71.91
N SER F 282 11.96 -15.60 -72.77
CA SER F 282 13.36 -16.03 -72.79
C SER F 282 14.29 -14.86 -73.07
N ILE F 283 13.92 -14.00 -74.02
CA ILE F 283 14.62 -12.75 -74.29
C ILE F 283 13.58 -11.65 -74.27
N LEU F 284 13.79 -10.64 -73.45
CA LEU F 284 12.80 -9.59 -73.26
C LEU F 284 13.25 -8.29 -73.91
N SER F 285 12.30 -7.61 -74.55
CA SER F 285 12.53 -6.27 -75.07
C SER F 285 12.57 -5.26 -73.93
N VAL F 286 13.21 -4.12 -74.19
CA VAL F 286 13.14 -2.98 -73.29
C VAL F 286 12.78 -1.75 -74.13
N THR F 287 12.38 -0.70 -73.44
CA THR F 287 12.08 0.58 -74.07
C THR F 287 13.06 1.64 -73.55
N GLY F 288 12.82 2.88 -73.96
CA GLY F 288 13.72 3.98 -73.67
C GLY F 288 13.53 5.11 -74.67
N PRO F 289 13.99 6.30 -74.33
CA PRO F 289 13.75 7.47 -75.19
C PRO F 289 14.81 7.65 -76.27
N LEU F 290 14.36 8.22 -77.39
CA LEU F 290 15.22 8.74 -78.44
C LEU F 290 15.04 10.25 -78.52
N SER F 291 16.15 10.99 -78.65
CA SER F 291 16.05 12.43 -78.75
C SER F 291 17.32 13.01 -79.31
N ARG F 292 17.26 14.19 -79.88
CA ARG F 292 18.47 14.88 -80.31
C ARG F 292 19.16 15.46 -79.13
N SER F 293 18.51 15.43 -77.98
CA SER F 293 19.03 16.08 -76.79
C SER F 293 19.32 15.05 -75.70
N LEU F 294 20.60 14.91 -75.34
CA LEU F 294 20.98 14.05 -74.22
C LEU F 294 20.27 14.49 -72.95
N ASP F 295 20.20 15.79 -72.69
CA ASP F 295 19.53 16.31 -71.50
C ASP F 295 18.07 15.88 -71.45
N THR F 296 17.44 15.71 -72.61
CA THR F 296 16.04 15.27 -72.64
C THR F 296 15.91 13.78 -72.36
N VAL F 297 16.84 12.97 -72.90
CA VAL F 297 16.87 11.54 -72.57
C VAL F 297 16.98 11.35 -71.07
N ASN F 298 17.90 12.08 -70.44
CA ASN F 298 18.10 11.97 -69.01
C ASN F 298 16.85 12.39 -68.25
N LEU F 299 16.20 13.47 -68.69
CA LEU F 299 15.02 13.97 -67.97
C LEU F 299 13.85 13.02 -68.10
N VAL F 300 13.68 12.36 -69.25
CA VAL F 300 12.59 11.42 -69.41
C VAL F 300 12.78 10.23 -68.47
N MET F 301 13.99 9.66 -68.46
CA MET F 301 14.29 8.59 -67.51
C MET F 301 14.05 9.03 -66.07
N LYS F 302 14.63 10.17 -65.68
CA LYS F 302 14.46 10.68 -64.32
C LYS F 302 12.99 10.89 -63.99
N THR F 303 12.20 11.40 -64.94
CA THR F 303 10.79 11.64 -64.69
C THR F 303 10.01 10.34 -64.50
N VAL F 304 10.25 9.35 -65.37
CA VAL F 304 9.50 8.09 -65.30
C VAL F 304 9.80 7.35 -64.00
N ILE F 305 11.08 7.27 -63.64
CA ILE F 305 11.48 6.50 -62.48
C ILE F 305 11.04 7.17 -61.18
N GLU F 306 11.09 8.50 -61.13
CA GLU F 306 10.65 9.24 -59.96
C GLU F 306 9.14 9.19 -59.77
N ALA F 307 8.40 8.70 -60.78
CA ALA F 307 6.97 8.44 -60.63
C ALA F 307 6.71 7.08 -60.00
N LYS F 308 7.76 6.38 -59.61
CA LYS F 308 7.66 5.08 -58.94
C LYS F 308 6.81 4.05 -59.74
N PRO F 309 7.24 3.74 -60.97
CA PRO F 309 6.43 2.84 -61.81
C PRO F 309 6.35 1.41 -61.29
N TRP F 310 7.19 1.03 -60.32
CA TRP F 310 7.07 -0.30 -59.74
C TRP F 310 5.79 -0.45 -58.92
N LEU F 311 5.07 0.62 -58.65
CA LEU F 311 3.78 0.53 -57.98
C LEU F 311 2.63 0.29 -58.95
N ILE F 312 2.91 0.25 -60.26
CA ILE F 312 1.95 -0.14 -61.26
C ILE F 312 2.39 -1.39 -62.03
N ASP F 313 3.69 -1.51 -62.32
CA ASP F 313 4.29 -2.66 -63.00
C ASP F 313 5.21 -3.39 -62.04
N PRO F 314 4.84 -4.56 -61.52
CA PRO F 314 5.63 -5.21 -60.45
C PRO F 314 6.91 -5.88 -60.93
N THR F 315 7.22 -5.84 -62.22
CA THR F 315 8.48 -6.36 -62.74
C THR F 315 9.63 -5.39 -62.55
N LEU F 316 9.38 -4.19 -62.07
CA LEU F 316 10.40 -3.14 -62.03
C LEU F 316 11.07 -3.07 -60.66
N VAL F 317 12.30 -2.56 -60.64
CA VAL F 317 13.06 -2.47 -59.40
C VAL F 317 13.01 -1.03 -58.90
N PRO F 318 12.83 -0.81 -57.60
CA PRO F 318 12.81 0.54 -57.02
C PRO F 318 14.21 1.10 -56.83
N LEU F 319 14.88 1.38 -57.95
CA LEU F 319 16.25 1.85 -57.96
C LEU F 319 16.26 3.31 -58.44
N ASP F 320 16.72 4.21 -57.58
CA ASP F 320 16.65 5.64 -57.90
C ASP F 320 17.43 5.94 -59.17
N TRP F 321 16.94 6.91 -59.93
CA TRP F 321 17.70 7.48 -61.04
C TRP F 321 18.58 8.56 -60.43
N LYS F 322 19.87 8.25 -60.27
CA LYS F 322 20.81 9.12 -59.57
C LYS F 322 22.06 9.25 -60.41
N ARG F 323 22.49 10.47 -60.69
CA ARG F 323 23.71 10.60 -61.43
C ARG F 323 24.84 10.21 -60.56
N PRO F 324 25.85 9.68 -61.19
CA PRO F 324 26.97 9.18 -60.39
C PRO F 324 27.86 10.28 -59.83
N GLU F 325 28.42 9.99 -58.66
CA GLU F 325 29.31 10.88 -57.92
C GLU F 325 30.78 10.65 -58.23
N ASN F 326 31.06 9.74 -59.17
CA ASN F 326 32.42 9.39 -59.56
C ASN F 326 33.19 10.62 -60.02
N LYS F 327 34.45 10.70 -59.64
CA LYS F 327 35.30 11.75 -60.18
C LYS F 327 36.23 11.26 -61.29
N LYS F 328 36.70 10.02 -61.22
CA LYS F 328 37.47 9.41 -62.31
C LYS F 328 36.66 8.30 -62.97
N PHE F 329 37.04 7.97 -64.20
CA PHE F 329 36.35 6.96 -64.98
C PHE F 329 37.36 6.04 -65.66
N ARG F 330 37.04 4.74 -65.69
CA ARG F 330 37.75 3.75 -66.47
C ARG F 330 36.86 3.28 -67.61
N VAL F 331 37.34 3.41 -68.84
CA VAL F 331 36.53 3.19 -70.02
C VAL F 331 37.31 2.36 -71.03
N GLY F 332 36.67 1.34 -71.59
CA GLY F 332 37.27 0.52 -72.63
C GLY F 332 36.81 0.91 -74.02
N ILE F 333 37.69 0.68 -75.00
CA ILE F 333 37.38 0.93 -76.40
C ILE F 333 37.28 -0.42 -77.12
N TYR F 334 36.10 -0.70 -77.67
CA TYR F 334 35.79 -1.94 -78.40
C TYR F 334 35.88 -1.62 -79.91
N VAL F 335 37.05 -1.85 -80.52
CA VAL F 335 37.20 -1.45 -81.91
C VAL F 335 36.49 -2.44 -82.83
N SER F 336 36.42 -3.71 -82.45
CA SER F 336 35.87 -4.74 -83.32
C SER F 336 35.63 -6.00 -82.53
N ASP F 337 34.63 -6.78 -82.95
CA ASP F 337 34.41 -8.12 -82.42
C ASP F 337 35.19 -9.18 -83.18
N HIS F 338 35.96 -8.77 -84.20
CA HIS F 338 36.80 -9.65 -85.00
C HIS F 338 36.00 -10.72 -85.73
N ILE F 339 34.72 -10.40 -86.00
CA ILE F 339 33.88 -11.18 -86.90
C ILE F 339 33.50 -10.34 -88.12
N VAL F 340 33.05 -9.11 -87.90
CA VAL F 340 32.78 -8.13 -88.94
C VAL F 340 33.39 -6.81 -88.51
N ASN F 341 34.41 -6.34 -89.25
CA ASN F 341 35.10 -5.10 -88.91
C ASN F 341 34.23 -3.90 -89.30
N PRO F 342 34.30 -2.81 -88.53
CA PRO F 342 33.53 -1.61 -88.89
C PRO F 342 34.12 -0.87 -90.09
N SER F 343 33.25 -0.14 -90.78
CA SER F 343 33.62 0.67 -91.94
C SER F 343 34.44 1.89 -91.52
N PRO F 344 35.10 2.56 -92.47
CA PRO F 344 35.97 3.72 -92.13
C PRO F 344 35.29 4.77 -91.27
N PRO F 345 34.06 5.20 -91.60
CA PRO F 345 33.44 6.25 -90.77
C PRO F 345 33.30 5.84 -89.31
N ILE F 346 33.01 4.56 -89.05
CA ILE F 346 32.92 4.08 -87.67
C ILE F 346 34.31 3.99 -87.02
N ASN F 347 35.30 3.50 -87.77
CA ASN F 347 36.66 3.41 -87.23
C ASN F 347 37.19 4.78 -86.84
N ARG F 348 36.92 5.77 -87.67
CA ARG F 348 37.36 7.12 -87.36
C ARG F 348 36.60 7.67 -86.15
N ALA F 349 35.32 7.34 -86.01
CA ALA F 349 34.58 7.76 -84.83
C ALA F 349 35.22 7.20 -83.56
N LEU F 350 35.69 5.95 -83.62
CA LEU F 350 36.36 5.35 -82.47
C LEU F 350 37.66 6.09 -82.15
N SER F 351 38.43 6.46 -83.16
CA SER F 351 39.68 7.19 -82.92
C SER F 351 39.40 8.57 -82.34
N MET F 352 38.41 9.26 -82.88
CA MET F 352 38.01 10.57 -82.37
C MET F 352 37.67 10.50 -80.89
N VAL F 353 36.84 9.52 -80.50
CA VAL F 353 36.39 9.43 -79.12
C VAL F 353 37.53 8.93 -78.23
N THR F 354 38.37 8.03 -78.75
CA THR F 354 39.54 7.58 -78.00
C THR F 354 40.48 8.75 -77.70
N GLU F 355 40.79 9.55 -78.73
CA GLU F 355 41.73 10.64 -78.52
C GLU F 355 41.17 11.70 -77.56
N LYS F 356 39.86 11.96 -77.62
CA LYS F 356 39.31 12.96 -76.70
C LYS F 356 39.34 12.47 -75.26
N LEU F 357 38.97 11.21 -75.01
CA LEU F 357 38.98 10.71 -73.64
C LEU F 357 40.39 10.66 -73.08
N LYS F 358 41.37 10.30 -73.92
CA LYS F 358 42.75 10.27 -73.45
C LYS F 358 43.24 11.67 -73.09
N SER F 359 42.67 12.71 -73.71
CA SER F 359 43.06 14.09 -73.42
C SER F 359 42.50 14.62 -72.11
N LEU F 360 41.49 13.98 -71.51
CA LEU F 360 41.03 14.36 -70.17
C LEU F 360 41.73 13.55 -69.09
N GLY F 361 42.16 14.26 -68.03
CA GLY F 361 43.00 13.66 -67.01
C GLY F 361 42.31 12.59 -66.19
N ASN F 362 40.99 12.69 -66.04
CA ASN F 362 40.25 11.84 -65.11
C ASN F 362 39.69 10.58 -65.78
N PHE F 363 40.19 10.22 -66.93
CA PHE F 363 39.71 9.04 -67.56
C PHE F 363 40.86 8.13 -67.84
N GLU F 364 40.61 6.83 -67.81
CA GLU F 364 41.64 5.87 -68.13
C GLU F 364 41.08 5.08 -69.26
N VAL F 365 41.86 4.86 -70.31
CA VAL F 365 41.35 4.20 -71.47
C VAL F 365 42.09 2.93 -71.76
N VAL F 366 41.37 1.84 -71.97
CA VAL F 366 41.99 0.55 -72.24
C VAL F 366 41.34 -0.08 -73.47
N THR F 367 42.05 -1.02 -74.09
CA THR F 367 41.46 -1.83 -75.14
C THR F 367 40.53 -2.88 -74.52
N PHE F 368 39.34 -3.04 -75.11
CA PHE F 368 38.35 -4.00 -74.65
C PHE F 368 38.22 -5.11 -75.69
N GLU F 369 38.50 -6.33 -75.29
CA GLU F 369 38.47 -7.46 -76.19
C GLU F 369 37.08 -8.08 -76.24
N PRO F 370 36.74 -8.78 -77.32
CA PRO F 370 35.45 -9.49 -77.35
C PRO F 370 35.48 -10.72 -76.45
N TYR F 371 34.27 -11.22 -76.15
CA TYR F 371 34.13 -12.50 -75.47
C TYR F 371 33.06 -13.32 -76.16
N LYS F 372 33.49 -14.36 -76.86
CA LYS F 372 32.65 -15.32 -77.59
C LYS F 372 31.47 -14.64 -78.25
N PRO F 373 31.68 -13.63 -79.12
CA PRO F 373 30.55 -12.96 -79.76
C PRO F 373 29.75 -13.88 -80.66
N GLU F 374 30.36 -14.95 -81.15
CA GLU F 374 29.65 -15.95 -81.96
C GLU F 374 28.51 -16.59 -81.18
N LYS F 375 28.64 -16.67 -79.85
CA LYS F 375 27.58 -17.26 -79.02
C LYS F 375 26.32 -16.39 -79.01
N VAL F 376 26.45 -15.10 -79.33
CA VAL F 376 25.28 -14.22 -79.42
C VAL F 376 24.33 -14.72 -80.50
N THR F 377 24.85 -14.92 -81.71
CA THR F 377 24.02 -15.40 -82.80
C THR F 377 23.44 -16.78 -82.49
N GLU F 378 24.24 -17.66 -81.91
CA GLU F 378 23.79 -19.02 -81.60
C GLU F 378 22.61 -19.00 -80.62
N ILE F 379 22.75 -18.30 -79.50
CA ILE F 379 21.70 -18.34 -78.47
C ILE F 379 20.46 -17.59 -78.94
N LEU F 380 20.64 -16.35 -79.42
CA LEU F 380 19.50 -15.60 -79.92
C LEU F 380 18.85 -16.26 -81.12
N GLY F 381 19.64 -17.00 -81.92
CA GLY F 381 19.07 -17.75 -83.03
C GLY F 381 18.03 -18.76 -82.60
N LYS F 382 18.12 -19.23 -81.35
CA LYS F 382 17.18 -20.20 -80.80
C LYS F 382 16.07 -19.54 -80.00
N LEU F 383 16.32 -18.39 -79.37
CA LEU F 383 15.38 -17.81 -78.41
C LEU F 383 14.54 -16.67 -78.96
N TYR F 384 14.99 -15.98 -80.02
CA TYR F 384 14.21 -14.89 -80.59
C TYR F 384 12.84 -15.38 -81.07
N PHE F 385 12.84 -16.45 -81.87
CA PHE F 385 11.63 -17.08 -82.38
C PHE F 385 11.63 -18.52 -81.90
N GLU F 386 11.27 -18.72 -80.64
CA GLU F 386 11.39 -20.04 -80.02
C GLU F 386 10.26 -20.97 -80.40
N ASP F 387 9.20 -20.46 -81.05
CA ASP F 387 8.13 -21.31 -81.56
C ASP F 387 8.32 -21.62 -83.04
N GLY F 388 9.53 -21.45 -83.56
CA GLY F 388 9.77 -21.63 -84.97
C GLY F 388 9.12 -20.58 -85.85
N ALA F 389 8.93 -19.38 -85.32
CA ALA F 389 8.29 -18.27 -86.03
C ALA F 389 6.85 -18.58 -86.41
N ARG F 390 6.23 -19.55 -85.74
CA ARG F 390 4.85 -19.91 -86.05
C ARG F 390 3.90 -18.75 -85.80
N ASP F 391 4.09 -18.01 -84.71
CA ASP F 391 3.21 -16.90 -84.42
C ASP F 391 3.30 -15.82 -85.48
N PHE F 392 4.52 -15.47 -85.91
CA PHE F 392 4.65 -14.46 -86.95
C PHE F 392 4.13 -14.97 -88.28
N ARG F 393 4.50 -16.19 -88.67
CA ARG F 393 4.15 -16.68 -90.01
C ARG F 393 2.64 -16.70 -90.21
N ALA F 394 1.89 -16.94 -89.15
CA ALA F 394 0.42 -16.93 -89.19
C ALA F 394 -0.15 -15.55 -89.48
N THR F 395 0.62 -14.47 -89.27
CA THR F 395 0.15 -13.14 -89.62
C THR F 395 0.06 -12.96 -91.13
N LEU F 396 0.73 -13.80 -91.92
CA LEU F 396 0.75 -13.64 -93.38
C LEU F 396 -0.37 -14.41 -94.07
N GLN F 397 -1.33 -14.95 -93.31
CA GLN F 397 -2.49 -15.63 -93.90
C GLN F 397 -3.34 -14.67 -94.72
N THR F 398 -3.22 -13.37 -94.46
CA THR F 398 -3.84 -12.35 -95.27
C THR F 398 -3.22 -12.27 -96.66
N GLY F 399 -2.14 -13.00 -96.90
CA GLY F 399 -1.35 -12.88 -98.10
C GLY F 399 -0.29 -11.81 -98.02
N GLU F 400 -0.21 -11.08 -96.92
CA GLU F 400 0.82 -10.09 -96.70
C GLU F 400 2.18 -10.68 -97.08
N PRO F 401 2.90 -10.09 -98.03
CA PRO F 401 4.15 -10.68 -98.48
C PRO F 401 5.21 -10.67 -97.39
N LEU F 402 6.11 -11.65 -97.48
CA LEU F 402 7.22 -11.74 -96.56
C LEU F 402 8.37 -10.87 -97.07
N LEU F 403 8.72 -9.84 -96.31
CA LEU F 403 9.82 -8.98 -96.71
C LEU F 403 11.17 -9.70 -96.60
N GLU F 404 12.13 -9.25 -97.41
CA GLU F 404 13.45 -9.89 -97.44
C GLU F 404 14.14 -9.83 -96.07
N GLN F 405 14.05 -8.69 -95.38
CA GLN F 405 14.73 -8.57 -94.07
C GLN F 405 14.08 -9.49 -93.04
N THR F 406 12.75 -9.54 -93.02
CA THR F 406 12.06 -10.46 -92.12
C THR F 406 12.47 -11.90 -92.39
N ARG F 407 12.68 -12.23 -93.66
CA ARG F 407 13.12 -13.57 -94.01
C ARG F 407 14.38 -13.95 -93.25
N TRP F 408 15.37 -13.04 -93.18
CA TRP F 408 16.58 -13.34 -92.42
C TRP F 408 16.25 -13.67 -90.96
N ALA F 409 15.30 -12.95 -90.37
CA ALA F 409 15.06 -13.07 -88.93
C ALA F 409 14.39 -14.39 -88.57
N ILE F 410 13.56 -14.94 -89.47
CA ILE F 410 12.83 -16.16 -89.15
C ILE F 410 13.45 -17.40 -89.77
N GLU F 411 14.45 -17.24 -90.65
CA GLU F 411 15.13 -18.39 -91.24
C GLU F 411 15.87 -19.19 -90.16
N GLY F 412 15.63 -20.48 -90.14
CA GLY F 412 16.29 -21.37 -89.21
C GLY F 412 15.65 -21.48 -87.85
N ALA F 413 14.54 -20.77 -87.61
CA ALA F 413 13.87 -20.80 -86.32
C ALA F 413 13.36 -22.21 -86.01
N GLU F 414 13.72 -22.72 -84.84
CA GLU F 414 13.24 -24.01 -84.36
C GLU F 414 12.03 -23.82 -83.45
N ASP F 415 11.11 -24.79 -83.50
CA ASP F 415 10.01 -24.89 -82.54
C ASP F 415 10.49 -25.67 -81.32
N LEU F 416 10.90 -24.96 -80.27
CA LEU F 416 11.59 -25.59 -79.14
C LEU F 416 10.64 -26.42 -78.27
N ASP F 417 11.05 -27.65 -77.97
CA ASP F 417 10.50 -28.40 -76.85
C ASP F 417 10.96 -27.77 -75.53
N MET F 418 10.17 -28.00 -74.46
CA MET F 418 10.49 -27.42 -73.16
C MET F 418 11.93 -27.67 -72.75
N HIS F 419 12.44 -28.88 -72.99
CA HIS F 419 13.83 -29.17 -72.64
C HIS F 419 14.81 -28.37 -73.50
N ASP F 420 14.45 -28.10 -74.76
CA ASP F 420 15.29 -27.26 -75.60
C ASP F 420 15.35 -25.83 -75.08
N GLN F 421 14.22 -25.30 -74.63
CA GLN F 421 14.24 -23.97 -74.03
C GLN F 421 15.09 -23.95 -72.76
N TRP F 422 14.93 -24.95 -71.90
CA TRP F 422 15.75 -25.05 -70.70
C TRP F 422 17.24 -25.10 -71.06
N TYR F 423 17.59 -25.90 -72.07
CA TYR F 423 18.99 -25.99 -72.48
C TYR F 423 19.55 -24.63 -72.87
N TRP F 424 18.79 -23.85 -73.65
CA TRP F 424 19.30 -22.57 -74.14
C TRP F 424 19.14 -21.45 -73.12
N ASN F 425 18.18 -21.56 -72.21
CA ASN F 425 18.15 -20.65 -71.08
C ASN F 425 19.41 -20.81 -70.22
N LEU F 426 19.85 -22.04 -70.00
CA LEU F 426 21.10 -22.28 -69.29
C LEU F 426 22.27 -21.70 -70.08
N GLN F 427 22.27 -21.85 -71.41
CA GLN F 427 23.30 -21.21 -72.22
C GLN F 427 23.28 -19.70 -72.05
N LYS F 428 22.08 -19.12 -72.01
CA LYS F 428 21.96 -17.67 -71.88
C LYS F 428 22.51 -17.19 -70.54
N GLN F 429 22.09 -17.83 -69.44
CA GLN F 429 22.54 -17.37 -68.13
C GLN F 429 24.03 -17.63 -67.93
N ALA F 430 24.55 -18.74 -68.46
CA ALA F 430 25.98 -19.01 -68.38
C ALA F 430 26.78 -17.96 -69.14
N TYR F 431 26.35 -17.64 -70.37
CA TYR F 431 27.05 -16.61 -71.14
C TYR F 431 27.05 -15.27 -70.41
N ARG F 432 25.89 -14.87 -69.86
CA ARG F 432 25.83 -13.64 -69.08
C ARG F 432 26.81 -13.66 -67.92
N LYS F 433 26.91 -14.79 -67.21
CA LYS F 433 27.85 -14.89 -66.11
C LYS F 433 29.29 -14.90 -66.61
N GLU F 434 29.57 -15.68 -67.65
CA GLU F 434 30.91 -15.69 -68.23
C GLU F 434 31.32 -14.29 -68.67
N PHE F 435 30.38 -13.54 -69.25
CA PHE F 435 30.71 -12.20 -69.72
C PHE F 435 30.96 -11.25 -68.54
N LEU F 436 30.18 -11.40 -67.47
CA LEU F 436 30.41 -10.58 -66.29
C LEU F 436 31.82 -10.78 -65.74
N LYS F 437 32.27 -12.04 -65.66
CA LYS F 437 33.63 -12.31 -65.21
C LYS F 437 34.65 -11.70 -66.15
N HIS F 438 34.38 -11.74 -67.46
CA HIS F 438 35.23 -11.09 -68.44
C HIS F 438 35.34 -9.59 -68.18
N TRP F 439 34.20 -8.93 -67.99
CA TRP F 439 34.18 -7.49 -67.70
C TRP F 439 34.98 -7.18 -66.44
N CYS F 440 34.77 -7.95 -65.37
CA CYS F 440 35.48 -7.70 -64.13
C CYS F 440 36.98 -7.99 -64.24
N SER F 441 37.40 -8.75 -65.26
CA SER F 441 38.82 -8.96 -65.50
C SER F 441 39.55 -7.68 -65.88
N TYR F 442 38.85 -6.62 -66.25
CA TYR F 442 39.48 -5.34 -66.57
C TYR F 442 39.60 -4.41 -65.37
N THR F 443 39.08 -4.81 -64.21
CA THR F 443 39.28 -4.05 -62.99
C THR F 443 40.77 -3.96 -62.66
N ASP F 444 41.21 -2.79 -62.18
CA ASP F 444 42.63 -2.61 -61.92
C ASP F 444 43.00 -3.12 -60.52
N ASN F 445 44.29 -3.02 -60.18
CA ASN F 445 44.76 -3.53 -58.90
C ASN F 445 44.15 -2.78 -57.71
N ASP F 446 43.80 -1.50 -57.88
CA ASP F 446 43.15 -0.80 -56.77
C ASP F 446 41.67 -1.15 -56.62
N GLY F 447 41.13 -2.00 -57.49
CA GLY F 447 39.74 -2.41 -57.38
C GLY F 447 38.72 -1.53 -58.06
N ASN F 448 39.15 -0.70 -59.00
CA ASN F 448 38.25 0.17 -59.75
C ASN F 448 37.70 -0.60 -60.96
N VAL F 449 36.38 -0.81 -60.99
CA VAL F 449 35.77 -1.55 -62.09
C VAL F 449 35.74 -0.70 -63.36
N LEU F 450 35.64 -1.37 -64.50
CA LEU F 450 35.31 -0.68 -65.74
C LEU F 450 33.96 0.02 -65.63
N ASP F 451 33.94 1.31 -65.96
CA ASP F 451 32.69 2.05 -65.87
C ASP F 451 31.83 1.91 -67.11
N ALA F 452 32.45 1.87 -68.29
CA ALA F 452 31.71 1.84 -69.54
C ALA F 452 32.64 1.38 -70.68
N VAL F 453 32.01 0.91 -71.76
CA VAL F 453 32.73 0.54 -72.99
C VAL F 453 32.18 1.36 -74.15
N ILE F 454 33.08 1.81 -75.02
CA ILE F 454 32.76 2.56 -76.24
C ILE F 454 32.81 1.56 -77.39
N ALA F 455 31.72 1.44 -78.13
CA ALA F 455 31.62 0.41 -79.16
C ALA F 455 30.79 0.94 -80.32
N PRO F 456 30.90 0.32 -81.50
CA PRO F 456 29.95 0.64 -82.58
C PRO F 456 28.56 0.16 -82.26
N VAL F 457 27.58 0.79 -82.93
CA VAL F 457 26.21 0.29 -82.93
C VAL F 457 25.95 -0.65 -84.10
N PHE F 458 26.73 -0.53 -85.17
CA PHE F 458 26.53 -1.24 -86.42
C PHE F 458 27.85 -1.20 -87.16
N PRO F 459 28.12 -2.18 -88.04
CA PRO F 459 29.41 -2.18 -88.76
C PRO F 459 29.63 -0.99 -89.70
N ASN F 460 28.67 -0.07 -89.74
CA ASN F 460 28.73 1.01 -90.71
C ASN F 460 27.77 2.10 -90.24
N VAL F 461 27.80 3.23 -90.95
CA VAL F 461 26.76 4.25 -90.82
C VAL F 461 25.47 3.63 -91.38
N ALA F 462 24.40 4.43 -91.41
CA ALA F 462 23.10 3.98 -91.92
C ALA F 462 23.25 3.15 -93.20
N ALA F 463 22.69 1.94 -93.17
CA ALA F 463 22.90 0.97 -94.23
C ALA F 463 22.06 1.28 -95.47
N LYS F 464 22.49 0.70 -96.60
CA LYS F 464 21.66 0.64 -97.80
C LYS F 464 20.50 -0.30 -97.53
N HIS F 465 19.38 -0.06 -98.23
CA HIS F 465 18.19 -0.87 -98.00
C HIS F 465 18.49 -2.35 -98.21
N GLU F 466 17.94 -3.19 -97.32
CA GLU F 466 18.04 -4.65 -97.42
C GLU F 466 19.48 -5.13 -97.33
N THR F 467 20.29 -4.50 -96.47
CA THR F 467 21.68 -4.92 -96.26
C THR F 467 22.04 -5.08 -94.79
N THR F 468 21.07 -5.05 -93.87
CA THR F 468 21.36 -5.12 -92.44
C THR F 468 21.46 -6.58 -91.97
N LYS F 469 22.48 -7.26 -92.47
CA LYS F 469 22.62 -8.71 -92.29
C LYS F 469 23.52 -9.08 -91.12
N TYR F 470 23.78 -8.15 -90.20
CA TYR F 470 24.59 -8.46 -89.03
C TYR F 470 24.05 -7.64 -87.86
N TRP F 471 23.72 -8.32 -86.76
CA TRP F 471 23.07 -7.70 -85.62
C TRP F 471 23.95 -7.54 -84.39
N THR F 472 25.08 -8.26 -84.31
CA THR F 472 25.74 -8.48 -83.03
C THR F 472 26.12 -7.18 -82.33
N TYR F 473 26.49 -6.14 -83.08
CA TYR F 473 26.91 -4.90 -82.43
C TYR F 473 25.80 -4.25 -81.62
N THR F 474 24.55 -4.63 -81.82
CA THR F 474 23.47 -4.27 -80.91
C THR F 474 22.91 -5.43 -80.12
N SER F 475 22.83 -6.60 -80.70
CA SER F 475 22.22 -7.76 -80.09
C SER F 475 22.99 -8.34 -78.89
N GLN F 476 24.28 -8.16 -78.84
CA GLN F 476 25.09 -8.60 -77.73
C GLN F 476 24.64 -8.00 -76.46
N TRP F 477 24.10 -6.81 -76.52
CA TRP F 477 23.74 -6.15 -75.32
C TRP F 477 22.32 -6.51 -74.94
N ASN F 478 21.55 -7.00 -75.87
CA ASN F 478 20.22 -7.49 -75.53
C ASN F 478 20.32 -8.85 -74.86
N LEU F 479 21.19 -9.71 -75.37
CA LEU F 479 21.45 -11.00 -74.72
C LEU F 479 21.94 -10.80 -73.30
N LEU F 480 22.78 -9.79 -73.08
CA LEU F 480 23.34 -9.51 -71.76
C LEU F 480 22.46 -8.59 -70.92
N ASP F 481 21.50 -7.90 -71.55
CA ASP F 481 20.62 -6.95 -70.88
C ASP F 481 21.45 -5.82 -70.25
N TYR F 482 22.47 -5.37 -70.96
CA TYR F 482 23.21 -4.24 -70.44
C TYR F 482 22.61 -2.94 -70.96
N PRO F 483 22.57 -1.86 -70.17
CA PRO F 483 22.11 -0.58 -70.71
C PRO F 483 23.13 -0.06 -71.72
N VAL F 484 22.61 0.50 -72.82
CA VAL F 484 23.46 1.03 -73.89
C VAL F 484 22.88 2.34 -74.39
N LEU F 485 23.74 3.35 -74.55
CA LEU F 485 23.38 4.68 -75.02
C LEU F 485 24.10 4.97 -76.33
N ALA F 486 23.36 5.13 -77.41
CA ALA F 486 23.94 5.61 -78.67
C ALA F 486 24.10 7.13 -78.60
N PHE F 487 25.21 7.61 -79.15
CA PHE F 487 25.50 9.03 -79.05
C PHE F 487 26.25 9.49 -80.30
N PRO F 488 26.12 10.76 -80.68
CA PRO F 488 26.77 11.24 -81.90
C PRO F 488 28.26 11.48 -81.72
N VAL F 489 28.99 11.33 -82.83
CA VAL F 489 30.42 11.61 -82.87
C VAL F 489 30.75 12.48 -84.08
N THR F 490 30.49 11.98 -85.29
CA THR F 490 30.92 12.67 -86.50
C THR F 490 30.02 12.29 -87.67
N LYS F 491 30.29 12.90 -88.83
CA LYS F 491 29.62 12.57 -90.07
C LYS F 491 30.64 12.07 -91.09
N VAL F 492 30.15 11.38 -92.12
CA VAL F 492 31.03 10.87 -93.18
C VAL F 492 31.81 12.00 -93.82
N ASP F 493 33.11 11.77 -93.99
CA ASP F 493 34.02 12.71 -94.64
C ASP F 493 34.63 12.01 -95.84
N GLU F 494 34.39 12.58 -97.03
CA GLU F 494 34.74 11.87 -98.27
C GLU F 494 36.24 11.73 -98.44
N SER F 495 37.02 12.65 -97.90
CA SER F 495 38.48 12.54 -97.95
C SER F 495 38.99 11.51 -96.95
N LEU F 496 38.44 11.54 -95.73
CA LEU F 496 38.95 10.70 -94.65
C LEU F 496 38.46 9.26 -94.75
N ASP F 497 37.31 9.03 -95.36
CA ASP F 497 36.62 7.74 -95.27
C ASP F 497 36.61 6.97 -96.57
N GLN F 498 37.69 7.02 -97.33
CA GLN F 498 37.76 6.18 -98.52
C GLN F 498 37.91 4.72 -98.11
N PRO F 499 37.52 3.83 -99.00
CA PRO F 499 37.56 2.43 -98.63
C PRO F 499 38.93 1.95 -98.25
N TYR F 500 39.00 0.75 -97.75
CA TYR F 500 40.24 0.19 -97.35
C TYR F 500 40.86 -0.61 -98.45
N LYS F 501 42.17 -0.58 -98.53
CA LYS F 501 42.87 -1.31 -99.57
C LYS F 501 43.66 -2.49 -99.08
N ASN F 502 43.99 -3.37 -99.99
CA ASN F 502 44.68 -4.61 -99.60
C ASN F 502 43.91 -5.18 -98.44
N TYR F 503 42.60 -4.98 -98.47
CA TYR F 503 41.77 -5.49 -97.42
C TYR F 503 41.57 -6.94 -97.63
N LYS F 504 41.91 -7.70 -96.61
CA LYS F 504 41.69 -9.14 -96.62
C LYS F 504 40.55 -9.45 -95.65
N PRO F 505 39.35 -9.80 -96.12
CA PRO F 505 38.21 -10.00 -95.22
C PRO F 505 38.42 -11.14 -94.22
N LEU F 506 37.68 -11.06 -93.11
CA LEU F 506 37.76 -12.07 -92.05
C LEU F 506 36.92 -13.31 -92.35
N ASN F 507 35.87 -13.18 -93.16
CA ASN F 507 34.95 -14.26 -93.50
C ASN F 507 34.01 -13.74 -94.57
N ASP F 508 33.12 -14.62 -95.06
CA ASP F 508 32.24 -14.21 -96.15
C ASP F 508 31.31 -13.07 -95.73
N LEU F 509 30.84 -13.09 -94.48
CA LEU F 509 29.96 -12.02 -94.01
C LEU F 509 30.69 -10.70 -93.87
N ASP F 510 31.97 -10.75 -93.46
CA ASP F 510 32.80 -9.56 -93.42
C ASP F 510 33.05 -9.02 -94.83
N LYS F 511 33.27 -9.91 -95.81
CA LYS F 511 33.46 -9.47 -97.19
C LYS F 511 32.23 -8.73 -97.70
N TYR F 512 31.03 -9.28 -97.44
CA TYR F 512 29.80 -8.63 -97.86
C TYR F 512 29.74 -7.19 -97.36
N PHE F 513 30.09 -6.96 -96.09
CA PHE F 513 30.04 -5.60 -95.55
C PHE F 513 31.14 -4.74 -96.13
N TYR F 514 32.30 -5.34 -96.43
CA TYR F 514 33.36 -4.59 -97.09
C TYR F 514 32.91 -4.17 -98.49
N GLU F 515 32.34 -5.09 -99.25
CA GLU F 515 31.84 -4.75 -100.58
C GLU F 515 30.66 -3.79 -100.51
N GLN F 516 29.92 -3.79 -99.40
CA GLN F 516 28.84 -2.82 -99.26
C GLN F 516 29.37 -1.40 -99.24
N TYR F 517 30.54 -1.18 -98.64
CA TYR F 517 31.12 0.16 -98.54
C TYR F 517 31.94 0.43 -99.79
N ASP F 518 31.24 0.73 -100.89
CA ASP F 518 31.91 0.94 -102.16
C ASP F 518 32.64 2.27 -102.17
N SER F 519 32.01 3.33 -101.66
CA SER F 519 32.66 4.61 -101.47
C SER F 519 31.85 5.43 -100.48
N PRO F 520 32.49 6.38 -99.78
CA PRO F 520 31.72 7.25 -98.87
C PRO F 520 30.61 8.03 -99.55
N SER F 521 30.74 8.34 -100.84
CA SER F 521 29.70 9.08 -101.54
C SER F 521 28.38 8.33 -101.52
N SER F 522 28.44 7.00 -101.42
CA SER F 522 27.22 6.22 -101.29
C SER F 522 26.51 6.50 -99.97
N PHE F 523 27.21 7.08 -98.99
CA PHE F 523 26.65 7.37 -97.68
C PHE F 523 26.85 8.85 -97.35
N LYS F 524 26.66 9.73 -98.33
CA LYS F 524 26.89 11.14 -98.12
C LYS F 524 26.04 11.66 -96.97
N ASN F 525 26.70 12.43 -96.10
CA ASN F 525 26.12 13.16 -94.97
C ASN F 525 25.57 12.27 -93.87
N ALA F 526 25.92 10.99 -93.87
CA ALA F 526 25.38 10.06 -92.89
C ALA F 526 26.09 10.22 -91.56
N PRO F 527 25.35 10.41 -90.47
CA PRO F 527 25.97 10.47 -89.14
C PRO F 527 26.68 9.17 -88.79
N ALA F 528 27.88 9.30 -88.21
CA ALA F 528 28.63 8.20 -87.60
C ALA F 528 28.54 8.34 -86.10
N ASN F 529 27.72 7.50 -85.49
CA ASN F 529 27.52 7.47 -84.05
C ASN F 529 28.28 6.30 -83.44
N LEU F 530 28.48 6.36 -82.14
CA LEU F 530 28.95 5.22 -81.37
C LEU F 530 28.00 4.97 -80.22
N CYS F 531 28.36 4.07 -79.31
CA CYS F 531 27.51 3.82 -78.15
C CYS F 531 28.37 3.61 -76.91
N LEU F 532 27.77 3.89 -75.76
CA LEU F 532 28.34 3.63 -74.46
C LEU F 532 27.65 2.43 -73.83
N VAL F 533 28.43 1.43 -73.42
CA VAL F 533 27.89 0.21 -72.80
C VAL F 533 28.26 0.21 -71.34
N GLY F 534 27.31 -0.15 -70.47
CA GLY F 534 27.56 -0.29 -69.06
C GLY F 534 27.00 -1.59 -68.52
N LEU F 535 27.45 -1.94 -67.31
CA LEU F 535 26.86 -3.07 -66.60
C LEU F 535 25.42 -2.77 -66.22
N ARG F 536 24.69 -3.83 -65.87
CA ARG F 536 23.26 -3.71 -65.58
C ARG F 536 23.02 -2.64 -64.51
N PHE F 537 22.07 -1.76 -64.79
CA PHE F 537 21.57 -0.71 -63.90
C PHE F 537 22.55 0.46 -63.74
N THR F 538 23.60 0.53 -64.56
CA THR F 538 24.52 1.66 -64.54
C THR F 538 24.19 2.68 -65.64
N ASP F 539 22.92 2.72 -66.07
CA ASP F 539 22.48 3.61 -67.15
C ASP F 539 23.02 5.02 -66.97
N GLU F 540 22.98 5.54 -65.74
CA GLU F 540 23.30 6.95 -65.52
C GLU F 540 24.76 7.24 -65.77
N LYS F 541 25.65 6.28 -65.49
CA LYS F 541 27.06 6.46 -65.84
C LYS F 541 27.23 6.74 -67.32
N LEU F 542 26.42 6.07 -68.15
CA LEU F 542 26.50 6.28 -69.59
C LEU F 542 26.08 7.70 -69.94
N VAL F 543 25.04 8.21 -69.28
CA VAL F 543 24.62 9.59 -69.50
C VAL F 543 25.73 10.56 -69.12
N GLU F 544 26.38 10.31 -67.98
CA GLU F 544 27.43 11.21 -67.50
C GLU F 544 28.63 11.22 -68.44
N ILE F 545 29.04 10.06 -68.94
CA ILE F 545 30.17 10.03 -69.86
C ILE F 545 29.83 10.66 -71.19
N ALA F 546 28.61 10.42 -71.69
CA ALA F 546 28.22 11.08 -72.94
C ALA F 546 28.16 12.60 -72.75
N ASN F 547 27.75 13.04 -71.56
CA ASN F 547 27.76 14.47 -71.25
C ASN F 547 29.16 15.05 -71.39
N ILE F 548 30.17 14.34 -70.89
CA ILE F 548 31.53 14.82 -70.97
C ILE F 548 32.01 14.83 -72.42
N LEU F 549 31.59 13.83 -73.20
CA LEU F 549 32.05 13.73 -74.59
C LEU F 549 31.51 14.85 -75.46
N ARG F 550 30.44 15.52 -75.04
CA ARG F 550 29.89 16.63 -75.81
C ARG F 550 30.31 18.00 -75.26
N ASN F 551 30.94 18.03 -74.09
CA ASN F 551 31.34 19.28 -73.44
C ASN F 551 32.83 19.55 -73.58
N MET G 1 23.50 -38.49 -64.84
CA MET G 1 22.44 -39.38 -64.36
C MET G 1 22.86 -40.85 -64.32
N LEU G 2 22.44 -41.53 -63.26
CA LEU G 2 22.66 -42.96 -63.07
C LEU G 2 21.38 -43.74 -63.29
N THR G 3 21.52 -45.03 -63.62
CA THR G 3 20.40 -45.94 -63.80
C THR G 3 20.61 -47.24 -63.02
N ASP G 4 21.55 -47.25 -62.07
CA ASP G 4 21.75 -48.38 -61.18
C ASP G 4 20.52 -48.59 -60.31
N ASN G 5 20.43 -49.78 -59.70
CA ASN G 5 19.29 -50.06 -58.84
C ASN G 5 19.30 -49.12 -57.64
N TRP G 6 18.12 -48.63 -57.26
CA TRP G 6 18.07 -47.58 -56.26
C TRP G 6 18.47 -48.07 -54.88
N LYS G 7 18.27 -49.37 -54.58
CA LYS G 7 18.65 -49.88 -53.27
C LYS G 7 20.16 -49.87 -53.08
N GLU G 8 20.91 -50.23 -54.13
CA GLU G 8 22.35 -50.08 -54.10
C GLU G 8 22.75 -48.62 -53.88
N LEU G 9 21.99 -47.70 -54.49
CA LEU G 9 22.31 -46.28 -54.35
C LEU G 9 22.00 -45.77 -52.94
N ALA G 10 20.85 -46.16 -52.39
CA ALA G 10 20.53 -45.80 -51.01
C ALA G 10 21.64 -46.25 -50.06
N GLY G 11 22.20 -47.44 -50.30
CA GLY G 11 23.38 -47.86 -49.54
C GLY G 11 24.50 -46.85 -49.59
N LYS G 12 24.86 -46.40 -50.79
CA LYS G 12 25.95 -45.43 -50.91
C LYS G 12 25.61 -44.11 -50.21
N ALA G 13 24.36 -43.67 -50.28
CA ALA G 13 23.97 -42.45 -49.58
C ALA G 13 24.10 -42.61 -48.07
N GLN G 14 23.60 -43.75 -47.53
CA GLN G 14 23.76 -44.01 -46.11
C GLN G 14 25.23 -44.09 -45.71
N SER G 15 26.04 -44.70 -46.58
CA SER G 15 27.48 -44.82 -46.33
C SER G 15 28.16 -43.46 -46.25
N THR G 16 27.88 -42.57 -47.19
CA THR G 16 28.42 -41.21 -47.16
C THR G 16 28.02 -40.49 -45.86
N PHE G 17 26.75 -40.59 -45.47
CA PHE G 17 26.32 -40.00 -44.21
C PHE G 17 27.01 -40.64 -43.03
N GLN G 18 27.07 -41.98 -42.99
CA GLN G 18 27.62 -42.69 -41.84
C GLN G 18 29.10 -42.35 -41.65
N LYS G 19 29.87 -42.25 -42.74
CA LYS G 19 31.28 -41.87 -42.57
C LYS G 19 31.43 -40.45 -42.05
N SER G 20 30.56 -39.54 -42.49
CA SER G 20 30.66 -38.17 -41.97
C SER G 20 30.17 -38.08 -40.53
N LEU G 21 29.19 -38.91 -40.15
CA LEU G 21 28.76 -38.97 -38.76
C LEU G 21 29.90 -39.43 -37.87
N LYS G 22 30.60 -40.48 -38.29
CA LYS G 22 31.77 -40.94 -37.53
C LYS G 22 32.78 -39.81 -37.36
N GLN G 23 33.13 -39.13 -38.46
CA GLN G 23 34.12 -38.06 -38.39
C GLN G 23 33.62 -36.89 -37.55
N ALA G 24 32.32 -36.59 -37.62
CA ALA G 24 31.79 -35.51 -36.79
C ALA G 24 31.92 -35.84 -35.31
N ILE G 25 31.62 -37.09 -34.95
CA ILE G 25 31.78 -37.54 -33.57
C ILE G 25 33.24 -37.46 -33.16
N GLU G 26 34.14 -37.81 -34.08
CA GLU G 26 35.58 -37.68 -33.80
C GLU G 26 35.98 -36.25 -33.52
N LEU G 27 35.45 -35.30 -34.30
CA LEU G 27 35.77 -33.90 -34.03
C LEU G 27 35.13 -33.38 -32.74
N ALA G 28 33.87 -33.78 -32.47
CA ALA G 28 33.18 -33.27 -31.27
C ALA G 28 33.78 -33.82 -29.98
N ASP G 29 34.28 -35.05 -30.02
CA ASP G 29 35.00 -35.64 -28.89
C ASP G 29 34.12 -35.69 -27.63
N PHE G 30 33.01 -36.41 -27.74
CA PHE G 30 32.11 -36.63 -26.61
C PHE G 30 32.85 -37.23 -25.43
N ASP G 31 32.57 -36.74 -24.22
CA ASP G 31 32.98 -37.53 -23.08
C ASP G 31 31.98 -38.68 -22.87
N GLU G 32 32.38 -39.67 -22.04
CA GLU G 32 31.59 -40.88 -21.91
C GLU G 32 30.16 -40.59 -21.46
N GLY G 33 29.97 -39.58 -20.61
CA GLY G 33 28.62 -39.26 -20.17
C GLY G 33 27.70 -38.90 -21.32
N LEU G 34 28.17 -38.05 -22.24
CA LEU G 34 27.35 -37.67 -23.38
C LEU G 34 27.21 -38.82 -24.37
N ALA G 35 28.32 -39.53 -24.67
CA ALA G 35 28.26 -40.66 -25.59
C ALA G 35 27.23 -41.69 -25.15
N LYS G 36 27.14 -41.95 -23.84
CA LYS G 36 26.16 -42.88 -23.32
C LYS G 36 24.74 -42.34 -23.50
N ARG G 37 24.49 -41.07 -23.09
CA ARG G 37 23.15 -40.51 -23.22
C ARG G 37 22.76 -40.38 -24.69
N TYR G 38 23.72 -39.98 -25.55
CA TYR G 38 23.47 -39.90 -26.98
C TYR G 38 23.05 -41.25 -27.56
N GLY G 39 23.79 -42.32 -27.18
CA GLY G 39 23.43 -43.65 -27.62
C GLY G 39 22.02 -44.06 -27.26
N ALA G 40 21.51 -43.52 -26.14
CA ALA G 40 20.21 -43.96 -25.62
C ALA G 40 19.05 -43.09 -26.10
N LEU G 41 19.32 -42.13 -26.96
CA LEU G 41 18.28 -41.26 -27.48
C LEU G 41 17.44 -42.03 -28.51
N PRO G 42 16.13 -41.80 -28.54
CA PRO G 42 15.32 -42.36 -29.64
C PRO G 42 15.71 -41.72 -30.96
N SER G 43 15.89 -42.56 -31.97
CA SER G 43 16.43 -42.13 -33.25
C SER G 43 15.30 -42.02 -34.28
N ALA G 44 15.37 -40.97 -35.09
CA ALA G 44 14.51 -40.84 -36.26
C ALA G 44 15.19 -41.35 -37.52
N ILE G 45 16.41 -41.86 -37.40
CA ILE G 45 17.13 -42.48 -38.51
C ILE G 45 16.89 -43.98 -38.42
N GLY G 46 16.49 -44.58 -39.54
CA GLY G 46 16.26 -46.02 -39.58
C GLY G 46 17.45 -46.80 -40.07
N ALA G 47 17.25 -48.12 -40.13
CA ALA G 47 18.27 -49.00 -40.67
C ALA G 47 18.37 -48.88 -42.18
N ASN G 48 17.29 -48.42 -42.82
CA ASN G 48 17.27 -48.19 -44.24
C ASN G 48 16.39 -46.97 -44.51
N VAL G 49 16.47 -46.46 -45.74
CA VAL G 49 15.83 -45.19 -46.08
C VAL G 49 14.31 -45.28 -46.09
N GLU G 50 13.75 -46.48 -45.97
CA GLU G 50 12.32 -46.68 -45.87
C GLU G 50 11.84 -46.93 -44.44
N ASP G 51 12.77 -47.13 -43.50
CA ASP G 51 12.48 -47.28 -42.09
C ASP G 51 12.68 -45.93 -41.40
N PHE G 52 11.60 -45.37 -40.86
CA PHE G 52 11.60 -44.01 -40.35
C PHE G 52 11.89 -43.93 -38.85
N GLY G 53 12.33 -45.03 -38.24
CA GLY G 53 12.66 -45.04 -36.84
C GLY G 53 11.45 -44.82 -35.94
N SER G 54 11.74 -44.37 -34.73
CA SER G 54 10.72 -44.11 -33.71
C SER G 54 11.12 -42.83 -32.99
N PRO G 55 10.75 -41.68 -33.54
CA PRO G 55 11.25 -40.40 -33.02
C PRO G 55 10.70 -40.09 -31.64
N ALA G 56 11.45 -39.26 -30.93
CA ALA G 56 11.03 -38.79 -29.61
C ALA G 56 9.72 -38.02 -29.70
N GLN G 57 8.98 -38.02 -28.59
CA GLN G 57 7.75 -37.24 -28.53
C GLN G 57 8.06 -35.74 -28.58
N PHE G 58 9.09 -35.31 -27.84
CA PHE G 58 9.50 -33.91 -27.82
C PHE G 58 11.01 -33.83 -28.05
N PRO G 59 11.44 -33.84 -29.31
CA PRO G 59 12.89 -33.88 -29.58
C PRO G 59 13.68 -32.75 -28.95
N LEU G 60 13.09 -31.56 -28.79
CA LEU G 60 13.86 -30.44 -28.26
C LEU G 60 14.24 -30.61 -26.78
N GLU G 61 13.31 -31.04 -25.92
CA GLU G 61 13.73 -31.29 -24.53
C GLU G 61 14.77 -32.39 -24.45
N GLU G 62 14.61 -33.44 -25.25
CA GLU G 62 15.61 -34.50 -25.26
C GLU G 62 16.97 -33.95 -25.68
N TYR G 63 16.96 -32.99 -26.61
CA TYR G 63 18.19 -32.33 -27.02
C TYR G 63 18.77 -31.52 -25.87
N LEU G 64 17.94 -30.73 -25.19
CA LEU G 64 18.41 -29.88 -24.10
C LEU G 64 18.88 -30.72 -22.91
N LYS G 65 18.25 -31.86 -22.67
CA LYS G 65 18.62 -32.74 -21.57
C LYS G 65 19.91 -33.48 -21.84
N ALA G 66 20.12 -33.94 -23.08
CA ALA G 66 21.26 -34.81 -23.36
C ALA G 66 22.57 -34.03 -23.39
N LEU G 67 22.55 -32.75 -23.86
CA LEU G 67 23.81 -32.07 -24.11
C LEU G 67 24.33 -31.38 -22.86
N PRO G 68 25.64 -31.29 -22.69
CA PRO G 68 26.19 -30.61 -21.52
C PRO G 68 26.09 -29.10 -21.66
N LYS G 69 26.08 -28.43 -20.52
CA LYS G 69 26.05 -26.97 -20.49
C LYS G 69 27.24 -26.37 -21.22
N LYS G 70 28.37 -27.10 -21.26
CA LYS G 70 29.56 -26.65 -21.96
C LYS G 70 29.28 -26.39 -23.44
N VAL G 71 28.31 -27.12 -24.00
CA VAL G 71 27.92 -26.95 -25.38
C VAL G 71 26.76 -25.97 -25.52
N LEU G 72 25.70 -26.16 -24.72
CA LEU G 72 24.52 -25.33 -24.84
C LEU G 72 24.82 -23.86 -24.56
N ASP G 73 25.76 -23.57 -23.66
CA ASP G 73 26.09 -22.17 -23.39
C ASP G 73 26.63 -21.46 -24.63
N ILE G 74 27.06 -22.20 -25.64
CA ILE G 74 27.45 -21.58 -26.90
C ILE G 74 26.31 -21.59 -27.90
N THR G 75 25.72 -22.77 -28.10
CA THR G 75 24.72 -22.95 -29.15
C THR G 75 23.38 -22.29 -28.81
N GLU G 76 23.04 -22.15 -27.53
CA GLU G 76 21.80 -21.47 -27.16
C GLU G 76 21.93 -19.94 -27.17
N LYS G 77 23.15 -19.40 -27.19
CA LYS G 77 23.33 -17.96 -27.27
C LYS G 77 22.96 -17.44 -28.66
N ASP G 78 22.30 -16.29 -28.70
CA ASP G 78 22.00 -15.63 -29.96
C ASP G 78 23.28 -15.46 -30.77
N PRO G 79 23.29 -15.86 -32.05
CA PRO G 79 24.54 -15.82 -32.83
C PRO G 79 25.16 -14.44 -32.92
N VAL G 80 24.36 -13.38 -32.93
CA VAL G 80 24.93 -12.03 -32.99
C VAL G 80 25.73 -11.75 -31.73
N GLU G 81 25.20 -12.17 -30.57
CA GLU G 81 25.95 -12.07 -29.32
C GLU G 81 27.17 -12.98 -29.35
N LEU G 82 27.04 -14.18 -29.91
CA LEU G 82 28.18 -15.08 -30.02
C LEU G 82 29.27 -14.49 -30.90
N LEU G 83 28.89 -13.72 -31.92
CA LEU G 83 29.88 -13.07 -32.76
C LEU G 83 30.74 -12.10 -31.96
N LYS G 84 30.16 -11.44 -30.96
CA LYS G 84 30.94 -10.59 -30.07
C LYS G 84 32.01 -11.39 -29.35
N ASP G 85 31.67 -12.60 -28.87
CA ASP G 85 32.65 -13.41 -28.14
C ASP G 85 33.79 -13.85 -29.06
N LEU G 86 33.47 -14.21 -30.31
CA LEU G 86 34.51 -14.55 -31.27
C LEU G 86 35.38 -13.32 -31.58
N LYS G 87 34.74 -12.16 -31.61
CA LYS G 87 35.42 -10.90 -31.85
C LYS G 87 36.27 -10.53 -30.63
N SER G 88 35.71 -10.72 -29.44
CA SER G 88 36.38 -10.43 -28.18
C SER G 88 37.36 -11.52 -27.77
N ARG G 89 37.40 -12.65 -28.49
CA ARG G 89 38.30 -13.77 -28.24
C ARG G 89 37.99 -14.47 -26.92
N LYS G 90 36.80 -14.28 -26.38
CA LYS G 90 36.34 -15.04 -25.23
C LYS G 90 36.09 -16.49 -25.57
N VAL G 91 36.01 -16.82 -26.84
CA VAL G 91 35.80 -18.19 -27.30
C VAL G 91 36.53 -18.33 -28.64
N THR G 92 37.09 -19.50 -28.88
CA THR G 92 37.84 -19.70 -30.10
C THR G 92 36.91 -20.22 -31.20
N CYS G 93 37.29 -19.99 -32.45
CA CYS G 93 36.49 -20.49 -33.58
C CYS G 93 36.32 -22.00 -33.52
N VAL G 94 37.38 -22.71 -33.16
CA VAL G 94 37.33 -24.16 -33.09
C VAL G 94 36.41 -24.61 -31.96
N GLU G 95 36.42 -23.87 -30.84
CA GLU G 95 35.51 -24.17 -29.73
C GLU G 95 34.06 -24.05 -30.18
N VAL G 96 33.72 -23.00 -30.93
CA VAL G 96 32.36 -22.85 -31.42
C VAL G 96 32.04 -23.97 -32.40
N LEU G 97 33.01 -24.34 -33.24
CA LEU G 97 32.80 -25.46 -34.16
C LEU G 97 32.51 -26.74 -33.38
N LYS G 98 33.31 -27.03 -32.34
CA LYS G 98 33.14 -28.26 -31.59
C LYS G 98 31.76 -28.35 -30.95
N ALA G 99 31.30 -27.25 -30.33
CA ALA G 99 29.98 -27.26 -29.72
C ALA G 99 28.88 -27.49 -30.73
N TYR G 100 28.88 -26.70 -31.83
CA TYR G 100 27.83 -26.82 -32.82
C TYR G 100 27.88 -28.14 -33.57
N THR G 101 29.07 -28.71 -33.79
CA THR G 101 29.15 -30.05 -34.35
C THR G 101 28.46 -31.06 -33.44
N ALA G 102 28.77 -31.00 -32.14
CA ALA G 102 28.10 -31.86 -31.16
C ALA G 102 26.61 -31.63 -31.16
N ALA G 103 26.18 -30.36 -31.17
CA ALA G 103 24.75 -30.05 -31.22
C ALA G 103 24.09 -30.68 -32.43
N SER G 104 24.72 -30.56 -33.61
CA SER G 104 24.13 -31.08 -34.83
C SER G 104 24.04 -32.61 -34.84
N ILE G 105 24.99 -33.30 -34.19
CA ILE G 105 24.93 -34.76 -34.09
C ILE G 105 23.72 -35.19 -33.27
N VAL G 106 23.51 -34.54 -32.12
CA VAL G 106 22.34 -34.83 -31.32
C VAL G 106 21.08 -34.50 -32.09
N ALA G 107 21.10 -33.36 -32.80
CA ALA G 107 20.00 -33.00 -33.68
C ALA G 107 19.82 -34.02 -34.81
N SER G 108 20.92 -34.52 -35.36
CA SER G 108 20.81 -35.51 -36.42
C SER G 108 20.05 -36.75 -35.94
N LYS G 109 20.39 -37.25 -34.75
CA LYS G 109 19.75 -38.48 -34.29
C LYS G 109 18.29 -38.22 -33.90
N LEU G 110 18.01 -37.07 -33.29
CA LEU G 110 16.67 -36.81 -32.78
C LEU G 110 15.69 -36.49 -33.89
N THR G 111 16.12 -35.77 -34.93
CA THR G 111 15.19 -35.31 -35.96
C THR G 111 15.46 -35.88 -37.34
N ASN G 112 16.66 -36.40 -37.59
CA ASN G 112 17.07 -36.88 -38.91
C ASN G 112 17.15 -35.72 -39.91
N CYS G 113 17.88 -34.68 -39.54
CA CYS G 113 17.94 -33.44 -40.31
C CYS G 113 19.24 -33.24 -41.08
N VAL G 114 20.22 -34.12 -40.91
CA VAL G 114 21.54 -33.95 -41.52
C VAL G 114 21.72 -34.99 -42.60
N GLN G 115 22.10 -34.52 -43.79
CA GLN G 115 22.41 -35.43 -44.88
C GLN G 115 23.89 -35.82 -44.87
N GLU G 116 24.76 -34.90 -44.51
CA GLU G 116 26.19 -35.15 -44.50
C GLU G 116 26.87 -34.11 -43.63
N PHE G 117 27.75 -34.55 -42.75
CA PHE G 117 28.55 -33.62 -41.97
C PHE G 117 29.78 -33.19 -42.76
N LEU G 118 30.30 -32.02 -42.42
CA LEU G 118 31.48 -31.51 -43.10
C LEU G 118 32.61 -31.23 -42.11
N PRO G 119 33.00 -32.19 -41.27
CA PRO G 119 33.92 -31.86 -40.16
C PRO G 119 35.36 -31.65 -40.62
N ILE G 120 35.78 -32.32 -41.70
CA ILE G 120 37.14 -32.15 -42.20
C ILE G 120 37.36 -30.71 -42.65
N GLU G 121 36.54 -30.25 -43.60
CA GLU G 121 36.68 -28.88 -44.09
C GLU G 121 36.31 -27.85 -43.03
N ALA G 122 35.38 -28.18 -42.13
CA ALA G 122 35.01 -27.22 -41.09
C ALA G 122 36.16 -26.97 -40.13
N LEU G 123 36.89 -28.03 -39.77
CA LEU G 123 38.06 -27.86 -38.91
C LEU G 123 39.13 -27.03 -39.62
N GLN G 124 39.29 -27.25 -40.93
CA GLN G 124 40.24 -26.47 -41.71
C GLN G 124 39.86 -25.00 -41.71
N TYR G 125 38.56 -24.72 -41.87
CA TYR G 125 38.07 -23.34 -41.85
C TYR G 125 38.26 -22.71 -40.48
N ALA G 126 37.83 -23.41 -39.42
CA ALA G 126 37.86 -22.84 -38.07
C ALA G 126 39.29 -22.67 -37.55
N GLN G 127 40.17 -23.63 -37.83
CA GLN G 127 41.55 -23.53 -37.36
C GLN G 127 42.27 -22.34 -37.97
N LYS G 128 42.24 -22.23 -39.31
CA LYS G 128 42.95 -21.16 -39.98
C LYS G 128 42.28 -19.81 -39.73
N LEU G 129 40.98 -19.80 -39.39
CA LEU G 129 40.34 -18.55 -39.02
C LEU G 129 40.82 -18.04 -37.67
N ASP G 130 41.10 -18.95 -36.72
CA ASP G 130 41.75 -18.53 -35.48
C ASP G 130 43.17 -18.06 -35.73
N ALA G 131 43.94 -18.79 -36.54
CA ALA G 131 45.31 -18.39 -36.84
C ALA G 131 45.35 -16.99 -37.46
N ASP G 132 44.41 -16.69 -38.37
CA ASP G 132 44.32 -15.38 -39.00
C ASP G 132 43.45 -14.42 -38.21
N TYR G 133 43.29 -14.67 -36.90
CA TYR G 133 42.40 -13.88 -36.05
C TYR G 133 42.64 -12.38 -36.18
N GLU G 134 43.90 -11.95 -36.14
CA GLU G 134 44.17 -10.52 -36.10
C GLU G 134 43.75 -9.83 -37.39
N THR G 135 43.87 -10.51 -38.53
CA THR G 135 43.52 -9.90 -39.80
C THR G 135 42.06 -10.08 -40.19
N LYS G 136 41.36 -11.11 -39.71
CA LYS G 136 40.00 -11.37 -40.17
C LYS G 136 38.93 -11.17 -39.10
N LYS G 137 39.29 -10.73 -37.93
CA LYS G 137 38.27 -10.59 -36.95
C LYS G 137 37.32 -9.46 -37.24
N HIS G 138 37.71 -8.55 -38.11
CA HIS G 138 36.85 -7.44 -38.48
C HIS G 138 35.71 -7.87 -39.39
N LEU G 139 35.77 -9.07 -39.96
CA LEU G 139 34.75 -9.50 -40.91
C LEU G 139 33.40 -9.66 -40.20
N PRO G 140 32.30 -9.32 -40.86
CA PRO G 140 31.00 -9.25 -40.14
C PRO G 140 30.54 -10.59 -39.60
N LEU G 141 31.03 -11.71 -40.13
CA LEU G 141 30.60 -13.03 -39.67
C LEU G 141 31.78 -13.88 -39.20
N TYR G 142 32.82 -13.26 -38.64
CA TYR G 142 34.04 -13.98 -38.28
C TYR G 142 33.76 -15.11 -37.29
N GLY G 143 34.09 -16.33 -37.72
CA GLY G 143 34.06 -17.48 -36.84
C GLY G 143 32.75 -18.24 -36.76
N LEU G 144 31.72 -17.81 -37.48
CA LEU G 144 30.39 -18.41 -37.34
C LEU G 144 30.19 -19.54 -38.34
N PRO G 145 29.90 -20.75 -37.91
CA PRO G 145 29.52 -21.80 -38.85
C PRO G 145 28.05 -21.69 -39.25
N PHE G 146 27.71 -22.34 -40.36
CA PHE G 146 26.31 -22.34 -40.79
C PHE G 146 26.01 -23.61 -41.58
N SER G 147 24.72 -23.89 -41.73
CA SER G 147 24.26 -25.05 -42.47
C SER G 147 23.82 -24.65 -43.87
N ILE G 148 23.92 -25.60 -44.81
CA ILE G 148 23.48 -25.41 -46.18
C ILE G 148 22.61 -26.60 -46.59
N LYS G 149 21.48 -26.31 -47.24
CA LYS G 149 20.66 -27.35 -47.83
C LYS G 149 21.49 -28.19 -48.79
N GLU G 150 21.16 -29.48 -48.88
CA GLU G 150 21.95 -30.39 -49.70
C GLU G 150 22.02 -29.96 -51.15
N MET G 151 20.97 -29.28 -51.65
CA MET G 151 20.95 -28.83 -53.04
C MET G 151 21.98 -27.76 -53.35
N ILE G 152 22.62 -27.18 -52.34
CA ILE G 152 23.56 -26.08 -52.53
C ILE G 152 24.95 -26.66 -52.77
N PRO G 153 25.62 -26.31 -53.88
CA PRO G 153 26.91 -26.93 -54.20
C PRO G 153 27.99 -26.62 -53.18
N PHE G 154 28.78 -27.65 -52.88
CA PHE G 154 29.96 -27.52 -52.04
C PHE G 154 31.08 -28.33 -52.67
N VAL G 155 32.32 -27.87 -52.52
CA VAL G 155 33.43 -28.45 -53.26
C VAL G 155 33.57 -29.93 -52.93
N GLY G 156 33.66 -30.76 -53.97
CA GLY G 156 33.93 -32.17 -53.83
C GLY G 156 32.76 -33.05 -53.48
N ARG G 157 31.55 -32.51 -53.46
CA ARG G 157 30.35 -33.24 -53.05
C ARG G 157 29.41 -33.47 -54.23
N SER G 158 28.62 -34.53 -54.11
CA SER G 158 27.49 -34.72 -55.00
C SER G 158 26.37 -33.75 -54.63
N VAL G 159 25.64 -33.29 -55.66
CA VAL G 159 24.49 -32.41 -55.47
C VAL G 159 23.30 -33.09 -56.15
N THR G 160 22.35 -33.57 -55.34
CA THR G 160 21.34 -34.50 -55.80
C THR G 160 19.92 -34.01 -55.62
N HIS G 161 19.70 -32.95 -54.83
CA HIS G 161 18.39 -32.56 -54.31
C HIS G 161 17.55 -33.78 -53.94
N GLY G 162 18.18 -34.81 -53.34
CA GLY G 162 17.48 -35.96 -52.83
C GLY G 162 17.28 -37.11 -53.80
N SER G 163 17.64 -36.96 -55.07
CA SER G 163 17.44 -38.00 -56.07
C SER G 163 18.67 -38.90 -56.11
N LEU G 164 18.45 -40.20 -55.94
CA LEU G 164 19.58 -41.14 -55.91
C LEU G 164 20.34 -41.17 -57.22
N CYS G 165 19.66 -40.91 -58.34
CA CYS G 165 20.30 -40.99 -59.65
C CYS G 165 21.39 -39.95 -59.87
N TYR G 166 21.49 -38.93 -59.01
CA TYR G 166 22.48 -37.88 -59.21
C TYR G 166 23.66 -38.03 -58.26
N LEU G 167 23.86 -39.21 -57.67
CA LEU G 167 24.92 -39.39 -56.68
C LEU G 167 26.32 -39.29 -57.26
N ASP G 168 26.46 -39.38 -58.58
CA ASP G 168 27.77 -39.21 -59.21
C ASP G 168 27.96 -37.81 -59.78
N ARG G 169 27.03 -36.90 -59.48
CA ARG G 169 27.10 -35.51 -59.95
C ARG G 169 27.91 -34.68 -58.96
N ILE G 170 29.24 -34.74 -59.11
CA ILE G 170 30.15 -34.10 -58.19
C ILE G 170 30.53 -32.74 -58.75
N VAL G 171 30.51 -31.72 -57.88
CA VAL G 171 30.85 -30.35 -58.25
C VAL G 171 32.21 -30.06 -57.65
N ASP G 172 32.97 -29.18 -58.31
CA ASP G 172 34.25 -28.75 -57.78
C ASP G 172 34.23 -27.30 -57.30
N TYR G 173 33.06 -26.79 -56.94
CA TYR G 173 32.89 -25.39 -56.59
C TYR G 173 31.79 -25.24 -55.54
N ASN G 174 31.82 -24.13 -54.82
CA ASN G 174 30.77 -23.75 -53.91
C ASN G 174 29.75 -22.85 -54.58
N ALA G 175 28.57 -22.76 -53.98
CA ALA G 175 27.59 -21.78 -54.42
C ALA G 175 28.13 -20.38 -54.19
N ASP G 176 27.73 -19.45 -55.07
CA ASP G 176 28.20 -18.08 -54.95
C ASP G 176 27.96 -17.52 -53.55
N ILE G 177 26.75 -17.72 -53.02
CA ILE G 177 26.43 -17.19 -51.70
C ILE G 177 27.35 -17.78 -50.64
N VAL G 178 27.75 -19.05 -50.80
CA VAL G 178 28.65 -19.68 -49.84
C VAL G 178 30.02 -19.03 -49.90
N ASN G 179 30.56 -18.83 -51.10
CA ASN G 179 31.86 -18.18 -51.23
C ASN G 179 31.81 -16.76 -50.68
N ILE G 180 30.70 -16.07 -50.88
CA ILE G 180 30.54 -14.73 -50.31
C ILE G 180 30.60 -14.82 -48.78
N LEU G 181 29.87 -15.78 -48.20
CA LEU G 181 29.84 -15.93 -46.74
C LEU G 181 31.20 -16.33 -46.17
N ILE G 182 31.95 -17.18 -46.87
CA ILE G 182 33.29 -17.54 -46.41
C ILE G 182 34.20 -16.32 -46.43
N ALA G 183 34.10 -15.50 -47.48
CA ALA G 183 34.89 -14.28 -47.56
C ALA G 183 34.55 -13.32 -46.43
N ASN G 184 33.42 -13.52 -45.76
CA ASN G 184 33.02 -12.65 -44.66
C ASN G 184 33.15 -13.35 -43.31
N GLY G 185 33.93 -14.43 -43.26
CA GLY G 185 34.33 -15.06 -42.00
C GLY G 185 33.52 -16.26 -41.56
N ALA G 186 32.49 -16.64 -42.31
CA ALA G 186 31.67 -17.79 -41.96
C ALA G 186 32.13 -19.00 -42.76
N TYR G 187 31.54 -20.15 -42.45
CA TYR G 187 31.89 -21.39 -43.14
C TYR G 187 30.78 -22.39 -42.91
N PRO G 188 30.48 -23.24 -43.90
CA PRO G 188 29.47 -24.29 -43.69
C PRO G 188 30.08 -25.45 -42.92
N PHE G 189 29.26 -26.07 -42.06
CA PHE G 189 29.73 -27.23 -41.31
C PHE G 189 28.82 -28.45 -41.43
N VAL G 190 27.64 -28.33 -42.04
CA VAL G 190 26.71 -29.46 -42.17
C VAL G 190 25.81 -29.22 -43.38
N ARG G 191 25.44 -30.30 -44.06
CA ARG G 191 24.48 -30.29 -45.15
C ARG G 191 23.19 -30.92 -44.65
N THR G 192 22.09 -30.21 -44.84
CA THR G 192 20.78 -30.62 -44.33
C THR G 192 19.96 -31.33 -45.40
N THR G 193 18.99 -32.11 -44.93
CA THR G 193 18.22 -32.98 -45.81
C THR G 193 17.20 -32.21 -46.63
N ASN G 194 16.92 -32.74 -47.83
CA ASN G 194 15.94 -32.20 -48.78
C ASN G 194 15.14 -33.40 -49.32
N PRO G 195 13.85 -33.22 -49.66
CA PRO G 195 13.04 -34.36 -50.10
C PRO G 195 13.09 -34.61 -51.60
N GLN G 196 12.44 -35.70 -52.00
CA GLN G 196 12.31 -36.06 -53.40
C GLN G 196 11.59 -34.96 -54.16
N SER G 197 12.15 -34.59 -55.32
CA SER G 197 11.60 -33.59 -56.25
C SER G 197 11.64 -32.15 -55.72
N LEU G 198 11.89 -31.97 -54.42
CA LEU G 198 11.86 -30.69 -53.72
C LEU G 198 10.45 -30.09 -53.67
N MET G 199 9.46 -30.74 -54.27
CA MET G 199 8.12 -30.15 -54.40
C MET G 199 7.15 -30.74 -53.38
N MET G 200 7.58 -30.83 -52.12
CA MET G 200 6.67 -31.16 -51.04
C MET G 200 6.97 -30.26 -49.84
N LEU G 201 5.92 -29.95 -49.08
CA LEU G 201 6.07 -29.24 -47.81
C LEU G 201 6.40 -30.21 -46.68
N GLU G 202 7.13 -31.26 -46.99
CA GLU G 202 7.63 -32.22 -46.01
C GLU G 202 9.05 -32.57 -46.44
N CYS G 203 9.67 -33.55 -45.77
CA CYS G 203 11.08 -33.87 -46.01
C CYS G 203 11.28 -35.38 -45.94
N VAL G 204 10.90 -36.06 -47.02
CA VAL G 204 11.09 -37.50 -47.17
C VAL G 204 11.84 -37.75 -48.46
N SER G 205 12.91 -38.53 -48.38
CA SER G 205 13.67 -38.91 -49.58
C SER G 205 14.29 -40.28 -49.38
N PHE G 206 14.76 -40.85 -50.48
CA PHE G 206 15.47 -42.11 -50.47
C PHE G 206 16.98 -41.92 -50.35
N SER G 207 17.41 -40.71 -50.00
CA SER G 207 18.79 -40.47 -49.62
C SER G 207 18.95 -40.40 -48.10
N HIS G 208 17.87 -40.19 -47.36
CA HIS G 208 17.98 -39.96 -45.93
C HIS G 208 16.85 -40.56 -45.09
N GLY G 209 15.71 -40.90 -45.66
CA GLY G 209 14.58 -41.34 -44.88
C GLY G 209 13.56 -40.21 -44.70
N ARG G 210 13.19 -39.94 -43.45
CA ARG G 210 12.20 -38.93 -43.13
C ARG G 210 12.72 -38.01 -42.04
N THR G 211 12.55 -36.70 -42.23
CA THR G 211 12.91 -35.70 -41.24
C THR G 211 11.66 -35.23 -40.50
N VAL G 212 11.76 -35.07 -39.19
CA VAL G 212 10.61 -34.80 -38.35
C VAL G 212 10.79 -33.47 -37.61
N ASN G 213 9.69 -32.99 -37.05
CA ASN G 213 9.65 -31.68 -36.40
C ASN G 213 10.48 -31.68 -35.11
N ALA G 214 11.09 -30.51 -34.84
CA ALA G 214 11.91 -30.34 -33.65
C ALA G 214 11.09 -30.23 -32.37
N TYR G 215 9.82 -29.83 -32.46
CA TYR G 215 9.00 -29.66 -31.27
C TYR G 215 8.05 -30.82 -31.04
N ASN G 216 7.70 -31.58 -32.07
CA ASN G 216 6.81 -32.73 -31.90
C ASN G 216 7.23 -33.77 -32.95
N GLY G 217 7.78 -34.88 -32.48
CA GLY G 217 8.39 -35.88 -33.34
C GLY G 217 7.42 -36.71 -34.16
N MET G 218 6.12 -36.54 -33.95
CA MET G 218 5.14 -37.22 -34.78
C MET G 218 4.80 -36.41 -36.01
N LEU G 219 5.24 -35.16 -36.08
CA LEU G 219 4.89 -34.26 -37.16
C LEU G 219 6.08 -34.03 -38.08
N THR G 220 5.78 -33.50 -39.26
CA THR G 220 6.80 -33.21 -40.25
C THR G 220 7.66 -32.03 -39.83
N SER G 221 8.90 -32.03 -40.32
CA SER G 221 9.76 -30.86 -40.19
C SER G 221 9.29 -29.75 -41.10
N GLY G 222 8.53 -30.09 -42.13
CA GLY G 222 8.26 -29.21 -43.24
C GLY G 222 9.24 -29.49 -44.36
N GLY G 223 9.07 -28.75 -45.44
CA GLY G 223 9.96 -28.89 -46.59
C GLY G 223 9.73 -27.75 -47.54
N SER G 224 10.55 -27.70 -48.58
CA SER G 224 11.59 -28.68 -48.88
C SER G 224 12.86 -28.54 -48.03
N SER G 225 13.05 -27.38 -47.39
CA SER G 225 14.21 -27.17 -46.51
C SER G 225 13.90 -27.73 -45.12
N GLY G 226 13.55 -29.01 -45.08
CA GLY G 226 13.12 -29.61 -43.83
C GLY G 226 14.26 -29.79 -42.86
N GLY G 227 15.42 -30.25 -43.34
CA GLY G 227 16.59 -30.35 -42.49
C GLY G 227 16.98 -29.02 -41.86
N GLU G 228 16.93 -27.95 -42.66
CA GLU G 228 17.27 -26.63 -42.14
C GLU G 228 16.31 -26.21 -41.04
N GLY G 229 15.01 -26.44 -41.26
CA GLY G 229 14.03 -26.09 -40.25
C GLY G 229 14.21 -26.88 -38.96
N ALA G 230 14.47 -28.18 -39.08
CA ALA G 230 14.67 -28.98 -37.88
C ALA G 230 15.97 -28.59 -37.20
N LEU G 231 17.07 -28.53 -37.95
CA LEU G 231 18.37 -28.25 -37.34
C LEU G 231 18.38 -26.89 -36.66
N ASN G 232 17.83 -25.86 -37.31
CA ASN G 232 17.85 -24.53 -36.71
C ASN G 232 16.75 -24.33 -35.68
N GLY G 233 15.65 -25.08 -35.78
CA GLY G 233 14.67 -25.08 -34.71
C GLY G 233 15.22 -25.67 -33.43
N MET G 234 16.09 -26.68 -33.56
CA MET G 234 16.80 -27.23 -32.41
C MET G 234 17.95 -26.36 -31.96
N ARG G 235 18.15 -25.22 -32.62
CA ARG G 235 19.26 -24.31 -32.34
C ARG G 235 20.61 -25.02 -32.44
N ALA G 236 20.71 -25.97 -33.36
CA ALA G 236 21.94 -26.71 -33.60
C ALA G 236 22.73 -26.15 -34.78
N SER G 237 22.35 -24.97 -35.27
CA SER G 237 23.07 -24.22 -36.27
C SER G 237 22.77 -22.77 -35.98
N PRO G 238 23.73 -21.85 -36.17
CA PRO G 238 23.41 -20.43 -36.00
C PRO G 238 22.42 -19.95 -37.03
N PHE G 239 22.59 -20.35 -38.29
CA PHE G 239 21.61 -20.11 -39.33
C PHE G 239 21.90 -21.10 -40.46
N GLY G 240 20.94 -21.19 -41.39
CA GLY G 240 21.12 -22.03 -42.56
C GLY G 240 20.57 -21.35 -43.80
N LEU G 241 20.97 -21.90 -44.94
CA LEU G 241 20.45 -21.46 -46.23
C LEU G 241 19.52 -22.54 -46.79
N GLY G 242 18.32 -22.12 -47.17
CA GLY G 242 17.38 -22.98 -47.86
C GLY G 242 17.01 -22.46 -49.24
N SER G 243 15.93 -23.01 -49.79
CA SER G 243 15.36 -22.53 -51.05
C SER G 243 13.86 -22.50 -50.91
N ASP G 244 13.21 -21.68 -51.74
CA ASP G 244 11.76 -21.50 -51.63
C ASP G 244 11.20 -21.25 -53.03
N ILE G 245 10.54 -22.25 -53.60
CA ILE G 245 9.76 -22.07 -54.81
C ILE G 245 8.27 -22.29 -54.59
N GLY G 246 7.87 -22.91 -53.48
CA GLY G 246 6.48 -23.13 -53.18
C GLY G 246 6.17 -23.05 -51.69
N GLY G 247 7.12 -22.51 -50.92
CA GLY G 247 6.97 -22.39 -49.49
C GLY G 247 8.09 -23.07 -48.73
N SER G 248 9.11 -23.47 -49.47
CA SER G 248 10.12 -24.40 -48.97
C SER G 248 11.13 -23.77 -48.00
N ILE G 249 11.06 -22.47 -47.73
CA ILE G 249 11.80 -21.86 -46.63
C ILE G 249 10.87 -21.49 -45.48
N ARG G 250 9.70 -20.93 -45.78
CA ARG G 250 8.82 -20.43 -44.74
C ARG G 250 8.07 -21.55 -44.03
N CYS G 251 7.71 -22.61 -44.74
CA CYS G 251 7.07 -23.75 -44.09
C CYS G 251 7.98 -24.43 -43.08
N PRO G 252 9.24 -24.77 -43.38
CA PRO G 252 10.10 -25.32 -42.33
C PRO G 252 10.30 -24.38 -41.15
N ALA G 253 10.57 -23.10 -41.42
CA ALA G 253 10.77 -22.16 -40.33
C ALA G 253 9.53 -22.05 -39.46
N ALA G 254 8.35 -21.97 -40.09
CA ALA G 254 7.13 -21.84 -39.30
C ALA G 254 6.84 -23.11 -38.50
N PHE G 255 7.07 -24.27 -39.10
CA PHE G 255 6.78 -25.52 -38.40
C PHE G 255 7.68 -25.72 -37.20
N ASN G 256 8.90 -25.17 -37.23
CA ASN G 256 9.88 -25.32 -36.16
C ASN G 256 10.07 -24.03 -35.35
N GLY G 257 9.13 -23.09 -35.47
CA GLY G 257 9.10 -21.92 -34.60
C GLY G 257 10.30 -21.00 -34.66
N ILE G 258 10.86 -20.78 -35.86
CA ILE G 258 12.00 -19.89 -36.00
C ILE G 258 11.74 -18.86 -37.08
N TYR G 259 12.75 -18.09 -37.46
CA TYR G 259 12.63 -17.10 -38.51
C TYR G 259 13.12 -17.66 -39.84
N GLY G 260 12.43 -17.26 -40.91
CA GLY G 260 12.80 -17.66 -42.25
C GLY G 260 12.35 -16.62 -43.26
N LEU G 261 13.27 -16.16 -44.11
CA LEU G 261 12.99 -15.08 -45.06
C LEU G 261 13.02 -15.62 -46.47
N ARG G 262 11.87 -15.59 -47.15
CA ARG G 262 11.83 -15.73 -48.60
C ARG G 262 12.16 -14.37 -49.20
N SER G 263 13.42 -14.16 -49.56
CA SER G 263 13.83 -12.86 -50.08
C SER G 263 13.40 -12.67 -51.54
N THR G 264 13.29 -11.40 -51.92
CA THR G 264 12.95 -11.04 -53.29
C THR G 264 14.02 -11.62 -54.24
N LEU G 265 13.55 -12.09 -55.41
CA LEU G 265 14.37 -12.87 -56.33
C LEU G 265 15.71 -12.22 -56.68
N GLY G 266 15.71 -10.96 -57.09
CA GLY G 266 16.95 -10.35 -57.53
C GLY G 266 17.95 -9.94 -56.48
N ARG G 267 17.74 -10.26 -55.21
CA ARG G 267 18.64 -9.73 -54.19
C ARG G 267 19.81 -10.66 -53.83
N ILE G 268 19.58 -11.95 -53.72
CA ILE G 268 20.61 -12.85 -53.21
C ILE G 268 20.86 -13.98 -54.20
N PRO G 269 22.11 -14.42 -54.40
CA PRO G 269 22.40 -15.38 -55.49
C PRO G 269 22.00 -16.81 -55.15
N THR G 270 21.20 -17.40 -56.04
CA THR G 270 20.68 -18.75 -55.88
C THR G 270 20.71 -19.62 -57.14
N ALA G 271 20.97 -19.05 -58.32
CA ALA G 271 20.77 -19.80 -59.56
C ALA G 271 21.69 -21.00 -59.69
N ASP G 272 22.87 -20.96 -59.04
CA ASP G 272 23.79 -22.09 -59.15
C ASP G 272 23.39 -23.27 -58.26
N TYR G 273 22.33 -23.15 -57.46
CA TYR G 273 21.77 -24.31 -56.80
C TYR G 273 21.30 -25.33 -57.85
N PHE G 274 21.12 -26.57 -57.41
CA PHE G 274 20.61 -27.64 -58.24
C PHE G 274 19.20 -28.04 -57.83
N SER G 275 18.33 -28.21 -58.81
CA SER G 275 16.98 -28.72 -58.58
C SER G 275 16.55 -29.49 -59.83
N CYS G 276 15.31 -29.94 -59.85
CA CYS G 276 14.74 -30.43 -61.10
C CYS G 276 14.43 -29.24 -62.00
N ASN G 277 14.22 -29.53 -63.29
CA ASN G 277 13.79 -28.52 -64.26
C ASN G 277 14.81 -27.38 -64.37
N ARG G 278 16.09 -27.76 -64.51
CA ARG G 278 17.14 -26.77 -64.68
C ARG G 278 16.99 -26.08 -66.03
N GLY G 279 17.04 -24.75 -66.02
CA GLY G 279 16.74 -23.96 -67.18
C GLY G 279 15.31 -23.48 -67.24
N SER G 280 14.42 -24.04 -66.41
CA SER G 280 13.06 -23.52 -66.33
C SER G 280 13.07 -22.17 -65.64
N GLU G 281 12.47 -21.18 -66.26
CA GLU G 281 12.48 -19.82 -65.74
C GLU G 281 11.09 -19.25 -65.50
N SER G 282 10.03 -19.97 -65.90
CA SER G 282 8.69 -19.40 -65.79
C SER G 282 8.37 -19.01 -64.35
N ILE G 283 8.73 -19.87 -63.40
CA ILE G 283 8.67 -19.61 -61.98
C ILE G 283 10.02 -19.94 -61.39
N LEU G 284 10.62 -18.98 -60.70
CA LEU G 284 11.96 -19.14 -60.16
C LEU G 284 11.94 -19.31 -58.64
N SER G 285 12.78 -20.21 -58.15
CA SER G 285 13.03 -20.34 -56.72
C SER G 285 13.92 -19.19 -56.23
N VAL G 286 13.86 -18.93 -54.92
CA VAL G 286 14.76 -18.00 -54.28
C VAL G 286 15.38 -18.68 -53.07
N THR G 287 16.44 -18.07 -52.54
CA THR G 287 17.07 -18.53 -51.32
C THR G 287 16.93 -17.47 -50.22
N GLY G 288 17.52 -17.78 -49.06
CA GLY G 288 17.36 -16.94 -47.89
C GLY G 288 17.62 -17.73 -46.62
N PRO G 289 17.91 -17.04 -45.52
CA PRO G 289 18.31 -17.73 -44.29
C PRO G 289 17.14 -18.15 -43.41
N LEU G 290 17.39 -19.24 -42.69
CA LEU G 290 16.54 -19.68 -41.58
C LEU G 290 17.36 -19.65 -40.31
N SER G 291 16.77 -19.11 -39.24
CA SER G 291 17.48 -19.04 -37.97
C SER G 291 16.49 -18.80 -36.84
N ARG G 292 16.87 -19.13 -35.63
CA ARG G 292 16.03 -18.78 -34.47
C ARG G 292 16.22 -17.35 -34.17
N SER G 293 17.17 -16.72 -34.80
CA SER G 293 17.57 -15.37 -34.45
C SER G 293 17.22 -14.42 -35.60
N LEU G 294 16.29 -13.50 -35.34
CA LEU G 294 15.98 -12.46 -36.33
C LEU G 294 17.21 -11.63 -36.67
N ASP G 295 17.95 -11.20 -35.66
CA ASP G 295 19.15 -10.40 -35.89
C ASP G 295 20.13 -11.11 -36.81
N THR G 296 20.16 -12.44 -36.76
CA THR G 296 21.05 -13.21 -37.62
C THR G 296 20.50 -13.27 -39.05
N VAL G 297 19.18 -13.42 -39.19
CA VAL G 297 18.57 -13.34 -40.52
C VAL G 297 18.94 -12.02 -41.17
N ASN G 298 18.77 -10.93 -40.45
CA ASN G 298 19.07 -9.61 -40.96
C ASN G 298 20.55 -9.45 -41.30
N LEU G 299 21.43 -9.96 -40.44
CA LEU G 299 22.86 -9.74 -40.66
C LEU G 299 23.36 -10.52 -41.86
N VAL G 300 22.84 -11.73 -42.09
CA VAL G 300 23.27 -12.53 -43.24
C VAL G 300 22.87 -11.82 -44.53
N MET G 301 21.62 -11.36 -44.59
CA MET G 301 21.17 -10.58 -45.73
C MET G 301 22.06 -9.36 -45.94
N LYS G 302 22.23 -8.58 -44.88
CA LYS G 302 23.09 -7.39 -44.95
C LYS G 302 24.50 -7.75 -45.38
N THR G 303 25.03 -8.86 -44.86
CA THR G 303 26.41 -9.23 -45.16
C THR G 303 26.58 -9.60 -46.63
N VAL G 304 25.68 -10.44 -47.15
CA VAL G 304 25.81 -10.89 -48.54
C VAL G 304 25.58 -9.74 -49.51
N ILE G 305 24.56 -8.92 -49.25
CA ILE G 305 24.24 -7.84 -50.20
C ILE G 305 25.34 -6.79 -50.21
N GLU G 306 25.93 -6.49 -49.05
CA GLU G 306 27.01 -5.51 -49.00
C GLU G 306 28.28 -6.03 -49.64
N ALA G 307 28.34 -7.32 -49.96
CA ALA G 307 29.45 -7.87 -50.74
C ALA G 307 29.25 -7.66 -52.24
N LYS G 308 28.20 -6.95 -52.64
CA LYS G 308 27.92 -6.61 -54.03
C LYS G 308 27.85 -7.86 -54.89
N PRO G 309 26.92 -8.79 -54.61
CA PRO G 309 26.89 -10.05 -55.38
C PRO G 309 26.48 -9.87 -56.83
N TRP G 310 25.95 -8.71 -57.21
CA TRP G 310 25.62 -8.49 -58.62
C TRP G 310 26.85 -8.39 -59.51
N LEU G 311 28.04 -8.30 -58.93
CA LEU G 311 29.28 -8.32 -59.70
C LEU G 311 29.79 -9.72 -59.96
N ILE G 312 29.08 -10.74 -59.46
CA ILE G 312 29.34 -12.13 -59.80
C ILE G 312 28.11 -12.79 -60.44
N ASP G 313 26.91 -12.45 -59.95
CA ASP G 313 25.65 -12.97 -60.48
C ASP G 313 24.90 -11.83 -61.16
N PRO G 314 24.81 -11.81 -62.49
CA PRO G 314 24.23 -10.64 -63.17
C PRO G 314 22.72 -10.59 -63.14
N THR G 315 22.05 -11.59 -62.54
CA THR G 315 20.62 -11.55 -62.33
C THR G 315 20.22 -10.69 -61.14
N LEU G 316 21.19 -10.20 -60.38
CA LEU G 316 20.91 -9.54 -59.11
C LEU G 316 20.90 -8.03 -59.29
N VAL G 317 20.17 -7.35 -58.42
CA VAL G 317 19.99 -5.91 -58.55
C VAL G 317 20.89 -5.19 -57.55
N PRO G 318 21.56 -4.09 -57.94
CA PRO G 318 22.41 -3.36 -56.97
C PRO G 318 21.57 -2.48 -56.06
N LEU G 319 20.74 -3.11 -55.24
CA LEU G 319 19.83 -2.42 -54.34
C LEU G 319 20.30 -2.66 -52.91
N ASP G 320 20.71 -1.60 -52.23
CA ASP G 320 21.31 -1.73 -50.90
C ASP G 320 20.35 -2.33 -49.87
N TRP G 321 20.92 -3.03 -48.90
CA TRP G 321 20.16 -3.49 -47.74
C TRP G 321 20.05 -2.33 -46.76
N LYS G 322 18.85 -1.78 -46.63
CA LYS G 322 18.62 -0.54 -45.91
C LYS G 322 17.49 -0.72 -44.90
N ARG G 323 17.80 -0.38 -43.66
CA ARG G 323 16.79 -0.31 -42.61
C ARG G 323 15.77 0.76 -43.05
N PRO G 324 14.46 0.49 -42.97
CA PRO G 324 13.48 1.47 -43.49
C PRO G 324 13.43 2.73 -42.61
N GLU G 325 13.07 3.85 -43.25
CA GLU G 325 12.99 5.14 -42.58
C GLU G 325 11.59 5.42 -42.05
N ASN G 326 10.65 4.50 -42.26
CA ASN G 326 9.27 4.67 -41.81
C ASN G 326 9.21 4.81 -40.29
N LYS G 327 8.39 5.77 -39.83
CA LYS G 327 8.08 5.89 -38.42
C LYS G 327 6.70 5.35 -38.07
N LYS G 328 5.75 5.47 -39.00
CA LYS G 328 4.42 4.89 -38.88
C LYS G 328 4.32 3.72 -39.85
N PHE G 329 3.39 2.81 -39.56
CA PHE G 329 3.21 1.63 -40.40
C PHE G 329 1.72 1.39 -40.65
N ARG G 330 1.40 0.98 -41.86
CA ARG G 330 0.09 0.47 -42.22
C ARG G 330 0.22 -1.01 -42.57
N VAL G 331 -0.57 -1.85 -41.90
CA VAL G 331 -0.44 -3.30 -41.99
C VAL G 331 -1.83 -3.92 -42.13
N GLY G 332 -1.96 -4.86 -43.05
CA GLY G 332 -3.18 -5.63 -43.21
C GLY G 332 -3.09 -7.00 -42.56
N ILE G 333 -4.24 -7.49 -42.08
CA ILE G 333 -4.35 -8.82 -41.48
C ILE G 333 -5.12 -9.70 -42.45
N TYR G 334 -4.46 -10.78 -42.91
CA TYR G 334 -5.01 -11.75 -43.85
C TYR G 334 -5.47 -12.95 -43.03
N VAL G 335 -6.75 -12.98 -42.65
CA VAL G 335 -7.22 -14.04 -41.75
C VAL G 335 -7.40 -15.35 -42.49
N SER G 336 -7.80 -15.31 -43.77
CA SER G 336 -8.07 -16.51 -44.54
C SER G 336 -8.23 -16.12 -46.00
N ASP G 337 -7.88 -17.05 -46.89
CA ASP G 337 -8.15 -16.90 -48.31
C ASP G 337 -9.53 -17.40 -48.69
N HIS G 338 -10.29 -17.90 -47.71
CA HIS G 338 -11.66 -18.38 -47.89
C HIS G 338 -11.74 -19.55 -48.86
N ILE G 339 -10.66 -20.30 -48.96
CA ILE G 339 -10.66 -21.60 -49.63
C ILE G 339 -10.39 -22.71 -48.63
N VAL G 340 -9.39 -22.52 -47.77
CA VAL G 340 -9.09 -23.40 -46.65
C VAL G 340 -8.85 -22.54 -45.43
N ASN G 341 -9.75 -22.63 -44.41
CA ASN G 341 -9.61 -21.84 -43.19
C ASN G 341 -8.51 -22.40 -42.31
N PRO G 342 -7.80 -21.53 -41.58
CA PRO G 342 -6.77 -22.00 -40.67
C PRO G 342 -7.36 -22.64 -39.43
N SER G 343 -6.60 -23.57 -38.84
CA SER G 343 -7.00 -24.23 -37.61
C SER G 343 -6.89 -23.25 -36.44
N PRO G 344 -7.49 -23.58 -35.29
CA PRO G 344 -7.52 -22.65 -34.14
C PRO G 344 -6.15 -22.10 -33.76
N PRO G 345 -5.09 -22.92 -33.67
CA PRO G 345 -3.79 -22.35 -33.24
C PRO G 345 -3.27 -21.24 -34.15
N ILE G 346 -3.46 -21.35 -35.47
CA ILE G 346 -3.07 -20.26 -36.34
C ILE G 346 -4.00 -19.07 -36.15
N ASN G 347 -5.30 -19.34 -35.99
CA ASN G 347 -6.26 -18.26 -35.81
C ASN G 347 -5.98 -17.48 -34.53
N ARG G 348 -5.57 -18.16 -33.46
CA ARG G 348 -5.25 -17.44 -32.24
C ARG G 348 -4.01 -16.57 -32.44
N ALA G 349 -3.02 -17.09 -33.16
CA ALA G 349 -1.81 -16.32 -33.43
C ALA G 349 -2.13 -15.03 -34.17
N LEU G 350 -3.10 -15.08 -35.08
CA LEU G 350 -3.51 -13.87 -35.80
C LEU G 350 -4.10 -12.83 -34.86
N SER G 351 -4.92 -13.27 -33.88
CA SER G 351 -5.51 -12.35 -32.92
C SER G 351 -4.45 -11.72 -32.02
N MET G 352 -3.51 -12.54 -31.53
CA MET G 352 -2.41 -12.04 -30.71
C MET G 352 -1.64 -10.92 -31.43
N VAL G 353 -1.28 -11.16 -32.69
CA VAL G 353 -0.46 -10.22 -33.44
C VAL G 353 -1.27 -9.00 -33.85
N THR G 354 -2.56 -9.17 -34.15
CA THR G 354 -3.40 -8.01 -34.45
C THR G 354 -3.48 -7.08 -33.25
N GLU G 355 -3.82 -7.63 -32.08
CA GLU G 355 -4.00 -6.82 -30.88
C GLU G 355 -2.69 -6.19 -30.42
N LYS G 356 -1.56 -6.86 -30.56
CA LYS G 356 -0.32 -6.21 -30.19
C LYS G 356 0.04 -5.08 -31.13
N LEU G 357 -0.22 -5.25 -32.40
CA LEU G 357 0.01 -4.14 -33.32
C LEU G 357 -0.97 -3.00 -33.07
N LYS G 358 -2.23 -3.32 -32.73
CA LYS G 358 -3.17 -2.26 -32.41
C LYS G 358 -2.78 -1.51 -31.15
N SER G 359 -2.07 -2.16 -30.22
CA SER G 359 -1.71 -1.51 -28.96
C SER G 359 -0.59 -0.49 -29.13
N LEU G 360 0.17 -0.54 -30.21
CA LEU G 360 1.18 0.46 -30.49
C LEU G 360 0.62 1.59 -31.34
N GLY G 361 0.94 2.82 -30.95
CA GLY G 361 0.32 3.99 -31.56
C GLY G 361 0.67 4.17 -33.03
N ASN G 362 1.83 3.68 -33.45
CA ASN G 362 2.36 3.99 -34.77
C ASN G 362 1.97 2.95 -35.84
N PHE G 363 1.01 2.07 -35.55
CA PHE G 363 0.51 1.09 -36.52
C PHE G 363 -0.96 1.31 -36.80
N GLU G 364 -1.30 1.42 -38.08
CA GLU G 364 -2.69 1.33 -38.52
C GLU G 364 -2.94 -0.07 -39.09
N VAL G 365 -4.01 -0.72 -38.62
CA VAL G 365 -4.25 -2.13 -38.89
C VAL G 365 -5.60 -2.25 -39.59
N VAL G 366 -5.61 -2.89 -40.76
CA VAL G 366 -6.81 -3.09 -41.57
C VAL G 366 -6.92 -4.57 -41.93
N THR G 367 -8.15 -4.97 -42.28
CA THR G 367 -8.37 -6.30 -42.82
C THR G 367 -7.91 -6.37 -44.27
N PHE G 368 -7.25 -7.47 -44.62
CA PHE G 368 -6.75 -7.71 -45.96
C PHE G 368 -7.54 -8.85 -46.58
N GLU G 369 -8.26 -8.58 -47.67
CA GLU G 369 -9.07 -9.58 -48.34
C GLU G 369 -8.27 -10.29 -49.42
N PRO G 370 -8.63 -11.53 -49.78
CA PRO G 370 -7.91 -12.22 -50.85
C PRO G 370 -8.23 -11.64 -52.22
N TYR G 371 -7.38 -11.97 -53.19
CA TYR G 371 -7.61 -11.64 -54.60
C TYR G 371 -7.34 -12.87 -55.45
N LYS G 372 -8.40 -13.46 -56.01
CA LYS G 372 -8.35 -14.66 -56.86
C LYS G 372 -7.29 -15.68 -56.43
N PRO G 373 -7.36 -16.18 -55.18
CA PRO G 373 -6.39 -17.21 -54.77
C PRO G 373 -6.52 -18.51 -55.54
N GLU G 374 -7.69 -18.79 -56.12
CA GLU G 374 -7.87 -20.00 -56.92
C GLU G 374 -6.96 -20.00 -58.15
N LYS G 375 -6.67 -18.82 -58.71
CA LYS G 375 -5.85 -18.73 -59.90
C LYS G 375 -4.40 -19.08 -59.62
N VAL G 376 -3.98 -19.00 -58.35
CA VAL G 376 -2.62 -19.38 -57.96
C VAL G 376 -2.38 -20.86 -58.28
N THR G 377 -3.30 -21.72 -57.86
CA THR G 377 -3.19 -23.14 -58.18
C THR G 377 -3.23 -23.37 -59.69
N GLU G 378 -4.11 -22.64 -60.39
CA GLU G 378 -4.26 -22.84 -61.83
C GLU G 378 -2.96 -22.54 -62.58
N ILE G 379 -2.35 -21.38 -62.30
CA ILE G 379 -1.17 -20.98 -63.04
C ILE G 379 0.03 -21.84 -62.65
N LEU G 380 0.27 -22.00 -61.35
CA LEU G 380 1.37 -22.84 -60.90
C LEU G 380 1.17 -24.30 -61.28
N GLY G 381 -0.09 -24.75 -61.39
CA GLY G 381 -0.35 -26.10 -61.86
C GLY G 381 0.20 -26.35 -63.25
N LYS G 382 0.33 -25.30 -64.06
CA LYS G 382 0.85 -25.44 -65.40
C LYS G 382 2.34 -25.10 -65.50
N LEU G 383 2.86 -24.25 -64.61
CA LEU G 383 4.23 -23.75 -64.75
C LEU G 383 5.22 -24.43 -63.82
N TYR G 384 4.76 -25.04 -62.71
CA TYR G 384 5.70 -25.73 -61.82
C TYR G 384 6.42 -26.85 -62.56
N PHE G 385 5.67 -27.69 -63.27
CA PHE G 385 6.25 -28.75 -64.10
C PHE G 385 5.80 -28.55 -65.54
N GLU G 386 6.42 -27.59 -66.22
CA GLU G 386 5.96 -27.17 -67.54
C GLU G 386 6.38 -28.13 -68.65
N ASP G 387 7.19 -29.15 -68.33
CA ASP G 387 7.53 -30.21 -69.27
C ASP G 387 6.69 -31.46 -69.05
N GLY G 388 5.57 -31.33 -68.33
CA GLY G 388 4.78 -32.49 -67.96
C GLY G 388 5.48 -33.39 -66.97
N ALA G 389 6.39 -32.83 -66.16
CA ALA G 389 7.17 -33.58 -65.17
C ALA G 389 8.06 -34.63 -65.81
N ARG G 390 8.40 -34.46 -67.10
CA ARG G 390 9.26 -35.44 -67.76
C ARG G 390 10.63 -35.50 -67.10
N ASP G 391 11.19 -34.34 -66.75
CA ASP G 391 12.54 -34.32 -66.18
C ASP G 391 12.59 -35.01 -64.83
N PHE G 392 11.60 -34.78 -63.96
CA PHE G 392 11.60 -35.46 -62.67
C PHE G 392 11.37 -36.95 -62.81
N ARG G 393 10.37 -37.34 -63.61
CA ARG G 393 10.02 -38.76 -63.69
C ARG G 393 11.20 -39.60 -64.15
N ALA G 394 12.09 -39.01 -64.97
CA ALA G 394 13.28 -39.72 -65.42
C ALA G 394 14.27 -40.01 -64.30
N THR G 395 14.17 -39.30 -63.17
CA THR G 395 15.03 -39.63 -62.03
C THR G 395 14.66 -40.98 -61.42
N LEU G 396 13.47 -41.50 -61.72
CA LEU G 396 12.98 -42.76 -61.16
C LEU G 396 13.36 -43.97 -62.02
N GLN G 397 14.23 -43.80 -63.01
CA GLN G 397 14.72 -44.94 -63.79
C GLN G 397 15.50 -45.91 -62.93
N THR G 398 15.99 -45.45 -61.77
CA THR G 398 16.62 -46.33 -60.79
C THR G 398 15.63 -47.26 -60.11
N GLY G 399 14.34 -47.09 -60.32
CA GLY G 399 13.35 -47.78 -59.54
C GLY G 399 12.98 -47.07 -58.27
N GLU G 400 13.62 -45.94 -57.97
CA GLU G 400 13.27 -45.11 -56.83
C GLU G 400 11.76 -44.91 -56.78
N PRO G 401 11.10 -45.32 -55.70
CA PRO G 401 9.63 -45.22 -55.66
C PRO G 401 9.16 -43.78 -55.65
N LEU G 402 7.96 -43.56 -56.18
CA LEU G 402 7.34 -42.26 -56.18
C LEU G 402 6.60 -42.05 -54.87
N LEU G 403 7.03 -41.07 -54.08
CA LEU G 403 6.39 -40.79 -52.80
C LEU G 403 5.01 -40.17 -53.01
N GLU G 404 4.14 -40.37 -52.02
CA GLU G 404 2.77 -39.88 -52.12
C GLU G 404 2.73 -38.35 -52.25
N GLN G 405 3.59 -37.64 -51.52
CA GLN G 405 3.59 -36.18 -51.64
C GLN G 405 4.05 -35.72 -53.02
N THR G 406 5.09 -36.37 -53.56
CA THR G 406 5.54 -36.06 -54.92
C THR G 406 4.44 -36.28 -55.94
N ARG G 407 3.62 -37.33 -55.74
CA ARG G 407 2.51 -37.62 -56.62
C ARG G 407 1.60 -36.40 -56.79
N TRP G 408 1.26 -35.75 -55.67
CA TRP G 408 0.40 -34.58 -55.74
C TRP G 408 1.00 -33.50 -56.64
N ALA G 409 2.31 -33.29 -56.53
CA ALA G 409 2.95 -32.17 -57.22
C ALA G 409 3.06 -32.40 -58.72
N ILE G 410 3.20 -33.67 -59.14
CA ILE G 410 3.38 -33.97 -60.56
C ILE G 410 2.11 -34.46 -61.22
N GLU G 411 1.05 -34.72 -60.45
CA GLU G 411 -0.21 -35.13 -61.05
C GLU G 411 -0.80 -33.98 -61.87
N GLY G 412 -1.17 -34.29 -63.11
CA GLY G 412 -1.80 -33.31 -63.99
C GLY G 412 -0.86 -32.41 -64.76
N ALA G 413 0.46 -32.58 -64.62
CA ALA G 413 1.41 -31.71 -65.32
C ALA G 413 1.30 -31.88 -66.83
N GLU G 414 1.12 -30.77 -67.55
CA GLU G 414 1.13 -30.79 -69.01
C GLU G 414 2.51 -30.46 -69.54
N ASP G 415 2.88 -31.12 -70.63
CA ASP G 415 4.09 -30.82 -71.36
C ASP G 415 3.78 -29.67 -72.32
N LEU G 416 4.10 -28.45 -71.89
CA LEU G 416 3.63 -27.27 -72.59
C LEU G 416 4.34 -27.08 -73.91
N ASP G 417 3.54 -26.84 -74.95
CA ASP G 417 3.99 -26.24 -76.20
C ASP G 417 4.37 -24.78 -75.93
N MET G 418 5.24 -24.24 -76.78
CA MET G 418 5.68 -22.85 -76.61
C MET G 418 4.48 -21.91 -76.45
N HIS G 419 3.46 -22.09 -77.27
CA HIS G 419 2.28 -21.23 -77.19
C HIS G 419 1.51 -21.43 -75.89
N ASP G 420 1.53 -22.65 -75.34
CA ASP G 420 0.91 -22.86 -74.04
C ASP G 420 1.65 -22.12 -72.95
N GLN G 421 2.99 -22.16 -72.97
CA GLN G 421 3.76 -21.41 -71.98
C GLN G 421 3.51 -19.91 -72.13
N TRP G 422 3.52 -19.42 -73.37
CA TRP G 422 3.26 -18.00 -73.61
C TRP G 422 1.92 -17.58 -73.02
N TYR G 423 0.89 -18.40 -73.22
CA TYR G 423 -0.43 -18.10 -72.65
C TYR G 423 -0.35 -18.00 -71.14
N TRP G 424 0.36 -18.92 -70.49
CA TRP G 424 0.40 -18.94 -69.03
C TRP G 424 1.40 -17.94 -68.46
N ASN G 425 2.46 -17.60 -69.22
CA ASN G 425 3.28 -16.46 -68.82
C ASN G 425 2.46 -15.18 -68.78
N LEU G 426 1.59 -14.98 -69.78
CA LEU G 426 0.69 -13.82 -69.76
C LEU G 426 -0.28 -13.91 -68.58
N GLN G 427 -0.81 -15.12 -68.32
CA GLN G 427 -1.67 -15.29 -67.15
C GLN G 427 -0.94 -14.94 -65.87
N LYS G 428 0.34 -15.34 -65.78
CA LYS G 428 1.14 -15.03 -64.60
C LYS G 428 1.36 -13.52 -64.46
N GLN G 429 1.77 -12.86 -65.56
CA GLN G 429 2.06 -11.43 -65.47
C GLN G 429 0.80 -10.60 -65.25
N ALA G 430 -0.33 -11.01 -65.85
CA ALA G 430 -1.58 -10.29 -65.61
C ALA G 430 -1.99 -10.38 -64.15
N TYR G 431 -1.95 -11.58 -63.58
CA TYR G 431 -2.27 -11.73 -62.15
C TYR G 431 -1.35 -10.89 -61.29
N ARG G 432 -0.04 -10.88 -61.61
CA ARG G 432 0.89 -10.04 -60.87
C ARG G 432 0.48 -8.57 -60.92
N LYS G 433 0.09 -8.09 -62.10
CA LYS G 433 -0.32 -6.69 -62.23
C LYS G 433 -1.65 -6.44 -61.52
N GLU G 434 -2.60 -7.36 -61.65
CA GLU G 434 -3.87 -7.22 -60.94
C GLU G 434 -3.68 -7.19 -59.43
N PHE G 435 -2.83 -8.07 -58.90
CA PHE G 435 -2.67 -8.15 -57.45
C PHE G 435 -2.01 -6.89 -56.92
N LEU G 436 -1.07 -6.32 -57.68
CA LEU G 436 -0.45 -5.06 -57.30
C LEU G 436 -1.51 -3.97 -57.14
N LYS G 437 -2.44 -3.89 -58.10
CA LYS G 437 -3.53 -2.93 -58.00
C LYS G 437 -4.39 -3.19 -56.78
N HIS G 438 -4.64 -4.48 -56.49
CA HIS G 438 -5.37 -4.85 -55.29
C HIS G 438 -4.67 -4.35 -54.03
N TRP G 439 -3.36 -4.60 -53.93
CA TRP G 439 -2.57 -4.13 -52.80
C TRP G 439 -2.64 -2.61 -52.67
N CYS G 440 -2.44 -1.91 -53.80
CA CYS G 440 -2.47 -0.45 -53.80
C CYS G 440 -3.86 0.10 -53.55
N SER G 441 -4.92 -0.71 -53.74
CA SER G 441 -6.26 -0.29 -53.37
C SER G 441 -6.42 -0.08 -51.87
N TYR G 442 -5.46 -0.56 -51.06
CA TYR G 442 -5.47 -0.36 -49.62
C TYR G 442 -4.72 0.90 -49.19
N THR G 443 -4.13 1.63 -50.14
CA THR G 443 -3.52 2.91 -49.82
C THR G 443 -4.57 3.87 -49.26
N ASP G 444 -4.16 4.65 -48.25
CA ASP G 444 -5.08 5.56 -47.59
C ASP G 444 -5.20 6.87 -48.36
N ASN G 445 -6.04 7.77 -47.86
CA ASN G 445 -6.32 9.03 -48.54
C ASN G 445 -5.07 9.90 -48.64
N ASP G 446 -4.18 9.81 -47.65
CA ASP G 446 -2.95 10.60 -47.63
C ASP G 446 -1.85 10.01 -48.51
N GLY G 447 -2.08 8.86 -49.13
CA GLY G 447 -1.11 8.25 -50.01
C GLY G 447 -0.13 7.31 -49.34
N ASN G 448 -0.45 6.81 -48.15
CA ASN G 448 0.41 5.88 -47.43
C ASN G 448 0.12 4.45 -47.88
N VAL G 449 1.14 3.80 -48.44
CA VAL G 449 0.98 2.44 -48.96
C VAL G 449 0.81 1.46 -47.80
N LEU G 450 0.22 0.31 -48.11
CA LEU G 450 0.33 -0.82 -47.20
C LEU G 450 1.81 -1.20 -47.10
N ASP G 451 2.30 -1.27 -45.87
CA ASP G 451 3.70 -1.63 -45.67
C ASP G 451 3.91 -3.13 -45.62
N ALA G 452 2.94 -3.88 -45.09
CA ALA G 452 3.09 -5.33 -44.91
C ALA G 452 1.73 -5.96 -44.67
N VAL G 453 1.66 -7.28 -44.89
CA VAL G 453 0.48 -8.07 -44.59
C VAL G 453 0.86 -9.19 -43.61
N ILE G 454 -0.03 -9.47 -42.66
CA ILE G 454 0.13 -10.57 -41.72
C ILE G 454 -0.74 -11.73 -42.19
N ALA G 455 -0.13 -12.89 -42.40
CA ALA G 455 -0.86 -14.00 -43.00
C ALA G 455 -0.34 -15.31 -42.41
N PRO G 456 -1.10 -16.39 -42.53
CA PRO G 456 -0.58 -17.71 -42.20
C PRO G 456 0.48 -18.15 -43.20
N VAL G 457 1.33 -19.08 -42.75
CA VAL G 457 2.21 -19.80 -43.66
C VAL G 457 1.56 -21.09 -44.15
N PHE G 458 0.59 -21.62 -43.41
CA PHE G 458 -0.03 -22.91 -43.67
C PHE G 458 -1.38 -22.94 -42.95
N PRO G 459 -2.33 -23.76 -43.40
CA PRO G 459 -3.64 -23.80 -42.72
C PRO G 459 -3.61 -24.31 -41.29
N ASN G 460 -2.44 -24.66 -40.74
CA ASN G 460 -2.34 -25.26 -39.42
C ASN G 460 -0.88 -25.16 -39.00
N VAL G 461 -0.61 -25.54 -37.75
CA VAL G 461 0.76 -25.77 -37.29
C VAL G 461 1.31 -26.99 -38.02
N ALA G 462 2.54 -27.40 -37.66
CA ALA G 462 3.23 -28.51 -38.31
C ALA G 462 2.29 -29.67 -38.59
N ALA G 463 2.25 -30.09 -39.86
CA ALA G 463 1.27 -31.05 -40.32
C ALA G 463 1.63 -32.47 -39.90
N LYS G 464 0.60 -33.33 -39.89
CA LYS G 464 0.82 -34.76 -39.83
C LYS G 464 1.42 -35.24 -41.16
N HIS G 465 2.19 -36.34 -41.09
CA HIS G 465 2.85 -36.83 -42.29
C HIS G 465 1.85 -37.10 -43.41
N GLU G 466 2.26 -36.74 -44.63
CA GLU G 466 1.47 -36.99 -45.84
C GLU G 466 0.12 -36.29 -45.81
N THR G 467 0.07 -35.05 -45.28
CA THR G 467 -1.15 -34.26 -45.27
C THR G 467 -1.00 -32.84 -45.81
N THR G 468 0.14 -32.50 -46.42
CA THR G 468 0.37 -31.13 -46.88
C THR G 468 -0.22 -30.93 -48.28
N LYS G 469 -1.56 -30.96 -48.34
CA LYS G 469 -2.28 -30.96 -49.60
C LYS G 469 -2.78 -29.58 -50.02
N TYR G 470 -2.27 -28.51 -49.42
CA TYR G 470 -2.66 -27.16 -49.83
C TYR G 470 -1.47 -26.23 -49.69
N TRP G 471 -1.10 -25.58 -50.79
CA TRP G 471 0.11 -24.79 -50.85
C TRP G 471 -0.10 -23.28 -50.85
N THR G 472 -1.34 -22.83 -51.13
CA THR G 472 -1.56 -21.44 -51.52
C THR G 472 -1.02 -20.45 -50.48
N TYR G 473 -1.09 -20.79 -49.19
CA TYR G 473 -0.66 -19.86 -48.15
C TYR G 473 0.84 -19.56 -48.22
N THR G 474 1.60 -20.35 -48.96
CA THR G 474 2.96 -19.97 -49.31
C THR G 474 3.17 -19.71 -50.80
N SER G 475 2.57 -20.48 -51.68
CA SER G 475 2.76 -20.40 -53.13
C SER G 475 2.33 -19.08 -53.75
N GLN G 476 1.33 -18.45 -53.18
CA GLN G 476 0.87 -17.20 -53.68
C GLN G 476 1.93 -16.17 -53.73
N TRP G 477 2.96 -16.34 -52.95
CA TRP G 477 3.98 -15.31 -52.87
C TRP G 477 5.14 -15.70 -53.69
N ASN G 478 5.05 -16.86 -54.28
CA ASN G 478 6.07 -17.29 -55.18
C ASN G 478 5.53 -16.94 -56.53
N LEU G 479 4.24 -17.14 -56.75
CA LEU G 479 3.64 -16.67 -57.98
C LEU G 479 3.83 -15.17 -58.14
N LEU G 480 3.73 -14.42 -57.04
CA LEU G 480 3.93 -12.97 -57.08
C LEU G 480 5.38 -12.55 -56.87
N ASP G 481 6.23 -13.44 -56.33
CA ASP G 481 7.62 -13.10 -55.98
C ASP G 481 7.65 -12.01 -54.90
N TYR G 482 6.74 -12.12 -53.93
CA TYR G 482 6.81 -11.14 -52.85
C TYR G 482 7.70 -11.64 -51.73
N PRO G 483 8.50 -10.76 -51.10
CA PRO G 483 9.27 -11.19 -49.93
C PRO G 483 8.34 -11.52 -48.78
N VAL G 484 8.64 -12.61 -48.09
CA VAL G 484 7.85 -13.08 -46.95
C VAL G 484 8.78 -13.57 -45.87
N LEU G 485 8.55 -13.11 -44.64
CA LEU G 485 9.34 -13.50 -43.47
C LEU G 485 8.42 -14.23 -42.51
N ALA G 486 8.70 -15.51 -42.28
CA ALA G 486 8.00 -16.26 -41.23
C ALA G 486 8.60 -15.91 -39.87
N PHE G 487 7.74 -15.79 -38.84
CA PHE G 487 8.19 -15.36 -37.53
C PHE G 487 7.37 -16.04 -36.44
N PRO G 488 7.94 -16.23 -35.26
CA PRO G 488 7.23 -16.95 -34.19
C PRO G 488 6.19 -16.08 -33.50
N VAL G 489 5.15 -16.74 -33.00
CA VAL G 489 4.09 -16.07 -32.24
C VAL G 489 3.79 -16.81 -30.95
N THR G 490 3.35 -18.06 -31.05
CA THR G 490 2.86 -18.80 -29.88
C THR G 490 3.01 -20.29 -30.12
N LYS G 491 2.61 -21.08 -29.13
CA LYS G 491 2.55 -22.53 -29.22
C LYS G 491 1.12 -23.02 -29.00
N VAL G 492 0.86 -24.25 -29.44
CA VAL G 492 -0.44 -24.87 -29.21
C VAL G 492 -0.75 -24.99 -27.72
N ASP G 493 -1.96 -24.57 -27.36
CA ASP G 493 -2.50 -24.65 -26.00
C ASP G 493 -3.78 -25.46 -26.04
N GLU G 494 -3.80 -26.57 -25.31
CA GLU G 494 -4.89 -27.54 -25.43
C GLU G 494 -6.20 -26.94 -24.91
N SER G 495 -6.12 -26.03 -23.95
CA SER G 495 -7.32 -25.33 -23.50
C SER G 495 -7.77 -24.30 -24.53
N LEU G 496 -6.82 -23.57 -25.11
CA LEU G 496 -7.18 -22.47 -26.01
C LEU G 496 -7.57 -22.94 -27.41
N ASP G 497 -7.05 -24.09 -27.86
CA ASP G 497 -7.10 -24.50 -29.26
C ASP G 497 -7.95 -25.74 -29.48
N GLN G 498 -9.09 -25.85 -28.80
CA GLN G 498 -9.98 -26.96 -29.09
C GLN G 498 -10.60 -26.77 -30.47
N PRO G 499 -11.00 -27.86 -31.13
CA PRO G 499 -11.59 -27.73 -32.46
C PRO G 499 -12.83 -26.85 -32.44
N TYR G 500 -12.99 -26.07 -33.49
CA TYR G 500 -14.17 -25.29 -33.61
C TYR G 500 -15.27 -26.29 -33.65
N LYS G 501 -16.46 -25.85 -33.33
CA LYS G 501 -17.57 -26.75 -33.33
C LYS G 501 -18.67 -26.19 -34.15
N ASN G 502 -19.51 -27.08 -34.65
CA ASN G 502 -20.55 -26.67 -35.53
C ASN G 502 -19.87 -25.97 -36.67
N TYR G 503 -18.77 -26.53 -37.14
CA TYR G 503 -18.10 -25.95 -38.29
C TYR G 503 -18.76 -26.43 -39.58
N LYS G 504 -18.92 -25.52 -40.53
CA LYS G 504 -19.43 -25.88 -41.85
C LYS G 504 -18.34 -25.68 -42.87
N PRO G 505 -17.77 -26.75 -43.42
CA PRO G 505 -16.62 -26.62 -44.32
C PRO G 505 -16.96 -25.83 -45.58
N LEU G 506 -15.94 -25.19 -46.15
CA LEU G 506 -16.15 -24.40 -47.35
C LEU G 506 -16.14 -25.26 -48.61
N ASN G 507 -15.47 -26.39 -48.58
CA ASN G 507 -15.33 -27.30 -49.72
C ASN G 507 -14.66 -28.57 -49.22
N ASP G 508 -14.48 -29.55 -50.12
CA ASP G 508 -13.95 -30.84 -49.71
C ASP G 508 -12.54 -30.70 -49.14
N LEU G 509 -11.72 -29.83 -49.71
CA LEU G 509 -10.36 -29.66 -49.22
C LEU G 509 -10.34 -28.98 -47.86
N ASP G 510 -11.24 -28.02 -47.64
CA ASP G 510 -11.33 -27.39 -46.32
C ASP G 510 -11.78 -28.41 -45.29
N LYS G 511 -12.74 -29.27 -45.65
CA LYS G 511 -13.17 -30.35 -44.76
C LYS G 511 -12.00 -31.27 -44.42
N TYR G 512 -11.20 -31.62 -45.44
CA TYR G 512 -10.04 -32.46 -45.20
C TYR G 512 -9.16 -31.89 -44.11
N PHE G 513 -8.89 -30.57 -44.17
CA PHE G 513 -8.02 -29.96 -43.18
C PHE G 513 -8.72 -29.83 -41.83
N TYR G 514 -10.04 -29.63 -41.82
CA TYR G 514 -10.77 -29.58 -40.56
C TYR G 514 -10.70 -30.91 -39.83
N GLU G 515 -10.95 -32.02 -40.52
CA GLU G 515 -10.88 -33.33 -39.90
C GLU G 515 -9.46 -33.68 -39.51
N GLN G 516 -8.46 -33.14 -40.22
CA GLN G 516 -7.07 -33.36 -39.87
C GLN G 516 -6.78 -32.86 -38.47
N TYR G 517 -7.41 -31.76 -38.08
CA TYR G 517 -7.22 -31.19 -36.75
C TYR G 517 -8.21 -31.83 -35.79
N ASP G 518 -7.89 -33.07 -35.38
CA ASP G 518 -8.81 -33.81 -34.53
C ASP G 518 -8.84 -33.25 -33.12
N SER G 519 -7.68 -32.94 -32.55
CA SER G 519 -7.59 -32.29 -31.26
C SER G 519 -6.20 -31.68 -31.10
N PRO G 520 -6.05 -30.64 -30.28
CA PRO G 520 -4.71 -30.06 -30.06
C PRO G 520 -3.68 -31.06 -29.53
N SER G 521 -4.13 -32.12 -28.85
CA SER G 521 -3.18 -33.10 -28.32
C SER G 521 -2.38 -33.77 -29.43
N SER G 522 -2.96 -33.90 -30.63
CA SER G 522 -2.23 -34.45 -31.75
C SER G 522 -1.09 -33.54 -32.20
N PHE G 523 -1.09 -32.28 -31.79
CA PHE G 523 -0.05 -31.33 -32.19
C PHE G 523 0.60 -30.70 -30.97
N LYS G 524 0.82 -31.49 -29.93
CA LYS G 524 1.35 -30.98 -28.67
C LYS G 524 2.69 -30.28 -28.87
N ASN G 525 2.85 -29.10 -28.28
CA ASN G 525 4.07 -28.31 -28.30
C ASN G 525 4.43 -27.76 -29.68
N ALA G 526 3.49 -27.76 -30.62
CA ALA G 526 3.79 -27.30 -31.97
C ALA G 526 3.79 -25.78 -32.03
N PRO G 527 4.86 -25.16 -32.51
CA PRO G 527 4.86 -23.70 -32.68
C PRO G 527 3.80 -23.27 -33.69
N ALA G 528 3.09 -22.20 -33.36
CA ALA G 528 2.18 -21.53 -34.28
C ALA G 528 2.84 -20.22 -34.71
N ASN G 529 3.36 -20.20 -35.93
CA ASN G 529 4.01 -19.05 -36.52
C ASN G 529 3.07 -18.36 -37.50
N LEU G 530 3.41 -17.13 -37.83
CA LEU G 530 2.78 -16.42 -38.94
C LEU G 530 3.87 -15.91 -39.87
N CYS G 531 3.50 -15.07 -40.83
CA CYS G 531 4.50 -14.47 -41.71
C CYS G 531 4.11 -13.04 -42.04
N LEU G 532 5.13 -12.25 -42.36
CA LEU G 532 4.97 -10.89 -42.85
C LEU G 532 5.26 -10.86 -44.35
N VAL G 533 4.32 -10.31 -45.12
CA VAL G 533 4.42 -10.22 -46.57
C VAL G 533 4.64 -8.77 -46.96
N GLY G 534 5.55 -8.53 -47.91
CA GLY G 534 5.79 -7.20 -48.42
C GLY G 534 5.81 -7.17 -49.94
N LEU G 535 5.72 -5.97 -50.49
CA LEU G 535 5.93 -5.78 -51.92
C LEU G 535 7.39 -6.08 -52.28
N ARG G 536 7.61 -6.31 -53.58
CA ARG G 536 8.94 -6.69 -54.05
C ARG G 536 10.00 -5.70 -53.59
N PHE G 537 11.09 -6.23 -53.05
CA PHE G 537 12.27 -5.52 -52.60
C PHE G 537 12.05 -4.73 -51.31
N THR G 538 10.94 -4.94 -50.59
CA THR G 538 10.72 -4.32 -49.29
C THR G 538 11.04 -5.27 -48.15
N ASP G 539 11.94 -6.23 -48.38
CA ASP G 539 12.36 -7.24 -47.41
C ASP G 539 12.65 -6.63 -46.04
N GLU G 540 13.34 -5.50 -46.02
CA GLU G 540 13.81 -4.92 -44.77
C GLU G 540 12.66 -4.41 -43.90
N LYS G 541 11.60 -3.91 -44.53
CA LYS G 541 10.40 -3.51 -43.81
C LYS G 541 9.84 -4.67 -43.01
N LEU G 542 9.93 -5.88 -43.56
CA LEU G 542 9.46 -7.05 -42.85
C LEU G 542 10.33 -7.32 -41.62
N VAL G 543 11.65 -7.19 -41.76
CA VAL G 543 12.55 -7.37 -40.63
C VAL G 543 12.23 -6.37 -39.53
N GLU G 544 12.03 -5.10 -39.90
CA GLU G 544 11.79 -4.08 -38.90
C GLU G 544 10.47 -4.32 -38.17
N ILE G 545 9.43 -4.74 -38.88
CA ILE G 545 8.15 -5.00 -38.23
C ILE G 545 8.23 -6.24 -37.35
N ALA G 546 8.94 -7.28 -37.79
CA ALA G 546 9.13 -8.44 -36.93
C ALA G 546 9.94 -8.08 -35.70
N ASN G 547 10.89 -7.15 -35.85
CA ASN G 547 11.66 -6.65 -34.71
C ASN G 547 10.75 -6.03 -33.65
N ILE G 548 9.77 -5.24 -34.09
CA ILE G 548 8.85 -4.59 -33.14
C ILE G 548 7.95 -5.63 -32.49
N LEU G 549 7.53 -6.65 -33.23
CA LEU G 549 6.60 -7.63 -32.70
C LEU G 549 7.20 -8.49 -31.59
N ARG G 550 8.53 -8.55 -31.50
CA ARG G 550 9.21 -9.33 -30.48
C ARG G 550 9.71 -8.51 -29.29
N ASN G 551 9.68 -7.18 -29.39
CA ASN G 551 10.14 -6.31 -28.30
C ASN G 551 9.10 -6.21 -27.20
N MET H 1 -26.46 25.24 86.51
CA MET H 1 -27.68 26.00 86.18
C MET H 1 -28.64 26.17 87.35
N LEU H 2 -28.48 25.42 88.40
CA LEU H 2 -29.29 25.62 89.58
C LEU H 2 -28.38 25.81 90.73
N THR H 3 -28.74 26.73 91.60
CA THR H 3 -27.94 27.04 92.74
C THR H 3 -28.67 26.89 94.09
N ASP H 4 -29.91 26.42 94.11
CA ASP H 4 -30.59 26.17 95.37
C ASP H 4 -29.78 25.22 96.23
N ASN H 5 -30.11 25.20 97.53
CA ASN H 5 -29.42 24.32 98.45
C ASN H 5 -29.67 22.86 98.06
N TRP H 6 -28.63 22.04 98.20
CA TRP H 6 -28.69 20.69 97.65
C TRP H 6 -29.66 19.78 98.39
N LYS H 7 -29.90 20.03 99.68
CA LYS H 7 -30.79 19.14 100.43
C LYS H 7 -32.22 19.24 99.91
N GLU H 8 -32.69 20.45 99.55
CA GLU H 8 -34.01 20.55 98.93
C GLU H 8 -34.03 19.80 97.59
N LEU H 9 -32.96 19.95 96.80
CA LEU H 9 -32.95 19.36 95.47
C LEU H 9 -32.94 17.85 95.56
N ALA H 10 -32.14 17.28 96.47
CA ALA H 10 -32.19 15.86 96.74
C ALA H 10 -33.60 15.39 97.09
N GLY H 11 -34.33 16.20 97.86
CA GLY H 11 -35.72 15.92 98.14
C GLY H 11 -36.60 15.72 96.92
N LYS H 12 -36.57 16.66 95.98
CA LYS H 12 -37.40 16.54 94.78
C LYS H 12 -36.99 15.32 93.97
N ALA H 13 -35.69 15.03 93.95
CA ALA H 13 -35.19 13.86 93.24
C ALA H 13 -35.77 12.59 93.85
N GLN H 14 -35.76 12.50 95.18
CA GLN H 14 -36.38 11.36 95.84
C GLN H 14 -37.88 11.31 95.55
N SER H 15 -38.55 12.47 95.57
CA SER H 15 -39.99 12.52 95.33
C SER H 15 -40.32 12.07 93.91
N THR H 16 -39.59 12.58 92.92
CA THR H 16 -39.76 12.12 91.54
C THR H 16 -39.63 10.61 91.48
N PHE H 17 -38.63 10.05 92.16
CA PHE H 17 -38.51 8.60 92.27
C PHE H 17 -39.72 8.00 92.98
N GLN H 18 -40.10 8.55 94.14
CA GLN H 18 -41.16 7.94 94.95
C GLN H 18 -42.51 7.97 94.24
N LYS H 19 -42.82 9.05 93.53
CA LYS H 19 -44.07 9.10 92.78
C LYS H 19 -44.07 8.04 91.68
N SER H 20 -42.91 7.82 91.04
CA SER H 20 -42.85 6.82 89.98
C SER H 20 -42.89 5.40 90.55
N LEU H 21 -42.33 5.20 91.76
CA LEU H 21 -42.46 3.91 92.42
C LEU H 21 -43.92 3.58 92.70
N LYS H 22 -44.67 4.54 93.15
CA LYS H 22 -46.05 4.27 93.34
C LYS H 22 -46.58 3.88 92.01
N GLN H 23 -46.58 4.81 91.09
CA GLN H 23 -47.23 4.54 89.81
C GLN H 23 -46.78 3.21 89.22
N ALA H 24 -45.52 2.82 89.46
CA ALA H 24 -45.06 1.52 88.97
C ALA H 24 -45.79 0.39 89.68
N ILE H 25 -45.96 0.48 91.01
CA ILE H 25 -46.66 -0.55 91.76
C ILE H 25 -48.12 -0.65 91.31
N GLU H 26 -48.75 0.49 91.00
CA GLU H 26 -50.13 0.46 90.55
C GLU H 26 -50.28 -0.30 89.24
N LEU H 27 -49.38 -0.07 88.28
CA LEU H 27 -49.45 -0.79 87.01
C LEU H 27 -49.14 -2.27 87.19
N ALA H 28 -48.17 -2.58 88.05
CA ALA H 28 -47.73 -3.97 88.22
C ALA H 28 -48.81 -4.85 88.85
N ASP H 29 -49.67 -4.28 89.71
CA ASP H 29 -50.82 -4.98 90.26
C ASP H 29 -50.42 -6.20 91.07
N PHE H 30 -49.58 -6.03 92.09
CA PHE H 30 -49.09 -7.20 92.84
C PHE H 30 -50.17 -7.98 93.56
N ASP H 31 -49.78 -9.11 94.13
CA ASP H 31 -50.72 -9.92 94.90
C ASP H 31 -50.31 -9.74 96.33
N GLU H 32 -51.26 -9.86 97.26
CA GLU H 32 -50.91 -9.56 98.65
C GLU H 32 -49.63 -10.28 99.08
N GLY H 33 -49.43 -11.52 98.65
CA GLY H 33 -48.25 -12.26 99.09
C GLY H 33 -46.96 -11.59 98.70
N LEU H 34 -46.82 -11.24 97.43
CA LEU H 34 -45.65 -10.50 96.99
C LEU H 34 -45.68 -9.13 97.59
N ALA H 35 -46.82 -8.46 97.50
CA ALA H 35 -46.94 -7.10 97.98
C ALA H 35 -46.64 -7.04 99.43
N LYS H 36 -46.50 -8.18 100.05
CA LYS H 36 -46.25 -8.21 101.46
C LYS H 36 -44.85 -8.50 101.56
N ARG H 37 -44.50 -9.65 101.05
CA ARG H 37 -43.09 -10.03 101.05
C ARG H 37 -42.21 -8.89 100.53
N TYR H 38 -42.69 -8.16 99.52
CA TYR H 38 -41.97 -6.97 99.06
C TYR H 38 -41.78 -5.98 100.19
N GLY H 39 -42.85 -5.70 100.95
CA GLY H 39 -42.74 -4.79 102.08
C GLY H 39 -41.69 -5.22 103.08
N ALA H 40 -41.47 -6.52 103.22
CA ALA H 40 -40.58 -7.07 104.24
C ALA H 40 -39.16 -7.31 103.74
N LEU H 41 -38.84 -6.94 102.50
CA LEU H 41 -37.50 -7.15 101.99
C LEU H 41 -36.54 -6.15 102.60
N PRO H 42 -35.28 -6.55 102.84
CA PRO H 42 -34.26 -5.58 103.20
C PRO H 42 -34.00 -4.61 102.05
N SER H 43 -33.93 -3.32 102.38
CA SER H 43 -33.84 -2.24 101.41
C SER H 43 -32.44 -1.65 101.33
N ALA H 44 -32.01 -1.32 100.12
CA ALA H 44 -30.82 -0.49 99.93
C ALA H 44 -31.17 0.98 99.76
N ILE H 45 -32.45 1.33 99.81
CA ILE H 45 -32.89 2.72 99.79
C ILE H 45 -33.09 3.22 101.22
N GLY H 46 -32.46 4.35 101.55
CA GLY H 46 -32.59 4.96 102.86
C GLY H 46 -33.63 6.05 102.91
N ALA H 47 -33.71 6.68 104.08
CA ALA H 47 -34.63 7.80 104.24
C ALA H 47 -34.15 9.05 103.52
N ASN H 48 -32.84 9.16 103.27
CA ASN H 48 -32.28 10.27 102.51
C ASN H 48 -31.09 9.77 101.71
N VAL H 49 -30.63 10.60 100.78
CA VAL H 49 -29.62 10.15 99.82
C VAL H 49 -28.26 9.90 100.44
N GLU H 50 -28.06 10.25 101.71
CA GLU H 50 -26.83 9.93 102.41
C GLU H 50 -26.95 8.71 103.31
N ASP H 51 -28.16 8.17 103.47
CA ASP H 51 -28.39 6.93 104.22
C ASP H 51 -28.44 5.76 103.25
N PHE H 52 -27.47 4.85 103.37
CA PHE H 52 -27.25 3.79 102.39
C PHE H 52 -27.96 2.48 102.75
N GLY H 53 -28.85 2.50 103.74
CA GLY H 53 -29.65 1.34 104.12
C GLY H 53 -28.86 0.15 104.67
N SER H 54 -29.49 -1.02 104.58
CA SER H 54 -28.92 -2.28 105.03
C SER H 54 -29.27 -3.35 104.00
N PRO H 55 -28.49 -3.45 102.94
CA PRO H 55 -28.86 -4.32 101.82
C PRO H 55 -28.82 -5.79 102.20
N ALA H 56 -29.60 -6.58 101.48
CA ALA H 56 -29.56 -8.02 101.65
C ALA H 56 -28.15 -8.53 101.35
N GLN H 57 -27.79 -9.64 101.99
CA GLN H 57 -26.48 -10.23 101.74
C GLN H 57 -26.41 -10.77 100.31
N PHE H 58 -27.48 -11.40 99.83
CA PHE H 58 -27.56 -11.88 98.45
C PHE H 58 -28.88 -11.42 97.84
N PRO H 59 -28.92 -10.20 97.30
CA PRO H 59 -30.19 -9.67 96.77
C PRO H 59 -30.84 -10.56 95.72
N LEU H 60 -30.06 -11.27 94.90
CA LEU H 60 -30.64 -12.10 93.86
C LEU H 60 -31.40 -13.28 94.47
N GLU H 61 -30.85 -13.91 95.51
CA GLU H 61 -31.56 -14.97 96.20
C GLU H 61 -32.88 -14.46 96.76
N GLU H 62 -32.86 -13.27 97.39
CA GLU H 62 -34.08 -12.67 97.87
C GLU H 62 -35.01 -12.29 96.73
N TYR H 63 -34.46 -11.85 95.61
CA TYR H 63 -35.28 -11.50 94.45
C TYR H 63 -36.02 -12.71 93.93
N LEU H 64 -35.31 -13.83 93.77
CA LEU H 64 -35.91 -15.05 93.24
C LEU H 64 -36.95 -15.64 94.19
N LYS H 65 -36.76 -15.50 95.50
CA LYS H 65 -37.79 -15.97 96.43
C LYS H 65 -39.01 -15.05 96.42
N ALA H 66 -38.80 -13.74 96.27
CA ALA H 66 -39.90 -12.81 96.51
C ALA H 66 -40.94 -12.80 95.40
N LEU H 67 -40.51 -12.95 94.07
CA LEU H 67 -41.49 -12.70 93.00
C LEU H 67 -42.28 -13.96 92.61
N PRO H 68 -43.50 -13.79 92.12
CA PRO H 68 -44.28 -14.98 91.73
C PRO H 68 -43.77 -15.58 90.41
N LYS H 69 -44.07 -16.86 90.24
CA LYS H 69 -43.76 -17.56 88.99
C LYS H 69 -44.39 -16.89 87.78
N LYS H 70 -45.58 -16.29 87.95
CA LYS H 70 -46.21 -15.56 86.85
C LYS H 70 -45.32 -14.43 86.36
N VAL H 71 -44.42 -13.93 87.21
CA VAL H 71 -43.46 -12.92 86.80
C VAL H 71 -42.16 -13.55 86.33
N LEU H 72 -41.60 -14.46 87.14
CA LEU H 72 -40.32 -15.07 86.80
C LEU H 72 -40.37 -15.88 85.51
N ASP H 73 -41.53 -16.48 85.21
CA ASP H 73 -41.66 -17.23 83.95
C ASP H 73 -41.42 -16.35 82.74
N ILE H 74 -41.56 -15.03 82.89
CA ILE H 74 -41.27 -14.08 81.83
C ILE H 74 -39.89 -13.47 81.96
N THR H 75 -39.55 -12.95 83.14
CA THR H 75 -38.31 -12.20 83.29
C THR H 75 -37.07 -13.10 83.28
N GLU H 76 -37.20 -14.36 83.70
CA GLU H 76 -36.05 -15.26 83.65
C GLU H 76 -35.84 -15.84 82.26
N LYS H 77 -36.85 -15.78 81.38
CA LYS H 77 -36.68 -16.32 80.04
C LYS H 77 -35.75 -15.43 79.24
N ASP H 78 -34.86 -16.07 78.48
CA ASP H 78 -33.97 -15.33 77.59
C ASP H 78 -34.78 -14.43 76.68
N PRO H 79 -34.43 -13.15 76.55
CA PRO H 79 -35.29 -12.24 75.78
C PRO H 79 -35.49 -12.66 74.34
N VAL H 80 -34.53 -13.32 73.70
CA VAL H 80 -34.75 -13.72 72.31
C VAL H 80 -35.85 -14.78 72.25
N GLU H 81 -35.87 -15.70 73.22
CA GLU H 81 -36.93 -16.69 73.30
C GLU H 81 -38.26 -16.01 73.60
N LEU H 82 -38.25 -15.04 74.51
CA LEU H 82 -39.46 -14.31 74.84
C LEU H 82 -39.98 -13.54 73.63
N LEU H 83 -39.07 -13.09 72.76
CA LEU H 83 -39.52 -12.46 71.52
C LEU H 83 -40.31 -13.44 70.66
N LYS H 84 -39.98 -14.73 70.71
CA LYS H 84 -40.80 -15.73 70.03
C LYS H 84 -42.21 -15.76 70.59
N ASP H 85 -42.33 -15.77 71.92
CA ASP H 85 -43.66 -15.76 72.56
C ASP H 85 -44.39 -14.46 72.28
N LEU H 86 -43.65 -13.34 72.29
CA LEU H 86 -44.24 -12.06 71.99
C LEU H 86 -44.73 -12.02 70.55
N LYS H 87 -44.01 -12.69 69.65
CA LYS H 87 -44.38 -12.74 68.25
C LYS H 87 -45.58 -13.65 68.02
N SER H 88 -45.56 -14.85 68.58
CA SER H 88 -46.64 -15.81 68.33
C SER H 88 -47.94 -15.51 69.08
N ARG H 89 -48.02 -14.45 69.89
CA ARG H 89 -49.18 -14.05 70.72
C ARG H 89 -49.40 -15.00 71.85
N LYS H 90 -48.39 -15.80 72.19
CA LYS H 90 -48.51 -16.58 73.41
C LYS H 90 -48.44 -15.68 74.63
N VAL H 91 -47.96 -14.45 74.47
CA VAL H 91 -47.88 -13.46 75.54
C VAL H 91 -48.08 -12.09 74.92
N THR H 92 -48.78 -11.22 75.64
CA THR H 92 -49.12 -9.89 75.19
C THR H 92 -48.03 -8.92 75.64
N CYS H 93 -47.86 -7.81 74.90
CA CYS H 93 -46.87 -6.82 75.29
C CYS H 93 -47.16 -6.25 76.68
N VAL H 94 -48.44 -6.00 77.01
CA VAL H 94 -48.81 -5.45 78.33
C VAL H 94 -48.52 -6.50 79.40
N GLU H 95 -48.75 -7.76 79.07
CA GLU H 95 -48.42 -8.86 79.98
C GLU H 95 -46.94 -8.86 80.33
N VAL H 96 -46.07 -8.67 79.33
CA VAL H 96 -44.63 -8.61 79.58
C VAL H 96 -44.28 -7.36 80.37
N LEU H 97 -44.93 -6.23 80.05
CA LEU H 97 -44.65 -4.99 80.77
C LEU H 97 -44.94 -5.14 82.26
N LYS H 98 -46.11 -5.70 82.60
CA LYS H 98 -46.46 -5.87 84.01
C LYS H 98 -45.43 -6.73 84.73
N ALA H 99 -44.98 -7.80 84.08
CA ALA H 99 -44.01 -8.69 84.69
C ALA H 99 -42.69 -7.96 84.97
N TYR H 100 -42.11 -7.30 83.97
CA TYR H 100 -40.82 -6.67 84.18
C TYR H 100 -40.91 -5.47 85.11
N THR H 101 -42.01 -4.72 85.05
CA THR H 101 -42.21 -3.62 86.00
C THR H 101 -42.18 -4.14 87.43
N ALA H 102 -42.87 -5.24 87.68
CA ALA H 102 -42.82 -5.88 88.99
C ALA H 102 -41.39 -6.27 89.36
N ALA H 103 -40.69 -6.90 88.40
CA ALA H 103 -39.30 -7.28 88.63
C ALA H 103 -38.44 -6.07 88.98
N SER H 104 -38.61 -4.97 88.24
CA SER H 104 -37.78 -3.79 88.48
C SER H 104 -38.05 -3.20 89.86
N ILE H 105 -39.30 -3.28 90.34
CA ILE H 105 -39.63 -2.77 91.67
C ILE H 105 -38.89 -3.55 92.74
N VAL H 106 -38.92 -4.88 92.66
CA VAL H 106 -38.20 -5.69 93.62
C VAL H 106 -36.71 -5.42 93.53
N ALA H 107 -36.18 -5.34 92.31
CA ALA H 107 -34.78 -4.98 92.12
C ALA H 107 -34.49 -3.57 92.63
N SER H 108 -35.41 -2.63 92.40
CA SER H 108 -35.22 -1.25 92.85
C SER H 108 -34.95 -1.22 94.35
N LYS H 109 -35.73 -1.98 95.11
CA LYS H 109 -35.57 -1.99 96.55
C LYS H 109 -34.30 -2.71 96.97
N LEU H 110 -34.00 -3.84 96.34
CA LEU H 110 -32.93 -4.70 96.82
C LEU H 110 -31.54 -4.17 96.51
N THR H 111 -31.38 -3.50 95.36
CA THR H 111 -30.08 -3.04 94.92
C THR H 111 -29.98 -1.53 94.83
N ASN H 112 -31.11 -0.81 94.88
CA ASN H 112 -31.14 0.65 94.75
C ASN H 112 -30.67 1.04 93.34
N CYS H 113 -31.26 0.39 92.35
CA CYS H 113 -30.82 0.49 90.97
C CYS H 113 -31.72 1.30 90.06
N VAL H 114 -32.87 1.78 90.55
CA VAL H 114 -33.83 2.49 89.72
C VAL H 114 -33.85 3.95 90.16
N GLN H 115 -33.69 4.86 89.20
CA GLN H 115 -33.77 6.28 89.49
C GLN H 115 -35.16 6.87 89.29
N GLU H 116 -35.89 6.41 88.28
CA GLU H 116 -37.20 6.94 87.97
C GLU H 116 -37.92 5.92 87.10
N PHE H 117 -39.14 5.56 87.50
CA PHE H 117 -39.92 4.65 86.68
C PHE H 117 -40.66 5.43 85.60
N LEU H 118 -40.95 4.73 84.51
CA LEU H 118 -41.67 5.24 83.34
C LEU H 118 -42.93 4.42 83.11
N PRO H 119 -43.77 4.21 84.14
CA PRO H 119 -44.86 3.24 84.00
C PRO H 119 -46.02 3.78 83.18
N ILE H 120 -46.21 5.10 83.21
CA ILE H 120 -47.27 5.70 82.40
C ILE H 120 -46.98 5.50 80.92
N GLU H 121 -45.82 5.96 80.47
CA GLU H 121 -45.47 5.84 79.06
C GLU H 121 -45.22 4.39 78.65
N ALA H 122 -44.73 3.54 79.56
CA ALA H 122 -44.51 2.15 79.19
C ALA H 122 -45.81 1.45 78.85
N LEU H 123 -46.87 1.70 79.65
CA LEU H 123 -48.19 1.19 79.31
C LEU H 123 -48.71 1.83 78.04
N GLN H 124 -48.44 3.12 77.87
CA GLN H 124 -48.83 3.86 76.68
C GLN H 124 -48.17 3.30 75.43
N TYR H 125 -46.88 3.00 75.50
CA TYR H 125 -46.20 2.32 74.40
C TYR H 125 -46.74 0.93 74.20
N ALA H 126 -46.83 0.15 75.31
CA ALA H 126 -47.13 -1.28 75.22
C ALA H 126 -48.55 -1.53 74.75
N GLN H 127 -49.51 -0.71 75.18
CA GLN H 127 -50.89 -0.92 74.75
C GLN H 127 -51.05 -0.77 73.25
N LYS H 128 -50.39 0.18 72.62
CA LYS H 128 -50.64 0.30 71.17
C LYS H 128 -49.87 -0.75 70.42
N LEU H 129 -49.05 -1.49 71.14
CA LEU H 129 -48.21 -2.48 70.48
C LEU H 129 -48.85 -3.82 70.52
N ASP H 130 -49.72 -4.03 71.49
CA ASP H 130 -50.48 -5.24 71.52
C ASP H 130 -51.60 -5.04 70.53
N ALA H 131 -51.89 -3.79 70.18
CA ALA H 131 -52.90 -3.56 69.18
C ALA H 131 -52.44 -3.87 67.81
N ASP H 132 -51.41 -3.17 67.34
CA ASP H 132 -50.99 -3.33 65.96
C ASP H 132 -50.13 -4.52 65.88
N TYR H 133 -50.37 -5.47 66.77
CA TYR H 133 -49.61 -6.68 66.78
C TYR H 133 -49.45 -7.21 65.40
N GLU H 134 -50.49 -7.10 64.62
CA GLU H 134 -50.45 -7.69 63.28
C GLU H 134 -49.62 -6.89 62.30
N THR H 135 -49.29 -5.67 62.67
CA THR H 135 -48.50 -4.83 61.81
C THR H 135 -47.04 -4.71 62.24
N LYS H 136 -46.72 -4.98 63.49
CA LYS H 136 -45.38 -4.75 63.95
C LYS H 136 -44.74 -5.91 64.67
N LYS H 137 -45.22 -7.11 64.46
CA LYS H 137 -44.70 -8.26 65.14
C LYS H 137 -43.60 -8.70 64.28
N HIS H 138 -43.51 -8.06 63.14
CA HIS H 138 -42.45 -8.36 62.22
C HIS H 138 -41.22 -7.59 62.66
N LEU H 139 -41.41 -6.54 63.46
CA LEU H 139 -40.28 -5.75 63.88
C LEU H 139 -39.35 -6.59 64.76
N PRO H 140 -38.04 -6.37 64.68
CA PRO H 140 -37.10 -7.30 65.33
C PRO H 140 -37.15 -7.30 66.85
N LEU H 141 -37.64 -6.24 67.50
CA LEU H 141 -37.71 -6.19 68.96
C LEU H 141 -39.13 -5.94 69.44
N TYR H 142 -40.11 -6.45 68.71
CA TYR H 142 -41.52 -6.19 69.02
C TYR H 142 -41.87 -6.58 70.45
N GLY H 143 -42.32 -5.61 71.23
CA GLY H 143 -42.88 -5.85 72.54
C GLY H 143 -41.91 -5.89 73.70
N LEU H 144 -40.61 -5.75 73.44
CA LEU H 144 -39.62 -5.92 74.49
C LEU H 144 -39.31 -4.58 75.14
N PRO H 145 -39.52 -4.43 76.45
CA PRO H 145 -39.11 -3.21 77.14
C PRO H 145 -37.62 -3.22 77.45
N PHE H 146 -37.07 -2.04 77.75
CA PHE H 146 -35.66 -1.97 78.11
C PHE H 146 -35.41 -0.81 79.05
N SER H 147 -34.26 -0.85 79.72
CA SER H 147 -33.85 0.18 80.66
C SER H 147 -32.87 1.13 80.00
N ILE H 148 -32.85 2.37 80.47
CA ILE H 148 -31.93 3.37 79.95
C ILE H 148 -31.24 4.07 81.12
N LYS H 149 -29.93 4.29 80.98
CA LYS H 149 -29.20 5.10 81.94
C LYS H 149 -29.83 6.48 82.04
N GLU H 150 -29.81 7.06 83.25
CA GLU H 150 -30.49 8.33 83.47
C GLU H 150 -29.92 9.42 82.57
N MET H 151 -28.64 9.32 82.21
CA MET H 151 -28.00 10.30 81.34
C MET H 151 -28.59 10.33 79.94
N ILE H 152 -29.43 9.36 79.59
CA ILE H 152 -29.97 9.23 78.25
C ILE H 152 -31.25 10.04 78.17
N PRO H 153 -31.38 10.98 77.23
CA PRO H 153 -32.57 11.84 77.19
C PRO H 153 -33.82 11.05 76.86
N PHE H 154 -34.89 11.36 77.60
CA PHE H 154 -36.23 10.84 77.33
C PHE H 154 -37.22 11.98 77.49
N VAL H 155 -38.28 11.96 76.67
CA VAL H 155 -39.16 13.11 76.53
C VAL H 155 -39.77 13.49 77.89
N GLY H 156 -39.72 14.79 78.20
CA GLY H 156 -40.37 15.34 79.38
C GLY H 156 -39.63 15.15 80.68
N ARG H 157 -38.39 14.67 80.63
CA ARG H 157 -37.61 14.33 81.81
C ARG H 157 -36.40 15.25 81.97
N SER H 158 -35.95 15.38 83.22
CA SER H 158 -34.66 16.00 83.51
C SER H 158 -33.53 15.06 83.14
N VAL H 159 -32.42 15.61 82.66
CA VAL H 159 -31.21 14.84 82.35
C VAL H 159 -30.07 15.43 83.16
N THR H 160 -29.62 14.69 84.18
CA THR H 160 -28.76 15.23 85.22
C THR H 160 -27.42 14.51 85.39
N HIS H 161 -27.26 13.31 84.83
CA HIS H 161 -26.16 12.40 85.16
C HIS H 161 -25.80 12.45 86.64
N GLY H 162 -26.81 12.52 87.50
CA GLY H 162 -26.62 12.47 88.94
C GLY H 162 -26.38 13.80 89.64
N SER H 163 -26.25 14.90 88.89
CA SER H 163 -25.97 16.21 89.48
C SER H 163 -27.27 16.91 89.78
N LEU H 164 -27.47 17.27 91.06
CA LEU H 164 -28.72 17.87 91.49
C LEU H 164 -28.99 19.21 90.81
N CYS H 165 -27.93 19.94 90.46
CA CYS H 165 -28.10 21.26 89.88
C CYS H 165 -28.76 21.25 88.50
N TYR H 166 -28.88 20.10 87.86
CA TYR H 166 -29.48 20.00 86.53
C TYR H 166 -30.91 19.48 86.56
N LEU H 167 -31.57 19.53 87.72
CA LEU H 167 -32.92 18.99 87.85
C LEU H 167 -33.96 19.79 87.04
N ASP H 168 -33.62 21.00 86.60
CA ASP H 168 -34.52 21.79 85.75
C ASP H 168 -34.12 21.73 84.28
N ARG H 169 -33.17 20.86 83.93
CA ARG H 169 -32.74 20.71 82.54
C ARG H 169 -33.63 19.64 81.90
N ILE H 170 -34.81 20.06 81.43
CA ILE H 170 -35.82 19.16 80.88
C ILE H 170 -35.69 19.13 79.36
N VAL H 171 -35.79 17.93 78.79
CA VAL H 171 -35.66 17.75 77.34
C VAL H 171 -37.04 17.43 76.77
N ASP H 172 -37.25 17.82 75.52
CA ASP H 172 -38.48 17.47 74.79
C ASP H 172 -38.21 16.45 73.69
N TYR H 173 -37.17 15.63 73.85
CA TYR H 173 -36.78 14.69 72.82
C TYR H 173 -36.17 13.45 73.46
N ASN H 174 -36.18 12.36 72.70
CA ASN H 174 -35.48 11.14 73.05
C ASN H 174 -34.10 11.12 72.41
N ALA H 175 -33.23 10.25 72.95
CA ALA H 175 -31.97 9.99 72.29
C ALA H 175 -32.21 9.29 70.95
N ASP H 176 -31.31 9.52 69.99
CA ASP H 176 -31.44 8.89 68.68
C ASP H 176 -31.58 7.37 68.83
N ILE H 177 -30.73 6.76 69.66
CA ILE H 177 -30.77 5.32 69.85
C ILE H 177 -32.11 4.87 70.44
N VAL H 178 -32.71 5.71 71.29
CA VAL H 178 -34.02 5.36 71.84
C VAL H 178 -35.08 5.35 70.73
N ASN H 179 -35.10 6.38 69.88
CA ASN H 179 -36.09 6.42 68.81
C ASN H 179 -35.91 5.26 67.85
N ILE H 180 -34.67 4.90 67.54
CA ILE H 180 -34.41 3.76 66.66
C ILE H 180 -34.95 2.48 67.27
N LEU H 181 -34.69 2.27 68.56
CA LEU H 181 -35.18 1.06 69.22
C LEU H 181 -36.71 1.05 69.27
N ILE H 182 -37.33 2.21 69.49
CA ILE H 182 -38.79 2.28 69.45
C ILE H 182 -39.31 1.97 68.05
N ALA H 183 -38.64 2.49 67.02
CA ALA H 183 -39.03 2.19 65.65
C ALA H 183 -38.94 0.71 65.33
N ASN H 184 -38.22 -0.07 66.14
CA ASN H 184 -38.06 -1.50 65.95
C ASN H 184 -38.82 -2.32 66.98
N GLY H 185 -39.82 -1.73 67.63
CA GLY H 185 -40.75 -2.49 68.46
C GLY H 185 -40.45 -2.49 69.94
N ALA H 186 -39.38 -1.85 70.38
CA ALA H 186 -39.04 -1.80 71.79
C ALA H 186 -39.50 -0.47 72.37
N TYR H 187 -39.35 -0.34 73.68
CA TYR H 187 -39.70 0.90 74.37
C TYR H 187 -39.00 0.90 75.70
N PRO H 188 -38.56 2.06 76.19
CA PRO H 188 -37.95 2.10 77.53
C PRO H 188 -39.03 2.10 78.59
N PHE H 189 -38.76 1.41 79.70
CA PHE H 189 -39.71 1.39 80.78
C PHE H 189 -39.14 1.82 82.11
N VAL H 190 -37.84 2.04 82.23
CA VAL H 190 -37.25 2.44 83.52
C VAL H 190 -35.94 3.16 83.23
N ARG H 191 -35.63 4.16 84.07
CA ARG H 191 -34.38 4.91 84.00
C ARG H 191 -33.50 4.49 85.17
N THR H 192 -32.26 4.10 84.89
CA THR H 192 -31.37 3.53 85.90
C THR H 192 -30.42 4.58 86.47
N THR H 193 -29.91 4.28 87.66
CA THR H 193 -29.12 5.25 88.40
C THR H 193 -27.72 5.39 87.83
N ASN H 194 -27.16 6.60 88.02
CA ASN H 194 -25.83 6.96 87.57
C ASN H 194 -25.22 7.80 88.68
N PRO H 195 -23.90 7.75 88.89
CA PRO H 195 -23.30 8.47 90.01
C PRO H 195 -22.84 9.88 89.70
N GLN H 196 -22.37 10.56 90.74
CA GLN H 196 -21.83 11.92 90.61
C GLN H 196 -20.65 11.95 89.65
N SER H 197 -20.67 12.93 88.75
CA SER H 197 -19.61 13.19 87.75
C SER H 197 -19.49 12.12 86.68
N LEU H 198 -20.12 10.97 86.88
CA LEU H 198 -20.03 9.79 86.02
C LEU H 198 -18.66 9.13 86.02
N MET H 199 -17.67 9.69 86.71
CA MET H 199 -16.31 9.20 86.63
C MET H 199 -15.92 8.33 87.81
N MET H 200 -16.79 7.40 88.18
CA MET H 200 -16.43 6.41 89.17
C MET H 200 -16.90 5.04 88.73
N LEU H 201 -16.10 4.03 89.04
CA LEU H 201 -16.46 2.63 88.80
C LEU H 201 -17.33 2.07 89.93
N GLU H 202 -18.16 2.93 90.50
CA GLU H 202 -19.18 2.56 91.48
C GLU H 202 -20.41 3.40 91.15
N CYS H 203 -21.41 3.38 92.03
CA CYS H 203 -22.69 4.05 91.74
C CYS H 203 -23.22 4.71 93.03
N VAL H 204 -22.64 5.86 93.37
CA VAL H 204 -23.09 6.66 94.50
C VAL H 204 -23.34 8.08 93.99
N SER H 205 -24.52 8.62 94.30
CA SER H 205 -24.83 9.99 93.93
C SER H 205 -25.78 10.58 94.96
N PHE H 206 -25.95 11.90 94.91
CA PHE H 206 -26.89 12.59 95.77
C PHE H 206 -28.27 12.73 95.12
N SER H 207 -28.53 11.98 94.05
CA SER H 207 -29.87 11.84 93.49
C SER H 207 -30.55 10.53 93.87
N HIS H 208 -29.79 9.53 94.33
CA HIS H 208 -30.36 8.19 94.58
C HIS H 208 -29.77 7.47 95.78
N GLY H 209 -28.60 7.86 96.29
CA GLY H 209 -27.95 7.12 97.36
C GLY H 209 -26.85 6.23 96.82
N ARG H 210 -26.89 4.95 97.20
CA ARG H 210 -25.83 4.02 96.82
C ARG H 210 -26.45 2.79 96.20
N THR H 211 -25.93 2.40 95.03
CA THR H 211 -26.36 1.20 94.33
C THR H 211 -25.38 0.07 94.58
N VAL H 212 -25.91 -1.13 94.82
CA VAL H 212 -25.11 -2.27 95.22
C VAL H 212 -25.29 -3.43 94.22
N ASN H 213 -24.40 -4.41 94.34
CA ASN H 213 -24.35 -5.56 93.45
C ASN H 213 -25.54 -6.49 93.65
N ALA H 214 -25.95 -7.12 92.55
CA ALA H 214 -27.07 -8.05 92.55
C ALA H 214 -26.73 -9.37 93.21
N TYR H 215 -25.45 -9.75 93.27
CA TYR H 215 -25.05 -11.04 93.83
C TYR H 215 -24.53 -10.95 95.26
N ASN H 216 -24.04 -9.80 95.70
CA ASN H 216 -23.54 -9.68 97.06
C ASN H 216 -23.76 -8.24 97.50
N GLY H 217 -24.65 -8.01 98.46
CA GLY H 217 -25.03 -6.65 98.81
C GLY H 217 -23.99 -5.82 99.55
N MET H 218 -22.84 -6.38 99.90
CA MET H 218 -21.79 -5.64 100.60
C MET H 218 -20.81 -4.92 99.66
N LEU H 219 -20.83 -5.22 98.37
CA LEU H 219 -19.92 -4.71 97.37
C LEU H 219 -20.65 -3.75 96.44
N THR H 220 -19.89 -2.98 95.66
CA THR H 220 -20.49 -2.05 94.72
C THR H 220 -21.11 -2.77 93.52
N SER H 221 -22.11 -2.10 92.91
CA SER H 221 -22.67 -2.55 91.65
C SER H 221 -21.71 -2.31 90.47
N GLY H 222 -20.73 -1.43 90.65
CA GLY H 222 -19.94 -0.93 89.55
C GLY H 222 -20.50 0.36 89.02
N GLY H 223 -19.79 0.93 88.05
CA GLY H 223 -20.23 2.19 87.48
C GLY H 223 -19.43 2.53 86.26
N SER H 224 -19.82 3.63 85.60
CA SER H 224 -20.91 4.51 86.03
C SER H 224 -22.31 3.97 85.71
N SER H 225 -22.41 2.98 84.82
CA SER H 225 -23.71 2.40 84.51
C SER H 225 -24.07 1.35 85.56
N GLY H 226 -24.03 1.77 86.82
CA GLY H 226 -24.20 0.84 87.93
C GLY H 226 -25.62 0.31 88.04
N GLY H 227 -26.61 1.19 87.87
CA GLY H 227 -27.99 0.76 87.83
C GLY H 227 -28.25 -0.27 86.75
N GLU H 228 -27.71 -0.03 85.54
CA GLU H 228 -27.90 -0.98 84.45
C GLU H 228 -27.27 -2.33 84.78
N GLY H 229 -26.08 -2.31 85.38
CA GLY H 229 -25.48 -3.56 85.82
C GLY H 229 -26.29 -4.24 86.90
N ALA H 230 -26.82 -3.47 87.85
CA ALA H 230 -27.62 -4.06 88.93
C ALA H 230 -28.95 -4.57 88.41
N LEU H 231 -29.69 -3.75 87.66
CA LEU H 231 -31.02 -4.16 87.21
C LEU H 231 -30.95 -5.41 86.34
N ASN H 232 -29.96 -5.48 85.43
CA ASN H 232 -29.84 -6.61 84.53
C ASN H 232 -29.16 -7.81 85.21
N GLY H 233 -28.31 -7.58 86.21
CA GLY H 233 -27.81 -8.70 86.99
C GLY H 233 -28.88 -9.33 87.84
N MET H 234 -29.78 -8.52 88.38
CA MET H 234 -30.96 -8.99 89.08
C MET H 234 -32.01 -9.57 88.17
N ARG H 235 -31.70 -9.60 86.89
CA ARG H 235 -32.60 -10.08 85.84
C ARG H 235 -33.96 -9.37 85.83
N ALA H 236 -33.95 -8.07 86.09
CA ALA H 236 -35.17 -7.30 86.06
C ALA H 236 -35.34 -6.44 84.80
N SER H 237 -34.56 -6.65 83.76
CA SER H 237 -34.79 -5.96 82.49
C SER H 237 -34.27 -6.82 81.35
N PRO H 238 -34.92 -6.77 80.17
CA PRO H 238 -34.35 -7.51 79.03
C PRO H 238 -32.98 -7.02 78.60
N PHE H 239 -32.80 -5.71 78.48
CA PHE H 239 -31.49 -5.11 78.24
C PHE H 239 -31.58 -3.63 78.61
N GLY H 240 -30.41 -2.99 78.67
CA GLY H 240 -30.35 -1.57 78.92
C GLY H 240 -29.27 -0.90 78.07
N LEU H 241 -29.31 0.42 78.05
CA LEU H 241 -28.30 1.22 77.41
C LEU H 241 -27.45 1.89 78.47
N GLY H 242 -26.13 1.71 78.40
CA GLY H 242 -25.26 2.45 79.28
C GLY H 242 -24.31 3.35 78.53
N SER H 243 -23.27 3.83 79.22
CA SER H 243 -22.20 4.58 78.60
C SER H 243 -20.88 4.06 79.15
N ASP H 244 -19.81 4.25 78.37
CA ASP H 244 -18.51 3.70 78.75
C ASP H 244 -17.43 4.65 78.24
N ILE H 245 -16.86 5.44 79.16
CA ILE H 245 -15.70 6.27 78.87
C ILE H 245 -14.48 5.87 79.68
N GLY H 246 -14.65 5.08 80.74
CA GLY H 246 -13.53 4.61 81.53
C GLY H 246 -13.75 3.20 82.04
N GLY H 247 -14.75 2.53 81.50
CA GLY H 247 -15.09 1.19 81.92
C GLY H 247 -16.53 1.13 82.38
N SER H 248 -17.27 2.20 82.12
CA SER H 248 -18.55 2.45 82.75
C SER H 248 -19.67 1.56 82.24
N ILE H 249 -19.43 0.73 81.23
CA ILE H 249 -20.36 -0.32 80.84
C ILE H 249 -19.86 -1.70 81.23
N ARG H 250 -18.56 -1.96 81.04
CA ARG H 250 -18.01 -3.29 81.27
C ARG H 250 -17.84 -3.60 82.74
N CYS H 251 -17.49 -2.60 83.55
CA CYS H 251 -17.41 -2.84 84.99
C CYS H 251 -18.74 -3.25 85.59
N PRO H 252 -19.87 -2.55 85.31
CA PRO H 252 -21.15 -3.07 85.83
C PRO H 252 -21.47 -4.47 85.34
N ALA H 253 -21.26 -4.75 84.05
CA ALA H 253 -21.55 -6.07 83.51
C ALA H 253 -20.67 -7.13 84.17
N ALA H 254 -19.39 -6.84 84.34
CA ALA H 254 -18.47 -7.81 84.94
C ALA H 254 -18.75 -8.00 86.42
N PHE H 255 -19.08 -6.92 87.13
CA PHE H 255 -19.35 -7.02 88.56
C PHE H 255 -20.61 -7.82 88.83
N ASN H 256 -21.57 -7.78 87.91
CA ASN H 256 -22.86 -8.43 88.06
C ASN H 256 -23.04 -9.64 87.15
N GLY H 257 -21.96 -10.17 86.60
CA GLY H 257 -21.99 -11.45 85.92
C GLY H 257 -22.87 -11.53 84.69
N ILE H 258 -22.91 -10.47 83.90
CA ILE H 258 -23.71 -10.47 82.68
C ILE H 258 -22.84 -10.02 81.52
N TYR H 259 -23.44 -9.77 80.36
CA TYR H 259 -22.72 -9.33 79.18
C TYR H 259 -22.86 -7.82 79.04
N GLY H 260 -21.79 -7.18 78.60
CA GLY H 260 -21.80 -5.75 78.36
C GLY H 260 -20.81 -5.40 77.27
N LEU H 261 -21.26 -4.69 76.24
CA LEU H 261 -20.44 -4.41 75.06
C LEU H 261 -20.12 -2.93 75.00
N ARG H 262 -18.83 -2.60 75.15
CA ARG H 262 -18.33 -1.29 74.74
C ARG H 262 -18.10 -1.35 73.23
N SER H 263 -19.07 -0.86 72.46
CA SER H 263 -18.97 -0.91 71.01
C SER H 263 -17.99 0.15 70.50
N THR H 264 -17.42 -0.12 69.32
CA THR H 264 -16.48 0.80 68.70
C THR H 264 -17.15 2.15 68.43
N LEU H 265 -16.44 3.23 68.73
CA LEU H 265 -16.95 4.57 68.48
C LEU H 265 -17.30 4.74 67.01
N GLY H 266 -18.47 5.32 66.76
CA GLY H 266 -18.95 5.54 65.40
C GLY H 266 -19.86 4.47 64.85
N ARG H 267 -20.18 3.44 65.63
CA ARG H 267 -21.12 2.44 65.15
C ARG H 267 -22.54 2.72 65.62
N ILE H 268 -22.69 3.16 66.87
CA ILE H 268 -24.00 3.34 67.49
C ILE H 268 -24.10 4.77 68.02
N PRO H 269 -25.25 5.43 67.87
CA PRO H 269 -25.33 6.87 68.21
C PRO H 269 -25.37 7.08 69.72
N THR H 270 -24.49 7.96 70.20
CA THR H 270 -24.42 8.27 71.63
C THR H 270 -24.24 9.74 71.96
N ALA H 271 -23.94 10.61 70.99
CA ALA H 271 -23.49 11.96 71.32
C ALA H 271 -24.56 12.78 72.03
N ASP H 272 -25.84 12.48 71.80
CA ASP H 272 -26.89 13.29 72.44
C ASP H 272 -27.13 12.92 73.90
N TYR H 273 -26.46 11.90 74.43
CA TYR H 273 -26.45 11.70 75.88
C TYR H 273 -25.88 12.95 76.57
N PHE H 274 -26.14 13.06 77.86
CA PHE H 274 -25.64 14.18 78.68
C PHE H 274 -24.58 13.69 79.65
N SER H 275 -23.52 14.48 79.79
CA SER H 275 -22.49 14.24 80.79
C SER H 275 -21.88 15.57 81.19
N CYS H 276 -20.83 15.53 82.00
CA CYS H 276 -20.00 16.71 82.16
C CYS H 276 -19.15 16.92 80.92
N ASN H 277 -18.58 18.12 80.81
CA ASN H 277 -17.62 18.43 79.76
C ASN H 277 -18.23 18.27 78.38
N ARG H 278 -19.44 18.80 78.20
CA ARG H 278 -20.10 18.71 76.90
C ARG H 278 -19.35 19.55 75.88
N GLY H 279 -19.03 18.96 74.75
CA GLY H 279 -18.16 19.55 73.78
C GLY H 279 -16.72 19.07 73.88
N SER H 280 -16.36 18.40 74.98
CA SER H 280 -15.04 17.79 75.05
C SER H 280 -14.98 16.60 74.10
N GLU H 281 -13.99 16.61 73.20
CA GLU H 281 -13.86 15.57 72.20
C GLU H 281 -12.55 14.81 72.25
N SER H 282 -11.61 15.23 73.11
CA SER H 282 -10.29 14.60 73.13
C SER H 282 -10.39 13.11 73.42
N ILE H 283 -11.25 12.72 74.37
CA ILE H 283 -11.59 11.31 74.62
C ILE H 283 -13.11 11.25 74.69
N LEU H 284 -13.72 10.44 73.81
CA LEU H 284 -15.17 10.39 73.66
C LEU H 284 -15.75 9.13 74.27
N SER H 285 -16.91 9.27 74.92
CA SER H 285 -17.69 8.13 75.40
C SER H 285 -18.41 7.42 74.26
N VAL H 286 -18.73 6.16 74.50
CA VAL H 286 -19.56 5.36 73.59
C VAL H 286 -20.67 4.71 74.40
N THR H 287 -21.64 4.14 73.71
CA THR H 287 -22.71 3.38 74.35
C THR H 287 -22.65 1.91 73.93
N GLY H 288 -23.63 1.13 74.41
CA GLY H 288 -23.66 -0.30 74.21
C GLY H 288 -24.53 -1.02 75.21
N PRO H 289 -24.94 -2.24 74.90
CA PRO H 289 -25.89 -2.94 75.77
C PRO H 289 -25.25 -3.74 76.90
N LEU H 290 -25.99 -3.83 78.00
CA LEU H 290 -25.71 -4.78 79.06
C LEU H 290 -26.89 -5.76 79.14
N SER H 291 -26.60 -7.04 79.24
CA SER H 291 -27.65 -8.04 79.39
C SER H 291 -27.02 -9.33 79.85
N ARG H 292 -27.80 -10.21 80.42
CA ARG H 292 -27.31 -11.52 80.80
C ARG H 292 -27.37 -12.39 79.60
N SER H 293 -27.93 -11.87 78.51
CA SER H 293 -28.13 -12.69 77.33
C SER H 293 -27.23 -12.15 76.22
N LEU H 294 -26.24 -12.96 75.85
CA LEU H 294 -25.35 -12.60 74.74
C LEU H 294 -26.15 -12.41 73.45
N ASP H 295 -27.07 -13.33 73.16
CA ASP H 295 -27.89 -13.21 71.95
C ASP H 295 -28.70 -11.92 71.95
N THR H 296 -29.08 -11.42 73.13
CA THR H 296 -29.83 -10.17 73.19
C THR H 296 -28.92 -8.98 72.96
N VAL H 297 -27.69 -9.04 73.46
CA VAL H 297 -26.68 -8.03 73.15
C VAL H 297 -26.49 -7.93 71.64
N ASN H 298 -26.29 -9.09 71.01
CA ASN H 298 -26.05 -9.14 69.56
C ASN H 298 -27.25 -8.61 68.78
N LEU H 299 -28.47 -8.95 69.23
CA LEU H 299 -29.66 -8.55 68.48
C LEU H 299 -29.86 -7.03 68.52
N VAL H 300 -29.56 -6.40 69.66
CA VAL H 300 -29.70 -4.94 69.75
C VAL H 300 -28.72 -4.24 68.82
N MET H 301 -27.46 -4.66 68.84
CA MET H 301 -26.46 -4.09 67.94
C MET H 301 -26.93 -4.22 66.49
N LYS H 302 -27.28 -5.43 66.08
CA LYS H 302 -27.76 -5.67 64.72
C LYS H 302 -28.97 -4.80 64.41
N THR H 303 -29.86 -4.65 65.38
CA THR H 303 -31.10 -3.94 65.14
C THR H 303 -30.83 -2.47 64.87
N VAL H 304 -30.01 -1.86 65.71
CA VAL H 304 -29.75 -0.43 65.60
C VAL H 304 -28.95 -0.13 64.34
N ILE H 305 -27.94 -0.95 64.04
CA ILE H 305 -27.08 -0.66 62.89
C ILE H 305 -27.84 -0.85 61.59
N GLU H 306 -28.69 -1.89 61.53
CA GLU H 306 -29.47 -2.12 60.32
C GLU H 306 -30.54 -1.05 60.11
N ALA H 307 -30.76 -0.20 61.10
CA ALA H 307 -31.64 0.96 60.93
C ALA H 307 -30.90 2.14 60.30
N LYS H 308 -29.65 1.96 59.91
CA LYS H 308 -28.82 2.96 59.23
C LYS H 308 -28.74 4.25 60.05
N PRO H 309 -28.23 4.21 61.28
CA PRO H 309 -28.23 5.42 62.12
C PRO H 309 -27.30 6.53 61.62
N TRP H 310 -26.41 6.25 60.67
CA TRP H 310 -25.58 7.30 60.09
C TRP H 310 -26.38 8.28 59.25
N LEU H 311 -27.65 7.98 58.98
CA LEU H 311 -28.53 8.91 58.28
C LEU H 311 -29.21 9.89 59.23
N ILE H 312 -28.98 9.76 60.54
CA ILE H 312 -29.41 10.75 61.51
C ILE H 312 -28.22 11.35 62.26
N ASP H 313 -27.22 10.53 62.61
CA ASP H 313 -26.03 10.98 63.33
C ASP H 313 -24.83 10.88 62.39
N PRO H 314 -24.31 11.99 61.87
CA PRO H 314 -23.26 11.92 60.84
C PRO H 314 -21.89 11.54 61.38
N THR H 315 -21.80 11.24 62.67
CA THR H 315 -20.58 10.76 63.32
C THR H 315 -20.33 9.28 63.02
N LEU H 316 -21.31 8.59 62.47
CA LEU H 316 -21.28 7.14 62.37
C LEU H 316 -20.81 6.68 60.99
N VAL H 317 -20.29 5.46 60.97
CA VAL H 317 -19.75 4.86 59.74
C VAL H 317 -20.75 3.83 59.22
N PRO H 318 -20.99 3.79 57.91
CA PRO H 318 -21.93 2.79 57.36
C PRO H 318 -21.30 1.40 57.24
N LEU H 319 -21.01 0.79 58.39
CA LEU H 319 -20.38 -0.53 58.44
C LEU H 319 -21.41 -1.52 58.96
N ASP H 320 -21.81 -2.45 58.10
CA ASP H 320 -22.86 -3.40 58.44
C ASP H 320 -22.46 -4.24 59.65
N TRP H 321 -23.47 -4.67 60.42
CA TRP H 321 -23.26 -5.62 61.49
C TRP H 321 -23.24 -7.00 60.84
N LYS H 322 -22.05 -7.59 60.78
CA LYS H 322 -21.81 -8.83 60.05
C LYS H 322 -21.10 -9.83 60.94
N ARG H 323 -21.75 -10.98 61.13
CA ARG H 323 -21.13 -12.11 61.81
C ARG H 323 -19.96 -12.65 60.97
N PRO H 324 -18.81 -12.94 61.59
CA PRO H 324 -17.68 -13.45 60.82
C PRO H 324 -17.87 -14.89 60.38
N GLU H 325 -17.29 -15.22 59.21
CA GLU H 325 -17.26 -16.60 58.70
C GLU H 325 -15.95 -17.29 59.05
N ASN H 326 -15.10 -16.66 59.86
CA ASN H 326 -13.78 -17.19 60.18
C ASN H 326 -13.89 -18.65 60.58
N LYS H 327 -12.91 -19.43 60.13
CA LYS H 327 -12.88 -20.82 60.54
C LYS H 327 -11.87 -21.09 61.65
N LYS H 328 -10.73 -20.39 61.68
CA LYS H 328 -9.79 -20.49 62.79
C LYS H 328 -9.74 -19.17 63.55
N PHE H 329 -9.29 -19.23 64.80
CA PHE H 329 -9.14 -18.02 65.62
C PHE H 329 -7.80 -18.08 66.34
N ARG H 330 -7.12 -16.95 66.37
CA ARG H 330 -5.94 -16.78 67.21
C ARG H 330 -6.30 -15.78 68.31
N VAL H 331 -6.08 -16.18 69.56
CA VAL H 331 -6.55 -15.42 70.71
C VAL H 331 -5.40 -15.28 71.70
N GLY H 332 -5.22 -14.08 72.22
CA GLY H 332 -4.22 -13.82 73.25
C GLY H 332 -4.84 -13.77 74.63
N ILE H 333 -4.06 -14.18 75.63
CA ILE H 333 -4.48 -14.15 77.03
C ILE H 333 -3.70 -13.04 77.72
N TYR H 334 -4.42 -12.05 78.25
CA TYR H 334 -3.83 -10.92 78.98
C TYR H 334 -3.93 -11.27 80.46
N VAL H 335 -2.87 -11.87 81.00
CA VAL H 335 -2.94 -12.32 82.39
C VAL H 335 -2.79 -11.15 83.35
N SER H 336 -1.96 -10.16 83.01
CA SER H 336 -1.70 -9.04 83.89
C SER H 336 -0.96 -7.95 83.12
N ASP H 337 -1.16 -6.71 83.53
CA ASP H 337 -0.37 -5.60 83.02
C ASP H 337 0.91 -5.38 83.80
N HIS H 338 1.13 -6.17 84.86
CA HIS H 338 2.32 -6.07 85.72
C HIS H 338 2.44 -4.71 86.40
N ILE H 339 1.28 -4.08 86.63
CA ILE H 339 1.18 -2.95 87.54
C ILE H 339 0.26 -3.27 88.72
N VAL H 340 -0.90 -3.88 88.45
CA VAL H 340 -1.77 -4.40 89.49
C VAL H 340 -2.21 -5.80 89.04
N ASN H 341 -1.76 -6.84 89.75
CA ASN H 341 -2.12 -8.20 89.37
C ASN H 341 -3.56 -8.51 89.77
N PRO H 342 -4.25 -9.36 89.00
CA PRO H 342 -5.62 -9.73 89.36
C PRO H 342 -5.66 -10.64 90.58
N SER H 343 -6.78 -10.57 91.30
CA SER H 343 -6.99 -11.41 92.46
C SER H 343 -7.24 -12.86 92.02
N PRO H 344 -7.16 -13.81 92.95
CA PRO H 344 -7.32 -15.24 92.59
C PRO H 344 -8.58 -15.52 91.79
N PRO H 345 -9.76 -14.99 92.16
CA PRO H 345 -10.96 -15.35 91.37
C PRO H 345 -10.85 -14.95 89.91
N ILE H 346 -10.24 -13.80 89.61
CA ILE H 346 -10.02 -13.43 88.22
C ILE H 346 -8.93 -14.30 87.61
N ASN H 347 -7.87 -14.57 88.38
CA ASN H 347 -6.77 -15.38 87.88
C ASN H 347 -7.22 -16.80 87.52
N ARG H 348 -8.11 -17.38 88.32
CA ARG H 348 -8.61 -18.71 87.98
C ARG H 348 -9.52 -18.66 86.75
N ALA H 349 -10.32 -17.60 86.62
CA ALA H 349 -11.18 -17.46 85.45
C ALA H 349 -10.38 -17.45 84.16
N LEU H 350 -9.22 -16.80 84.18
CA LEU H 350 -8.33 -16.78 83.02
C LEU H 350 -7.84 -18.17 82.67
N SER H 351 -7.50 -18.97 83.69
CA SER H 351 -7.08 -20.35 83.44
C SER H 351 -8.23 -21.16 82.85
N MET H 352 -9.44 -20.95 83.37
CA MET H 352 -10.61 -21.69 82.90
C MET H 352 -10.79 -21.52 81.40
N VAL H 353 -10.81 -20.27 80.93
CA VAL H 353 -11.06 -20.02 79.52
C VAL H 353 -9.82 -20.32 78.67
N THR H 354 -8.62 -20.14 79.23
CA THR H 354 -7.41 -20.54 78.51
C THR H 354 -7.45 -22.01 78.17
N GLU H 355 -7.69 -22.85 79.18
CA GLU H 355 -7.79 -24.29 78.98
C GLU H 355 -8.99 -24.66 78.10
N LYS H 356 -10.10 -23.93 78.19
CA LYS H 356 -11.24 -24.21 77.31
C LYS H 356 -10.92 -23.90 75.85
N LEU H 357 -10.23 -22.78 75.59
CA LEU H 357 -9.86 -22.45 74.23
C LEU H 357 -8.79 -23.40 73.70
N LYS H 358 -7.84 -23.79 74.56
CA LYS H 358 -6.82 -24.73 74.12
C LYS H 358 -7.41 -26.10 73.80
N SER H 359 -8.50 -26.48 74.46
CA SER H 359 -9.11 -27.77 74.19
C SER H 359 -9.85 -27.80 72.86
N LEU H 360 -10.10 -26.65 72.26
CA LEU H 360 -10.70 -26.60 70.93
C LEU H 360 -9.61 -26.50 69.88
N GLY H 361 -9.72 -27.32 68.84
CA GLY H 361 -8.65 -27.44 67.86
C GLY H 361 -8.42 -26.19 67.04
N ASN H 362 -9.46 -25.39 66.83
CA ASN H 362 -9.41 -24.29 65.88
C ASN H 362 -9.00 -22.97 66.52
N PHE H 363 -8.54 -23.00 67.77
CA PHE H 363 -8.05 -21.82 68.44
C PHE H 363 -6.56 -22.00 68.71
N GLU H 364 -5.77 -21.02 68.29
CA GLU H 364 -4.40 -20.89 68.72
C GLU H 364 -4.36 -19.85 69.83
N VAL H 365 -3.70 -20.19 70.94
CA VAL H 365 -3.72 -19.38 72.14
C VAL H 365 -2.28 -19.00 72.47
N VAL H 366 -2.03 -17.69 72.58
CA VAL H 366 -0.72 -17.15 72.90
C VAL H 366 -0.89 -16.18 74.07
N THR H 367 0.20 -16.00 74.82
CA THR H 367 0.21 -15.00 75.87
C THR H 367 0.33 -13.60 75.26
N PHE H 368 -0.43 -12.66 75.81
CA PHE H 368 -0.44 -11.28 75.31
C PHE H 368 0.23 -10.39 76.35
N GLU H 369 1.38 -9.72 75.95
CA GLU H 369 2.08 -8.87 76.90
C GLU H 369 1.54 -7.44 76.82
N PRO H 370 1.63 -6.67 77.91
CA PRO H 370 1.16 -5.29 77.88
C PRO H 370 2.06 -4.40 77.04
N TYR H 371 1.55 -3.23 76.70
CA TYR H 371 2.33 -2.20 76.03
C TYR H 371 2.11 -0.88 76.72
N LYS H 372 3.15 -0.41 77.43
CA LYS H 372 3.17 0.84 78.19
C LYS H 372 1.82 1.16 78.83
N PRO H 373 1.26 0.28 79.67
CA PRO H 373 -0.03 0.61 80.29
C PRO H 373 0.06 1.82 81.19
N GLU H 374 1.26 2.16 81.69
CA GLU H 374 1.40 3.37 82.52
C GLU H 374 1.02 4.62 81.72
N LYS H 375 1.21 4.58 80.40
CA LYS H 375 0.91 5.74 79.56
C LYS H 375 -0.58 6.02 79.48
N VAL H 376 -1.42 5.02 79.74
CA VAL H 376 -2.86 5.21 79.79
C VAL H 376 -3.25 6.19 80.90
N THR H 377 -2.74 5.96 82.11
CA THR H 377 -3.02 6.88 83.21
C THR H 377 -2.47 8.28 82.91
N GLU H 378 -1.26 8.35 82.36
CA GLU H 378 -0.65 9.64 82.11
C GLU H 378 -1.49 10.46 81.12
N ILE H 379 -1.88 9.86 79.99
CA ILE H 379 -2.61 10.60 78.98
C ILE H 379 -4.04 10.88 79.45
N LEU H 380 -4.74 9.85 79.94
CA LEU H 380 -6.10 10.04 80.41
C LEU H 380 -6.15 10.98 81.61
N GLY H 381 -5.07 11.04 82.40
CA GLY H 381 -5.01 12.02 83.48
C GLY H 381 -5.09 13.46 82.99
N LYS H 382 -4.69 13.71 81.75
CA LYS H 382 -4.74 15.06 81.20
C LYS H 382 -5.99 15.34 80.38
N LEU H 383 -6.58 14.32 79.77
CA LEU H 383 -7.65 14.52 78.79
C LEU H 383 -9.05 14.24 79.32
N TYR H 384 -9.19 13.46 80.40
CA TYR H 384 -10.51 13.20 80.97
C TYR H 384 -11.18 14.49 81.43
N PHE H 385 -10.47 15.32 82.19
CA PHE H 385 -10.96 16.62 82.65
C PHE H 385 -10.02 17.71 82.15
N GLU H 386 -10.14 18.05 80.85
CA GLU H 386 -9.16 18.94 80.26
C GLU H 386 -9.37 20.41 80.61
N ASP H 387 -10.47 20.75 81.28
CA ASP H 387 -10.70 22.12 81.74
C ASP H 387 -10.32 22.30 83.20
N GLY H 388 -9.52 21.39 83.73
CA GLY H 388 -9.21 21.40 85.14
C GLY H 388 -10.38 21.06 86.02
N ALA H 389 -11.34 20.30 85.49
CA ALA H 389 -12.56 19.90 86.19
C ALA H 389 -13.43 21.09 86.57
N ARG H 390 -13.27 22.23 85.89
CA ARG H 390 -14.08 23.40 86.21
C ARG H 390 -15.56 23.17 85.96
N ASP H 391 -15.91 22.48 84.87
CA ASP H 391 -17.32 22.27 84.57
C ASP H 391 -17.97 21.43 85.67
N PHE H 392 -17.30 20.38 86.13
CA PHE H 392 -17.86 19.57 87.20
C PHE H 392 -17.93 20.34 88.51
N ARG H 393 -16.84 21.02 88.89
CA ARG H 393 -16.79 21.67 90.19
C ARG H 393 -17.89 22.72 90.32
N ALA H 394 -18.32 23.30 89.20
CA ALA H 394 -19.42 24.26 89.20
C ALA H 394 -20.75 23.60 89.55
N THR H 395 -20.88 22.28 89.40
CA THR H 395 -22.12 21.61 89.80
C THR H 395 -22.30 21.60 91.31
N LEU H 396 -21.23 21.80 92.07
CA LEU H 396 -21.28 21.72 93.52
C LEU H 396 -21.60 23.06 94.17
N GLN H 397 -21.97 24.07 93.38
CA GLN H 397 -22.37 25.35 93.94
C GLN H 397 -23.63 25.23 94.78
N THR H 398 -24.41 24.17 94.56
CA THR H 398 -25.57 23.84 95.38
C THR H 398 -25.18 23.39 96.78
N GLY H 399 -23.89 23.22 97.05
CA GLY H 399 -23.43 22.64 98.29
C GLY H 399 -23.35 21.13 98.28
N GLU H 400 -23.77 20.49 97.19
CA GLU H 400 -23.64 19.06 97.00
C GLU H 400 -22.22 18.61 97.36
N PRO H 401 -22.07 17.69 98.31
CA PRO H 401 -20.72 17.30 98.72
C PRO H 401 -19.98 16.58 97.61
N LEU H 402 -18.66 16.69 97.66
CA LEU H 402 -17.79 15.97 96.74
C LEU H 402 -17.52 14.58 97.30
N LEU H 403 -17.96 13.54 96.57
CA LEU H 403 -17.75 12.17 97.00
C LEU H 403 -16.29 11.76 96.92
N GLU H 404 -15.91 10.80 97.77
CA GLU H 404 -14.53 10.34 97.84
C GLU H 404 -14.05 9.79 96.50
N GLN H 405 -14.89 8.99 95.82
CA GLN H 405 -14.45 8.43 94.55
C GLN H 405 -14.33 9.52 93.49
N THR H 406 -15.26 10.47 93.49
CA THR H 406 -15.16 11.60 92.57
C THR H 406 -13.88 12.37 92.83
N ARG H 407 -13.47 12.47 94.09
CA ARG H 407 -12.22 13.14 94.41
C ARG H 407 -11.08 12.54 93.60
N TRP H 408 -10.98 11.20 93.57
CA TRP H 408 -9.89 10.56 92.81
C TRP H 408 -9.90 10.99 91.35
N ALA H 409 -11.08 11.11 90.75
CA ALA H 409 -11.17 11.37 89.32
C ALA H 409 -10.76 12.78 88.95
N ILE H 410 -10.95 13.75 89.86
CA ILE H 410 -10.66 15.14 89.56
C ILE H 410 -9.34 15.62 90.16
N GLU H 411 -8.65 14.79 90.94
CA GLU H 411 -7.35 15.17 91.47
C GLU H 411 -6.36 15.37 90.35
N GLY H 412 -5.66 16.52 90.36
CA GLY H 412 -4.62 16.75 89.39
C GLY H 412 -5.10 17.30 88.06
N ALA H 413 -6.39 17.55 87.90
CA ALA H 413 -6.89 18.03 86.62
C ALA H 413 -6.29 19.39 86.27
N GLU H 414 -5.71 19.47 85.08
CA GLU H 414 -5.17 20.70 84.54
C GLU H 414 -6.17 21.37 83.62
N ASP H 415 -6.21 22.71 83.68
CA ASP H 415 -6.95 23.50 82.71
C ASP H 415 -6.02 23.73 81.52
N LEU H 416 -6.15 22.89 80.50
CA LEU H 416 -5.17 22.87 79.43
C LEU H 416 -5.27 24.12 78.56
N ASP H 417 -4.12 24.72 78.27
CA ASP H 417 -3.99 25.64 77.16
C ASP H 417 -4.10 24.85 75.87
N MET H 418 -4.50 25.53 74.79
CA MET H 418 -4.64 24.84 73.50
C MET H 418 -3.40 24.04 73.17
N HIS H 419 -2.22 24.60 73.41
CA HIS H 419 -1.01 23.86 73.08
C HIS H 419 -0.82 22.64 73.97
N ASP H 420 -1.29 22.69 75.22
CA ASP H 420 -1.22 21.50 76.07
C ASP H 420 -2.12 20.40 75.53
N GLN H 421 -3.35 20.74 75.12
CA GLN H 421 -4.25 19.75 74.54
C GLN H 421 -3.67 19.16 73.27
N TRP H 422 -3.13 20.02 72.39
CA TRP H 422 -2.49 19.54 71.17
C TRP H 422 -1.38 18.56 71.50
N TYR H 423 -0.56 18.88 72.49
CA TYR H 423 0.51 17.98 72.90
C TYR H 423 -0.04 16.61 73.30
N TRP H 424 -1.13 16.58 74.07
CA TRP H 424 -1.62 15.30 74.56
C TRP H 424 -2.47 14.58 73.53
N ASN H 425 -3.11 15.30 72.60
CA ASN H 425 -3.74 14.63 71.47
C ASN H 425 -2.70 13.87 70.66
N LEU H 426 -1.53 14.49 70.44
CA LEU H 426 -0.43 13.80 69.76
C LEU H 426 0.06 12.61 70.57
N GLN H 427 0.14 12.75 71.90
CA GLN H 427 0.48 11.61 72.75
C GLN H 427 -0.55 10.50 72.60
N LYS H 428 -1.83 10.89 72.53
CA LYS H 428 -2.91 9.92 72.38
C LYS H 428 -2.81 9.18 71.05
N GLN H 429 -2.65 9.90 69.93
CA GLN H 429 -2.63 9.25 68.62
C GLN H 429 -1.37 8.41 68.41
N ALA H 430 -0.23 8.88 68.92
CA ALA H 430 1.00 8.09 68.81
C ALA H 430 0.88 6.79 69.60
N TYR H 431 0.37 6.88 70.83
CA TYR H 431 0.17 5.66 71.61
C TYR H 431 -0.76 4.70 70.88
N ARG H 432 -1.87 5.21 70.33
CA ARG H 432 -2.77 4.38 69.56
C ARG H 432 -2.06 3.72 68.39
N LYS H 433 -1.21 4.49 67.69
CA LYS H 433 -0.47 3.93 66.57
C LYS H 433 0.58 2.94 67.03
N GLU H 434 1.34 3.28 68.09
CA GLU H 434 2.32 2.35 68.63
C GLU H 434 1.66 1.05 69.06
N PHE H 435 0.49 1.14 69.70
CA PHE H 435 -0.18 -0.04 70.23
C PHE H 435 -0.67 -0.94 69.11
N LEU H 436 -1.18 -0.34 68.03
CA LEU H 436 -1.61 -1.14 66.90
C LEU H 436 -0.47 -2.00 66.36
N LYS H 437 0.72 -1.41 66.22
CA LYS H 437 1.85 -2.19 65.74
C LYS H 437 2.18 -3.31 66.71
N HIS H 438 2.08 -3.05 68.01
CA HIS H 438 2.27 -4.11 69.00
C HIS H 438 1.28 -5.25 68.76
N TRP H 439 0.00 -4.92 68.58
CA TRP H 439 -1.00 -5.94 68.29
C TRP H 439 -0.64 -6.74 67.04
N CYS H 440 -0.25 -6.04 65.97
CA CYS H 440 0.10 -6.72 64.72
C CYS H 440 1.40 -7.51 64.85
N SER H 441 2.23 -7.22 65.86
CA SER H 441 3.43 -8.02 66.10
C SER H 441 3.11 -9.45 66.52
N TYR H 442 1.87 -9.74 66.91
CA TYR H 442 1.47 -11.10 67.26
C TYR H 442 0.92 -11.88 66.07
N THR H 443 0.80 -11.26 64.91
CA THR H 443 0.41 -11.99 63.71
C THR H 443 1.42 -13.09 63.41
N ASP H 444 0.92 -14.24 62.96
CA ASP H 444 1.83 -15.34 62.70
C ASP H 444 2.47 -15.19 61.33
N ASN H 445 3.37 -16.14 61.00
CA ASN H 445 4.12 -16.03 59.76
C ASN H 445 3.21 -16.11 58.53
N ASP H 446 2.08 -16.80 58.64
CA ASP H 446 1.16 -16.90 57.51
C ASP H 446 0.28 -15.65 57.33
N GLY H 447 0.40 -14.67 58.22
CA GLY H 447 -0.36 -13.43 58.07
C GLY H 447 -1.72 -13.40 58.71
N ASN H 448 -2.01 -14.29 59.66
CA ASN H 448 -3.27 -14.29 60.39
C ASN H 448 -3.17 -13.39 61.62
N VAL H 449 -4.01 -12.36 61.66
CA VAL H 449 -3.98 -11.40 62.77
C VAL H 449 -4.51 -12.05 64.04
N LEU H 450 -4.13 -11.47 65.18
CA LEU H 450 -4.83 -11.75 66.43
C LEU H 450 -6.28 -11.33 66.27
N ASP H 451 -7.19 -12.26 66.56
CA ASP H 451 -8.60 -11.95 66.45
C ASP H 451 -9.15 -11.26 67.69
N ALA H 452 -8.63 -11.60 68.87
CA ALA H 452 -9.13 -11.05 70.11
C ALA H 452 -8.14 -11.32 71.23
N VAL H 453 -8.25 -10.53 72.28
CA VAL H 453 -7.49 -10.74 73.51
C VAL H 453 -8.46 -10.94 74.66
N ILE H 454 -8.14 -11.86 75.56
CA ILE H 454 -8.92 -12.11 76.77
C ILE H 454 -8.22 -11.47 77.96
N ALA H 455 -8.94 -10.61 78.65
CA ALA H 455 -8.34 -9.81 79.71
C ALA H 455 -9.33 -9.62 80.85
N PRO H 456 -8.84 -9.26 82.04
CA PRO H 456 -9.74 -8.86 83.12
C PRO H 456 -10.46 -7.56 82.82
N VAL H 457 -11.59 -7.36 83.49
CA VAL H 457 -12.24 -6.06 83.51
C VAL H 457 -11.76 -5.23 84.69
N PHE H 458 -11.25 -5.86 85.74
CA PHE H 458 -10.88 -5.20 86.97
C PHE H 458 -9.88 -6.11 87.69
N PRO H 459 -9.03 -5.55 88.55
CA PRO H 459 -8.07 -6.40 89.27
C PRO H 459 -8.71 -7.41 90.22
N ASN H 460 -10.04 -7.46 90.28
CA ASN H 460 -10.72 -8.27 91.28
C ASN H 460 -12.17 -8.44 90.83
N VAL H 461 -12.89 -9.27 91.59
CA VAL H 461 -14.34 -9.38 91.51
C VAL H 461 -14.91 -8.05 91.97
N ALA H 462 -16.25 -7.94 91.99
CA ALA H 462 -16.94 -6.71 92.41
C ALA H 462 -16.27 -6.09 93.64
N ALA H 463 -15.92 -4.82 93.54
CA ALA H 463 -15.11 -4.16 94.54
C ALA H 463 -15.93 -3.80 95.80
N LYS H 464 -15.20 -3.64 96.90
CA LYS H 464 -15.79 -3.02 98.09
C LYS H 464 -16.03 -1.54 97.85
N HIS H 465 -16.99 -0.98 98.58
CA HIS H 465 -17.30 0.43 98.41
C HIS H 465 -16.05 1.28 98.62
N GLU H 466 -15.88 2.29 97.76
CA GLU H 466 -14.76 3.25 97.87
C GLU H 466 -13.41 2.57 97.73
N THR H 467 -13.29 1.58 96.84
CA THR H 467 -12.01 0.91 96.63
C THR H 467 -11.60 0.80 95.16
N THR H 468 -12.28 1.48 94.25
CA THR H 468 -12.00 1.37 92.81
C THR H 468 -10.86 2.29 92.42
N LYS H 469 -9.66 1.95 92.88
CA LYS H 469 -8.50 2.82 92.78
C LYS H 469 -7.63 2.53 91.56
N TYR H 470 -8.11 1.74 90.60
CA TYR H 470 -7.32 1.45 89.41
C TYR H 470 -8.26 1.25 88.23
N TRP H 471 -8.03 2.00 87.15
CA TRP H 471 -8.93 2.00 86.00
C TRP H 471 -8.39 1.30 84.76
N THR H 472 -7.07 1.07 84.69
CA THR H 472 -6.43 0.77 83.42
C THR H 472 -7.03 -0.46 82.73
N TYR H 473 -7.47 -1.46 83.52
CA TYR H 473 -8.01 -2.68 82.91
C TYR H 473 -9.26 -2.43 82.08
N THR H 474 -9.91 -1.28 82.25
CA THR H 474 -10.94 -0.83 81.32
C THR H 474 -10.55 0.42 80.55
N SER H 475 -9.93 1.40 81.20
CA SER H 475 -9.69 2.67 80.52
C SER H 475 -8.64 2.55 79.41
N GLN H 476 -7.76 1.55 79.49
CA GLN H 476 -6.82 1.29 78.40
C GLN H 476 -7.52 1.23 77.05
N TRP H 477 -8.67 0.55 77.01
CA TRP H 477 -9.39 0.36 75.76
C TRP H 477 -10.29 1.53 75.42
N ASN H 478 -10.49 2.45 76.36
CA ASN H 478 -11.14 3.71 76.02
C ASN H 478 -10.16 4.65 75.34
N LEU H 479 -8.92 4.67 75.82
CA LEU H 479 -7.86 5.42 75.15
C LEU H 479 -7.68 4.94 73.72
N LEU H 480 -7.73 3.63 73.50
CA LEU H 480 -7.53 3.04 72.19
C LEU H 480 -8.81 2.98 71.36
N ASP H 481 -9.97 3.10 72.00
CA ASP H 481 -11.27 2.97 71.35
C ASP H 481 -11.43 1.56 70.78
N TYR H 482 -10.97 0.58 71.53
CA TYR H 482 -11.18 -0.77 71.04
C TYR H 482 -12.51 -1.30 71.56
N PRO H 483 -13.24 -2.08 70.76
CA PRO H 483 -14.42 -2.77 71.28
C PRO H 483 -14.03 -3.82 72.30
N VAL H 484 -14.79 -3.89 73.38
CA VAL H 484 -14.56 -4.84 74.47
C VAL H 484 -15.89 -5.39 74.94
N LEU H 485 -15.97 -6.72 75.06
CA LEU H 485 -17.18 -7.40 75.51
C LEU H 485 -16.88 -8.11 76.83
N ALA H 486 -17.52 -7.65 77.91
CA ALA H 486 -17.46 -8.35 79.19
C ALA H 486 -18.38 -9.56 79.16
N PHE H 487 -17.91 -10.67 79.72
CA PHE H 487 -18.68 -11.91 79.63
C PHE H 487 -18.47 -12.76 80.86
N PRO H 488 -19.44 -13.60 81.22
CA PRO H 488 -19.32 -14.42 82.44
C PRO H 488 -18.40 -15.62 82.26
N VAL H 489 -17.77 -16.02 83.36
CA VAL H 489 -16.93 -17.21 83.39
C VAL H 489 -17.29 -18.06 84.61
N THR H 490 -17.15 -17.50 85.81
CA THR H 490 -17.32 -18.28 87.03
C THR H 490 -17.74 -17.35 88.17
N LYS H 491 -17.86 -17.95 89.35
CA LYS H 491 -18.16 -17.19 90.56
C LYS H 491 -17.10 -17.56 91.57
N VAL H 492 -16.92 -16.76 92.60
CA VAL H 492 -15.92 -17.02 93.63
C VAL H 492 -16.14 -18.38 94.24
N ASP H 493 -15.05 -19.12 94.42
CA ASP H 493 -15.05 -20.43 95.07
C ASP H 493 -14.10 -20.34 96.25
N GLU H 494 -14.65 -20.56 97.45
CA GLU H 494 -13.90 -20.29 98.67
C GLU H 494 -12.73 -21.24 98.85
N SER H 495 -12.81 -22.45 98.31
CA SER H 495 -11.67 -23.35 98.40
C SER H 495 -10.56 -22.95 97.44
N LEU H 496 -10.92 -22.62 96.20
CA LEU H 496 -9.93 -22.33 95.16
C LEU H 496 -9.39 -20.90 95.22
N ASP H 497 -10.13 -19.96 95.79
CA ASP H 497 -9.81 -18.54 95.67
C ASP H 497 -9.27 -17.97 96.98
N GLN H 498 -8.47 -18.76 97.70
CA GLN H 498 -7.79 -18.25 98.87
C GLN H 498 -6.72 -17.23 98.46
N PRO H 499 -6.36 -16.32 99.36
CA PRO H 499 -5.31 -15.34 99.04
C PRO H 499 -4.01 -16.02 98.64
N TYR H 500 -3.25 -15.35 97.78
CA TYR H 500 -1.93 -15.84 97.40
C TYR H 500 -1.03 -15.89 98.63
N LYS H 501 -0.17 -16.91 98.66
CA LYS H 501 0.70 -17.15 99.81
C LYS H 501 2.03 -16.44 99.62
N ASN H 502 2.59 -15.98 100.75
CA ASN H 502 3.84 -15.23 100.84
C ASN H 502 4.09 -14.37 99.61
N TYR H 503 3.04 -13.66 99.19
CA TYR H 503 3.05 -12.81 98.00
C TYR H 503 4.02 -11.64 98.13
N LYS H 504 4.60 -11.26 96.98
CA LYS H 504 5.46 -10.09 96.87
C LYS H 504 4.80 -9.02 96.00
N PRO H 505 4.30 -7.92 96.59
CA PRO H 505 3.61 -6.91 95.78
C PRO H 505 4.53 -6.20 94.80
N LEU H 506 3.95 -5.71 93.71
CA LEU H 506 4.73 -5.02 92.67
C LEU H 506 4.95 -3.55 92.96
N ASN H 507 4.07 -2.91 93.72
CA ASN H 507 4.17 -1.49 94.05
C ASN H 507 3.09 -1.18 95.07
N ASP H 508 3.05 0.07 95.53
CA ASP H 508 2.11 0.43 96.59
C ASP H 508 0.67 0.20 96.17
N LEU H 509 0.33 0.47 94.91
CA LEU H 509 -1.04 0.27 94.45
C LEU H 509 -1.36 -1.22 94.36
N ASP H 510 -0.37 -2.03 93.94
CA ASP H 510 -0.55 -3.47 93.93
C ASP H 510 -0.70 -4.01 95.36
N LYS H 511 0.05 -3.45 96.30
CA LYS H 511 -0.12 -3.83 97.71
C LYS H 511 -1.54 -3.52 98.18
N TYR H 512 -2.07 -2.35 97.81
CA TYR H 512 -3.43 -1.98 98.17
C TYR H 512 -4.44 -3.03 97.72
N PHE H 513 -4.34 -3.47 96.46
CA PHE H 513 -5.34 -4.41 95.96
C PHE H 513 -5.15 -5.81 96.54
N TYR H 514 -3.91 -6.18 96.83
CA TYR H 514 -3.69 -7.46 97.51
C TYR H 514 -4.33 -7.45 98.89
N GLU H 515 -4.10 -6.38 99.65
CA GLU H 515 -4.71 -6.27 100.97
C GLU H 515 -6.23 -6.11 100.90
N GLN H 516 -6.74 -5.55 99.81
CA GLN H 516 -8.19 -5.48 99.67
C GLN H 516 -8.81 -6.87 99.63
N TYR H 517 -8.11 -7.85 99.06
CA TYR H 517 -8.60 -9.22 98.98
C TYR H 517 -8.19 -9.99 100.25
N ASP H 518 -8.93 -9.75 101.34
CA ASP H 518 -8.56 -10.38 102.62
C ASP H 518 -8.93 -11.86 102.63
N SER H 519 -10.10 -12.21 102.13
CA SER H 519 -10.49 -13.61 101.97
C SER H 519 -11.63 -13.68 100.96
N PRO H 520 -11.76 -14.82 100.24
CA PRO H 520 -12.90 -14.96 99.32
C PRO H 520 -14.23 -14.77 100.01
N SER H 521 -14.27 -15.00 101.32
CA SER H 521 -15.50 -14.88 102.09
C SER H 521 -16.09 -13.47 102.04
N SER H 522 -15.27 -12.42 101.88
CA SER H 522 -15.84 -11.08 101.75
C SER H 522 -16.53 -10.87 100.41
N PHE H 523 -16.28 -11.75 99.43
CA PHE H 523 -16.83 -11.60 98.10
C PHE H 523 -17.62 -12.85 97.74
N LYS H 524 -18.34 -13.39 98.74
CA LYS H 524 -19.03 -14.65 98.55
C LYS H 524 -20.04 -14.57 97.41
N ASN H 525 -19.96 -15.54 96.51
CA ASN H 525 -20.86 -15.73 95.38
C ASN H 525 -20.74 -14.64 94.32
N ALA H 526 -19.66 -13.86 94.34
CA ALA H 526 -19.52 -12.76 93.39
C ALA H 526 -19.07 -13.29 92.03
N PRO H 527 -19.75 -12.93 90.93
CA PRO H 527 -19.29 -13.38 89.62
C PRO H 527 -17.88 -12.90 89.30
N ALA H 528 -17.09 -13.80 88.73
CA ALA H 528 -15.77 -13.45 88.19
C ALA H 528 -15.90 -13.44 86.67
N ASN H 529 -15.94 -12.25 86.09
CA ASN H 529 -16.05 -12.11 84.65
C ASN H 529 -14.70 -11.79 84.03
N LEU H 530 -14.61 -12.01 82.72
CA LEU H 530 -13.49 -11.54 81.92
C LEU H 530 -14.02 -10.73 80.75
N CYS H 531 -13.15 -10.34 79.83
CA CYS H 531 -13.59 -9.59 78.66
C CYS H 531 -12.82 -10.02 77.41
N LEU H 532 -13.47 -9.80 76.27
CA LEU H 532 -12.89 -9.98 74.94
C LEU H 532 -12.58 -8.60 74.34
N VAL H 533 -11.34 -8.40 73.92
CA VAL H 533 -10.90 -7.16 73.29
C VAL H 533 -10.63 -7.41 71.82
N GLY H 534 -11.10 -6.49 70.97
CA GLY H 534 -10.83 -6.57 69.55
C GLY H 534 -10.35 -5.24 69.00
N LEU H 535 -9.77 -5.31 67.80
CA LEU H 535 -9.43 -4.08 67.08
C LEU H 535 -10.69 -3.34 66.69
N ARG H 536 -10.54 -2.05 66.38
CA ARG H 536 -11.67 -1.18 66.10
C ARG H 536 -12.56 -1.79 65.02
N PHE H 537 -13.87 -1.79 65.28
CA PHE H 537 -14.93 -2.25 64.39
C PHE H 537 -15.00 -3.76 64.23
N THR H 538 -14.27 -4.52 65.05
CA THR H 538 -14.37 -5.98 65.05
C THR H 538 -15.26 -6.50 66.17
N ASP H 539 -16.20 -5.67 66.64
CA ASP H 539 -17.13 -6.04 67.71
C ASP H 539 -17.72 -7.43 67.48
N GLU H 540 -18.05 -7.75 66.23
CA GLU H 540 -18.77 -8.98 65.94
C GLU H 540 -17.90 -10.21 66.21
N LYS H 541 -16.60 -10.13 65.95
CA LYS H 541 -15.70 -11.23 66.31
C LYS H 541 -15.80 -11.51 67.79
N LEU H 542 -15.92 -10.46 68.60
CA LEU H 542 -16.01 -10.62 70.04
C LEU H 542 -17.27 -11.38 70.44
N VAL H 543 -18.40 -11.05 69.81
CA VAL H 543 -19.62 -11.78 70.10
C VAL H 543 -19.45 -13.27 69.77
N GLU H 544 -18.85 -13.55 68.61
CA GLU H 544 -18.71 -14.94 68.17
C GLU H 544 -17.80 -15.74 69.08
N ILE H 545 -16.70 -15.16 69.55
CA ILE H 545 -15.83 -15.91 70.45
C ILE H 545 -16.52 -16.13 71.78
N ALA H 546 -17.28 -15.13 72.25
CA ALA H 546 -18.03 -15.29 73.49
C ALA H 546 -19.07 -16.39 73.36
N ASN H 547 -19.70 -16.50 72.19
CA ASN H 547 -20.67 -17.56 71.96
C ASN H 547 -20.01 -18.93 72.09
N ILE H 548 -18.81 -19.09 71.54
CA ILE H 548 -18.11 -20.37 71.63
C ILE H 548 -17.70 -20.67 73.06
N LEU H 549 -17.33 -19.65 73.84
CA LEU H 549 -16.90 -19.91 75.20
C LEU H 549 -18.03 -20.43 76.08
N ARG H 550 -19.29 -20.18 75.71
CA ARG H 550 -20.41 -20.67 76.47
C ARG H 550 -21.06 -21.89 75.84
N ASN H 551 -20.61 -22.28 74.64
CA ASN H 551 -21.12 -23.41 73.85
C ASN H 551 -22.45 -23.04 73.19
#